data_9OH9
#
_entry.id   9OH9
#
_cell.length_a   1.00
_cell.length_b   1.00
_cell.length_c   1.00
_cell.angle_alpha   90.00
_cell.angle_beta   90.00
_cell.angle_gamma   90.00
#
_symmetry.space_group_name_H-M   'P 1'
#
loop_
_entity.id
_entity.type
_entity.pdbx_description
1 polymer Stomatin
2 non-polymer 'SODIUM ION'
3 water water
#
_entity_poly.entity_id   1
_entity_poly.type   'polypeptide(L)'
_entity_poly.pdbx_seq_one_letter_code
;MGGGGSPSRLEEELRRRLTEPAEKRHTRDSEAQRLPDSFKDSPSKGLGPCGWILVAFSFLFTVITFPISIWMCIKIIKEY
ERAIIFRLGRILQGGAKGPGLFFILPCTDSFIKVDMRTISFDIPPQEILTKDSVTISVDGVVYYRVQNATLAVANITNAD
SATRLLAQTTLRNVLGTKNLSQILSDREEIAHNMQSTLDDATDAWGIKVERVEIKDVKLPVQLQRAMAAEAEASREARAK
VIAAEGEMNASRALKEASMVITESPAALQLRYLQTLTTIAAEKNSTIVFPLPIDMLQGIIGAKHSHLG
;
_entity_poly.pdbx_strand_id   A,B,C,D,E,F,G,H,I,J,K,L,M,N,O,P
#
loop_
_chem_comp.id
_chem_comp.type
_chem_comp.name
_chem_comp.formula
NA non-polymer 'SODIUM ION' 'Na 1'
#
# COMPACT_ATOMS: atom_id res chain seq x y z
N ARG A 34 -74.80 8.75 -11.49
CA ARG A 34 -73.42 8.36 -11.92
C ARG A 34 -73.03 7.00 -11.35
N LEU A 35 -72.40 6.18 -12.16
CA LEU A 35 -71.88 4.89 -11.75
C LEU A 35 -70.54 4.65 -12.42
N PRO A 36 -69.76 3.68 -11.93
CA PRO A 36 -68.42 3.46 -12.49
C PRO A 36 -68.47 3.18 -13.99
N ASP A 37 -67.42 3.65 -14.68
CA ASP A 37 -67.28 3.35 -16.11
C ASP A 37 -66.96 1.88 -16.35
N SER A 38 -66.31 1.22 -15.38
CA SER A 38 -65.94 -0.18 -15.51
C SER A 38 -67.16 -1.04 -15.84
N GLY A 48 -83.65 -13.67 -9.49
CA GLY A 48 -84.36 -14.77 -10.12
C GLY A 48 -84.32 -16.05 -9.30
N PRO A 49 -84.91 -17.12 -9.85
CA PRO A 49 -85.00 -18.37 -9.06
C PRO A 49 -83.68 -18.89 -8.52
N CYS A 50 -82.60 -18.81 -9.29
CA CYS A 50 -81.32 -19.30 -8.79
C CYS A 50 -80.77 -18.40 -7.70
N GLY A 51 -81.02 -17.09 -7.79
CA GLY A 51 -80.67 -16.21 -6.68
C GLY A 51 -81.45 -16.53 -5.42
N TRP A 52 -82.77 -16.70 -5.55
CA TRP A 52 -83.59 -17.01 -4.39
C TRP A 52 -83.16 -18.32 -3.74
N ILE A 53 -82.89 -19.35 -4.55
CA ILE A 53 -82.49 -20.65 -4.01
C ILE A 53 -81.18 -20.52 -3.25
N LEU A 54 -80.19 -19.89 -3.87
CA LEU A 54 -78.87 -19.78 -3.24
C LEU A 54 -78.93 -18.90 -2.00
N VAL A 55 -79.75 -17.84 -2.04
CA VAL A 55 -79.95 -17.00 -0.86
C VAL A 55 -80.64 -17.79 0.25
N ALA A 56 -81.68 -18.54 -0.11
CA ALA A 56 -82.38 -19.35 0.89
C ALA A 56 -81.44 -20.37 1.51
N PHE A 57 -80.62 -21.02 0.69
CA PHE A 57 -79.63 -21.95 1.22
C PHE A 57 -78.73 -21.27 2.24
N SER A 58 -78.27 -20.05 1.92
CA SER A 58 -77.40 -19.33 2.85
C SER A 58 -78.11 -18.99 4.15
N PHE A 59 -79.38 -18.54 4.06
CA PHE A 59 -80.15 -18.29 5.27
C PHE A 59 -80.23 -19.54 6.14
N LEU A 60 -80.53 -20.68 5.53
CA LEU A 60 -80.61 -21.92 6.28
C LEU A 60 -79.28 -22.25 6.94
N PHE A 61 -78.19 -22.14 6.18
CA PHE A 61 -76.87 -22.45 6.72
C PHE A 61 -76.53 -21.56 7.90
N THR A 62 -76.78 -20.26 7.77
CA THR A 62 -76.42 -19.32 8.84
C THR A 62 -77.31 -19.48 10.05
N VAL A 63 -78.57 -19.86 9.86
CA VAL A 63 -79.44 -20.14 11.00
C VAL A 63 -79.04 -21.44 11.68
N ILE A 64 -78.73 -22.47 10.89
CA ILE A 64 -78.27 -23.74 11.46
C ILE A 64 -76.97 -23.54 12.22
N THR A 65 -76.18 -22.52 11.86
CA THR A 65 -74.96 -22.16 12.56
C THR A 65 -75.11 -20.87 13.37
N PHE A 66 -76.34 -20.53 13.77
CA PHE A 66 -76.68 -19.22 14.31
C PHE A 66 -75.68 -18.71 15.34
N PRO A 67 -75.41 -19.45 16.43
CA PRO A 67 -74.51 -18.90 17.46
C PRO A 67 -73.11 -18.62 16.95
N ILE A 68 -72.68 -19.29 15.88
CA ILE A 68 -71.39 -19.00 15.27
C ILE A 68 -71.52 -17.94 14.18
N SER A 69 -72.66 -17.89 13.51
CA SER A 69 -72.83 -16.99 12.37
C SER A 69 -72.93 -15.52 12.79
N ILE A 70 -73.47 -15.26 13.99
CA ILE A 70 -73.73 -13.88 14.42
C ILE A 70 -72.54 -12.99 14.10
N TRP A 71 -71.33 -13.47 14.38
CA TRP A 71 -70.16 -12.61 14.38
C TRP A 71 -69.67 -12.31 12.96
N MET A 72 -69.98 -13.18 12.01
CA MET A 72 -69.58 -12.96 10.62
C MET A 72 -70.66 -12.23 9.81
N CYS A 73 -71.92 -12.37 10.20
CA CYS A 73 -73.03 -11.85 9.38
C CYS A 73 -73.43 -10.43 9.74
N ILE A 74 -73.04 -9.92 10.91
CA ILE A 74 -73.42 -8.58 11.36
C ILE A 74 -72.22 -7.66 11.24
N LYS A 75 -72.44 -6.49 10.61
CA LYS A 75 -71.42 -5.48 10.42
C LYS A 75 -71.90 -4.16 11.02
N ILE A 76 -70.96 -3.36 11.52
CA ILE A 76 -71.25 -2.07 12.13
C ILE A 76 -70.34 -1.03 11.47
N ILE A 77 -70.92 0.08 11.05
CA ILE A 77 -70.22 1.11 10.28
C ILE A 77 -70.30 2.43 11.04
N LYS A 78 -69.15 3.05 11.25
CA LYS A 78 -69.07 4.30 12.00
C LYS A 78 -69.46 5.50 11.12
N GLU A 79 -69.63 6.64 11.78
CA GLU A 79 -70.01 7.87 11.08
C GLU A 79 -69.04 8.19 9.94
N TYR A 80 -67.74 7.96 10.15
CA TYR A 80 -66.73 8.34 9.17
C TYR A 80 -66.37 7.20 8.22
N GLU A 81 -67.21 6.18 8.12
CA GLU A 81 -66.98 5.05 7.23
C GLU A 81 -68.17 4.85 6.31
N ARG A 82 -67.93 4.22 5.16
CA ARG A 82 -68.96 3.80 4.24
C ARG A 82 -68.63 2.39 3.76
N ALA A 83 -69.67 1.65 3.37
CA ALA A 83 -69.53 0.28 2.89
C ALA A 83 -70.07 0.13 1.48
N ILE A 84 -69.39 -0.69 0.69
CA ILE A 84 -69.83 -1.08 -0.64
C ILE A 84 -70.15 -2.57 -0.59
N ILE A 85 -71.39 -2.93 -0.96
CA ILE A 85 -71.89 -4.29 -0.80
C ILE A 85 -72.38 -4.81 -2.14
N PHE A 86 -71.96 -6.02 -2.49
CA PHE A 86 -72.44 -6.73 -3.67
C PHE A 86 -73.26 -7.94 -3.22
N ARG A 87 -74.48 -8.03 -3.73
CA ARG A 87 -75.35 -9.19 -3.49
C ARG A 87 -75.38 -10.01 -4.77
N LEU A 88 -74.75 -11.18 -4.74
CA LEU A 88 -74.54 -12.01 -5.93
C LEU A 88 -73.93 -11.18 -7.07
N GLY A 89 -72.83 -10.50 -6.74
CA GLY A 89 -72.08 -9.74 -7.72
C GLY A 89 -72.68 -8.42 -8.14
N ARG A 90 -73.95 -8.18 -7.85
CA ARG A 90 -74.60 -6.92 -8.19
C ARG A 90 -74.57 -5.99 -6.97
N ILE A 91 -74.23 -4.72 -7.22
CA ILE A 91 -74.15 -3.75 -6.15
C ILE A 91 -75.55 -3.35 -5.70
N LEU A 92 -75.72 -3.19 -4.39
CA LEU A 92 -77.02 -2.82 -3.85
C LEU A 92 -77.42 -1.43 -4.29
N GLN A 93 -78.73 -1.22 -4.38
CA GLN A 93 -79.28 0.01 -4.93
C GLN A 93 -79.02 1.19 -3.99
N GLY A 94 -78.88 2.37 -4.58
CA GLY A 94 -78.55 3.57 -3.83
C GLY A 94 -77.05 3.78 -3.75
N GLY A 95 -76.67 4.80 -2.98
CA GLY A 95 -75.28 5.11 -2.79
C GLY A 95 -74.62 4.13 -1.83
N ALA A 96 -73.40 4.47 -1.43
CA ALA A 96 -72.70 3.66 -0.45
C ALA A 96 -73.48 3.65 0.86
N LYS A 97 -73.46 2.50 1.53
CA LYS A 97 -74.26 2.33 2.74
C LYS A 97 -73.64 3.10 3.91
N GLY A 98 -74.48 3.86 4.61
CA GLY A 98 -74.03 4.78 5.63
C GLY A 98 -73.73 4.11 6.96
N PRO A 99 -73.60 4.92 8.00
CA PRO A 99 -73.30 4.36 9.32
C PRO A 99 -74.48 3.57 9.88
N GLY A 100 -74.16 2.58 10.71
CA GLY A 100 -75.17 1.84 11.43
C GLY A 100 -74.94 0.36 11.37
N LEU A 101 -76.04 -0.38 11.47
CA LEU A 101 -76.04 -1.83 11.60
C LEU A 101 -76.47 -2.46 10.29
N PHE A 102 -75.74 -3.48 9.84
CA PHE A 102 -75.98 -4.09 8.55
C PHE A 102 -75.73 -5.59 8.62
N PHE A 103 -76.39 -6.32 7.73
CA PHE A 103 -76.46 -7.78 7.77
C PHE A 103 -75.95 -8.33 6.44
N ILE A 104 -74.95 -9.21 6.50
CA ILE A 104 -74.28 -9.74 5.32
C ILE A 104 -74.42 -11.26 5.33
N LEU A 105 -74.95 -11.81 4.24
CA LEU A 105 -74.91 -13.25 4.04
C LEU A 105 -73.57 -13.61 3.41
N PRO A 106 -72.62 -14.15 4.18
CA PRO A 106 -71.25 -14.30 3.64
C PRO A 106 -71.16 -15.24 2.44
N CYS A 107 -72.13 -16.13 2.23
CA CYS A 107 -72.08 -17.00 1.07
C CYS A 107 -72.35 -16.22 -0.21
N THR A 108 -73.35 -15.33 -0.19
CA THR A 108 -73.80 -14.63 -1.39
C THR A 108 -73.25 -13.21 -1.50
N ASP A 109 -72.74 -12.62 -0.42
CA ASP A 109 -72.49 -11.19 -0.35
C ASP A 109 -71.01 -10.88 -0.14
N SER A 110 -70.56 -9.77 -0.72
CA SER A 110 -69.21 -9.26 -0.57
C SER A 110 -69.28 -7.86 0.02
N PHE A 111 -68.41 -7.56 0.98
CA PHE A 111 -68.48 -6.36 1.79
C PHE A 111 -67.14 -5.65 1.80
N ILE A 112 -67.12 -4.38 1.40
CA ILE A 112 -65.93 -3.53 1.46
C ILE A 112 -66.30 -2.23 2.18
N LYS A 113 -65.56 -1.92 3.24
CA LYS A 113 -65.75 -0.65 3.95
C LYS A 113 -64.62 0.31 3.62
N VAL A 114 -64.95 1.60 3.56
CA VAL A 114 -64.05 2.64 3.09
C VAL A 114 -63.96 3.74 4.14
N ASP A 115 -62.74 4.10 4.53
CA ASP A 115 -62.52 5.20 5.46
C ASP A 115 -62.57 6.53 4.69
N MET A 116 -63.39 7.46 5.17
CA MET A 116 -63.63 8.73 4.50
C MET A 116 -62.81 9.89 5.07
N ARG A 117 -61.88 9.62 5.99
CA ARG A 117 -61.12 10.70 6.63
C ARG A 117 -59.87 11.05 5.82
N THR A 118 -59.36 12.25 6.07
CA THR A 118 -58.17 12.73 5.39
C THR A 118 -56.97 11.85 5.71
N ILE A 119 -56.19 11.55 4.68
CA ILE A 119 -54.96 10.76 4.80
C ILE A 119 -53.79 11.62 4.36
N SER A 120 -52.64 11.44 5.01
CA SER A 120 -51.40 12.10 4.63
C SER A 120 -50.31 11.05 4.42
N PHE A 121 -49.50 11.25 3.40
CA PHE A 121 -48.48 10.29 3.00
C PHE A 121 -47.18 11.01 2.67
N ASP A 122 -46.06 10.45 3.12
CA ASP A 122 -44.73 11.06 2.95
C ASP A 122 -44.09 10.51 1.67
N ILE A 123 -44.13 11.30 0.61
CA ILE A 123 -43.66 10.92 -0.71
C ILE A 123 -42.16 10.66 -0.69
N PRO A 124 -41.66 9.63 -1.38
CA PRO A 124 -40.21 9.46 -1.48
C PRO A 124 -39.58 10.55 -2.31
N PRO A 125 -38.31 10.86 -2.07
CA PRO A 125 -37.68 12.00 -2.77
C PRO A 125 -37.56 11.80 -4.28
N GLN A 126 -37.53 12.91 -5.00
CA GLN A 126 -37.48 12.95 -6.46
C GLN A 126 -36.32 13.81 -6.94
N GLU A 127 -35.80 13.48 -8.13
CA GLU A 127 -34.82 14.32 -8.82
C GLU A 127 -35.52 15.17 -9.87
N ILE A 128 -35.28 16.48 -9.86
CA ILE A 128 -36.04 17.44 -10.65
C ILE A 128 -35.11 18.40 -11.37
N LEU A 129 -35.57 18.89 -12.52
CA LEU A 129 -34.91 19.96 -13.27
C LEU A 129 -35.81 21.19 -13.30
N THR A 130 -35.26 22.34 -12.92
CA THR A 130 -36.00 23.58 -13.00
C THR A 130 -36.01 24.12 -14.43
N LYS A 131 -36.79 25.18 -14.64
CA LYS A 131 -36.85 25.80 -15.96
C LYS A 131 -35.47 26.32 -16.38
N ASP A 132 -34.73 26.94 -15.46
CA ASP A 132 -33.35 27.34 -15.72
C ASP A 132 -32.37 26.17 -15.67
N SER A 133 -32.85 24.93 -15.59
CA SER A 133 -32.02 23.74 -15.76
C SER A 133 -31.14 23.43 -14.53
N VAL A 134 -31.56 23.85 -13.35
CA VAL A 134 -30.84 23.50 -12.13
C VAL A 134 -31.29 22.12 -11.66
N THR A 135 -30.32 21.28 -11.32
CA THR A 135 -30.61 19.97 -10.73
C THR A 135 -30.92 20.15 -9.24
N ILE A 136 -32.12 19.77 -8.81
CA ILE A 136 -32.47 19.76 -7.40
C ILE A 136 -33.22 18.47 -7.07
N SER A 137 -33.11 18.04 -5.82
CA SER A 137 -33.89 16.94 -5.28
C SER A 137 -34.86 17.46 -4.24
N VAL A 138 -36.12 17.03 -4.33
CA VAL A 138 -37.19 17.52 -3.46
C VAL A 138 -37.85 16.34 -2.75
N ASP A 139 -38.45 16.63 -1.60
CA ASP A 139 -39.03 15.64 -0.71
C ASP A 139 -40.43 16.10 -0.33
N GLY A 140 -41.46 15.52 -0.97
CA GLY A 140 -42.81 16.04 -0.86
C GLY A 140 -43.73 15.31 0.12
N VAL A 141 -44.90 15.89 0.32
CA VAL A 141 -45.97 15.32 1.15
C VAL A 141 -47.30 15.61 0.47
N VAL A 142 -48.24 14.67 0.57
CA VAL A 142 -49.57 14.83 -0.03
C VAL A 142 -50.64 14.50 1.01
N TYR A 143 -51.74 15.26 0.96
CA TYR A 143 -52.92 15.05 1.78
C TYR A 143 -54.11 14.80 0.87
N TYR A 144 -54.92 13.79 1.18
CA TYR A 144 -56.06 13.47 0.32
C TYR A 144 -57.09 12.67 1.11
N ARG A 145 -58.30 12.61 0.54
CA ARG A 145 -59.40 11.85 1.14
C ARG A 145 -60.33 11.31 0.06
N VAL A 146 -61.03 10.23 0.39
CA VAL A 146 -62.09 9.71 -0.48
C VAL A 146 -63.32 10.59 -0.37
N GLN A 147 -63.88 10.99 -1.51
CA GLN A 147 -65.13 11.73 -1.53
C GLN A 147 -66.29 11.00 -2.20
N ASN A 148 -66.04 9.87 -2.86
CA ASN A 148 -67.10 9.02 -3.42
C ASN A 148 -66.62 7.58 -3.31
N ALA A 149 -67.20 6.84 -2.36
CA ALA A 149 -66.70 5.50 -2.06
C ALA A 149 -67.02 4.50 -3.16
N THR A 150 -68.10 4.71 -3.92
CA THR A 150 -68.44 3.79 -4.99
C THR A 150 -67.36 3.80 -6.08
N LEU A 151 -66.93 4.98 -6.51
CA LEU A 151 -65.89 5.07 -7.52
C LEU A 151 -64.55 4.59 -6.98
N ALA A 152 -64.28 4.82 -5.69
CA ALA A 152 -62.99 4.42 -5.14
C ALA A 152 -62.81 2.91 -5.13
N VAL A 153 -63.91 2.15 -5.04
CA VAL A 153 -63.85 0.70 -5.02
C VAL A 153 -63.95 0.11 -6.43
N ALA A 154 -64.90 0.59 -7.22
CA ALA A 154 -65.33 -0.09 -8.44
C ALA A 154 -64.78 0.51 -9.73
N ASN A 155 -64.05 1.63 -9.67
CA ASN A 155 -63.54 2.27 -10.87
C ASN A 155 -62.02 2.28 -10.95
N ILE A 156 -61.32 1.89 -9.89
CA ILE A 156 -59.87 1.91 -9.85
C ILE A 156 -59.42 0.73 -9.00
N THR A 157 -58.32 0.09 -9.40
CA THR A 157 -57.88 -1.12 -8.72
C THR A 157 -57.30 -0.82 -7.34
N ASN A 158 -56.50 0.23 -7.23
CA ASN A 158 -55.85 0.61 -5.97
C ASN A 158 -55.81 2.13 -5.91
N ALA A 159 -56.79 2.72 -5.23
CA ALA A 159 -56.94 4.17 -5.24
C ALA A 159 -55.74 4.86 -4.58
N ASP A 160 -55.26 4.33 -3.46
CA ASP A 160 -54.15 4.96 -2.75
C ASP A 160 -52.90 5.02 -3.63
N SER A 161 -52.50 3.88 -4.20
CA SER A 161 -51.30 3.84 -5.02
C SER A 161 -51.43 4.74 -6.24
N ALA A 162 -52.59 4.73 -6.90
CA ALA A 162 -52.79 5.61 -8.05
C ALA A 162 -52.65 7.07 -7.66
N THR A 163 -53.22 7.46 -6.52
CA THR A 163 -53.16 8.86 -6.09
C THR A 163 -51.73 9.28 -5.79
N ARG A 164 -50.97 8.42 -5.10
CA ARG A 164 -49.63 8.79 -4.68
C ARG A 164 -48.68 8.95 -5.87
N LEU A 165 -48.81 8.09 -6.87
CA LEU A 165 -48.00 8.24 -8.08
C LEU A 165 -48.39 9.49 -8.85
N LEU A 166 -49.67 9.81 -8.89
CA LEU A 166 -50.12 11.00 -9.59
C LEU A 166 -49.55 12.27 -8.95
N ALA A 167 -49.48 12.31 -7.61
CA ALA A 167 -48.93 13.45 -6.92
C ALA A 167 -47.47 13.67 -7.32
N GLN A 168 -46.69 12.60 -7.40
CA GLN A 168 -45.28 12.72 -7.76
C GLN A 168 -45.09 13.29 -9.16
N THR A 169 -45.83 12.77 -10.14
CA THR A 169 -45.68 13.26 -11.51
C THR A 169 -46.18 14.69 -11.65
N THR A 170 -47.22 15.06 -10.91
CA THR A 170 -47.72 16.43 -10.97
C THR A 170 -46.69 17.41 -10.41
N LEU A 171 -46.07 17.06 -9.29
CA LEU A 171 -45.02 17.90 -8.72
C LEU A 171 -43.82 17.99 -9.65
N ARG A 172 -43.46 16.88 -10.29
CA ARG A 172 -42.34 16.88 -11.24
C ARG A 172 -42.59 17.87 -12.37
N ASN A 173 -43.80 17.87 -12.93
CA ASN A 173 -44.09 18.70 -14.08
C ASN A 173 -44.09 20.18 -13.73
N VAL A 174 -44.79 20.57 -12.66
CA VAL A 174 -45.00 21.99 -12.38
C VAL A 174 -43.68 22.68 -12.09
N LEU A 175 -42.81 22.05 -11.30
CA LEU A 175 -41.55 22.68 -10.94
C LEU A 175 -40.62 22.82 -12.15
N GLY A 176 -40.85 22.04 -13.20
CA GLY A 176 -40.11 22.20 -14.44
C GLY A 176 -40.49 23.43 -15.23
N THR A 177 -41.61 24.08 -14.89
CA THR A 177 -42.03 25.32 -15.53
C THR A 177 -41.64 26.55 -14.75
N LYS A 178 -40.92 26.40 -13.64
CA LYS A 178 -40.56 27.51 -12.77
C LYS A 178 -39.04 27.61 -12.64
N ASN A 179 -38.55 28.85 -12.61
CA ASN A 179 -37.17 29.10 -12.23
C ASN A 179 -36.98 28.84 -10.73
N LEU A 180 -35.74 28.51 -10.35
CA LEU A 180 -35.48 28.17 -8.95
C LEU A 180 -35.92 29.29 -8.01
N SER A 181 -35.70 30.54 -8.39
CA SER A 181 -36.11 31.65 -7.54
C SER A 181 -37.64 31.72 -7.42
N GLN A 182 -38.37 31.36 -8.47
CA GLN A 182 -39.82 31.33 -8.39
C GLN A 182 -40.31 30.22 -7.47
N ILE A 183 -39.62 29.09 -7.43
CA ILE A 183 -40.03 27.99 -6.57
C ILE A 183 -40.03 28.43 -5.11
N LEU A 184 -39.05 29.27 -4.74
CA LEU A 184 -38.97 29.72 -3.35
C LEU A 184 -40.03 30.77 -3.03
N SER A 185 -40.48 31.54 -4.03
CA SER A 185 -41.33 32.69 -3.78
C SER A 185 -42.82 32.47 -4.07
N ASP A 186 -43.17 31.47 -4.88
CA ASP A 186 -44.51 31.36 -5.47
C ASP A 186 -45.29 30.13 -4.99
N ARG A 187 -45.38 29.94 -3.67
CA ARG A 187 -46.13 28.81 -3.15
C ARG A 187 -47.58 28.82 -3.62
N GLU A 188 -48.25 29.96 -3.50
CA GLU A 188 -49.67 30.04 -3.82
C GLU A 188 -49.92 29.76 -5.29
N GLU A 189 -49.13 30.35 -6.18
CA GLU A 189 -49.30 30.13 -7.61
C GLU A 189 -49.05 28.68 -7.97
N ILE A 190 -48.03 28.06 -7.37
CA ILE A 190 -47.70 26.67 -7.66
C ILE A 190 -48.82 25.75 -7.19
N ALA A 191 -49.41 26.03 -6.03
CA ALA A 191 -50.51 25.21 -5.56
C ALA A 191 -51.72 25.29 -6.48
N HIS A 192 -52.06 26.50 -6.93
CA HIS A 192 -53.18 26.67 -7.85
C HIS A 192 -52.97 25.90 -9.15
N ASN A 193 -51.74 25.93 -9.66
CA ASN A 193 -51.43 25.16 -10.87
C ASN A 193 -51.67 23.68 -10.67
N MET A 194 -51.18 23.13 -9.55
CA MET A 194 -51.26 21.69 -9.34
C MET A 194 -52.70 21.22 -9.16
N GLN A 195 -53.54 22.04 -8.50
CA GLN A 195 -54.87 21.58 -8.16
C GLN A 195 -55.70 21.29 -9.40
N SER A 196 -55.59 22.13 -10.43
CA SER A 196 -56.33 21.89 -11.67
C SER A 196 -55.95 20.56 -12.29
N THR A 197 -54.65 20.25 -12.34
CA THR A 197 -54.22 18.97 -12.88
C THR A 197 -54.76 17.81 -12.05
N LEU A 198 -54.68 17.92 -10.73
CA LEU A 198 -55.08 16.81 -9.87
C LEU A 198 -56.58 16.56 -9.93
N ASP A 199 -57.40 17.62 -9.92
CA ASP A 199 -58.84 17.44 -9.91
C ASP A 199 -59.34 16.75 -11.17
N ASP A 200 -58.80 17.13 -12.33
CA ASP A 200 -59.22 16.50 -13.59
C ASP A 200 -58.96 15.00 -13.56
N ALA A 201 -57.82 14.58 -12.99
CA ALA A 201 -57.44 13.17 -12.99
C ALA A 201 -58.18 12.37 -11.93
N THR A 202 -58.31 12.90 -10.71
CA THR A 202 -58.79 12.12 -9.58
C THR A 202 -60.31 12.06 -9.48
N ASP A 203 -61.04 12.87 -10.26
CA ASP A 203 -62.50 12.84 -10.19
C ASP A 203 -63.04 11.42 -10.43
N ALA A 204 -62.53 10.75 -11.47
CA ALA A 204 -63.02 9.43 -11.80
C ALA A 204 -62.74 8.40 -10.72
N TRP A 205 -61.73 8.62 -9.88
CA TRP A 205 -61.37 7.68 -8.83
C TRP A 205 -62.13 7.93 -7.54
N GLY A 206 -62.94 8.99 -7.46
CA GLY A 206 -63.60 9.33 -6.22
C GLY A 206 -62.68 9.89 -5.16
N ILE A 207 -61.62 10.59 -5.56
CA ILE A 207 -60.59 11.07 -4.66
C ILE A 207 -60.51 12.59 -4.79
N LYS A 208 -60.22 13.26 -3.68
CA LYS A 208 -59.88 14.68 -3.68
C LYS A 208 -58.53 14.86 -3.03
N VAL A 209 -57.58 15.43 -3.79
CA VAL A 209 -56.28 15.79 -3.23
C VAL A 209 -56.40 17.18 -2.62
N GLU A 210 -55.96 17.31 -1.37
CA GLU A 210 -56.12 18.54 -0.63
C GLU A 210 -54.85 19.39 -0.58
N ARG A 211 -53.67 18.78 -0.49
CA ARG A 211 -52.42 19.52 -0.51
C ARG A 211 -51.30 18.68 -1.09
N VAL A 212 -50.36 19.35 -1.74
CA VAL A 212 -49.04 18.82 -2.02
C VAL A 212 -48.03 19.84 -1.54
N GLU A 213 -47.09 19.40 -0.71
CA GLU A 213 -46.16 20.29 -0.04
C GLU A 213 -44.75 19.71 -0.16
N ILE A 214 -43.76 20.56 0.08
CA ILE A 214 -42.36 20.20 -0.05
C ILE A 214 -41.71 20.29 1.32
N LYS A 215 -41.04 19.21 1.72
CA LYS A 215 -40.41 19.10 3.03
C LYS A 215 -38.95 19.52 3.01
N ASP A 216 -38.22 19.22 1.92
CA ASP A 216 -36.81 19.53 1.81
C ASP A 216 -36.45 19.85 0.37
N VAL A 217 -35.44 20.70 0.19
CA VAL A 217 -34.86 21.00 -1.11
C VAL A 217 -33.34 21.01 -0.96
N LYS A 218 -32.65 20.38 -1.91
CA LYS A 218 -31.19 20.26 -1.86
C LYS A 218 -30.58 20.53 -3.22
N LEU A 219 -29.48 21.27 -3.22
CA LEU A 219 -28.61 21.39 -4.38
C LEU A 219 -27.50 20.34 -4.32
N PRO A 220 -26.98 19.91 -5.47
CA PRO A 220 -25.75 19.10 -5.46
C PRO A 220 -24.62 19.88 -4.83
N VAL A 221 -23.70 19.16 -4.17
CA VAL A 221 -22.62 19.81 -3.44
C VAL A 221 -21.79 20.68 -4.37
N GLN A 222 -21.57 20.24 -5.61
CA GLN A 222 -20.75 21.00 -6.55
C GLN A 222 -21.33 22.36 -6.88
N LEU A 223 -22.64 22.57 -6.72
CA LEU A 223 -23.27 23.83 -7.06
C LEU A 223 -23.43 24.78 -5.87
N GLN A 224 -23.15 24.32 -4.65
CA GLN A 224 -23.65 25.03 -3.46
C GLN A 224 -22.96 26.38 -3.25
N ARG A 225 -21.62 26.42 -3.32
CA ARG A 225 -20.96 27.70 -3.09
C ARG A 225 -21.20 28.67 -4.25
N ALA A 226 -21.26 28.16 -5.48
CA ALA A 226 -21.50 29.03 -6.63
C ALA A 226 -22.85 29.74 -6.52
N MET A 227 -23.89 29.01 -6.12
CA MET A 227 -25.23 29.59 -6.04
C MET A 227 -25.38 30.58 -4.89
N ALA A 228 -24.49 30.52 -3.90
CA ALA A 228 -24.55 31.39 -2.73
C ALA A 228 -23.83 32.73 -2.93
N ALA A 229 -23.57 33.12 -4.17
CA ALA A 229 -22.66 34.25 -4.43
C ALA A 229 -23.16 35.55 -3.80
N GLU A 230 -24.48 35.80 -3.85
CA GLU A 230 -25.00 37.05 -3.31
C GLU A 230 -24.75 37.16 -1.81
N ALA A 231 -24.96 36.08 -1.06
CA ALA A 231 -24.75 36.14 0.38
C ALA A 231 -23.28 36.32 0.71
N GLU A 232 -22.40 35.64 -0.01
CA GLU A 232 -20.97 35.82 0.20
C GLU A 232 -20.54 37.25 -0.10
N ALA A 233 -21.05 37.83 -1.19
CA ALA A 233 -20.65 39.17 -1.60
C ALA A 233 -21.08 40.23 -0.60
N SER A 234 -22.28 40.11 -0.03
CA SER A 234 -22.78 41.13 0.88
C SER A 234 -21.90 41.25 2.12
N ARG A 235 -21.45 40.12 2.66
CA ARG A 235 -20.58 40.14 3.82
C ARG A 235 -19.18 40.60 3.46
N GLU A 236 -18.72 40.29 2.25
CA GLU A 236 -17.43 40.76 1.79
C GLU A 236 -17.41 42.27 1.59
N ALA A 237 -18.53 42.86 1.19
CA ALA A 237 -18.60 44.30 1.02
C ALA A 237 -18.47 45.03 2.36
N ARG A 238 -19.16 44.53 3.39
CA ARG A 238 -19.04 45.12 4.72
C ARG A 238 -17.62 44.94 5.28
N ALA A 239 -16.99 43.81 4.98
CA ALA A 239 -15.64 43.57 5.45
C ALA A 239 -14.65 44.59 4.88
N LYS A 240 -14.82 44.96 3.60
CA LYS A 240 -13.91 45.92 2.99
C LYS A 240 -13.97 47.28 3.67
N VAL A 241 -15.17 47.73 4.02
CA VAL A 241 -15.30 49.00 4.72
C VAL A 241 -14.56 48.96 6.06
N ILE A 242 -14.70 47.85 6.78
CA ILE A 242 -13.99 47.69 8.05
C ILE A 242 -12.49 47.69 7.82
N ALA A 243 -12.03 46.96 6.79
CA ALA A 243 -10.59 46.87 6.54
C ALA A 243 -10.01 48.21 6.12
N ALA A 244 -10.72 48.98 5.30
CA ALA A 244 -10.22 50.29 4.89
C ALA A 244 -10.09 51.23 6.09
N GLU A 245 -11.03 51.16 7.03
CA GLU A 245 -10.92 51.93 8.27
C GLU A 245 -9.67 51.50 9.04
N GLY A 246 -9.32 50.22 8.99
CA GLY A 246 -8.09 49.77 9.63
C GLY A 246 -6.85 50.41 9.03
N GLU A 247 -6.78 50.47 7.70
CA GLU A 247 -5.65 51.13 7.05
C GLU A 247 -5.52 52.58 7.50
N MET A 248 -6.63 53.30 7.55
CA MET A 248 -6.59 54.70 7.94
C MET A 248 -6.10 54.87 9.37
N ASN A 249 -6.57 54.03 10.28
CA ASN A 249 -6.17 54.16 11.69
C ASN A 249 -4.68 53.84 11.88
N ALA A 250 -4.15 52.88 11.12
CA ALA A 250 -2.75 52.49 11.28
C ALA A 250 -1.78 53.44 10.61
N SER A 251 -2.24 54.30 9.71
CA SER A 251 -1.33 55.02 8.82
C SER A 251 -0.44 56.01 9.55
N ARG A 252 -0.93 56.64 10.62
CA ARG A 252 -0.13 57.67 11.30
C ARG A 252 1.13 57.08 11.92
N ALA A 253 1.03 55.91 12.56
CA ALA A 253 2.20 55.31 13.16
C ALA A 253 3.20 54.84 12.11
N LEU A 254 2.71 54.32 10.98
CA LEU A 254 3.61 53.91 9.91
C LEU A 254 4.39 55.09 9.35
N LYS A 255 3.72 56.25 9.21
CA LYS A 255 4.43 57.43 8.74
C LYS A 255 5.55 57.83 9.71
N GLU A 256 5.27 57.81 11.02
CA GLU A 256 6.30 58.14 11.99
C GLU A 256 7.46 57.16 11.92
N ALA A 257 7.15 55.87 11.86
CA ALA A 257 8.21 54.87 11.73
C ALA A 257 9.00 55.08 10.45
N SER A 258 8.31 55.37 9.34
CA SER A 258 8.98 55.57 8.07
C SER A 258 9.94 56.76 8.11
N MET A 259 9.53 57.85 8.75
CA MET A 259 10.38 59.04 8.77
C MET A 259 11.69 58.81 9.51
N VAL A 260 11.66 58.01 10.58
CA VAL A 260 12.88 57.70 11.31
C VAL A 260 13.74 56.71 10.52
N ILE A 261 13.10 55.71 9.90
CA ILE A 261 13.85 54.66 9.20
C ILE A 261 14.60 55.23 8.00
N THR A 262 14.03 56.21 7.33
CA THR A 262 14.60 56.70 6.07
C THR A 262 15.79 57.63 6.26
N GLU A 263 16.11 58.01 7.50
CA GLU A 263 17.22 58.92 7.71
C GLU A 263 18.59 58.25 7.57
N SER A 264 18.66 56.94 7.69
CA SER A 264 19.90 56.19 7.48
C SER A 264 19.60 55.03 6.54
N PRO A 265 20.41 54.81 5.51
CA PRO A 265 19.98 53.94 4.40
C PRO A 265 19.86 52.46 4.75
N ALA A 266 20.70 51.93 5.65
CA ALA A 266 20.69 50.50 5.90
C ALA A 266 19.51 50.05 6.78
N ALA A 267 18.78 50.98 7.38
CA ALA A 267 17.76 50.61 8.37
C ALA A 267 16.64 49.78 7.74
N LEU A 268 16.12 50.20 6.60
CA LEU A 268 15.03 49.47 5.97
C LEU A 268 15.48 48.06 5.57
N GLN A 269 16.73 47.91 5.17
CA GLN A 269 17.24 46.59 4.81
C GLN A 269 17.26 45.66 6.01
N LEU A 270 17.60 46.18 7.19
CA LEU A 270 17.53 45.36 8.40
C LEU A 270 16.12 44.88 8.66
N ARG A 271 15.13 45.75 8.43
CA ARG A 271 13.74 45.35 8.58
C ARG A 271 13.37 44.23 7.60
N TYR A 272 13.85 44.32 6.35
CA TYR A 272 13.60 43.25 5.38
C TYR A 272 14.13 41.91 5.87
N LEU A 273 15.37 41.89 6.36
CA LEU A 273 15.99 40.63 6.75
C LEU A 273 15.28 40.01 7.96
N GLN A 274 14.86 40.83 8.92
CA GLN A 274 14.13 40.30 10.06
C GLN A 274 12.78 39.71 9.63
N THR A 275 12.15 40.31 8.62
CA THR A 275 10.92 39.73 8.09
C THR A 275 11.18 38.32 7.54
N LEU A 276 12.27 38.16 6.79
CA LEU A 276 12.58 36.85 6.22
C LEU A 276 12.76 35.79 7.31
N THR A 277 13.44 36.15 8.39
CA THR A 277 13.61 35.21 9.49
C THR A 277 12.26 34.81 10.09
N THR A 278 11.34 35.77 10.19
CA THR A 278 10.00 35.46 10.69
C THR A 278 9.25 34.52 9.74
N ILE A 279 9.39 34.73 8.43
CA ILE A 279 8.69 33.89 7.46
C ILE A 279 9.15 32.45 7.56
N ALA A 280 10.46 32.23 7.73
CA ALA A 280 11.03 30.90 7.61
C ALA A 280 10.45 29.91 8.63
N ALA A 281 9.88 30.41 9.73
CA ALA A 281 9.36 29.51 10.75
C ALA A 281 7.99 28.94 10.39
N GLU A 282 7.27 29.52 9.44
CA GLU A 282 5.97 29.01 9.02
C GLU A 282 6.16 27.81 8.10
N LYS A 283 5.22 26.87 8.18
CA LYS A 283 5.30 25.65 7.39
C LYS A 283 5.12 25.94 5.90
N ASN A 284 5.76 25.11 5.07
CA ASN A 284 5.63 25.18 3.62
C ASN A 284 6.06 26.54 3.07
N SER A 285 7.17 27.08 3.60
CA SER A 285 7.72 28.36 3.18
C SER A 285 9.08 28.10 2.51
N THR A 286 9.08 28.00 1.18
CA THR A 286 10.32 27.82 0.44
C THR A 286 10.97 29.18 0.20
N ILE A 287 12.27 29.28 0.49
CA ILE A 287 13.05 30.49 0.28
C ILE A 287 14.17 30.19 -0.70
N VAL A 288 14.32 31.06 -1.71
CA VAL A 288 15.35 30.94 -2.74
C VAL A 288 16.34 32.08 -2.54
N PHE A 289 17.62 31.73 -2.37
CA PHE A 289 18.60 32.63 -1.77
C PHE A 289 19.83 32.77 -2.66
N PRO A 290 19.98 33.87 -3.40
CA PRO A 290 21.19 34.08 -4.20
C PRO A 290 22.37 34.55 -3.36
N LEU A 291 23.57 34.07 -3.73
CA LEU A 291 24.82 34.47 -3.09
C LEU A 291 25.76 35.01 -4.16
N PRO A 292 25.76 36.32 -4.42
CA PRO A 292 26.67 36.88 -5.43
C PRO A 292 28.12 36.82 -4.96
N ILE A 293 28.96 36.12 -5.73
CA ILE A 293 30.34 35.86 -5.37
C ILE A 293 31.25 36.42 -6.46
N ASP A 294 32.42 36.90 -6.05
CA ASP A 294 33.39 37.52 -6.96
C ASP A 294 34.68 36.70 -6.93
N MET A 295 35.07 36.16 -8.09
CA MET A 295 36.29 35.38 -8.22
C MET A 295 37.49 36.20 -8.70
N LEU A 296 37.37 37.52 -8.74
CA LEU A 296 38.50 38.44 -8.85
C LEU A 296 39.18 38.41 -10.21
N GLN A 297 38.47 38.07 -11.29
CA GLN A 297 39.04 38.18 -12.63
C GLN A 297 38.78 39.57 -13.20
N ARG B 34 -70.61 21.72 14.97
CA ARG B 34 -69.73 21.50 13.79
C ARG B 34 -69.41 20.03 13.60
N LEU B 35 -70.22 19.33 12.80
CA LEU B 35 -69.95 17.94 12.51
C LEU B 35 -68.74 17.82 11.57
N PRO B 36 -68.06 16.67 11.59
CA PRO B 36 -66.94 16.47 10.66
C PRO B 36 -67.39 16.51 9.20
N ASP B 37 -66.41 16.73 8.32
CA ASP B 37 -66.66 16.62 6.89
C ASP B 37 -66.89 15.18 6.47
N SER B 38 -66.13 14.25 7.06
CA SER B 38 -66.19 12.85 6.67
C SER B 38 -67.61 12.30 6.73
N GLY B 48 -82.73 1.10 15.88
CA GLY B 48 -83.89 0.37 15.38
C GLY B 48 -84.14 -0.93 16.12
N PRO B 49 -85.19 -1.66 15.70
CA PRO B 49 -85.56 -2.86 16.45
C PRO B 49 -84.43 -3.86 16.65
N CYS B 50 -83.65 -4.16 15.61
CA CYS B 50 -82.57 -5.12 15.78
C CYS B 50 -81.44 -4.53 16.62
N GLY B 51 -81.28 -3.19 16.61
CA GLY B 51 -80.36 -2.57 17.54
C GLY B 51 -80.74 -2.81 18.98
N TRP B 52 -82.03 -2.65 19.30
CA TRP B 52 -82.50 -2.94 20.65
C TRP B 52 -82.22 -4.39 21.03
N ILE B 53 -82.38 -5.30 20.08
CA ILE B 53 -82.12 -6.72 20.36
C ILE B 53 -80.66 -6.90 20.75
N LEU B 54 -79.73 -6.35 19.95
CA LEU B 54 -78.32 -6.45 20.28
C LEU B 54 -78.01 -5.74 21.60
N VAL B 55 -78.62 -4.58 21.83
CA VAL B 55 -78.42 -3.86 23.07
C VAL B 55 -78.93 -4.69 24.26
N ALA B 56 -80.12 -5.28 24.11
CA ALA B 56 -80.68 -6.08 25.20
C ALA B 56 -79.81 -7.30 25.48
N PHE B 57 -79.34 -7.98 24.43
CA PHE B 57 -78.42 -9.09 24.62
C PHE B 57 -77.18 -8.64 25.38
N SER B 58 -76.65 -7.46 25.04
CA SER B 58 -75.45 -6.97 25.72
C SER B 58 -75.75 -6.61 27.18
N PHE B 59 -76.89 -5.97 27.44
CA PHE B 59 -77.30 -5.70 28.82
C PHE B 59 -77.36 -6.99 29.62
N LEU B 60 -78.05 -8.00 29.09
CA LEU B 60 -78.18 -9.26 29.80
C LEU B 60 -76.82 -9.91 30.03
N PHE B 61 -76.00 -9.98 28.98
CA PHE B 61 -74.70 -10.66 29.10
C PHE B 61 -73.82 -9.99 30.14
N THR B 62 -73.76 -8.66 30.14
CA THR B 62 -72.93 -7.95 31.10
C THR B 62 -73.43 -8.14 32.52
N VAL B 63 -74.75 -8.14 32.71
CA VAL B 63 -75.30 -8.41 34.04
C VAL B 63 -75.02 -9.85 34.45
N ILE B 64 -75.11 -10.78 33.50
CA ILE B 64 -74.79 -12.19 33.80
C ILE B 64 -73.32 -12.31 34.21
N THR B 65 -72.45 -11.52 33.59
CA THR B 65 -71.02 -11.53 33.88
C THR B 65 -70.60 -10.41 34.80
N PHE B 66 -71.52 -9.85 35.58
CA PHE B 66 -71.33 -8.54 36.19
C PHE B 66 -70.03 -8.38 36.96
N PRO B 67 -69.67 -9.24 37.91
CA PRO B 67 -68.46 -8.99 38.72
C PRO B 67 -67.17 -9.04 37.92
N ILE B 68 -67.20 -9.55 36.68
CA ILE B 68 -66.04 -9.53 35.81
C ILE B 68 -66.15 -8.34 34.85
N SER B 69 -67.29 -8.22 34.17
CA SER B 69 -67.41 -7.32 33.04
C SER B 69 -67.69 -5.87 33.45
N ILE B 70 -68.13 -5.62 34.68
CA ILE B 70 -68.38 -4.23 35.08
C ILE B 70 -67.13 -3.40 34.97
N TRP B 71 -65.96 -4.03 35.13
CA TRP B 71 -64.71 -3.29 35.00
C TRP B 71 -64.52 -2.77 33.57
N MET B 72 -64.97 -3.51 32.57
CA MET B 72 -64.90 -3.03 31.20
C MET B 72 -65.96 -1.98 30.91
N CYS B 73 -67.14 -2.10 31.52
CA CYS B 73 -68.20 -1.13 31.28
C CYS B 73 -67.84 0.26 31.80
N ILE B 74 -67.10 0.33 32.91
CA ILE B 74 -66.84 1.58 33.60
C ILE B 74 -65.65 2.29 32.97
N LYS B 75 -65.82 3.57 32.67
CA LYS B 75 -64.75 4.43 32.18
C LYS B 75 -64.72 5.70 33.02
N ILE B 76 -63.51 6.20 33.28
CA ILE B 76 -63.31 7.43 34.05
C ILE B 76 -62.43 8.36 33.21
N ILE B 77 -62.92 9.58 33.00
CA ILE B 77 -62.25 10.58 32.17
C ILE B 77 -61.83 11.72 33.08
N LYS B 78 -60.55 12.09 33.02
CA LYS B 78 -60.02 13.12 33.90
C LYS B 78 -60.37 14.52 33.38
N GLU B 79 -60.07 15.51 34.21
CA GLU B 79 -60.37 16.90 33.88
C GLU B 79 -59.80 17.29 32.52
N TYR B 80 -58.60 16.82 32.21
CA TYR B 80 -57.88 17.23 31.01
C TYR B 80 -58.05 16.24 29.85
N GLU B 81 -59.02 15.34 29.93
CA GLU B 81 -59.30 14.37 28.89
C GLU B 81 -60.74 14.53 28.40
N ARG B 82 -60.99 14.03 27.19
CA ARG B 82 -62.32 13.99 26.60
C ARG B 82 -62.50 12.65 25.90
N ALA B 83 -63.75 12.23 25.76
CA ALA B 83 -64.08 10.94 25.17
C ALA B 83 -65.05 11.11 24.00
N ILE B 84 -64.81 10.35 22.93
CA ILE B 84 -65.71 10.25 21.78
C ILE B 84 -66.28 8.83 21.79
N ILE B 85 -67.61 8.72 21.79
CA ILE B 85 -68.29 7.45 21.98
C ILE B 85 -69.22 7.18 20.81
N PHE B 86 -69.10 5.99 20.22
CA PHE B 86 -69.99 5.50 19.18
C PHE B 86 -70.81 4.33 19.72
N ARG B 87 -72.10 4.35 19.46
CA ARG B 87 -73.01 3.26 19.82
C ARG B 87 -73.66 2.73 18.55
N LEU B 88 -73.38 1.47 18.22
CA LEU B 88 -73.83 0.88 16.95
C LEU B 88 -73.40 1.75 15.77
N GLY B 89 -72.20 2.31 15.88
CA GLY B 89 -71.62 3.13 14.83
C GLY B 89 -72.06 4.58 14.80
N ARG B 90 -73.21 4.91 15.38
CA ARG B 90 -73.62 6.31 15.47
C ARG B 90 -72.93 6.98 16.64
N ILE B 91 -72.60 8.26 16.47
CA ILE B 91 -71.89 9.01 17.51
C ILE B 91 -72.90 9.56 18.50
N LEU B 92 -72.61 9.40 19.80
CA LEU B 92 -73.51 9.90 20.83
C LEU B 92 -73.70 11.40 20.67
N GLN B 93 -74.96 11.83 20.77
CA GLN B 93 -75.32 13.19 20.40
C GLN B 93 -74.67 14.21 21.34
N GLY B 94 -74.30 15.35 20.78
CA GLY B 94 -73.66 16.41 21.54
C GLY B 94 -72.15 16.42 21.35
N GLY B 95 -71.50 17.16 22.23
CA GLY B 95 -70.06 17.31 22.18
C GLY B 95 -69.34 16.12 22.78
N ALA B 96 -68.01 16.24 22.83
CA ALA B 96 -67.21 15.22 23.46
C ALA B 96 -67.53 15.17 24.96
N LYS B 97 -67.51 13.96 25.52
CA LYS B 97 -67.93 13.78 26.90
C LYS B 97 -66.85 14.24 27.87
N GLY B 98 -67.26 15.03 28.85
CA GLY B 98 -66.35 15.67 29.77
C GLY B 98 -65.79 14.72 30.81
N PRO B 99 -65.27 15.27 31.91
CA PRO B 99 -64.73 14.42 32.97
C PRO B 99 -65.84 13.71 33.73
N GLY B 100 -65.48 12.58 34.34
CA GLY B 100 -66.36 11.90 35.25
C GLY B 100 -66.45 10.42 34.94
N LEU B 101 -67.55 9.83 35.39
CA LEU B 101 -67.79 8.39 35.31
C LEU B 101 -68.77 8.10 34.18
N PHE B 102 -68.45 7.11 33.36
CA PHE B 102 -69.25 6.80 32.18
C PHE B 102 -69.34 5.29 32.01
N PHE B 103 -70.47 4.85 31.45
CA PHE B 103 -70.77 3.44 31.27
C PHE B 103 -70.97 3.15 29.79
N ILE B 104 -70.30 2.10 29.30
CA ILE B 104 -70.43 1.67 27.92
C ILE B 104 -70.60 0.15 27.89
N LEU B 105 -71.26 -0.34 26.84
CA LEU B 105 -71.35 -1.77 26.59
C LEU B 105 -70.30 -2.15 25.56
N PRO B 106 -69.30 -2.95 25.89
CA PRO B 106 -68.20 -3.19 24.94
C PRO B 106 -68.65 -3.91 23.67
N CYS B 107 -69.81 -4.58 23.68
CA CYS B 107 -70.28 -5.25 22.47
C CYS B 107 -70.78 -4.24 21.45
N THR B 108 -71.68 -3.35 21.87
CA THR B 108 -72.33 -2.42 20.95
C THR B 108 -71.60 -1.08 20.80
N ASP B 109 -70.68 -0.75 21.71
CA ASP B 109 -70.11 0.59 21.79
C ASP B 109 -68.62 0.58 21.46
N SER B 110 -68.15 1.72 20.97
CA SER B 110 -66.73 1.98 20.73
C SER B 110 -66.36 3.30 21.37
N PHE B 111 -65.14 3.39 21.89
CA PHE B 111 -64.76 4.43 22.85
C PHE B 111 -63.35 4.93 22.53
N ILE B 112 -63.21 6.24 22.33
CA ILE B 112 -61.93 6.87 22.05
C ILE B 112 -61.71 8.01 23.04
N LYS B 113 -60.50 8.07 23.59
CA LYS B 113 -60.14 8.96 24.69
C LYS B 113 -59.04 9.91 24.24
N VAL B 114 -59.24 11.21 24.43
CA VAL B 114 -58.39 12.24 23.84
C VAL B 114 -57.80 13.11 24.94
N ASP B 115 -56.47 13.25 24.95
CA ASP B 115 -55.77 14.13 25.86
C ASP B 115 -55.76 15.56 25.30
N MET B 116 -56.19 16.52 26.10
CA MET B 116 -56.34 17.90 25.66
C MET B 116 -55.17 18.81 26.04
N ARG B 117 -54.06 18.25 26.53
CA ARG B 117 -52.95 19.07 26.99
C ARG B 117 -51.96 19.38 25.87
N THR B 118 -51.18 20.44 26.07
CA THR B 118 -50.13 20.80 25.14
C THR B 118 -49.09 19.69 25.05
N ILE B 119 -48.62 19.41 23.83
CA ILE B 119 -47.58 18.43 23.58
C ILE B 119 -46.51 19.06 22.71
N SER B 120 -45.27 18.64 22.94
CA SER B 120 -44.11 19.13 22.19
C SER B 120 -43.43 17.98 21.49
N PHE B 121 -42.93 18.24 20.28
CA PHE B 121 -42.28 17.23 19.46
C PHE B 121 -41.02 17.80 18.84
N ASP B 122 -39.95 17.00 18.82
CA ASP B 122 -38.64 17.43 18.33
C ASP B 122 -38.51 17.00 16.86
N ILE B 123 -38.69 17.96 15.96
CA ILE B 123 -38.75 17.68 14.52
C ILE B 123 -37.39 17.19 14.03
N PRO B 124 -37.32 16.23 13.12
CA PRO B 124 -36.04 15.86 12.54
C PRO B 124 -35.46 17.00 11.74
N PRO B 125 -34.13 17.09 11.65
CA PRO B 125 -33.50 18.21 10.93
C PRO B 125 -33.82 18.22 9.45
N GLN B 126 -33.81 19.42 8.86
CA GLN B 126 -34.20 19.66 7.49
C GLN B 126 -33.10 20.38 6.71
N GLU B 127 -33.12 20.22 5.38
CA GLU B 127 -32.24 20.96 4.48
C GLU B 127 -33.05 22.06 3.80
N ILE B 128 -32.56 23.30 3.87
CA ILE B 128 -33.32 24.47 3.44
C ILE B 128 -32.47 25.39 2.58
N LEU B 129 -33.12 26.14 1.70
CA LEU B 129 -32.50 27.18 0.89
C LEU B 129 -33.08 28.53 1.26
N THR B 130 -32.21 29.51 1.52
CA THR B 130 -32.65 30.86 1.80
C THR B 130 -33.00 31.59 0.51
N LYS B 131 -33.60 32.77 0.66
CA LYS B 131 -33.91 33.60 -0.50
C LYS B 131 -32.64 33.96 -1.27
N ASP B 132 -31.57 34.29 -0.56
CA ASP B 132 -30.27 34.51 -1.19
C ASP B 132 -29.54 33.21 -1.52
N SER B 133 -30.19 32.06 -1.41
CA SER B 133 -29.69 30.79 -1.94
C SER B 133 -28.57 30.15 -1.12
N VAL B 134 -28.52 30.42 0.18
CA VAL B 134 -27.56 29.74 1.05
C VAL B 134 -28.13 28.39 1.47
N THR B 135 -27.30 27.35 1.41
CA THR B 135 -27.68 26.03 1.90
C THR B 135 -27.49 25.96 3.41
N ILE B 136 -28.57 25.77 4.16
CA ILE B 136 -28.50 25.62 5.60
C ILE B 136 -29.35 24.42 6.03
N SER B 137 -28.94 23.79 7.13
CA SER B 137 -29.72 22.76 7.79
C SER B 137 -30.24 23.28 9.12
N VAL B 138 -31.53 23.08 9.37
CA VAL B 138 -32.18 23.59 10.58
C VAL B 138 -32.80 22.42 11.35
N ASP B 139 -32.95 22.62 12.66
CA ASP B 139 -33.41 21.60 13.59
C ASP B 139 -34.54 22.20 14.43
N GLY B 140 -35.79 21.82 14.14
CA GLY B 140 -36.95 22.51 14.69
C GLY B 140 -37.63 21.80 15.87
N VAL B 141 -38.56 22.52 16.47
CA VAL B 141 -39.42 22.01 17.55
C VAL B 141 -40.81 22.62 17.37
N VAL B 142 -41.85 21.83 17.63
CA VAL B 142 -43.23 22.28 17.49
C VAL B 142 -44.00 21.95 18.76
N TYR B 143 -44.90 22.85 19.15
CA TYR B 143 -45.81 22.68 20.28
C TYR B 143 -47.24 22.80 19.77
N TYR B 144 -48.09 21.82 20.11
CA TYR B 144 -49.46 21.84 19.63
C TYR B 144 -50.40 21.18 20.63
N ARG B 145 -51.70 21.41 20.43
CA ARG B 145 -52.72 21.03 21.38
C ARG B 145 -54.02 20.71 20.64
N VAL B 146 -54.77 19.73 21.13
CA VAL B 146 -56.07 19.42 20.55
C VAL B 146 -57.08 20.48 21.02
N GLN B 147 -57.74 21.11 20.06
CA GLN B 147 -58.72 22.15 20.34
C GLN B 147 -60.16 21.63 20.27
N ASN B 148 -60.43 20.63 19.43
CA ASN B 148 -61.76 20.06 19.27
C ASN B 148 -61.60 18.55 19.12
N ALA B 149 -62.05 17.80 20.14
CA ALA B 149 -61.78 16.37 20.17
C ALA B 149 -62.56 15.62 19.10
N THR B 150 -63.74 16.10 18.72
CA THR B 150 -64.53 15.39 17.71
C THR B 150 -63.83 15.41 16.35
N LEU B 151 -63.42 16.59 15.89
CA LEU B 151 -62.72 16.69 14.62
C LEU B 151 -61.40 15.93 14.65
N ALA B 152 -60.71 15.95 15.79
CA ALA B 152 -59.43 15.27 15.90
C ALA B 152 -59.57 13.76 15.74
N VAL B 153 -60.72 13.21 16.10
CA VAL B 153 -60.95 11.77 16.01
C VAL B 153 -61.56 11.38 14.66
N ALA B 154 -62.58 12.11 14.22
CA ALA B 154 -63.45 11.66 13.15
C ALA B 154 -63.23 12.35 11.81
N ASN B 155 -62.30 13.30 11.72
CA ASN B 155 -62.06 14.02 10.48
C ASN B 155 -60.65 13.82 9.91
N ILE B 156 -59.77 13.17 10.65
CA ILE B 156 -58.38 12.97 10.24
C ILE B 156 -57.94 11.61 10.77
N THR B 157 -57.18 10.88 9.96
CA THR B 157 -56.80 9.52 10.35
C THR B 157 -55.79 9.51 11.48
N ASN B 158 -54.78 10.38 11.41
CA ASN B 158 -53.74 10.48 12.44
C ASN B 158 -53.41 11.97 12.60
N ALA B 159 -53.99 12.58 13.63
CA ALA B 159 -53.81 14.03 13.82
C ALA B 159 -52.35 14.38 14.08
N ASP B 160 -51.65 13.55 14.86
CA ASP B 160 -50.27 13.86 15.23
C ASP B 160 -49.35 13.90 14.00
N SER B 161 -49.39 12.86 13.18
CA SER B 161 -48.52 12.81 12.00
C SER B 161 -48.86 13.92 11.02
N ALA B 162 -50.15 14.21 10.83
CA ALA B 162 -50.53 15.31 9.95
C ALA B 162 -49.96 16.64 10.47
N THR B 163 -50.08 16.88 11.77
CA THR B 163 -49.62 18.15 12.32
C THR B 163 -48.11 18.29 12.24
N ARG B 164 -47.37 17.21 12.53
CA ARG B 164 -45.91 17.29 12.54
C ARG B 164 -45.36 17.49 11.13
N LEU B 165 -45.92 16.81 10.14
CA LEU B 165 -45.48 17.02 8.76
C LEU B 165 -45.82 18.43 8.28
N LEU B 166 -46.98 18.95 8.66
CA LEU B 166 -47.36 20.30 8.26
C LEU B 166 -46.41 21.34 8.84
N ALA B 167 -45.97 21.15 10.09
CA ALA B 167 -45.02 22.08 10.68
C ALA B 167 -43.72 22.12 9.88
N GLN B 168 -43.23 20.96 9.45
CA GLN B 168 -42.00 20.89 8.66
C GLN B 168 -42.13 21.67 7.35
N THR B 169 -43.20 21.42 6.60
CA THR B 169 -43.34 22.07 5.30
C THR B 169 -43.59 23.57 5.45
N THR B 170 -44.29 23.98 6.50
CA THR B 170 -44.50 25.41 6.73
C THR B 170 -43.20 26.11 7.07
N LEU B 171 -42.35 25.48 7.88
CA LEU B 171 -41.05 26.04 8.19
C LEU B 171 -40.17 26.11 6.95
N ARG B 172 -40.23 25.08 6.11
CA ARG B 172 -39.45 25.07 4.87
C ARG B 172 -39.80 26.25 4.00
N ASN B 173 -41.10 26.53 3.85
CA ASN B 173 -41.55 27.58 2.93
C ASN B 173 -41.14 28.98 3.42
N VAL B 174 -41.39 29.27 4.69
CA VAL B 174 -41.19 30.64 5.19
C VAL B 174 -39.72 31.03 5.12
N LEU B 175 -38.82 30.13 5.52
CA LEU B 175 -37.40 30.47 5.51
C LEU B 175 -36.88 30.63 4.08
N GLY B 176 -37.57 30.07 3.09
CA GLY B 176 -37.20 30.30 1.71
C GLY B 176 -37.54 31.69 1.20
N THR B 177 -38.36 32.44 1.93
CA THR B 177 -38.68 33.81 1.59
C THR B 177 -37.80 34.83 2.31
N LYS B 178 -36.84 34.38 3.12
CA LYS B 178 -36.00 35.24 3.92
C LYS B 178 -34.53 35.09 3.55
N ASN B 179 -33.80 36.19 3.56
CA ASN B 179 -32.35 36.13 3.50
C ASN B 179 -31.80 35.62 4.84
N LEU B 180 -30.58 35.09 4.79
CA LEU B 180 -30.00 34.50 5.99
C LEU B 180 -29.93 35.50 7.14
N SER B 181 -29.56 36.75 6.83
CA SER B 181 -29.50 37.77 7.88
C SER B 181 -30.88 38.03 8.50
N GLN B 182 -31.93 37.94 7.69
CA GLN B 182 -33.28 38.15 8.23
C GLN B 182 -33.70 37.01 9.14
N ILE B 183 -33.26 35.79 8.84
CA ILE B 183 -33.61 34.65 9.67
C ILE B 183 -33.11 34.84 11.10
N LEU B 184 -31.92 35.44 11.25
CA LEU B 184 -31.36 35.63 12.58
C LEU B 184 -32.03 36.78 13.33
N SER B 185 -32.58 37.76 12.61
CA SER B 185 -33.08 38.99 13.23
C SER B 185 -34.60 39.07 13.37
N ASP B 186 -35.37 38.31 12.59
CA ASP B 186 -36.80 38.55 12.41
C ASP B 186 -37.67 37.45 12.99
N ARG B 187 -37.45 37.05 14.24
CA ARG B 187 -38.23 35.96 14.82
C ARG B 187 -39.72 36.29 14.87
N GLU B 188 -40.07 37.49 15.35
CA GLU B 188 -41.48 37.83 15.53
C GLU B 188 -42.21 37.83 14.20
N GLU B 189 -41.61 38.41 13.16
CA GLU B 189 -42.23 38.41 11.85
C GLU B 189 -42.38 36.99 11.30
N ILE B 190 -41.34 36.17 11.47
CA ILE B 190 -41.39 34.80 10.98
C ILE B 190 -42.47 34.01 11.69
N ALA B 191 -42.58 34.16 13.01
CA ALA B 191 -43.63 33.46 13.75
C ALA B 191 -45.01 33.89 13.28
N HIS B 192 -45.22 35.19 13.06
CA HIS B 192 -46.52 35.68 12.61
C HIS B 192 -46.88 35.12 11.24
N ASN B 193 -45.91 35.03 10.33
CA ASN B 193 -46.18 34.48 9.02
C ASN B 193 -46.62 33.02 9.10
N MET B 194 -45.96 32.22 9.94
CA MET B 194 -46.28 30.80 10.02
C MET B 194 -47.66 30.57 10.61
N GLN B 195 -48.06 31.39 11.59
CA GLN B 195 -49.28 31.10 12.34
C GLN B 195 -50.51 31.12 11.45
N SER B 196 -50.64 32.14 10.60
CA SER B 196 -51.80 32.20 9.71
C SER B 196 -51.83 31.01 8.76
N THR B 197 -50.68 30.60 8.26
CA THR B 197 -50.62 29.42 7.40
C THR B 197 -51.08 28.17 8.15
N LEU B 198 -50.57 27.97 9.37
CA LEU B 198 -50.89 26.76 10.11
C LEU B 198 -52.35 26.73 10.53
N ASP B 199 -52.90 27.87 10.95
CA ASP B 199 -54.27 27.88 11.45
C ASP B 199 -55.28 27.51 10.36
N ASP B 200 -55.05 27.98 9.13
CA ASP B 200 -55.97 27.66 8.04
C ASP B 200 -56.06 26.15 7.81
N ALA B 201 -54.92 25.46 7.89
CA ALA B 201 -54.89 24.02 7.62
C ALA B 201 -55.37 23.19 8.81
N THR B 202 -54.89 23.49 10.01
CA THR B 202 -55.15 22.63 11.16
C THR B 202 -56.56 22.80 11.73
N ASP B 203 -57.29 23.84 11.33
CA ASP B 203 -58.61 24.07 11.90
C ASP B 203 -59.54 22.88 11.67
N ALA B 204 -59.56 22.35 10.45
CA ALA B 204 -60.44 21.22 10.15
C ALA B 204 -60.07 19.96 10.92
N TRP B 205 -58.85 19.88 11.44
CA TRP B 205 -58.43 18.74 12.24
C TRP B 205 -58.68 18.93 13.73
N GLY B 206 -59.20 20.08 14.14
CA GLY B 206 -59.36 20.36 15.55
C GLY B 206 -58.06 20.54 16.30
N ILE B 207 -57.03 21.06 15.64
CA ILE B 207 -55.70 21.22 16.23
C ILE B 207 -55.34 22.70 16.22
N LYS B 208 -54.68 23.15 17.30
CA LYS B 208 -54.09 24.47 17.36
C LYS B 208 -52.58 24.30 17.56
N VAL B 209 -51.79 24.87 16.66
CA VAL B 209 -50.34 24.90 16.81
C VAL B 209 -49.95 26.16 17.56
N GLU B 210 -49.17 26.00 18.62
CA GLU B 210 -48.84 27.10 19.50
C GLU B 210 -47.46 27.70 19.26
N ARG B 211 -46.46 26.90 18.89
CA ARG B 211 -45.14 27.42 18.60
C ARG B 211 -44.43 26.53 17.60
N VAL B 212 -43.60 27.15 16.77
CA VAL B 212 -42.56 26.46 16.00
C VAL B 212 -41.28 27.26 16.16
N GLU B 213 -40.19 26.57 16.52
CA GLU B 213 -38.93 27.23 16.82
C GLU B 213 -37.77 26.37 16.36
N ILE B 214 -36.60 27.01 16.26
CA ILE B 214 -35.39 26.39 15.74
C ILE B 214 -34.38 26.28 16.87
N LYS B 215 -33.82 25.08 17.05
CA LYS B 215 -32.81 24.88 18.08
C LYS B 215 -31.38 24.81 17.56
N ASP B 216 -31.17 24.57 16.26
CA ASP B 216 -29.83 24.59 15.67
C ASP B 216 -29.90 25.11 14.23
N VAL B 217 -28.81 25.74 13.80
CA VAL B 217 -28.63 26.16 12.41
C VAL B 217 -27.16 25.92 12.05
N LYS B 218 -26.92 25.32 10.88
CA LYS B 218 -25.57 25.01 10.44
C LYS B 218 -25.36 25.42 8.98
N LEU B 219 -24.19 25.99 8.71
CA LEU B 219 -23.67 26.11 7.35
C LEU B 219 -22.82 24.90 7.01
N PRO B 220 -22.77 24.51 5.72
CA PRO B 220 -21.79 23.48 5.33
C PRO B 220 -20.37 24.00 5.50
N VAL B 221 -19.44 23.07 5.73
CA VAL B 221 -18.08 23.43 6.12
C VAL B 221 -17.43 24.32 5.06
N GLN B 222 -17.75 24.11 3.78
CA GLN B 222 -17.08 24.86 2.72
C GLN B 222 -17.42 26.34 2.73
N LEU B 223 -18.51 26.73 3.40
CA LEU B 223 -18.96 28.12 3.43
C LEU B 223 -18.58 28.86 4.70
N GLN B 224 -18.02 28.17 5.70
CA GLN B 224 -17.98 28.72 7.05
C GLN B 224 -17.00 29.89 7.18
N ARG B 225 -15.78 29.75 6.66
CA ARG B 225 -14.83 30.85 6.78
C ARG B 225 -15.23 32.02 5.87
N ALA B 226 -15.74 31.72 4.68
CA ALA B 226 -16.14 32.78 3.77
C ALA B 226 -17.21 33.68 4.38
N MET B 227 -18.22 33.08 5.01
CA MET B 227 -19.31 33.85 5.59
C MET B 227 -18.89 34.64 6.83
N ALA B 228 -17.79 34.24 7.48
CA ALA B 228 -17.32 34.91 8.69
C ALA B 228 -16.46 36.14 8.40
N ALA B 229 -16.42 36.61 7.15
CA ALA B 229 -15.43 37.63 6.76
C ALA B 229 -15.51 38.87 7.63
N GLU B 230 -16.71 39.32 7.97
CA GLU B 230 -16.85 40.57 8.71
C GLU B 230 -16.26 40.47 10.11
N ALA B 231 -16.39 39.30 10.76
CA ALA B 231 -15.81 39.15 12.09
C ALA B 231 -14.29 39.06 12.02
N GLU B 232 -13.77 38.33 11.03
CA GLU B 232 -12.33 38.23 10.83
C GLU B 232 -11.73 39.60 10.54
N ALA B 233 -12.41 40.40 9.72
CA ALA B 233 -11.88 41.71 9.33
C ALA B 233 -11.75 42.65 10.52
N SER B 234 -12.71 42.62 11.44
CA SER B 234 -12.67 43.54 12.58
C SER B 234 -11.44 43.28 13.45
N ARG B 235 -11.13 42.01 13.71
CA ARG B 235 -9.97 41.68 14.53
C ARG B 235 -8.67 42.02 13.81
N GLU B 236 -8.62 41.80 12.49
CA GLU B 236 -7.43 42.17 11.73
C GLU B 236 -7.22 43.68 11.71
N ALA B 237 -8.31 44.45 11.65
CA ALA B 237 -8.18 45.90 11.66
C ALA B 237 -7.53 46.39 12.95
N ARG B 238 -7.95 45.86 14.10
CA ARG B 238 -7.32 46.22 15.36
C ARG B 238 -5.88 45.72 15.42
N ALA B 239 -5.61 44.56 14.83
CA ALA B 239 -4.24 44.03 14.81
C ALA B 239 -3.30 44.96 14.06
N LYS B 240 -3.76 45.54 12.93
CA LYS B 240 -2.91 46.40 12.13
C LYS B 240 -2.46 47.63 12.91
N VAL B 241 -3.35 48.20 13.72
CA VAL B 241 -2.99 49.36 14.53
C VAL B 241 -1.91 48.99 15.54
N ILE B 242 -2.07 47.83 16.19
CA ILE B 242 -1.06 47.36 17.15
C ILE B 242 0.28 47.15 16.44
N ALA B 243 0.25 46.56 15.25
CA ALA B 243 1.48 46.26 14.53
C ALA B 243 2.22 47.53 14.13
N ALA B 244 1.48 48.57 13.72
CA ALA B 244 2.13 49.81 13.30
C ALA B 244 2.80 50.52 14.48
N GLU B 245 2.17 50.47 15.66
CA GLU B 245 2.81 51.01 16.85
C GLU B 245 4.12 50.26 17.15
N GLY B 246 4.15 48.95 16.89
CA GLY B 246 5.38 48.19 17.03
C GLY B 246 6.48 48.68 16.10
N GLU B 247 6.14 48.94 14.84
CA GLU B 247 7.10 49.51 13.90
C GLU B 247 7.66 50.83 14.44
N MET B 248 6.79 51.69 14.95
CA MET B 248 7.23 53.00 15.43
C MET B 248 8.18 52.85 16.62
N ASN B 249 7.86 51.95 17.55
CA ASN B 249 8.69 51.79 18.74
C ASN B 249 10.07 51.23 18.40
N ALA B 250 10.14 50.30 17.45
CA ALA B 250 11.41 49.67 17.10
C ALA B 250 12.31 50.56 16.25
N SER B 251 11.78 51.63 15.65
CA SER B 251 12.48 52.32 14.58
C SER B 251 13.77 52.98 15.06
N ARG B 252 13.78 53.56 16.26
CA ARG B 252 14.94 54.32 16.72
C ARG B 252 16.19 53.43 16.82
N ALA B 253 16.03 52.22 17.37
CA ALA B 253 17.18 51.34 17.49
C ALA B 253 17.70 50.89 16.13
N LEU B 254 16.79 50.67 15.17
CA LEU B 254 17.25 50.32 13.83
C LEU B 254 18.04 51.45 13.19
N LYS B 255 17.61 52.70 13.41
CA LYS B 255 18.38 53.84 12.90
C LYS B 255 19.78 53.88 13.51
N GLU B 256 19.87 53.70 14.84
CA GLU B 256 21.17 53.71 15.49
C GLU B 256 22.06 52.59 14.95
N ALA B 257 21.50 51.39 14.78
CA ALA B 257 22.27 50.29 14.21
C ALA B 257 22.72 50.61 12.79
N SER B 258 21.83 51.20 12.00
CA SER B 258 22.15 51.51 10.61
C SER B 258 23.32 52.49 10.50
N MET B 259 23.34 53.52 11.34
CA MET B 259 24.38 54.54 11.23
C MET B 259 25.76 53.97 11.52
N VAL B 260 25.87 53.00 12.42
CA VAL B 260 27.14 52.33 12.64
C VAL B 260 27.50 51.45 11.43
N ILE B 261 26.52 50.70 10.93
CA ILE B 261 26.79 49.73 9.86
C ILE B 261 27.26 50.44 8.59
N THR B 262 26.69 51.60 8.29
CA THR B 262 27.00 52.28 7.03
C THR B 262 28.40 52.86 7.00
N GLU B 263 29.08 52.99 8.14
CA GLU B 263 30.44 53.50 8.15
C GLU B 263 31.44 52.50 7.59
N SER B 264 31.06 51.23 7.50
CA SER B 264 31.85 50.21 6.81
C SER B 264 30.85 49.27 6.12
N PRO B 265 30.37 49.67 4.93
CA PRO B 265 29.16 49.02 4.36
C PRO B 265 29.23 47.52 4.18
N ALA B 266 30.43 46.92 4.07
CA ALA B 266 30.49 45.47 3.97
C ALA B 266 29.93 44.78 5.21
N ALA B 267 29.69 45.51 6.29
CA ALA B 267 29.06 44.93 7.47
C ALA B 267 27.66 44.40 7.16
N LEU B 268 26.95 45.04 6.22
CA LEU B 268 25.60 44.60 5.90
C LEU B 268 25.59 43.24 5.23
N GLN B 269 26.62 42.95 4.42
CA GLN B 269 26.75 41.62 3.82
C GLN B 269 27.02 40.56 4.88
N LEU B 270 27.78 40.89 5.92
CA LEU B 270 27.96 39.96 7.04
C LEU B 270 26.63 39.67 7.72
N ARG B 271 25.82 40.70 7.94
CA ARG B 271 24.49 40.49 8.50
C ARG B 271 23.63 39.64 7.57
N TYR B 272 23.75 39.85 6.26
CA TYR B 272 23.01 39.05 5.28
C TYR B 272 23.37 37.58 5.38
N LEU B 273 24.67 37.27 5.52
CA LEU B 273 25.10 35.87 5.58
C LEU B 273 24.67 35.20 6.88
N GLN B 274 24.64 35.94 7.99
CA GLN B 274 24.15 35.36 9.24
C GLN B 274 22.65 35.10 9.18
N THR B 275 21.91 35.90 8.40
CA THR B 275 20.49 35.62 8.19
C THR B 275 20.29 34.28 7.49
N LEU B 276 21.09 34.00 6.47
CA LEU B 276 20.97 32.73 5.76
C LEU B 276 21.23 31.55 6.67
N THR B 277 22.21 31.66 7.55
CA THR B 277 22.50 30.57 8.48
C THR B 277 21.30 30.29 9.39
N THR B 278 20.66 31.36 9.88
CA THR B 278 19.48 31.18 10.73
C THR B 278 18.35 30.50 9.95
N ILE B 279 18.12 30.93 8.71
CA ILE B 279 16.99 30.40 7.94
C ILE B 279 17.20 28.93 7.62
N ALA B 280 18.45 28.53 7.33
CA ALA B 280 18.71 27.14 6.95
C ALA B 280 18.36 26.18 8.07
N ALA B 281 18.40 26.62 9.33
CA ALA B 281 18.13 25.74 10.45
C ALA B 281 16.65 25.39 10.60
N GLU B 282 15.76 26.16 10.00
CA GLU B 282 14.33 25.88 10.12
C GLU B 282 13.95 24.66 9.29
N LYS B 283 12.81 24.06 9.65
CA LYS B 283 12.31 22.87 8.98
C LYS B 283 11.51 23.29 7.74
N ASN B 284 12.26 23.69 6.71
CA ASN B 284 11.70 24.14 5.44
C ASN B 284 12.75 23.91 4.36
N SER B 285 12.31 23.97 3.11
CA SER B 285 13.21 23.83 1.97
C SER B 285 13.92 25.15 1.69
N THR B 286 15.23 25.07 1.44
CA THR B 286 16.04 26.22 1.06
C THR B 286 16.79 25.88 -0.22
N ILE B 287 16.82 26.82 -1.16
CA ILE B 287 17.58 26.69 -2.41
C ILE B 287 18.56 27.86 -2.47
N VAL B 288 19.83 27.54 -2.67
CA VAL B 288 20.92 28.53 -2.64
C VAL B 288 21.65 28.50 -3.98
N PHE B 289 21.87 29.69 -4.55
CA PHE B 289 22.58 29.86 -5.82
C PHE B 289 23.86 30.67 -5.60
N PRO B 290 25.02 30.04 -5.47
CA PRO B 290 26.27 30.78 -5.64
C PRO B 290 26.37 31.33 -7.05
N LEU B 291 26.67 32.63 -7.15
CA LEU B 291 26.57 33.36 -8.41
C LEU B 291 27.86 34.14 -8.68
N PRO B 292 28.75 33.61 -9.53
CA PRO B 292 30.01 34.32 -9.83
C PRO B 292 29.83 35.53 -10.74
N ILE B 293 29.55 36.69 -10.15
CA ILE B 293 29.12 37.84 -10.94
C ILE B 293 30.22 38.32 -11.89
N ASP B 294 31.49 38.22 -11.51
CA ASP B 294 32.55 38.63 -12.42
C ASP B 294 32.65 37.70 -13.63
N MET B 295 32.19 36.46 -13.52
CA MET B 295 32.09 35.60 -14.69
C MET B 295 30.92 36.01 -15.57
N LEU B 296 29.79 36.38 -14.94
CA LEU B 296 28.66 36.91 -15.71
C LEU B 296 29.00 38.25 -16.34
N GLN B 297 29.77 39.08 -15.63
CA GLN B 297 30.19 40.36 -16.18
C GLN B 297 30.96 40.17 -17.49
N GLY B 298 31.57 39.00 -17.69
CA GLY B 298 32.33 38.73 -18.89
C GLY B 298 31.48 38.41 -20.10
N ILE B 299 30.20 38.07 -19.90
CA ILE B 299 29.32 37.76 -21.02
C ILE B 299 28.01 38.51 -20.85
N ARG C 34 -57.84 30.77 38.66
CA ARG C 34 -57.17 30.20 37.45
C ARG C 34 -57.21 28.68 37.48
N LEU C 35 -57.52 28.08 36.34
CA LEU C 35 -57.49 26.64 36.15
C LEU C 35 -56.96 26.32 34.76
N PRO C 36 -56.56 25.08 34.52
CA PRO C 36 -55.98 24.73 33.22
C PRO C 36 -56.93 25.05 32.06
N ASP C 37 -56.34 25.44 30.93
CA ASP C 37 -57.11 25.63 29.70
C ASP C 37 -57.57 24.31 29.10
N SER C 38 -56.91 23.20 29.43
CA SER C 38 -57.27 21.89 28.89
C SER C 38 -58.70 21.54 29.27
N GLY C 48 -72.72 11.97 42.61
CA GLY C 48 -74.03 11.41 42.35
C GLY C 48 -74.17 9.98 42.84
N PRO C 49 -75.35 9.39 42.63
CA PRO C 49 -75.58 8.03 43.16
C PRO C 49 -74.56 6.99 42.70
N CYS C 50 -74.14 7.05 41.44
CA CYS C 50 -73.14 6.08 40.98
C CYS C 50 -71.78 6.36 41.61
N GLY C 51 -71.46 7.63 41.87
CA GLY C 51 -70.25 7.94 42.61
C GLY C 51 -70.27 7.40 44.02
N TRP C 52 -71.38 7.64 44.74
CA TRP C 52 -71.47 7.17 46.11
C TRP C 52 -71.40 5.65 46.19
N ILE C 53 -72.08 4.96 45.27
CA ILE C 53 -72.05 3.50 45.27
C ILE C 53 -70.63 3.00 45.04
N LEU C 54 -69.97 3.52 44.01
CA LEU C 54 -68.64 3.06 43.67
C LEU C 54 -67.64 3.42 44.76
N VAL C 55 -67.79 4.60 45.37
CA VAL C 55 -66.94 4.98 46.49
C VAL C 55 -67.17 4.06 47.68
N ALA C 56 -68.44 3.80 48.00
CA ALA C 56 -68.75 2.92 49.12
C ALA C 56 -68.18 1.52 48.89
N PHE C 57 -68.33 0.99 47.67
CA PHE C 57 -67.73 -0.29 47.33
C PHE C 57 -66.24 -0.29 47.63
N SER C 58 -65.55 0.79 47.25
CA SER C 58 -64.11 0.87 47.50
C SER C 58 -63.82 0.94 49.00
N PHE C 59 -64.60 1.73 49.75
CA PHE C 59 -64.44 1.77 51.20
C PHE C 59 -64.52 0.36 51.80
N LEU C 60 -65.57 -0.39 51.44
CA LEU C 60 -65.74 -1.73 51.97
C LEU C 60 -64.58 -2.63 51.57
N PHE C 61 -64.18 -2.57 50.31
CA PHE C 61 -63.09 -3.42 49.83
C PHE C 61 -61.80 -3.14 50.58
N THR C 62 -61.49 -1.85 50.80
CA THR C 62 -60.26 -1.51 51.50
C THR C 62 -60.33 -1.85 52.98
N VAL C 63 -61.51 -1.76 53.60
CA VAL C 63 -61.66 -2.18 54.99
C VAL C 63 -61.56 -3.70 55.08
N ILE C 64 -62.19 -4.41 54.15
CA ILE C 64 -62.10 -5.88 54.13
C ILE C 64 -60.66 -6.31 53.94
N THR C 65 -59.82 -5.45 53.36
CA THR C 65 -58.39 -5.70 53.18
C THR C 65 -57.54 -4.77 54.05
N PHE C 66 -58.10 -4.30 55.17
CA PHE C 66 -57.46 -3.25 55.99
C PHE C 66 -55.97 -3.47 56.24
N PRO C 67 -55.51 -4.59 56.78
CA PRO C 67 -54.07 -4.72 57.06
C PRO C 67 -53.20 -4.63 55.81
N ILE C 68 -53.75 -4.91 54.64
CA ILE C 68 -53.03 -4.72 53.39
C ILE C 68 -53.25 -3.31 52.83
N SER C 69 -54.45 -2.77 53.02
CA SER C 69 -54.79 -1.50 52.39
C SER C 69 -54.07 -0.31 53.02
N ILE C 70 -53.74 -0.39 54.31
CA ILE C 70 -53.09 0.72 55.01
C ILE C 70 -51.99 1.32 54.14
N TRP C 71 -51.14 0.44 53.58
CA TRP C 71 -49.91 0.90 52.94
C TRP C 71 -50.16 1.57 51.60
N MET C 72 -51.30 1.33 50.98
CA MET C 72 -51.62 1.89 49.68
C MET C 72 -52.55 3.10 49.76
N CYS C 73 -53.38 3.19 50.79
CA CYS C 73 -54.40 4.24 50.87
C CYS C 73 -53.90 5.50 51.56
N ILE C 74 -52.81 5.44 52.32
CA ILE C 74 -52.30 6.57 53.09
C ILE C 74 -51.08 7.15 52.39
N LYS C 75 -51.06 8.47 52.25
CA LYS C 75 -49.96 9.20 51.61
C LYS C 75 -49.46 10.28 52.56
N ILE C 76 -48.16 10.57 52.47
CA ILE C 76 -47.51 11.60 53.27
C ILE C 76 -46.74 12.53 52.35
N ILE C 77 -46.92 13.83 52.53
CA ILE C 77 -46.39 14.85 51.65
C ILE C 77 -45.49 15.78 52.46
N LYS C 78 -44.26 15.99 51.98
CA LYS C 78 -43.29 16.82 52.68
C LYS C 78 -43.55 18.31 52.43
N GLU C 79 -42.87 19.15 53.20
CA GLU C 79 -43.01 20.59 53.07
C GLU C 79 -42.76 21.05 51.63
N TYR C 80 -41.77 20.47 50.96
CA TYR C 80 -41.37 20.91 49.63
C TYR C 80 -42.07 20.13 48.51
N GLU C 81 -43.17 19.45 48.81
CA GLU C 81 -43.93 18.70 47.82
C GLU C 81 -45.40 19.15 47.82
N ARG C 82 -46.07 18.93 46.69
CA ARG C 82 -47.50 19.14 46.57
C ARG C 82 -48.10 17.96 45.82
N ALA C 83 -49.38 17.70 46.06
CA ALA C 83 -50.10 16.61 45.41
C ALA C 83 -51.29 17.15 44.63
N ILE C 84 -51.55 16.51 43.49
CA ILE C 84 -52.75 16.75 42.69
C ILE C 84 -53.57 15.47 42.72
N ILE C 85 -54.83 15.58 43.16
CA ILE C 85 -55.68 14.43 43.41
C ILE C 85 -56.96 14.56 42.59
N PHE C 86 -57.32 13.50 41.88
CA PHE C 86 -58.58 13.38 41.17
C PHE C 86 -59.44 12.33 41.86
N ARG C 87 -60.69 12.69 42.13
CA ARG C 87 -61.68 11.78 42.69
C ARG C 87 -62.74 11.54 41.63
N LEU C 88 -62.77 10.31 41.10
CA LEU C 88 -63.62 9.97 39.95
C LEU C 88 -63.42 10.97 38.82
N GLY C 89 -62.16 11.21 38.49
CA GLY C 89 -61.79 12.05 37.37
C GLY C 89 -61.87 13.54 37.59
N ARG C 90 -62.46 13.98 38.70
CA ARG C 90 -62.59 15.39 39.01
C ARG C 90 -61.56 15.80 40.05
N ILE C 91 -60.91 16.94 39.81
CA ILE C 91 -59.88 17.43 40.72
C ILE C 91 -60.52 17.95 41.99
N LEU C 92 -59.89 17.65 43.12
CA LEU C 92 -60.42 18.10 44.40
C LEU C 92 -60.36 19.64 44.48
N GLN C 93 -61.34 20.21 45.17
CA GLN C 93 -61.54 21.64 45.16
C GLN C 93 -60.36 22.37 45.80
N GLY C 94 -60.03 23.52 45.26
CA GLY C 94 -58.92 24.33 45.75
C GLY C 94 -57.61 24.00 45.06
N GLY C 95 -56.55 24.59 45.59
CA GLY C 95 -55.23 24.41 45.01
C GLY C 95 -54.67 23.04 45.30
N ALA C 96 -53.40 22.86 44.94
CA ALA C 96 -52.72 21.60 45.19
C ALA C 96 -52.66 21.35 46.69
N LYS C 97 -52.79 20.08 47.08
CA LYS C 97 -52.84 19.73 48.49
C LYS C 97 -51.46 19.83 49.12
N GLY C 98 -51.39 20.47 50.28
CA GLY C 98 -50.14 20.81 50.92
C GLY C 98 -49.50 19.66 51.66
N PRO C 99 -48.52 19.98 52.51
CA PRO C 99 -47.85 18.93 53.27
C PRO C 99 -48.77 18.32 54.31
N GLY C 100 -48.50 17.05 54.63
CA GLY C 100 -49.18 16.38 55.71
C GLY C 100 -49.65 15.01 55.32
N LEU C 101 -50.70 14.56 55.99
CA LEU C 101 -51.23 13.21 55.88
C LEU C 101 -52.51 13.24 55.06
N PHE C 102 -52.62 12.32 54.10
CA PHE C 102 -53.75 12.31 53.19
C PHE C 102 -54.15 10.88 52.87
N PHE C 103 -55.41 10.71 52.49
CA PHE C 103 -56.05 9.41 52.36
C PHE C 103 -56.62 9.27 50.96
N ILE C 104 -56.24 8.20 50.26
CA ILE C 104 -56.56 7.99 48.86
C ILE C 104 -57.27 6.65 48.73
N LEU C 105 -58.45 6.66 48.10
CA LEU C 105 -59.10 5.41 47.72
C LEU C 105 -58.57 4.98 46.37
N PRO C 106 -57.69 3.97 46.31
CA PRO C 106 -57.00 3.70 45.03
C PRO C 106 -57.92 3.27 43.90
N CYS C 107 -59.12 2.77 44.18
CA CYS C 107 -60.02 2.37 43.11
C CYS C 107 -60.59 3.60 42.39
N THR C 108 -60.98 4.62 43.16
CA THR C 108 -61.65 5.79 42.60
C THR C 108 -60.72 6.98 42.36
N ASP C 109 -59.53 6.99 42.97
CA ASP C 109 -58.72 8.20 43.07
C ASP C 109 -57.39 8.04 42.34
N SER C 110 -56.92 9.14 41.75
CA SER C 110 -55.61 9.22 41.12
C SER C 110 -54.79 10.30 41.82
N PHE C 111 -53.54 9.98 42.11
CA PHE C 111 -52.68 10.81 42.96
C PHE C 111 -51.36 11.08 42.26
N ILE C 112 -51.02 12.37 42.10
CA ILE C 112 -49.74 12.80 41.53
C ILE C 112 -49.10 13.80 42.49
N LYS C 113 -47.86 13.53 42.90
CA LYS C 113 -47.12 14.45 43.75
C LYS C 113 -46.03 15.15 42.93
N VAL C 114 -45.82 16.43 43.24
CA VAL C 114 -44.95 17.32 42.47
C VAL C 114 -43.88 17.89 43.40
N ASP C 115 -42.61 17.77 43.00
CA ASP C 115 -41.51 18.37 43.73
C ASP C 115 -41.39 19.84 43.35
N MET C 116 -41.34 20.71 44.35
CA MET C 116 -41.33 22.16 44.14
C MET C 116 -39.93 22.78 44.24
N ARG C 117 -38.87 21.98 44.31
CA ARG C 117 -37.53 22.53 44.48
C ARG C 117 -36.86 22.81 43.13
N THR C 118 -35.85 23.66 43.17
CA THR C 118 -35.11 24.04 41.97
C THR C 118 -34.42 22.83 41.37
N ILE C 119 -34.48 22.72 40.04
CA ILE C 119 -33.84 21.66 39.28
C ILE C 119 -32.83 22.29 38.31
N SER C 120 -31.70 21.63 38.12
CA SER C 120 -30.69 22.04 37.15
C SER C 120 -30.47 20.90 36.15
N PHE C 121 -30.30 21.26 34.89
CA PHE C 121 -30.15 20.30 33.81
C PHE C 121 -29.06 20.74 32.84
N ASP C 122 -28.21 19.80 32.43
CA ASP C 122 -27.07 20.08 31.56
C ASP C 122 -27.49 19.87 30.10
N ILE C 123 -27.79 20.96 29.43
CA ILE C 123 -28.28 20.97 28.04
C ILE C 123 -27.24 20.36 27.11
N PRO C 124 -27.62 19.56 26.12
CA PRO C 124 -26.65 19.09 25.14
C PRO C 124 -26.17 20.23 24.25
N PRO C 125 -24.99 20.09 23.64
CA PRO C 125 -24.43 21.19 22.84
C PRO C 125 -25.25 21.54 21.61
N GLN C 126 -25.14 22.81 21.19
CA GLN C 126 -25.86 23.35 20.05
C GLN C 126 -24.88 24.02 19.07
N GLU C 127 -25.25 24.03 17.79
CA GLU C 127 -24.53 24.77 16.76
C GLU C 127 -25.24 26.09 16.50
N ILE C 128 -24.51 27.20 16.55
CA ILE C 128 -25.09 28.53 16.53
C ILE C 128 -24.38 29.42 15.51
N LEU C 129 -25.12 30.39 14.99
CA LEU C 129 -24.58 31.45 14.14
C LEU C 129 -24.76 32.81 14.84
N THR C 130 -23.68 33.57 14.94
CA THR C 130 -23.74 34.90 15.52
C THR C 130 -24.28 35.90 14.48
N LYS C 131 -24.53 37.12 14.96
CA LYS C 131 -25.01 38.17 14.06
C LYS C 131 -23.98 38.47 12.97
N ASP C 132 -22.70 38.50 13.32
CA ASP C 132 -21.63 38.60 12.33
C ASP C 132 -21.34 37.29 11.62
N SER C 133 -22.16 36.26 11.80
CA SER C 133 -22.11 35.04 10.99
C SER C 133 -20.96 34.10 11.34
N VAL C 134 -20.46 34.15 12.57
CA VAL C 134 -19.44 33.20 13.01
C VAL C 134 -20.10 31.90 13.45
N THR C 135 -19.56 30.78 13.00
CA THR C 135 -19.99 29.47 13.46
C THR C 135 -19.38 29.17 14.82
N ILE C 136 -20.21 28.96 15.84
CA ILE C 136 -19.74 28.55 17.15
C ILE C 136 -20.67 27.48 17.70
N SER C 137 -20.13 26.61 18.55
CA SER C 137 -20.90 25.62 19.29
C SER C 137 -20.84 25.96 20.78
N VAL C 138 -21.99 25.93 21.44
CA VAL C 138 -22.11 26.31 22.85
C VAL C 138 -22.73 25.17 23.63
N ASP C 139 -22.46 25.15 24.93
CA ASP C 139 -22.87 24.07 25.84
C ASP C 139 -23.51 24.70 27.08
N GLY C 140 -24.86 24.68 27.14
CA GLY C 140 -25.58 25.46 28.13
C GLY C 140 -26.08 24.65 29.34
N VAL C 141 -26.61 25.39 30.32
CA VAL C 141 -27.22 24.84 31.53
C VAL C 141 -28.44 25.68 31.87
N VAL C 142 -29.51 25.03 32.34
CA VAL C 142 -30.74 25.72 32.73
C VAL C 142 -31.11 25.31 34.16
N TYR C 143 -31.63 26.28 34.92
CA TYR C 143 -32.18 26.07 36.24
C TYR C 143 -33.64 26.48 36.23
N TYR C 144 -34.51 25.68 36.85
CA TYR C 144 -35.94 25.99 36.87
C TYR C 144 -36.63 25.26 38.02
N ARG C 145 -37.84 25.72 38.34
CA ARG C 145 -38.66 25.13 39.38
C ARG C 145 -40.14 25.29 39.05
N VAL C 146 -40.96 24.39 39.61
CA VAL C 146 -42.41 24.49 39.50
C VAL C 146 -42.91 25.56 40.46
N GLN C 147 -43.78 26.45 39.96
CA GLN C 147 -44.42 27.45 40.79
C GLN C 147 -45.95 27.36 40.80
N ASN C 148 -46.54 26.43 40.07
CA ASN C 148 -47.98 26.16 40.16
C ASN C 148 -48.18 24.70 39.80
N ALA C 149 -48.36 23.84 40.81
CA ALA C 149 -48.38 22.41 40.58
C ALA C 149 -49.59 21.97 39.78
N THR C 150 -50.71 22.69 39.88
CA THR C 150 -51.90 22.29 39.13
C THR C 150 -51.68 22.44 37.63
N LEU C 151 -51.12 23.57 37.20
CA LEU C 151 -50.84 23.76 35.78
C LEU C 151 -49.75 22.81 35.29
N ALA C 152 -48.77 22.51 36.13
CA ALA C 152 -47.69 21.63 35.71
C ALA C 152 -48.17 20.21 35.43
N VAL C 153 -49.24 19.79 36.09
CA VAL C 153 -49.80 18.45 35.88
C VAL C 153 -50.84 18.45 34.76
N ALA C 154 -51.78 19.39 34.80
CA ALA C 154 -53.01 19.30 34.03
C ALA C 154 -53.04 20.17 32.78
N ASN C 155 -51.99 20.97 32.52
CA ASN C 155 -51.99 21.86 31.37
C ASN C 155 -50.87 21.54 30.37
N ILE C 156 -50.00 20.59 30.68
CA ILE C 156 -48.87 20.25 29.83
C ILE C 156 -48.57 18.77 30.02
N THR C 157 -48.21 18.09 28.93
CA THR C 157 -48.04 16.64 29.00
C THR C 157 -46.77 16.27 29.76
N ASN C 158 -45.65 16.94 29.47
CA ASN C 158 -44.38 16.68 30.13
C ASN C 158 -43.70 18.04 30.35
N ALA C 159 -43.84 18.57 31.56
CA ALA C 159 -43.35 19.91 31.83
C ALA C 159 -41.83 20.01 31.70
N ASP C 160 -41.11 18.99 32.16
CA ASP C 160 -39.65 19.03 32.10
C ASP C 160 -39.15 19.05 30.66
N SER C 161 -39.65 18.13 29.83
CA SER C 161 -39.22 18.09 28.44
C SER C 161 -39.57 19.40 27.72
N ALA C 162 -40.77 19.93 27.95
CA ALA C 162 -41.15 21.19 27.32
C ALA C 162 -40.20 22.31 27.72
N THR C 163 -39.84 22.38 29.01
CA THR C 163 -38.97 23.45 29.48
C THR C 163 -37.57 23.34 28.89
N ARG C 164 -37.01 22.13 28.85
CA ARG C 164 -35.64 21.97 28.39
C ARG C 164 -35.49 22.32 26.92
N LEU C 165 -36.46 21.93 26.09
CA LEU C 165 -36.43 22.31 24.68
C LEU C 165 -36.59 23.82 24.51
N LEU C 166 -37.47 24.43 25.31
CA LEU C 166 -37.67 25.87 25.19
C LEU C 166 -36.41 26.64 25.53
N ALA C 167 -35.64 26.17 26.51
CA ALA C 167 -34.38 26.82 26.85
C ALA C 167 -33.42 26.81 25.67
N GLN C 168 -33.32 25.68 24.96
CA GLN C 168 -32.41 25.56 23.83
C GLN C 168 -32.77 26.55 22.73
N THR C 169 -34.04 26.62 22.36
CA THR C 169 -34.43 27.53 21.28
C THR C 169 -34.28 28.98 21.68
N THR C 170 -34.53 29.32 22.96
CA THR C 170 -34.36 30.69 23.40
C THR C 170 -32.89 31.11 23.33
N LEU C 171 -31.99 30.23 23.76
CA LEU C 171 -30.56 30.52 23.68
C LEU C 171 -30.12 30.65 22.23
N ARG C 172 -30.63 29.78 21.35
CA ARG C 172 -30.27 29.84 19.94
C ARG C 172 -30.63 31.20 19.34
N ASN C 173 -31.84 31.69 19.64
CA ASN C 173 -32.33 32.93 19.04
C ASN C 173 -31.52 34.14 19.51
N VAL C 174 -31.35 34.29 20.83
CA VAL C 174 -30.78 35.51 21.37
C VAL C 174 -29.34 35.70 20.90
N LEU C 175 -28.57 34.62 20.87
CA LEU C 175 -27.17 34.73 20.45
C LEU C 175 -27.05 35.06 18.97
N GLY C 176 -28.09 34.78 18.18
CA GLY C 176 -28.10 35.18 16.80
C GLY C 176 -28.29 36.66 16.57
N THR C 177 -28.70 37.40 17.60
CA THR C 177 -28.83 38.85 17.54
C THR C 177 -27.60 39.58 18.08
N LYS C 178 -26.55 38.85 18.45
CA LYS C 178 -25.37 39.43 19.06
C LYS C 178 -24.13 39.11 18.23
N ASN C 179 -23.21 40.08 18.15
CA ASN C 179 -21.89 39.81 17.61
C ASN C 179 -21.07 39.01 18.63
N LEU C 180 -20.08 38.27 18.11
CA LEU C 180 -19.28 37.42 18.98
C LEU C 180 -18.65 38.21 20.13
N SER C 181 -18.21 39.45 19.86
CA SER C 181 -17.62 40.26 20.91
C SER C 181 -18.65 40.62 21.98
N GLN C 182 -19.90 40.85 21.57
CA GLN C 182 -20.95 41.15 22.54
C GLN C 182 -21.31 39.93 23.40
N ILE C 183 -21.23 38.74 22.81
CA ILE C 183 -21.54 37.53 23.58
C ILE C 183 -20.60 37.41 24.77
N LEU C 184 -19.33 37.76 24.59
CA LEU C 184 -18.36 37.63 25.67
C LEU C 184 -18.52 38.73 26.72
N SER C 185 -19.04 39.90 26.35
CA SER C 185 -19.03 41.06 27.24
C SER C 185 -20.37 41.35 27.91
N ASP C 186 -21.48 40.84 27.40
CA ASP C 186 -22.82 41.31 27.77
C ASP C 186 -23.66 40.22 28.44
N ARG C 187 -23.13 39.59 29.50
CA ARG C 187 -23.90 38.56 30.19
C ARG C 187 -25.22 39.11 30.74
N GLU C 188 -25.17 40.25 31.43
CA GLU C 188 -26.37 40.79 32.07
C GLU C 188 -27.44 41.13 31.05
N GLU C 189 -27.05 41.77 29.95
CA GLU C 189 -28.01 42.13 28.92
C GLU C 189 -28.63 40.90 28.26
N ILE C 190 -27.81 39.88 27.99
CA ILE C 190 -28.31 38.66 27.37
C ILE C 190 -29.28 37.94 28.30
N ALA C 191 -28.97 37.91 29.59
CA ALA C 191 -29.88 37.27 30.55
C ALA C 191 -31.23 37.97 30.60
N HIS C 192 -31.21 39.29 30.61
CA HIS C 192 -32.46 40.05 30.65
C HIS C 192 -33.32 39.78 29.41
N ASN C 193 -32.70 39.70 28.24
CA ASN C 193 -33.45 39.41 27.02
C ASN C 193 -34.11 38.04 27.09
N MET C 194 -33.39 37.03 27.56
CA MET C 194 -33.95 35.68 27.58
C MET C 194 -35.12 35.56 28.55
N GLN C 195 -35.05 36.25 29.69
CA GLN C 195 -36.06 36.07 30.72
C GLN C 195 -37.45 36.46 30.22
N SER C 196 -37.54 37.54 29.44
CA SER C 196 -38.83 37.96 28.91
C SER C 196 -39.44 36.88 28.04
N THR C 197 -38.65 36.31 27.13
CA THR C 197 -39.16 35.25 26.27
C THR C 197 -39.62 34.04 27.09
N LEU C 198 -38.82 33.65 28.08
CA LEU C 198 -39.13 32.46 28.85
C LEU C 198 -40.38 32.65 29.71
N ASP C 199 -40.51 33.81 30.35
CA ASP C 199 -41.65 34.03 31.25
C ASP C 199 -42.97 33.98 30.49
N ASP C 200 -43.03 34.59 29.31
CA ASP C 200 -44.27 34.59 28.53
C ASP C 200 -44.69 33.16 28.19
N ALA C 201 -43.73 32.30 27.87
CA ALA C 201 -44.05 30.95 27.42
C ALA C 201 -44.34 30.00 28.58
N THR C 202 -43.58 30.07 29.67
CA THR C 202 -43.66 29.09 30.74
C THR C 202 -44.75 29.38 31.77
N ASP C 203 -45.38 30.55 31.73
CA ASP C 203 -46.42 30.87 32.71
C ASP C 203 -47.54 29.84 32.67
N ALA C 204 -48.01 29.50 31.47
CA ALA C 204 -49.13 28.56 31.34
C ALA C 204 -48.79 27.16 31.82
N TRP C 205 -47.50 26.80 31.85
CA TRP C 205 -47.08 25.49 32.31
C TRP C 205 -46.84 25.43 33.82
N GLY C 206 -46.97 26.56 34.52
CA GLY C 206 -46.63 26.59 35.93
C GLY C 206 -45.16 26.43 36.23
N ILE C 207 -44.30 26.98 35.38
CA ILE C 207 -42.85 26.84 35.50
C ILE C 207 -42.22 28.22 35.56
N LYS C 208 -41.15 28.36 36.34
CA LYS C 208 -40.30 29.54 36.33
C LYS C 208 -38.88 29.12 36.02
N VAL C 209 -38.34 29.62 34.92
CA VAL C 209 -36.93 29.42 34.58
C VAL C 209 -36.11 30.47 35.33
N GLU C 210 -35.09 30.01 36.05
CA GLU C 210 -34.31 30.90 36.90
C GLU C 210 -33.01 31.33 36.23
N ARG C 211 -32.36 30.46 35.48
CA ARG C 211 -31.12 30.82 34.80
C ARG C 211 -30.95 29.99 33.53
N VAL C 212 -30.30 30.60 32.54
CA VAL C 212 -29.67 29.89 31.44
C VAL C 212 -28.25 30.39 31.33
N GLU C 213 -27.29 29.47 31.32
CA GLU C 213 -25.87 29.78 31.38
C GLU C 213 -25.14 28.95 30.34
N ILE C 214 -23.91 29.38 30.04
CA ILE C 214 -23.09 28.75 29.02
C ILE C 214 -21.86 28.15 29.69
N LYS C 215 -21.61 26.87 29.43
CA LYS C 215 -20.52 26.14 30.04
C LYS C 215 -19.25 26.15 29.18
N ASP C 216 -19.40 26.13 27.85
CA ASP C 216 -18.27 26.09 26.94
C ASP C 216 -18.62 26.82 25.64
N VAL C 217 -17.59 27.37 24.99
CA VAL C 217 -17.72 27.97 23.67
C VAL C 217 -16.52 27.53 22.83
N LYS C 218 -16.77 27.15 21.58
CA LYS C 218 -15.73 26.63 20.71
C LYS C 218 -15.85 27.24 19.31
N LEU C 219 -14.72 27.66 18.76
CA LEU C 219 -14.63 27.97 17.33
C LEU C 219 -14.23 26.72 16.55
N PRO C 220 -14.62 26.62 15.28
CA PRO C 220 -14.03 25.59 14.41
C PRO C 220 -12.53 25.78 14.29
N VAL C 221 -11.81 24.67 14.11
CA VAL C 221 -10.35 24.72 14.10
C VAL C 221 -9.85 25.64 12.99
N GLN C 222 -10.52 25.64 11.83
CA GLN C 222 -10.04 26.44 10.70
C GLN C 222 -10.11 27.94 10.99
N LEU C 223 -10.94 28.38 11.93
CA LEU C 223 -11.07 29.79 12.25
C LEU C 223 -10.17 30.25 13.40
N GLN C 224 -9.51 29.33 14.11
CA GLN C 224 -8.97 29.65 15.42
C GLN C 224 -7.80 30.63 15.35
N ARG C 225 -6.81 30.36 14.49
CA ARG C 225 -5.66 31.26 14.45
C ARG C 225 -6.03 32.62 13.85
N ALA C 226 -6.93 32.63 12.85
CA ALA C 226 -7.33 33.87 12.23
C ALA C 226 -8.00 34.80 13.23
N MET C 227 -8.88 34.26 14.07
CA MET C 227 -9.60 35.10 15.04
C MET C 227 -8.70 35.61 16.14
N ALA C 228 -7.58 34.94 16.39
CA ALA C 228 -6.64 35.31 17.44
C ALA C 228 -5.66 36.40 17.03
N ALA C 229 -5.96 37.16 15.97
CA ALA C 229 -4.96 38.05 15.38
C ALA C 229 -4.45 39.11 16.35
N GLU C 230 -5.33 39.67 17.18
CA GLU C 230 -4.92 40.73 18.10
C GLU C 230 -3.87 40.24 19.09
N ALA C 231 -4.05 39.03 19.64
CA ALA C 231 -3.11 38.54 20.63
C ALA C 231 -1.76 38.21 20.01
N GLU C 232 -1.76 37.64 18.81
CA GLU C 232 -0.51 37.36 18.12
C GLU C 232 0.23 38.66 17.80
N ALA C 233 -0.50 39.68 17.33
CA ALA C 233 0.14 40.93 16.93
C ALA C 233 0.77 41.65 18.12
N SER C 234 0.12 41.61 19.28
CA SER C 234 0.66 42.30 20.45
C SER C 234 2.01 41.72 20.87
N ARG C 235 2.15 40.39 20.78
CA ARG C 235 3.41 39.77 21.16
C ARG C 235 4.48 39.98 20.10
N GLU C 236 4.10 39.98 18.82
CA GLU C 236 5.07 40.28 17.77
C GLU C 236 5.56 41.72 17.85
N ALA C 237 4.71 42.63 18.29
CA ALA C 237 5.13 44.03 18.42
C ALA C 237 6.20 44.19 19.50
N ARG C 238 6.03 43.50 20.64
CA ARG C 238 7.06 43.55 21.67
C ARG C 238 8.34 42.83 21.22
N ALA C 239 8.20 41.76 20.44
CA ALA C 239 9.37 41.05 19.94
C ALA C 239 10.23 41.94 19.04
N LYS C 240 9.59 42.79 18.23
CA LYS C 240 10.35 43.66 17.32
C LYS C 240 11.24 44.64 18.07
N VAL C 241 10.73 45.23 19.14
CA VAL C 241 11.54 46.16 19.92
C VAL C 241 12.75 45.45 20.50
N ILE C 242 12.57 44.21 20.97
CA ILE C 242 13.69 43.41 21.49
C ILE C 242 14.69 43.12 20.38
N ALA C 243 14.20 42.77 19.20
CA ALA C 243 15.09 42.42 18.09
C ALA C 243 15.87 43.64 17.60
N ALA C 244 15.23 44.81 17.56
CA ALA C 244 15.94 46.02 17.14
C ALA C 244 17.07 46.37 18.11
N GLU C 245 16.81 46.24 19.41
CA GLU C 245 17.86 46.44 20.40
C GLU C 245 19.03 45.47 20.16
N GLY C 246 18.73 44.26 19.70
CA GLY C 246 19.79 43.31 19.38
C GLY C 246 20.66 43.78 18.22
N GLU C 247 20.05 44.31 17.17
CA GLU C 247 20.82 44.83 16.05
C GLU C 247 21.78 45.92 16.50
N MET C 248 21.30 46.83 17.34
CA MET C 248 22.14 47.93 17.81
C MET C 248 23.32 47.42 18.63
N ASN C 249 23.07 46.44 19.50
CA ASN C 249 24.15 45.91 20.34
C ASN C 249 25.23 45.23 19.51
N ALA C 250 24.82 44.50 18.46
CA ALA C 250 25.78 43.74 17.65
C ALA C 250 26.54 44.61 16.64
N SER C 251 26.07 45.82 16.36
CA SER C 251 26.58 46.57 15.21
C SER C 251 28.05 46.96 15.36
N ARG C 252 28.50 47.29 16.57
CA ARG C 252 29.88 47.75 16.74
C ARG C 252 30.88 46.67 16.35
N ALA C 253 30.64 45.43 16.78
CA ALA C 253 31.57 44.35 16.44
C ALA C 253 31.57 44.07 14.94
N LEU C 254 30.41 44.14 14.29
CA LEU C 254 30.36 43.93 12.86
C LEU C 254 31.14 45.01 12.11
N LYS C 255 31.09 46.26 12.60
CA LYS C 255 31.88 47.32 11.97
C LYS C 255 33.36 47.02 12.07
N GLU C 256 33.83 46.61 13.26
CA GLU C 256 35.24 46.28 13.42
C GLU C 256 35.65 45.14 12.50
N ALA C 257 34.83 44.09 12.43
CA ALA C 257 35.12 42.98 11.53
C ALA C 257 35.16 43.44 10.08
N SER C 258 34.19 44.29 9.70
CA SER C 258 34.11 44.75 8.32
C SER C 258 35.35 45.56 7.93
N MET C 259 35.84 46.41 8.83
CA MET C 259 36.97 47.27 8.49
C MET C 259 38.22 46.46 8.22
N VAL C 260 38.43 45.35 8.93
CA VAL C 260 39.59 44.51 8.68
C VAL C 260 39.41 43.69 7.41
N ILE C 261 38.18 43.21 7.17
CA ILE C 261 37.93 42.30 6.05
C ILE C 261 38.13 43.00 4.71
N THR C 262 37.74 44.27 4.63
CA THR C 262 37.75 44.98 3.35
C THR C 262 39.12 45.51 2.96
N GLU C 263 40.14 45.34 3.80
CA GLU C 263 41.47 45.82 3.44
C GLU C 263 42.14 44.93 2.40
N SER C 264 41.71 43.68 2.25
CA SER C 264 42.21 42.78 1.22
C SER C 264 41.02 42.16 0.51
N PRO C 265 41.01 42.13 -0.83
CA PRO C 265 39.76 41.84 -1.55
C PRO C 265 39.22 40.43 -1.38
N ALA C 266 40.08 39.41 -1.29
CA ALA C 266 39.59 38.04 -1.28
C ALA C 266 38.95 37.64 0.05
N ALA C 267 39.15 38.43 1.11
CA ALA C 267 38.76 37.99 2.45
C ALA C 267 37.25 37.74 2.55
N LEU C 268 36.44 38.68 2.07
CA LEU C 268 34.99 38.52 2.17
C LEU C 268 34.53 37.30 1.38
N GLN C 269 35.18 37.00 0.26
CA GLN C 269 34.82 35.84 -0.52
C GLN C 269 35.07 34.53 0.23
N LEU C 270 36.15 34.49 1.02
CA LEU C 270 36.39 33.33 1.87
C LEU C 270 35.27 33.15 2.89
N ARG C 271 34.76 34.25 3.44
CA ARG C 271 33.64 34.17 4.37
C ARG C 271 32.39 33.61 3.69
N TYR C 272 32.13 34.02 2.43
CA TYR C 272 30.99 33.48 1.69
C TYR C 272 31.08 31.96 1.56
N LEU C 273 32.25 31.45 1.16
CA LEU C 273 32.39 30.02 0.91
C LEU C 273 32.25 29.21 2.19
N GLN C 274 32.73 29.74 3.32
CA GLN C 274 32.54 29.05 4.59
C GLN C 274 31.07 28.98 4.98
N THR C 275 30.31 30.04 4.69
CA THR C 275 28.88 30.01 4.96
C THR C 275 28.20 28.89 4.18
N LEU C 276 28.56 28.74 2.90
CA LEU C 276 27.97 27.68 2.09
C LEU C 276 28.22 26.31 2.68
N THR C 277 29.45 26.07 3.16
CA THR C 277 29.77 24.79 3.78
C THR C 277 28.92 24.58 5.03
N THR C 278 28.66 25.64 5.79
CA THR C 278 27.79 25.53 6.96
C THR C 278 26.36 25.20 6.55
N ILE C 279 25.86 25.82 5.48
CA ILE C 279 24.49 25.58 5.04
C ILE C 279 24.30 24.12 4.63
N ALA C 280 25.29 23.56 3.92
CA ALA C 280 25.10 22.25 3.30
C ALA C 280 24.81 21.15 4.32
N ALA C 281 25.17 21.34 5.58
CA ALA C 281 24.94 20.31 6.59
C ALA C 281 23.50 20.23 7.07
N GLU C 282 22.69 21.25 6.82
CA GLU C 282 21.29 21.24 7.24
C GLU C 282 20.43 20.48 6.25
N LYS C 283 19.41 19.80 6.76
CA LYS C 283 18.55 18.98 5.92
C LYS C 283 17.74 19.84 4.95
N ASN C 284 17.45 19.28 3.79
CA ASN C 284 16.63 19.93 2.77
C ASN C 284 17.22 21.27 2.34
N SER C 285 18.50 21.25 1.99
CA SER C 285 19.21 22.44 1.50
C SER C 285 19.79 22.11 0.13
N THR C 286 19.05 22.45 -0.93
CA THR C 286 19.52 22.26 -2.29
C THR C 286 20.44 23.40 -2.70
N ILE C 287 21.62 23.06 -3.23
CA ILE C 287 22.59 24.03 -3.69
C ILE C 287 22.79 23.83 -5.20
N VAL C 288 22.72 24.93 -5.94
CA VAL C 288 22.88 24.93 -7.39
C VAL C 288 24.19 25.62 -7.72
N PHE C 289 25.08 24.92 -8.40
CA PHE C 289 26.50 25.28 -8.44
C PHE C 289 27.00 25.45 -9.88
N PRO C 290 27.23 26.67 -10.36
CA PRO C 290 27.80 26.84 -11.70
C PRO C 290 29.31 26.64 -11.73
N LEU C 291 29.79 26.06 -12.83
CA LEU C 291 31.22 25.85 -13.07
C LEU C 291 31.58 26.50 -14.40
N PRO C 292 31.96 27.78 -14.41
CA PRO C 292 32.36 28.42 -15.66
C PRO C 292 33.67 27.82 -16.18
N ILE C 293 33.62 27.30 -17.41
CA ILE C 293 34.74 26.57 -18.00
C ILE C 293 35.08 27.21 -19.34
N ASP C 294 36.36 27.22 -19.67
CA ASP C 294 36.87 27.85 -20.88
C ASP C 294 37.49 26.77 -21.77
N MET C 295 36.96 26.63 -22.98
CA MET C 295 37.47 25.68 -23.97
C MET C 295 38.45 26.31 -24.95
N LEU C 296 38.88 27.55 -24.71
CA LEU C 296 40.03 28.15 -25.37
C LEU C 296 39.82 28.42 -26.85
N GLN C 297 38.59 28.67 -27.29
CA GLN C 297 38.35 29.11 -28.66
C GLN C 297 38.48 30.62 -28.77
N ARG D 34 -35.65 31.95 58.36
CA ARG D 34 -35.72 31.91 56.87
C ARG D 34 -36.16 30.54 56.37
N LEU D 35 -37.45 30.42 56.06
CA LEU D 35 -37.97 29.18 55.51
C LEU D 35 -37.66 29.08 54.01
N PRO D 36 -37.61 27.87 53.45
CA PRO D 36 -37.35 27.72 52.02
C PRO D 36 -38.43 28.36 51.16
N ASP D 37 -38.05 28.67 49.92
CA ASP D 37 -39.02 29.13 48.93
C ASP D 37 -40.02 28.03 48.57
N SER D 38 -39.55 26.80 48.44
CA SER D 38 -40.38 25.69 47.99
C SER D 38 -41.64 25.55 48.84
N GLY D 48 -52.60 16.04 63.57
CA GLY D 48 -54.03 15.94 63.76
C GLY D 48 -54.46 14.63 64.41
N PRO D 49 -55.77 14.47 64.61
CA PRO D 49 -56.24 13.26 65.30
C PRO D 49 -55.76 11.96 64.70
N CYS D 50 -55.81 11.82 63.37
CA CYS D 50 -55.35 10.58 62.77
C CYS D 50 -53.84 10.44 62.83
N GLY D 51 -53.12 11.57 62.93
CA GLY D 51 -51.69 11.49 63.14
C GLY D 51 -51.32 10.80 64.42
N TRP D 52 -52.03 11.12 65.51
CA TRP D 52 -51.77 10.47 66.79
C TRP D 52 -51.95 8.96 66.68
N ILE D 53 -52.91 8.51 65.87
CA ILE D 53 -53.15 7.07 65.71
C ILE D 53 -51.93 6.41 65.09
N LEU D 54 -51.43 6.97 63.98
CA LEU D 54 -50.25 6.41 63.34
C LEU D 54 -49.03 6.49 64.26
N VAL D 55 -48.91 7.60 65.00
CA VAL D 55 -47.80 7.74 65.95
C VAL D 55 -47.92 6.68 67.05
N ALA D 56 -49.12 6.49 67.59
CA ALA D 56 -49.32 5.50 68.64
C ALA D 56 -49.01 4.10 68.12
N PHE D 57 -49.50 3.77 66.93
CA PHE D 57 -49.18 2.48 66.32
C PHE D 57 -47.67 2.30 66.19
N SER D 58 -46.96 3.35 65.80
CA SER D 58 -45.51 3.26 65.66
C SER D 58 -44.83 3.10 67.02
N PHE D 59 -45.28 3.84 68.03
CA PHE D 59 -44.76 3.66 69.38
C PHE D 59 -44.92 2.21 69.82
N LEU D 60 -46.14 1.68 69.69
CA LEU D 60 -46.41 0.30 70.10
C LEU D 60 -45.52 -0.68 69.36
N PHE D 61 -45.49 -0.58 68.02
CA PHE D 61 -44.75 -1.56 67.22
C PHE D 61 -43.27 -1.54 67.55
N THR D 62 -42.68 -0.35 67.69
CA THR D 62 -41.26 -0.26 68.01
C THR D 62 -40.96 -0.85 69.38
N VAL D 63 -41.84 -0.60 70.37
CA VAL D 63 -41.65 -1.21 71.69
C VAL D 63 -41.84 -2.72 71.60
N ILE D 64 -42.80 -3.17 70.79
CA ILE D 64 -42.99 -4.60 70.60
C ILE D 64 -41.75 -5.23 69.98
N THR D 65 -41.10 -4.50 69.08
CA THR D 65 -39.88 -4.95 68.41
C THR D 65 -38.61 -4.37 69.03
N PHE D 66 -38.68 -3.93 70.29
CA PHE D 66 -37.68 -3.01 70.84
C PHE D 66 -36.23 -3.48 70.65
N PRO D 67 -35.84 -4.69 71.06
CA PRO D 67 -34.41 -5.05 70.95
C PRO D 67 -33.91 -5.13 69.53
N ILE D 68 -34.79 -5.10 68.53
CA ILE D 68 -34.39 -5.02 67.12
C ILE D 68 -34.46 -3.57 66.67
N SER D 69 -35.60 -2.93 66.90
CA SER D 69 -35.90 -1.67 66.25
C SER D 69 -35.28 -0.45 66.94
N ILE D 70 -34.85 -0.57 68.19
CA ILE D 70 -34.25 0.59 68.86
C ILE D 70 -33.02 1.07 68.10
N TRP D 71 -32.35 0.17 67.38
CA TRP D 71 -31.21 0.57 66.57
C TRP D 71 -31.61 1.54 65.47
N MET D 72 -32.82 1.37 64.91
CA MET D 72 -33.30 2.29 63.88
C MET D 72 -33.76 3.60 64.49
N CYS D 73 -34.35 3.56 65.68
CA CYS D 73 -34.85 4.77 66.31
C CYS D 73 -33.72 5.73 66.68
N ILE D 74 -32.58 5.20 67.09
CA ILE D 74 -31.50 6.01 67.65
C ILE D 74 -30.64 6.58 66.53
N LYS D 75 -30.36 7.88 66.61
CA LYS D 75 -29.47 8.57 65.69
C LYS D 75 -28.47 9.39 66.49
N ILE D 76 -27.22 9.41 66.02
CA ILE D 76 -26.15 10.21 66.64
C ILE D 76 -25.58 11.12 65.56
N ILE D 77 -25.53 12.41 65.86
CA ILE D 77 -25.06 13.43 64.92
C ILE D 77 -23.81 14.06 65.51
N LYS D 78 -22.73 14.07 64.72
CA LYS D 78 -21.44 14.54 65.20
C LYS D 78 -21.39 16.07 65.21
N GLU D 79 -20.31 16.58 65.80
CA GLU D 79 -20.13 18.03 65.93
C GLU D 79 -20.28 18.73 64.59
N TYR D 80 -19.74 18.14 63.52
CA TYR D 80 -19.68 18.78 62.22
C TYR D 80 -20.83 18.36 61.29
N GLU D 81 -21.89 17.77 61.84
CA GLU D 81 -23.05 17.35 61.07
C GLU D 81 -24.30 18.01 61.62
N ARG D 82 -25.32 18.09 60.76
CA ARG D 82 -26.65 18.58 61.14
C ARG D 82 -27.70 17.67 60.52
N ALA D 83 -28.87 17.60 61.18
CA ALA D 83 -29.96 16.75 60.75
C ALA D 83 -31.20 17.57 60.44
N ILE D 84 -31.87 17.21 59.35
CA ILE D 84 -33.18 17.75 58.98
C ILE D 84 -34.19 16.63 59.14
N ILE D 85 -35.25 16.88 59.92
CA ILE D 85 -36.19 15.84 60.31
C ILE D 85 -37.61 16.27 59.97
N PHE D 86 -38.35 15.38 59.30
CA PHE D 86 -39.76 15.55 59.00
C PHE D 86 -40.57 14.52 59.78
N ARG D 87 -41.68 14.96 60.37
CA ARG D 87 -42.62 14.08 61.06
C ARG D 87 -43.99 14.25 60.41
N LEU D 88 -44.49 13.16 59.81
CA LEU D 88 -45.73 13.20 59.02
C LEU D 88 -45.65 14.31 57.97
N GLY D 89 -44.47 14.48 57.39
CA GLY D 89 -44.25 15.44 56.33
C GLY D 89 -44.00 16.86 56.76
N ARG D 90 -44.39 17.24 57.98
CA ARG D 90 -44.05 18.57 58.49
C ARG D 90 -42.63 18.56 59.05
N ILE D 91 -41.94 19.68 58.90
CA ILE D 91 -40.56 19.81 59.36
C ILE D 91 -40.56 20.22 60.83
N LEU D 92 -39.76 19.52 61.64
CA LEU D 92 -39.71 19.83 63.06
C LEU D 92 -39.31 21.28 63.28
N GLN D 93 -40.04 21.96 64.16
CA GLN D 93 -39.90 23.40 64.31
C GLN D 93 -38.51 23.77 64.81
N GLY D 94 -37.99 24.88 64.30
CA GLY D 94 -36.66 25.36 64.65
C GLY D 94 -35.66 25.07 63.55
N GLY D 95 -34.40 25.36 63.86
CA GLY D 95 -33.32 25.15 62.93
C GLY D 95 -32.94 23.68 62.84
N ALA D 96 -31.91 23.43 62.03
CA ALA D 96 -31.40 22.07 61.90
C ALA D 96 -30.90 21.56 63.24
N LYS D 97 -31.13 20.27 63.49
CA LYS D 97 -30.80 19.70 64.78
C LYS D 97 -29.29 19.49 64.92
N GLY D 98 -28.76 19.91 66.08
CA GLY D 98 -27.34 19.94 66.30
C GLY D 98 -26.76 18.58 66.64
N PRO D 99 -25.56 18.57 67.20
CA PRO D 99 -24.92 17.30 67.57
C PRO D 99 -25.63 16.65 68.76
N GLY D 100 -25.52 15.33 68.85
CA GLY D 100 -25.94 14.61 70.01
C GLY D 100 -26.76 13.39 69.64
N LEU D 101 -27.57 12.96 70.61
CA LEU D 101 -28.37 11.75 70.50
C LEU D 101 -29.82 12.13 70.21
N PHE D 102 -30.42 11.45 69.23
CA PHE D 102 -31.76 11.79 68.78
C PHE D 102 -32.57 10.52 68.52
N PHE D 103 -33.87 10.63 68.73
CA PHE D 103 -34.81 9.51 68.59
C PHE D 103 -35.86 9.85 67.56
N ILE D 104 -36.10 8.92 66.64
CA ILE D 104 -37.15 9.07 65.63
C ILE D 104 -37.89 7.75 65.48
N LEU D 105 -39.13 7.84 64.98
CA LEU D 105 -39.90 6.65 64.63
C LEU D 105 -39.81 6.45 63.12
N PRO D 106 -39.23 5.36 62.64
CA PRO D 106 -39.01 5.24 61.18
C PRO D 106 -40.29 5.18 60.36
N CYS D 107 -41.43 4.86 60.96
CA CYS D 107 -42.68 4.81 60.20
C CYS D 107 -43.18 6.21 59.89
N THR D 108 -43.29 7.06 60.91
CA THR D 108 -43.87 8.40 60.74
C THR D 108 -42.86 9.47 60.40
N ASP D 109 -41.55 9.22 60.57
CA ASP D 109 -40.54 10.25 60.48
C ASP D 109 -39.58 10.00 59.32
N SER D 110 -39.05 11.09 58.77
CA SER D 110 -38.04 11.05 57.71
C SER D 110 -36.85 11.89 58.15
N PHE D 111 -35.65 11.45 57.80
CA PHE D 111 -34.41 11.92 58.41
C PHE D 111 -33.35 12.14 57.33
N ILE D 112 -32.76 13.34 57.31
CA ILE D 112 -31.70 13.69 56.38
C ILE D 112 -30.54 14.31 57.16
N LYS D 113 -29.33 13.90 56.83
CA LYS D 113 -28.12 14.22 57.59
C LYS D 113 -27.14 14.95 56.68
N VAL D 114 -26.66 16.11 57.13
CA VAL D 114 -25.90 17.04 56.29
C VAL D 114 -24.51 17.24 56.90
N ASP D 115 -23.47 17.02 56.10
CA ASP D 115 -22.09 17.30 56.51
C ASP D 115 -21.77 18.76 56.25
N MET D 116 -21.30 19.46 57.29
CA MET D 116 -21.07 20.89 57.24
C MET D 116 -19.62 21.28 56.92
N ARG D 117 -18.77 20.32 56.53
CA ARG D 117 -17.36 20.61 56.30
C ARG D 117 -17.10 21.06 54.86
N THR D 118 -15.97 21.73 54.68
CA THR D 118 -15.52 22.13 53.34
C THR D 118 -15.23 20.91 52.49
N ILE D 119 -15.63 20.99 51.23
CA ILE D 119 -15.37 19.92 50.25
C ILE D 119 -14.77 20.54 49.00
N SER D 120 -13.90 19.77 48.34
CA SER D 120 -13.23 20.21 47.13
C SER D 120 -13.57 19.26 45.99
N PHE D 121 -13.77 19.81 44.79
CA PHE D 121 -14.12 19.04 43.61
C PHE D 121 -13.26 19.47 42.43
N ASP D 122 -12.77 18.50 41.67
CA ASP D 122 -11.87 18.75 40.54
C ASP D 122 -12.71 18.84 39.27
N ILE D 123 -12.98 20.07 38.84
CA ILE D 123 -13.86 20.36 37.70
C ILE D 123 -13.30 19.77 36.42
N PRO D 124 -14.12 19.18 35.55
CA PRO D 124 -13.61 18.71 34.26
C PRO D 124 -13.11 19.87 33.42
N PRO D 125 -12.13 19.64 32.54
CA PRO D 125 -11.56 20.73 31.74
C PRO D 125 -12.57 21.36 30.79
N GLN D 126 -12.34 22.64 30.46
CA GLN D 126 -13.26 23.48 29.71
C GLN D 126 -12.56 24.12 28.51
N GLU D 127 -13.34 24.49 27.50
CA GLU D 127 -12.87 25.25 26.35
C GLU D 127 -13.35 26.69 26.48
N ILE D 128 -12.43 27.65 26.36
CA ILE D 128 -12.70 29.05 26.67
C ILE D 128 -12.17 29.97 25.58
N LEU D 129 -12.80 31.13 25.44
CA LEU D 129 -12.33 32.21 24.58
C LEU D 129 -12.00 33.43 25.42
N THR D 130 -10.81 34.00 25.22
CA THR D 130 -10.43 35.22 25.91
C THR D 130 -11.05 36.44 25.23
N LYS D 131 -10.92 37.59 25.89
CA LYS D 131 -11.42 38.83 25.31
C LYS D 131 -10.73 39.15 23.99
N ASP D 132 -9.43 38.89 23.90
CA ASP D 132 -8.70 39.02 22.64
C ASP D 132 -8.90 37.83 21.70
N SER D 133 -9.81 36.90 22.01
CA SER D 133 -10.26 35.86 21.09
C SER D 133 -9.28 34.69 20.97
N VAL D 134 -8.52 34.41 22.02
CA VAL D 134 -7.61 33.26 22.01
C VAL D 134 -8.36 32.03 22.50
N THR D 135 -8.18 30.91 21.80
CA THR D 135 -8.73 29.64 22.22
C THR D 135 -7.82 28.99 23.25
N ILE D 136 -8.34 28.77 24.47
CA ILE D 136 -7.59 28.09 25.51
C ILE D 136 -8.49 27.08 26.21
N SER D 137 -7.87 26.02 26.71
CA SER D 137 -8.53 25.03 27.56
C SER D 137 -8.01 25.17 28.98
N VAL D 138 -8.91 25.20 29.96
CA VAL D 138 -8.56 25.38 31.36
C VAL D 138 -9.11 24.22 32.17
N ASP D 139 -8.49 23.99 33.34
CA ASP D 139 -8.78 22.84 34.20
C ASP D 139 -8.93 23.34 35.63
N GLY D 140 -10.18 23.45 36.12
CA GLY D 140 -10.46 24.15 37.35
C GLY D 140 -10.64 23.26 38.58
N VAL D 141 -10.70 23.91 39.74
CA VAL D 141 -10.97 23.29 41.03
C VAL D 141 -11.82 24.24 41.86
N VAL D 142 -12.81 23.71 42.58
CA VAL D 142 -13.72 24.51 43.40
C VAL D 142 -13.77 23.95 44.81
N TYR D 143 -13.84 24.84 45.79
CA TYR D 143 -14.00 24.51 47.20
C TYR D 143 -15.27 25.16 47.72
N TYR D 144 -16.12 24.39 48.40
CA TYR D 144 -17.38 24.93 48.89
C TYR D 144 -17.83 24.22 50.15
N ARG D 145 -18.83 24.82 50.80
CA ARG D 145 -19.27 24.40 52.13
C ARG D 145 -20.75 24.71 52.30
N VAL D 146 -21.45 23.86 53.06
CA VAL D 146 -22.85 24.12 53.39
C VAL D 146 -22.92 25.15 54.51
N GLN D 147 -23.65 26.24 54.26
CA GLN D 147 -23.82 27.31 55.23
C GLN D 147 -25.14 27.22 55.98
N ASN D 148 -26.20 26.69 55.34
CA ASN D 148 -27.52 26.57 55.94
C ASN D 148 -28.09 25.21 55.53
N ALA D 149 -28.21 24.30 56.50
CA ALA D 149 -28.57 22.92 56.17
C ALA D 149 -30.02 22.79 55.72
N THR D 150 -30.90 23.65 56.20
CA THR D 150 -32.31 23.54 55.82
C THR D 150 -32.51 23.89 54.34
N LEU D 151 -31.94 25.01 53.90
CA LEU D 151 -32.05 25.38 52.49
C LEU D 151 -31.37 24.37 51.59
N ALA D 152 -30.26 23.79 52.05
CA ALA D 152 -29.56 22.81 51.23
C ALA D 152 -30.40 21.57 50.97
N VAL D 153 -31.28 21.20 51.91
CA VAL D 153 -32.11 20.02 51.77
C VAL D 153 -33.41 20.34 51.05
N ALA D 154 -34.10 21.40 51.47
CA ALA D 154 -35.50 21.61 51.13
C ALA D 154 -35.73 22.64 50.03
N ASN D 155 -34.69 23.27 49.49
CA ASN D 155 -34.85 24.31 48.48
C ASN D 155 -34.18 23.99 47.16
N ILE D 156 -33.38 22.94 47.09
CA ILE D 156 -32.65 22.57 45.87
C ILE D 156 -32.62 21.05 45.82
N THR D 157 -32.83 20.49 44.62
CA THR D 157 -32.92 19.05 44.50
C THR D 157 -31.57 18.37 44.75
N ASN D 158 -30.49 18.93 44.20
CA ASN D 158 -29.14 18.39 44.38
C ASN D 158 -28.19 19.58 44.52
N ALA D 159 -27.81 19.91 45.74
CA ALA D 159 -26.97 21.07 45.98
C ALA D 159 -25.61 20.92 45.29
N ASP D 160 -25.01 19.74 45.37
CA ASP D 160 -23.66 19.54 44.83
C ASP D 160 -23.61 19.79 43.33
N SER D 161 -24.49 19.15 42.56
CA SER D 161 -24.47 19.31 41.12
C SER D 161 -24.79 20.75 40.72
N ALA D 162 -25.74 21.38 41.39
CA ALA D 162 -26.04 22.78 41.11
C ALA D 162 -24.81 23.65 41.35
N THR D 163 -24.09 23.41 42.45
CA THR D 163 -22.93 24.24 42.78
C THR D 163 -21.79 24.01 41.79
N ARG D 164 -21.52 22.75 41.44
CA ARG D 164 -20.40 22.45 40.56
C ARG D 164 -20.62 23.01 39.15
N LEU D 165 -21.84 22.90 38.64
CA LEU D 165 -22.15 23.49 37.34
C LEU D 165 -22.04 25.01 37.37
N LEU D 166 -22.53 25.64 38.43
CA LEU D 166 -22.46 27.09 38.54
C LEU D 166 -21.02 27.58 38.52
N ALA D 167 -20.12 26.84 39.18
CA ALA D 167 -18.71 27.22 39.17
C ALA D 167 -18.14 27.21 37.76
N GLN D 168 -18.51 26.21 36.95
CA GLN D 168 -18.02 26.13 35.58
C GLN D 168 -18.46 27.34 34.75
N THR D 169 -19.76 27.67 34.80
CA THR D 169 -20.26 28.75 33.97
C THR D 169 -19.75 30.11 34.45
N THR D 170 -19.53 30.28 35.76
CA THR D 170 -18.97 31.52 36.25
C THR D 170 -17.53 31.70 35.81
N LEU D 171 -16.75 30.61 35.83
CA LEU D 171 -15.37 30.68 35.35
C LEU D 171 -15.33 30.97 33.86
N ARG D 172 -16.25 30.37 33.10
CA ARG D 172 -16.32 30.62 31.66
C ARG D 172 -16.53 32.10 31.37
N ASN D 173 -17.45 32.73 32.11
CA ASN D 173 -17.81 34.11 31.83
C ASN D 173 -16.69 35.09 32.18
N VAL D 174 -16.10 34.95 33.37
CA VAL D 174 -15.14 35.94 33.83
C VAL D 174 -13.92 35.98 32.92
N LEU D 175 -13.42 34.82 32.52
CA LEU D 175 -12.22 34.78 31.68
C LEU D 175 -12.51 35.30 30.28
N GLY D 176 -13.76 35.29 29.85
CA GLY D 176 -14.12 35.91 28.59
C GLY D 176 -14.08 37.42 28.59
N THR D 177 -13.97 38.03 29.76
CA THR D 177 -13.81 39.47 29.90
C THR D 177 -12.35 39.90 30.04
N LYS D 178 -11.40 38.97 29.98
CA LYS D 178 -9.99 39.26 30.22
C LYS D 178 -9.16 38.89 28.99
N ASN D 179 -8.15 39.70 28.72
CA ASN D 179 -7.11 39.33 27.77
C ASN D 179 -6.23 38.24 28.38
N LEU D 180 -5.59 37.46 27.52
CA LEU D 180 -4.78 36.34 28.01
C LEU D 180 -3.70 36.82 28.98
N SER D 181 -3.07 37.96 28.69
CA SER D 181 -2.06 38.50 29.60
C SER D 181 -2.65 38.84 30.97
N GLN D 182 -3.89 39.35 30.99
CA GLN D 182 -4.54 39.67 32.26
C GLN D 182 -4.84 38.40 33.05
N ILE D 183 -5.18 37.32 32.37
CA ILE D 183 -5.49 36.06 33.06
C ILE D 183 -4.30 35.60 33.87
N LEU D 184 -3.09 35.77 33.34
CA LEU D 184 -1.89 35.31 34.04
C LEU D 184 -1.52 36.24 35.21
N SER D 185 -1.90 37.52 35.14
CA SER D 185 -1.42 38.51 36.10
C SER D 185 -2.42 38.91 37.18
N ASP D 186 -3.72 38.68 36.97
CA ASP D 186 -4.76 39.33 37.76
C ASP D 186 -5.56 38.36 38.63
N ARG D 187 -4.89 37.49 39.39
CA ARG D 187 -5.60 36.51 40.21
C ARG D 187 -6.58 37.17 41.18
N GLU D 188 -6.12 38.18 41.93
CA GLU D 188 -6.95 38.76 42.98
C GLU D 188 -8.20 39.41 42.39
N GLU D 189 -8.05 40.17 41.30
CA GLU D 189 -9.20 40.81 40.69
C GLU D 189 -10.18 39.78 40.12
N ILE D 190 -9.66 38.71 39.50
CA ILE D 190 -10.52 37.68 38.93
C ILE D 190 -11.29 36.96 40.03
N ALA D 191 -10.61 36.63 41.14
CA ALA D 191 -11.30 35.97 42.25
C ALA D 191 -12.39 36.86 42.83
N HIS D 192 -12.11 38.16 42.97
CA HIS D 192 -13.11 39.08 43.51
C HIS D 192 -14.33 39.17 42.61
N ASN D 193 -14.13 39.18 41.29
CA ASN D 193 -15.24 39.23 40.36
C ASN D 193 -16.13 37.99 40.50
N MET D 194 -15.53 36.81 40.60
CA MET D 194 -16.33 35.59 40.67
C MET D 194 -17.13 35.51 41.97
N GLN D 195 -16.56 35.99 43.08
CA GLN D 195 -17.18 35.77 44.38
C GLN D 195 -18.56 36.42 44.46
N SER D 196 -18.66 37.68 44.05
CA SER D 196 -19.95 38.36 44.10
C SER D 196 -20.98 37.67 43.22
N THR D 197 -20.55 37.20 42.03
CA THR D 197 -21.46 36.45 41.17
C THR D 197 -21.94 35.17 41.86
N LEU D 198 -21.02 34.42 42.46
CA LEU D 198 -21.38 33.14 43.07
C LEU D 198 -22.28 33.34 44.29
N ASP D 199 -21.97 34.33 45.14
CA ASP D 199 -22.73 34.50 46.37
C ASP D 199 -24.19 34.81 46.09
N ASP D 200 -24.47 35.63 45.07
CA ASP D 200 -25.85 35.98 44.76
C ASP D 200 -26.67 34.75 44.43
N ALA D 201 -26.07 33.79 43.71
CA ALA D 201 -26.81 32.61 43.27
C ALA D 201 -26.89 31.54 44.37
N THR D 202 -25.79 31.27 45.07
CA THR D 202 -25.76 30.14 46.00
C THR D 202 -26.42 30.43 47.34
N ASP D 203 -26.70 31.70 47.65
CA ASP D 203 -27.32 32.03 48.93
C ASP D 203 -28.62 31.24 49.14
N ALA D 204 -29.49 31.24 48.14
CA ALA D 204 -30.77 30.55 48.28
C ALA D 204 -30.61 29.04 48.45
N TRP D 205 -29.48 28.48 48.06
CA TRP D 205 -29.23 27.05 48.20
C TRP D 205 -28.57 26.71 49.54
N GLY D 206 -28.23 27.70 50.36
CA GLY D 206 -27.51 27.44 51.59
C GLY D 206 -26.06 27.05 51.41
N ILE D 207 -25.44 27.49 50.32
CA ILE D 207 -24.08 27.11 49.97
C ILE D 207 -23.20 28.35 49.94
N LYS D 208 -21.96 28.21 50.42
CA LYS D 208 -20.93 29.22 50.28
C LYS D 208 -19.77 28.62 49.49
N VAL D 209 -19.44 29.24 48.36
CA VAL D 209 -18.26 28.87 47.59
C VAL D 209 -17.08 29.66 48.13
N GLU D 210 -15.99 28.96 48.45
CA GLU D 210 -14.84 29.56 49.09
C GLU D 210 -13.69 29.85 48.14
N ARG D 211 -13.46 29.00 47.13
CA ARG D 211 -12.40 29.23 46.16
C ARG D 211 -12.74 28.60 44.83
N VAL D 212 -12.29 29.25 43.75
CA VAL D 212 -12.21 28.64 42.43
C VAL D 212 -10.83 28.97 41.87
N GLU D 213 -10.13 27.95 41.40
CA GLU D 213 -8.75 28.11 40.94
C GLU D 213 -8.51 27.22 39.73
N ILE D 214 -7.44 27.53 39.02
CA ILE D 214 -7.08 26.87 37.76
C ILE D 214 -5.78 26.10 37.98
N LYS D 215 -5.77 24.82 37.60
CA LYS D 215 -4.56 24.02 37.73
C LYS D 215 -3.82 23.78 36.43
N ASP D 216 -4.45 23.97 35.27
CA ASP D 216 -3.77 23.87 33.98
C ASP D 216 -4.36 24.86 32.99
N VAL D 217 -3.52 25.34 32.08
CA VAL D 217 -3.92 26.15 30.93
C VAL D 217 -3.11 25.69 29.73
N LYS D 218 -3.79 25.53 28.58
CA LYS D 218 -3.14 25.09 27.36
C LYS D 218 -3.58 25.95 26.18
N LEU D 219 -2.62 26.27 25.31
CA LEU D 219 -2.90 26.74 23.96
C LEU D 219 -2.98 25.55 23.01
N PRO D 220 -3.76 25.65 21.93
CA PRO D 220 -3.67 24.62 20.89
C PRO D 220 -2.32 24.66 20.19
N VAL D 221 -1.90 23.50 19.67
CA VAL D 221 -0.53 23.34 19.20
C VAL D 221 -0.20 24.34 18.09
N GLN D 222 -1.18 24.71 17.26
CA GLN D 222 -0.90 25.59 16.14
C GLN D 222 -0.51 27.00 16.58
N LEU D 223 -0.84 27.40 17.81
CA LEU D 223 -0.56 28.74 18.30
C LEU D 223 0.70 28.84 19.15
N GLN D 224 1.31 27.72 19.50
CA GLN D 224 2.29 27.73 20.59
C GLN D 224 3.56 28.48 20.22
N ARG D 225 4.13 28.25 19.03
CA ARG D 225 5.35 28.97 18.69
C ARG D 225 5.06 30.44 18.38
N ALA D 226 3.92 30.73 17.74
CA ALA D 226 3.57 32.11 17.43
C ALA D 226 3.49 32.96 18.70
N MET D 227 2.85 32.44 19.74
CA MET D 227 2.67 33.20 20.97
C MET D 227 3.96 33.35 21.76
N ALA D 228 4.96 32.51 21.52
CA ALA D 228 6.22 32.54 22.24
C ALA D 228 7.23 33.52 21.64
N ALA D 229 6.81 34.37 20.71
CA ALA D 229 7.76 35.19 19.96
C ALA D 229 8.66 36.03 20.85
N GLU D 230 8.11 36.58 21.93
CA GLU D 230 8.88 37.47 22.79
C GLU D 230 10.06 36.75 23.45
N ALA D 231 9.84 35.52 23.92
CA ALA D 231 10.93 34.77 24.55
C ALA D 231 11.95 34.33 23.52
N GLU D 232 11.50 33.91 22.34
CA GLU D 232 12.41 33.52 21.28
C GLU D 232 13.30 34.69 20.86
N ALA D 233 12.71 35.88 20.75
CA ALA D 233 13.47 37.05 20.29
C ALA D 233 14.56 37.44 21.27
N SER D 234 14.29 37.33 22.57
CA SER D 234 15.29 37.74 23.57
C SER D 234 16.55 36.89 23.47
N ARG D 235 16.40 35.59 23.24
CA ARG D 235 17.56 34.71 23.12
C ARG D 235 18.29 34.93 21.80
N GLU D 236 17.55 35.21 20.72
CA GLU D 236 18.19 35.52 19.44
C GLU D 236 18.97 36.84 19.53
N ALA D 237 18.45 37.82 20.28
CA ALA D 237 19.15 39.08 20.41
C ALA D 237 20.51 38.90 21.08
N ARG D 238 20.58 38.04 22.09
CA ARG D 238 21.86 37.79 22.76
C ARG D 238 22.77 36.94 21.87
N ALA D 239 22.21 36.03 21.08
CA ALA D 239 23.00 35.24 20.15
C ALA D 239 23.69 36.13 19.11
N LYS D 240 23.00 37.16 18.62
CA LYS D 240 23.56 38.03 17.60
C LYS D 240 24.82 38.74 18.09
N VAL D 241 24.81 39.19 19.34
CA VAL D 241 25.99 39.84 19.90
C VAL D 241 27.15 38.86 19.98
N ILE D 242 26.87 37.62 20.41
CA ILE D 242 27.92 36.61 20.46
C ILE D 242 28.46 36.33 19.06
N ALA D 243 27.57 36.23 18.08
CA ALA D 243 28.00 35.91 16.71
C ALA D 243 28.87 37.01 16.13
N ALA D 244 28.52 38.28 16.37
CA ALA D 244 29.29 39.39 15.81
C ALA D 244 30.69 39.44 16.41
N GLU D 245 30.81 39.13 17.70
CA GLU D 245 32.13 39.03 18.33
C GLU D 245 32.98 37.95 17.65
N GLY D 246 32.34 36.85 17.25
CA GLY D 246 33.06 35.82 16.50
C GLY D 246 33.59 36.32 15.17
N GLU D 247 32.78 37.10 14.45
CA GLU D 247 33.24 37.69 13.20
C GLU D 247 34.48 38.54 13.44
N MET D 248 34.47 39.36 14.49
CA MET D 248 35.60 40.23 14.78
C MET D 248 36.85 39.42 15.10
N ASN D 249 36.71 38.36 15.91
CA ASN D 249 37.85 37.55 16.30
C ASN D 249 38.47 36.83 15.11
N ALA D 250 37.65 36.38 14.17
CA ALA D 250 38.14 35.62 13.02
C ALA D 250 38.73 36.49 11.92
N SER D 251 38.51 37.80 11.96
CA SER D 251 38.76 38.63 10.77
C SER D 251 40.25 38.73 10.44
N ARG D 252 41.12 38.77 11.45
CA ARG D 252 42.55 38.98 11.18
C ARG D 252 43.14 37.85 10.34
N ALA D 253 42.80 36.60 10.68
CA ALA D 253 43.35 35.47 9.94
C ALA D 253 42.84 35.45 8.51
N LEU D 254 41.58 35.84 8.29
CA LEU D 254 41.06 35.89 6.93
C LEU D 254 41.79 36.94 6.10
N LYS D 255 42.14 38.08 6.70
CA LYS D 255 42.91 39.08 5.98
C LYS D 255 44.28 38.54 5.59
N GLU D 256 44.96 37.87 6.53
CA GLU D 256 46.27 37.29 6.23
C GLU D 256 46.16 36.29 5.10
N ALA D 257 45.15 35.41 5.15
CA ALA D 257 44.96 34.44 4.07
C ALA D 257 44.70 35.14 2.75
N SER D 258 43.88 36.20 2.77
CA SER D 258 43.54 36.90 1.54
C SER D 258 44.76 37.55 0.89
N MET D 259 45.65 38.14 1.69
CA MET D 259 46.80 38.83 1.13
C MET D 259 47.74 37.88 0.40
N VAL D 260 47.85 36.64 0.88
CA VAL D 260 48.63 35.63 0.16
C VAL D 260 47.90 35.21 -1.11
N ILE D 261 46.59 34.97 -1.01
CA ILE D 261 45.83 34.41 -2.13
C ILE D 261 45.80 35.38 -3.30
N THR D 262 45.72 36.67 -3.03
CA THR D 262 45.58 37.65 -4.11
C THR D 262 46.85 37.80 -4.94
N GLU D 263 48.01 37.37 -4.43
CA GLU D 263 49.24 37.49 -5.18
C GLU D 263 49.29 36.53 -6.37
N SER D 264 48.43 35.51 -6.38
CA SER D 264 48.24 34.64 -7.55
C SER D 264 46.75 34.32 -7.62
N PRO D 265 45.95 35.23 -8.18
CA PRO D 265 44.50 35.18 -7.96
C PRO D 265 43.81 33.87 -8.30
N ALA D 266 44.34 33.08 -9.23
CA ALA D 266 43.70 31.80 -9.54
C ALA D 266 43.62 30.89 -8.33
N ALA D 267 44.34 31.19 -7.24
CA ALA D 267 44.23 30.40 -6.02
C ALA D 267 42.81 30.40 -5.47
N LEU D 268 42.07 31.49 -5.67
CA LEU D 268 40.70 31.55 -5.15
C LEU D 268 39.80 30.56 -5.86
N GLN D 269 40.02 30.32 -7.15
CA GLN D 269 39.26 29.30 -7.86
C GLN D 269 39.59 27.90 -7.36
N LEU D 270 40.84 27.66 -6.95
CA LEU D 270 41.17 26.38 -6.34
C LEU D 270 40.41 26.19 -5.03
N ARG D 271 40.34 27.24 -4.21
CA ARG D 271 39.54 27.18 -2.99
C ARG D 271 38.05 26.96 -3.32
N TYR D 272 37.58 27.58 -4.40
CA TYR D 272 36.19 27.41 -4.82
C TYR D 272 35.89 25.95 -5.16
N LEU D 273 36.79 25.29 -5.89
CA LEU D 273 36.55 23.91 -6.31
C LEU D 273 36.61 22.94 -5.13
N GLN D 274 37.48 23.20 -4.16
CA GLN D 274 37.52 22.36 -2.97
C GLN D 274 36.25 22.52 -2.13
N THR D 275 35.66 23.73 -2.14
CA THR D 275 34.39 23.92 -1.47
C THR D 275 33.30 23.04 -2.08
N LEU D 276 33.27 22.96 -3.41
CA LEU D 276 32.28 22.11 -4.08
C LEU D 276 32.43 20.65 -3.69
N THR D 277 33.68 20.18 -3.60
CA THR D 277 33.91 18.79 -3.20
C THR D 277 33.40 18.52 -1.79
N THR D 278 33.64 19.47 -0.87
CA THR D 278 33.14 19.31 0.49
C THR D 278 31.62 19.26 0.53
N ILE D 279 30.96 20.13 -0.24
CA ILE D 279 29.50 20.21 -0.21
C ILE D 279 28.87 18.95 -0.78
N ALA D 280 29.47 18.39 -1.84
CA ALA D 280 28.88 17.23 -2.49
C ALA D 280 28.76 16.03 -1.56
N ALA D 281 29.64 15.95 -0.56
CA ALA D 281 29.63 14.79 0.34
C ALA D 281 28.46 14.79 1.31
N GLU D 282 27.83 15.94 1.54
CA GLU D 282 26.71 16.00 2.47
C GLU D 282 25.49 15.29 1.90
N LYS D 283 24.58 14.90 2.80
CA LYS D 283 23.35 14.19 2.42
C LYS D 283 22.29 15.22 2.01
N ASN D 284 22.49 15.77 0.82
CA ASN D 284 21.60 16.77 0.24
C ASN D 284 21.72 16.68 -1.28
N SER D 285 20.76 17.29 -1.97
CA SER D 285 20.79 17.35 -3.42
C SER D 285 21.72 18.45 -3.89
N THR D 286 22.55 18.15 -4.89
CA THR D 286 23.43 19.13 -5.52
C THR D 286 23.19 19.11 -7.03
N ILE D 287 23.08 20.30 -7.62
CA ILE D 287 22.92 20.45 -9.06
C ILE D 287 24.11 21.27 -9.56
N VAL D 288 24.83 20.74 -10.55
CA VAL D 288 26.05 21.35 -11.06
C VAL D 288 25.88 21.64 -12.55
N PHE D 289 26.27 22.85 -12.97
CA PHE D 289 26.21 23.29 -14.37
C PHE D 289 27.61 23.61 -14.87
N PRO D 290 28.27 22.70 -15.57
CA PRO D 290 29.42 23.11 -16.39
C PRO D 290 28.99 24.09 -17.46
N LEU D 291 29.69 25.22 -17.56
CA LEU D 291 29.25 26.34 -18.38
C LEU D 291 30.39 26.82 -19.27
N PRO D 292 30.39 26.45 -20.56
CA PRO D 292 31.48 26.87 -21.47
C PRO D 292 31.39 28.33 -21.89
N ILE D 293 31.99 29.22 -21.09
CA ILE D 293 31.78 30.65 -21.27
C ILE D 293 32.27 31.15 -22.62
N ASP D 294 33.37 30.58 -23.15
CA ASP D 294 33.84 31.02 -24.46
C ASP D 294 32.91 30.59 -25.58
N MET D 295 32.11 29.55 -25.38
CA MET D 295 31.07 29.21 -26.34
C MET D 295 29.90 30.18 -26.24
N LEU D 296 29.54 30.57 -25.01
CA LEU D 296 28.51 31.60 -24.84
C LEU D 296 28.97 32.95 -25.34
N GLN D 297 30.26 33.25 -25.16
CA GLN D 297 30.81 34.51 -25.68
C GLN D 297 30.63 34.61 -27.19
N GLY D 298 30.47 33.47 -27.87
CA GLY D 298 30.27 33.46 -29.31
C GLY D 298 28.86 33.76 -29.77
N ILE D 299 27.88 33.71 -28.88
CA ILE D 299 26.50 33.99 -29.23
C ILE D 299 25.89 34.95 -28.22
N ARG E 34 -10.09 28.20 69.98
CA ARG E 34 -10.43 27.96 68.55
C ARG E 34 -11.06 26.58 68.37
N LEU E 35 -12.09 26.51 67.54
CA LEU E 35 -12.74 25.27 67.17
C LEU E 35 -13.18 25.34 65.72
N PRO E 36 -13.53 24.21 65.12
CA PRO E 36 -13.94 24.22 63.71
C PRO E 36 -15.12 25.15 63.46
N ASP E 37 -15.12 25.80 62.29
CA ASP E 37 -16.24 26.62 61.86
C ASP E 37 -17.46 25.78 61.50
N SER E 38 -17.26 24.51 61.14
CA SER E 38 -18.36 23.62 60.78
C SER E 38 -19.38 23.52 61.91
N GLY E 48 -26.76 13.56 79.89
CA GLY E 48 -28.09 13.47 80.45
C GLY E 48 -28.56 12.04 80.61
N PRO E 49 -29.79 11.86 81.09
CA PRO E 49 -30.29 10.51 81.37
C PRO E 49 -30.19 9.55 80.20
N CYS E 50 -30.48 9.99 78.97
CA CYS E 50 -30.39 9.09 77.83
C CYS E 50 -28.93 8.74 77.53
N GLY E 51 -28.01 9.68 77.73
CA GLY E 51 -26.60 9.34 77.61
C GLY E 51 -26.16 8.34 78.65
N TRP E 52 -26.53 8.59 79.92
CA TRP E 52 -26.12 7.67 80.99
C TRP E 52 -26.66 6.27 80.76
N ILE E 53 -27.92 6.17 80.33
CA ILE E 53 -28.51 4.85 80.09
C ILE E 53 -27.76 4.13 78.97
N LEU E 54 -27.54 4.82 77.85
CA LEU E 54 -26.88 4.18 76.72
C LEU E 54 -25.43 3.87 77.03
N VAL E 55 -24.77 4.73 77.81
CA VAL E 55 -23.40 4.44 78.26
C VAL E 55 -23.38 3.21 79.16
N ALA E 56 -24.31 3.15 80.12
CA ALA E 56 -24.36 2.00 81.01
C ALA E 56 -24.61 0.71 80.23
N PHE E 57 -25.54 0.76 79.26
CA PHE E 57 -25.78 -0.39 78.42
C PHE E 57 -24.50 -0.86 77.73
N SER E 58 -23.72 0.09 77.20
CA SER E 58 -22.47 -0.27 76.53
C SER E 58 -21.49 -0.92 77.48
N PHE E 59 -21.35 -0.37 78.70
CA PHE E 59 -20.48 -0.98 79.70
C PHE E 59 -20.88 -2.43 79.95
N LEU E 60 -22.16 -2.66 80.20
CA LEU E 60 -22.65 -4.02 80.47
C LEU E 60 -22.38 -4.94 79.29
N PHE E 61 -22.68 -4.47 78.08
CA PHE E 61 -22.45 -5.28 76.89
C PHE E 61 -20.99 -5.65 76.75
N THR E 62 -20.08 -4.69 76.94
CA THR E 62 -18.66 -4.96 76.77
C THR E 62 -18.11 -5.81 77.92
N VAL E 63 -18.65 -5.67 79.13
CA VAL E 63 -18.22 -6.53 80.22
C VAL E 63 -18.70 -7.95 80.01
N ILE E 64 -19.95 -8.11 79.57
CA ILE E 64 -20.47 -9.45 79.26
C ILE E 64 -19.63 -10.10 78.18
N THR E 65 -19.07 -9.31 77.26
CA THR E 65 -18.19 -9.79 76.21
C THR E 65 -16.73 -9.47 76.49
N PHE E 66 -16.34 -9.45 77.76
CA PHE E 66 -15.04 -8.93 78.19
C PHE E 66 -13.87 -9.50 77.39
N PRO E 67 -13.68 -10.82 77.32
CA PRO E 67 -12.48 -11.33 76.64
C PRO E 67 -12.41 -10.96 75.16
N ILE E 68 -13.55 -10.68 74.53
CA ILE E 68 -13.55 -10.17 73.16
C ILE E 68 -13.39 -8.66 73.13
N SER E 69 -14.00 -7.97 74.10
CA SER E 69 -14.00 -6.50 74.08
C SER E 69 -12.60 -5.94 74.24
N ILE E 70 -11.70 -6.65 74.91
CA ILE E 70 -10.34 -6.18 75.18
C ILE E 70 -9.75 -5.53 73.95
N TRP E 71 -9.91 -6.19 72.80
CA TRP E 71 -9.18 -5.81 71.60
C TRP E 71 -9.82 -4.65 70.84
N MET E 72 -11.08 -4.33 71.13
CA MET E 72 -11.76 -3.21 70.48
C MET E 72 -11.82 -1.97 71.35
N CYS E 73 -11.84 -2.13 72.68
CA CYS E 73 -12.11 -1.01 73.58
C CYS E 73 -10.86 -0.27 74.03
N ILE E 74 -9.68 -0.83 73.85
CA ILE E 74 -8.42 -0.24 74.31
C ILE E 74 -7.62 0.24 73.10
N LYS E 75 -7.16 1.49 73.16
CA LYS E 75 -6.37 2.10 72.10
C LYS E 75 -5.06 2.61 72.67
N ILE E 76 -4.01 2.59 71.86
CA ILE E 76 -2.69 3.06 72.24
C ILE E 76 -2.20 4.03 71.18
N ILE E 77 -1.69 5.18 71.61
CA ILE E 77 -1.33 6.29 70.74
C ILE E 77 0.16 6.59 70.92
N LYS E 78 0.90 6.60 69.81
CA LYS E 78 2.33 6.86 69.84
C LYS E 78 2.62 8.35 70.00
N GLU E 79 3.89 8.65 70.27
CA GLU E 79 4.32 10.04 70.45
C GLU E 79 3.94 10.91 69.25
N TYR E 80 4.07 10.38 68.04
CA TYR E 80 3.84 11.16 66.83
C TYR E 80 2.42 11.05 66.30
N GLU E 81 1.46 10.61 67.13
CA GLU E 81 0.07 10.49 66.74
C GLU E 81 -0.82 11.26 67.71
N ARG E 82 -1.98 11.67 67.22
CA ARG E 82 -3.03 12.26 68.04
C ARG E 82 -4.36 11.61 67.66
N ALA E 83 -5.29 11.60 68.62
CA ALA E 83 -6.61 11.02 68.41
C ALA E 83 -7.70 12.07 68.61
N ILE E 84 -8.74 11.97 67.80
CA ILE E 84 -9.95 12.78 67.93
C ILE E 84 -11.09 11.85 68.32
N ILE E 85 -11.72 12.11 69.46
CA ILE E 85 -12.70 11.19 70.04
C ILE E 85 -14.02 11.93 70.22
N PHE E 86 -15.10 11.32 69.76
CA PHE E 86 -16.46 11.81 69.96
C PHE E 86 -17.19 10.85 70.89
N ARG E 87 -17.78 11.38 71.95
CA ARG E 87 -18.59 10.62 72.90
C ARG E 87 -20.04 11.05 72.69
N LEU E 88 -20.84 10.15 72.12
CA LEU E 88 -22.20 10.46 71.69
C LEU E 88 -22.21 11.72 70.82
N GLY E 89 -21.38 11.70 69.77
CA GLY E 89 -21.34 12.76 68.80
C GLY E 89 -20.66 14.03 69.24
N ARG E 90 -20.44 14.22 70.53
CA ARG E 90 -19.78 15.41 71.04
C ARG E 90 -18.29 15.13 71.26
N ILE E 91 -17.46 16.08 70.85
CA ILE E 91 -16.01 15.92 70.98
C ILE E 91 -15.61 16.09 72.43
N LEU E 92 -14.67 15.26 72.89
CA LEU E 92 -14.21 15.34 74.26
C LEU E 92 -13.48 16.66 74.51
N GLN E 93 -13.58 17.13 75.74
CA GLN E 93 -13.09 18.46 76.11
C GLN E 93 -11.57 18.52 76.01
N GLY E 94 -11.07 19.70 75.64
CA GLY E 94 -9.65 19.90 75.44
C GLY E 94 -9.22 19.61 74.02
N GLY E 95 -7.91 19.67 73.81
CA GLY E 95 -7.35 19.43 72.51
C GLY E 95 -7.38 17.95 72.14
N ALA E 96 -6.71 17.64 71.04
CA ALA E 96 -6.59 16.25 70.62
C ALA E 96 -5.86 15.45 71.68
N LYS E 97 -6.31 14.22 71.90
CA LYS E 97 -5.76 13.39 72.97
C LYS E 97 -4.36 12.93 72.60
N GLY E 98 -3.44 13.06 73.55
CA GLY E 98 -2.03 12.84 73.30
C GLY E 98 -1.65 11.36 73.33
N PRO E 99 -0.35 11.08 73.40
CA PRO E 99 0.11 9.70 73.42
C PRO E 99 -0.28 8.99 74.71
N GLY E 100 -0.43 7.67 74.62
CA GLY E 100 -0.66 6.86 75.79
C GLY E 100 -1.79 5.88 75.57
N LEU E 101 -2.43 5.52 76.68
CA LEU E 101 -3.44 4.47 76.74
C LEU E 101 -4.81 5.11 76.91
N PHE E 102 -5.78 4.65 76.11
CA PHE E 102 -7.09 5.25 76.09
C PHE E 102 -8.16 4.18 75.91
N PHE E 103 -9.35 4.47 76.41
CA PHE E 103 -10.44 3.51 76.52
C PHE E 103 -11.65 4.04 75.75
N ILE E 104 -12.16 3.24 74.82
CA ILE E 104 -13.23 3.63 73.92
C ILE E 104 -14.40 2.66 74.12
N LEU E 105 -15.59 3.20 74.39
CA LEU E 105 -16.80 2.40 74.36
C LEU E 105 -17.31 2.36 72.93
N PRO E 106 -17.10 1.27 72.18
CA PRO E 106 -17.37 1.32 70.73
C PRO E 106 -18.83 1.56 70.37
N CYS E 107 -19.77 1.33 71.29
CA CYS E 107 -21.17 1.62 70.98
C CYS E 107 -21.43 3.12 70.93
N THR E 108 -20.90 3.85 71.91
CA THR E 108 -21.19 5.28 72.04
C THR E 108 -20.13 6.18 71.42
N ASP E 109 -18.93 5.67 71.12
CA ASP E 109 -17.77 6.50 70.84
C ASP E 109 -17.23 6.27 69.43
N SER E 110 -16.70 7.34 68.84
CA SER E 110 -16.03 7.29 67.55
C SER E 110 -14.61 7.80 67.72
N PHE E 111 -13.66 7.14 67.06
CA PHE E 111 -12.23 7.33 67.29
C PHE E 111 -11.51 7.52 65.96
N ILE E 112 -10.78 8.63 65.82
CA ILE E 112 -9.94 8.89 64.65
C ILE E 112 -8.56 9.30 65.15
N LYS E 113 -7.53 8.62 64.65
CA LYS E 113 -6.15 8.97 64.98
C LYS E 113 -5.45 9.60 63.77
N VAL E 114 -4.61 10.59 64.04
CA VAL E 114 -4.00 11.44 63.03
C VAL E 114 -2.48 11.34 63.15
N ASP E 115 -1.81 11.05 62.03
CA ASP E 115 -0.35 11.05 61.99
C ASP E 115 0.15 12.48 61.82
N MET E 116 1.06 12.89 62.70
CA MET E 116 1.55 14.26 62.74
C MET E 116 2.91 14.44 62.05
N ARG E 117 3.41 13.43 61.35
CA ARG E 117 4.72 13.52 60.72
C ARG E 117 4.62 14.12 59.32
N THR E 118 5.76 14.63 58.84
CA THR E 118 5.83 15.21 57.51
C THR E 118 5.51 14.17 56.44
N ILE E 119 4.73 14.58 55.45
CA ILE E 119 4.37 13.75 54.31
C ILE E 119 4.89 14.40 53.04
N SER E 120 5.31 13.58 52.08
CA SER E 120 5.73 14.05 50.76
C SER E 120 4.92 13.34 49.70
N PHE E 121 4.51 14.08 48.67
CA PHE E 121 3.66 13.55 47.61
C PHE E 121 4.16 14.04 46.26
N ASP E 122 4.16 13.13 45.27
CA ASP E 122 4.68 13.41 43.93
C ASP E 122 3.52 13.86 43.04
N ILE E 123 3.44 15.16 42.83
CA ILE E 123 2.35 15.79 42.08
C ILE E 123 2.36 15.32 40.62
N PRO E 124 1.20 15.06 40.01
CA PRO E 124 1.20 14.74 38.59
C PRO E 124 1.57 15.96 37.75
N PRO E 125 2.12 15.74 36.55
CA PRO E 125 2.60 16.87 35.73
C PRO E 125 1.49 17.84 35.31
N GLN E 126 1.88 19.09 35.10
CA GLN E 126 0.99 20.19 34.75
C GLN E 126 1.46 20.89 33.47
N GLU E 127 0.49 21.45 32.74
CA GLU E 127 0.79 22.33 31.60
C GLU E 127 0.68 23.79 32.03
N ILE E 128 1.72 24.57 31.73
CA ILE E 128 1.86 25.92 32.27
C ILE E 128 2.25 26.90 31.17
N LEU E 129 1.83 28.15 31.35
CA LEU E 129 2.25 29.28 30.52
C LEU E 129 3.03 30.28 31.35
N THR E 130 4.21 30.66 30.88
CA THR E 130 5.01 31.67 31.56
C THR E 130 4.51 33.08 31.21
N LYS E 131 5.06 34.07 31.91
CA LYS E 131 4.68 35.46 31.64
C LYS E 131 4.98 35.85 30.20
N ASP E 132 6.14 35.43 29.68
CA ASP E 132 6.45 35.63 28.26
C ASP E 132 5.73 34.64 27.35
N SER E 133 4.80 33.85 27.87
CA SER E 133 3.89 33.03 27.05
C SER E 133 4.55 31.78 26.48
N VAL E 134 5.57 31.26 27.14
CA VAL E 134 6.18 30.00 26.71
C VAL E 134 5.38 28.84 27.28
N THR E 135 5.07 27.86 26.43
CA THR E 135 4.43 26.62 26.87
C THR E 135 5.47 25.70 27.49
N ILE E 136 5.31 25.37 28.77
CA ILE E 136 6.16 24.40 29.44
C ILE E 136 5.30 23.46 30.27
N SER E 137 5.78 22.23 30.42
CA SER E 137 5.20 21.26 31.34
C SER E 137 6.16 21.04 32.51
N VAL E 138 5.61 21.04 33.73
CA VAL E 138 6.43 20.93 34.94
C VAL E 138 5.88 19.79 35.79
N ASP E 139 6.76 19.25 36.65
CA ASP E 139 6.49 18.04 37.44
C ASP E 139 6.92 18.31 38.87
N GLY E 140 5.94 18.58 39.76
CA GLY E 140 6.23 19.09 41.09
C GLY E 140 6.20 18.05 42.21
N VAL E 141 6.64 18.50 43.39
CA VAL E 141 6.60 17.72 44.63
C VAL E 141 6.21 18.66 45.77
N VAL E 142 5.44 18.15 46.72
CA VAL E 142 5.01 18.94 47.88
C VAL E 142 5.30 18.16 49.16
N TYR E 143 5.69 18.91 50.20
CA TYR E 143 5.90 18.38 51.55
C TYR E 143 4.98 19.11 52.51
N TYR E 144 4.31 18.37 53.40
CA TYR E 144 3.38 19.00 54.34
C TYR E 144 3.15 18.10 55.54
N ARG E 145 2.58 18.70 56.59
CA ARG E 145 2.27 17.97 57.81
C ARG E 145 1.06 18.60 58.50
N VAL E 146 0.37 17.78 59.29
CA VAL E 146 -0.70 18.27 60.16
C VAL E 146 -0.10 19.01 61.34
N GLN E 147 -0.61 20.21 61.64
CA GLN E 147 -0.21 20.94 62.82
C GLN E 147 -1.36 21.20 63.80
N ASN E 148 -2.59 20.85 63.44
CA ASN E 148 -3.72 20.92 64.38
C ASN E 148 -4.68 19.80 63.99
N ALA E 149 -4.68 18.72 64.78
CA ALA E 149 -5.44 17.53 64.42
C ALA E 149 -6.94 17.76 64.52
N THR E 150 -7.39 18.69 65.36
CA THR E 150 -8.82 18.93 65.49
C THR E 150 -9.39 19.53 64.20
N LEU E 151 -8.73 20.54 63.66
CA LEU E 151 -9.20 21.14 62.40
C LEU E 151 -9.05 20.17 61.23
N ALA E 152 -8.01 19.34 61.24
CA ALA E 152 -7.80 18.43 60.12
C ALA E 152 -8.91 17.41 60.00
N VAL E 153 -9.57 17.07 61.10
CA VAL E 153 -10.65 16.08 61.08
C VAL E 153 -12.01 16.75 60.89
N ALA E 154 -12.29 17.81 61.65
CA ALA E 154 -13.63 18.33 61.80
C ALA E 154 -13.94 19.56 60.96
N ASN E 155 -12.97 20.09 60.21
CA ASN E 155 -13.18 21.31 59.44
C ASN E 155 -13.04 21.09 57.93
N ILE E 156 -12.57 19.93 57.50
CA ILE E 156 -12.34 19.65 56.09
C ILE E 156 -12.62 18.16 55.87
N THR E 157 -13.21 17.84 54.72
CA THR E 157 -13.63 16.46 54.48
C THR E 157 -12.45 15.54 54.22
N ASN E 158 -11.49 15.99 53.41
CA ASN E 158 -10.30 15.19 53.08
C ASN E 158 -9.12 16.15 53.03
N ALA E 159 -8.37 16.23 54.13
CA ALA E 159 -7.30 17.22 54.23
C ALA E 159 -6.21 16.97 53.18
N ASP E 160 -5.81 15.72 52.99
CA ASP E 160 -4.73 15.43 52.04
C ASP E 160 -5.10 15.85 50.62
N SER E 161 -6.28 15.43 50.15
CA SER E 161 -6.69 15.77 48.79
C SER E 161 -6.81 17.28 48.61
N ALA E 162 -7.39 17.98 49.60
CA ALA E 162 -7.49 19.43 49.51
C ALA E 162 -6.11 20.08 49.41
N THR E 163 -5.16 19.60 50.22
CA THR E 163 -3.82 20.19 50.21
C THR E 163 -3.13 19.98 48.87
N ARG E 164 -3.25 18.77 48.30
CA ARG E 164 -2.51 18.46 47.08
C ARG E 164 -3.05 19.24 45.89
N LEU E 165 -4.36 19.44 45.82
CA LEU E 165 -4.92 20.26 44.75
C LEU E 165 -4.52 21.73 44.91
N LEU E 166 -4.47 22.21 46.15
CA LEU E 166 -4.07 23.59 46.39
C LEU E 166 -2.63 23.83 45.96
N ALA E 167 -1.74 22.86 46.18
CA ALA E 167 -0.35 23.00 45.76
C ALA E 167 -0.26 23.16 44.24
N GLN E 168 -1.03 22.38 43.50
CA GLN E 168 -0.98 22.46 42.04
C GLN E 168 -1.42 23.83 41.53
N THR E 169 -2.53 24.35 42.06
CA THR E 169 -3.01 25.65 41.58
C THR E 169 -2.09 26.79 42.00
N THR E 170 -1.47 26.69 43.17
CA THR E 170 -0.54 27.72 43.59
C THR E 170 0.70 27.75 42.70
N LEU E 171 1.23 26.59 42.36
CA LEU E 171 2.35 26.52 41.45
C LEU E 171 1.98 27.03 40.06
N ARG E 172 0.78 26.69 39.59
CA ARG E 172 0.32 27.17 38.29
C ARG E 172 0.30 28.69 38.25
N ASN E 173 -0.21 29.32 39.31
CA ASN E 173 -0.36 30.77 39.32
C ASN E 173 0.98 31.49 39.34
N VAL E 174 1.88 31.10 40.25
CA VAL E 174 3.10 31.88 40.46
C VAL E 174 3.98 31.85 39.22
N LEU E 175 4.11 30.68 38.59
CA LEU E 175 4.96 30.58 37.41
C LEU E 175 4.42 31.37 36.23
N GLY E 176 3.13 31.69 36.24
CA GLY E 176 2.56 32.58 35.23
C GLY E 176 2.93 34.03 35.40
N THR E 177 3.47 34.40 36.56
CA THR E 177 3.95 35.75 36.80
C THR E 177 5.44 35.92 36.55
N LYS E 178 6.12 34.87 36.10
CA LYS E 178 7.57 34.87 35.92
C LYS E 178 7.92 34.58 34.47
N ASN E 179 8.95 35.26 33.97
CA ASN E 179 9.55 34.87 32.70
C ASN E 179 10.35 33.59 32.86
N LEU E 180 10.50 32.85 31.75
CA LEU E 180 11.19 31.57 31.81
C LEU E 180 12.58 31.70 32.41
N SER E 181 13.30 32.77 32.08
CA SER E 181 14.63 32.97 32.63
C SER E 181 14.58 33.17 34.15
N GLN E 182 13.54 33.85 34.64
CA GLN E 182 13.39 34.04 36.08
C GLN E 182 13.08 32.72 36.79
N ILE E 183 12.32 31.84 36.13
CA ILE E 183 11.99 30.56 36.75
C ILE E 183 13.26 29.78 37.06
N LEU E 184 14.25 29.85 36.17
CA LEU E 184 15.50 29.12 36.39
C LEU E 184 16.36 29.76 37.46
N SER E 185 16.26 31.07 37.66
CA SER E 185 17.18 31.79 38.52
C SER E 185 16.65 32.15 39.90
N ASP E 186 15.33 32.15 40.11
CA ASP E 186 14.72 32.77 41.28
C ASP E 186 14.00 31.77 42.18
N ARG E 187 14.69 30.71 42.59
CA ARG E 187 14.05 29.72 43.46
C ARG E 187 13.58 30.34 44.76
N GLU E 188 14.44 31.14 45.41
CA GLU E 188 14.12 31.69 46.73
C GLU E 188 12.92 32.62 46.65
N GLU E 189 12.90 33.50 45.65
CA GLU E 189 11.78 34.44 45.51
C GLU E 189 10.48 33.71 45.20
N ILE E 190 10.55 32.67 44.36
CA ILE E 190 9.34 31.91 44.02
C ILE E 190 8.81 31.18 45.24
N ALA E 191 9.70 30.62 46.07
CA ALA E 191 9.26 29.94 47.27
C ALA E 191 8.57 30.90 48.24
N HIS E 192 9.15 32.08 48.41
CA HIS E 192 8.55 33.07 49.32
C HIS E 192 7.16 33.47 48.87
N ASN E 193 6.96 33.66 47.56
CA ASN E 193 5.64 34.01 47.05
C ASN E 193 4.62 32.92 47.34
N MET E 194 4.99 31.66 47.11
CA MET E 194 4.03 30.57 47.27
C MET E 194 3.62 30.40 48.73
N GLN E 195 4.55 30.62 49.66
CA GLN E 195 4.26 30.31 51.07
C GLN E 195 3.13 31.18 51.60
N SER E 196 3.12 32.47 51.24
CA SER E 196 2.06 33.35 51.71
C SER E 196 0.69 32.87 51.24
N THR E 197 0.58 32.48 49.97
CA THR E 197 -0.68 31.98 49.45
C THR E 197 -1.09 30.70 50.19
N LEU E 198 -0.14 29.78 50.38
CA LEU E 198 -0.47 28.50 50.99
C LEU E 198 -0.90 28.66 52.45
N ASP E 199 -0.20 29.50 53.21
CA ASP E 199 -0.50 29.64 54.63
C ASP E 199 -1.90 30.20 54.86
N ASP E 200 -2.29 31.21 54.07
CA ASP E 200 -3.62 31.79 54.22
C ASP E 200 -4.70 30.74 54.01
N ALA E 201 -4.51 29.83 53.05
CA ALA E 201 -5.53 28.85 52.73
C ALA E 201 -5.54 27.68 53.70
N THR E 202 -4.37 27.17 54.09
CA THR E 202 -4.29 25.91 54.83
C THR E 202 -4.45 26.07 56.34
N ASP E 203 -4.43 27.29 56.86
CA ASP E 203 -4.56 27.48 58.30
C ASP E 203 -5.85 26.88 58.83
N ALA E 204 -6.96 27.12 58.13
CA ALA E 204 -8.25 26.61 58.58
C ALA E 204 -8.33 25.08 58.55
N TRP E 205 -7.50 24.43 57.73
CA TRP E 205 -7.50 22.98 57.65
C TRP E 205 -6.57 22.32 58.67
N GLY E 206 -5.83 23.10 59.44
CA GLY E 206 -4.86 22.53 60.36
C GLY E 206 -3.65 21.94 59.68
N ILE E 207 -3.23 22.51 58.55
CA ILE E 207 -2.16 21.97 57.73
C ILE E 207 -1.09 23.04 57.56
N LYS E 208 0.17 22.61 57.49
CA LYS E 208 1.28 23.47 57.12
C LYS E 208 2.01 22.85 55.93
N VAL E 209 2.06 23.58 54.82
CA VAL E 209 2.84 23.16 53.66
C VAL E 209 4.26 23.65 53.87
N GLU E 210 5.22 22.72 53.74
CA GLU E 210 6.62 23.02 54.04
C GLU E 210 7.44 23.31 52.78
N ARG E 211 7.18 22.63 51.67
CA ARG E 211 7.91 22.89 50.44
C ARG E 211 7.04 22.55 49.23
N VAL E 212 7.25 23.29 48.16
CA VAL E 212 6.83 22.91 46.82
C VAL E 212 8.05 23.04 45.90
N GLU E 213 8.35 21.97 45.18
CA GLU E 213 9.58 21.89 44.39
C GLU E 213 9.23 21.34 43.01
N ILE E 214 10.15 21.54 42.08
CA ILE E 214 9.98 21.13 40.69
C ILE E 214 11.00 20.05 40.38
N LYS E 215 10.51 18.92 39.85
CA LYS E 215 11.34 17.77 39.54
C LYS E 215 11.83 17.77 38.10
N ASP E 216 11.00 18.25 37.17
CA ASP E 216 11.34 18.26 35.74
C ASP E 216 10.70 19.47 35.08
N VAL E 217 11.35 19.95 34.02
CA VAL E 217 10.82 21.00 33.15
C VAL E 217 11.11 20.63 31.71
N LYS E 218 10.11 20.77 30.83
CA LYS E 218 10.24 20.40 29.44
C LYS E 218 9.65 21.47 28.53
N LEU E 219 10.35 21.75 27.40
CA LEU E 219 9.82 22.52 26.30
C LEU E 219 9.17 21.60 25.26
N PRO E 220 8.18 22.07 24.50
CA PRO E 220 7.74 21.30 23.33
C PRO E 220 8.87 21.14 22.33
N VAL E 221 8.85 20.02 21.61
CA VAL E 221 9.96 19.70 20.69
C VAL E 221 10.13 20.80 19.65
N GLN E 222 9.04 21.40 19.19
CA GLN E 222 9.14 22.42 18.15
C GLN E 222 9.88 23.67 18.62
N LEU E 223 9.97 23.90 19.93
CA LEU E 223 10.63 25.08 20.46
C LEU E 223 12.08 24.86 20.85
N GLN E 224 12.55 23.62 20.87
CA GLN E 224 13.79 23.30 21.59
C GLN E 224 15.02 23.89 20.92
N ARG E 225 15.19 23.71 19.61
CA ARG E 225 16.38 24.25 18.97
C ARG E 225 16.34 25.77 18.92
N ALA E 226 15.17 26.36 18.71
CA ALA E 226 15.06 27.81 18.65
C ALA E 226 15.49 28.45 19.97
N MET E 227 15.05 27.89 21.09
CA MET E 227 15.39 28.46 22.40
C MET E 227 16.84 28.27 22.77
N ALA E 228 17.54 27.32 22.15
CA ALA E 228 18.94 27.03 22.44
C ALA E 228 19.92 27.93 21.68
N ALA E 229 19.46 29.05 21.13
CA ALA E 229 20.26 29.79 20.15
C ALA E 229 21.58 30.29 20.74
N GLU E 230 21.57 30.75 21.99
CA GLU E 230 22.81 31.29 22.58
C GLU E 230 23.89 30.22 22.67
N ALA E 231 23.53 29.00 23.07
CA ALA E 231 24.54 27.95 23.19
C ALA E 231 25.07 27.53 21.83
N GLU E 232 24.20 27.45 20.83
CA GLU E 232 24.65 27.13 19.48
C GLU E 232 25.59 28.22 18.95
N ALA E 233 25.27 29.49 19.20
CA ALA E 233 26.06 30.58 18.67
C ALA E 233 27.46 30.62 19.29
N SER E 234 27.58 30.35 20.59
CA SER E 234 28.88 30.45 21.26
C SER E 234 29.86 29.44 20.67
N ARG E 235 29.40 28.22 20.38
CA ARG E 235 30.28 27.22 19.80
C ARG E 235 30.57 27.54 18.33
N GLU E 236 29.60 28.12 17.63
CA GLU E 236 29.83 28.52 16.24
C GLU E 236 30.85 29.65 16.14
N ALA E 237 30.89 30.56 17.12
CA ALA E 237 31.88 31.62 17.11
C ALA E 237 33.29 31.08 17.28
N ARG E 238 33.48 30.13 18.18
CA ARG E 238 34.80 29.51 18.34
C ARG E 238 35.19 28.72 17.10
N ALA E 239 34.23 28.05 16.46
CA ALA E 239 34.53 27.32 15.24
C ALA E 239 35.06 28.23 14.14
N LYS E 240 34.50 29.44 14.01
CA LYS E 240 34.94 30.35 12.96
C LYS E 240 36.40 30.74 13.12
N VAL E 241 36.83 31.01 14.35
CA VAL E 241 38.24 31.35 14.58
C VAL E 241 39.14 30.21 14.16
N ILE E 242 38.76 28.97 14.49
CA ILE E 242 39.53 27.80 14.09
C ILE E 242 39.57 27.70 12.56
N ALA E 243 38.42 27.90 11.91
CA ALA E 243 38.36 27.77 10.46
C ALA E 243 39.18 28.84 9.76
N ALA E 244 39.15 30.08 10.26
CA ALA E 244 39.95 31.13 9.65
C ALA E 244 41.44 30.84 9.76
N GLU E 245 41.88 30.28 10.89
CA GLU E 245 43.26 29.86 11.03
C GLU E 245 43.60 28.77 10.01
N GLY E 246 42.64 27.90 9.68
CA GLY E 246 42.86 26.92 8.65
C GLY E 246 43.13 27.54 7.28
N GLU E 247 42.34 28.56 6.93
CA GLU E 247 42.55 29.25 5.67
C GLU E 247 43.95 29.84 5.59
N MET E 248 44.40 30.47 6.68
CA MET E 248 45.72 31.10 6.69
C MET E 248 46.82 30.06 6.51
N ASN E 249 46.71 28.92 7.20
CA ASN E 249 47.75 27.90 7.10
C ASN E 249 47.82 27.29 5.70
N ALA E 250 46.68 27.10 5.06
CA ALA E 250 46.64 26.47 3.74
C ALA E 250 47.06 27.41 2.61
N SER E 251 47.10 28.73 2.85
CA SER E 251 47.17 29.68 1.75
C SER E 251 48.51 29.62 1.01
N ARG E 252 49.61 29.32 1.70
CA ARG E 252 50.91 29.34 1.03
C ARG E 252 51.01 28.26 -0.05
N ALA E 253 50.52 27.06 0.23
CA ALA E 253 50.59 25.99 -0.77
C ALA E 253 49.68 26.28 -1.95
N LEU E 254 48.50 26.86 -1.70
CA LEU E 254 47.62 27.21 -2.81
C LEU E 254 48.23 28.26 -3.71
N LYS E 255 48.95 29.23 -3.14
CA LYS E 255 49.64 30.22 -3.96
C LYS E 255 50.69 29.57 -4.84
N GLU E 256 51.49 28.65 -4.28
CA GLU E 256 52.50 27.95 -5.07
C GLU E 256 51.86 27.15 -6.19
N ALA E 257 50.80 26.39 -5.87
CA ALA E 257 50.09 25.65 -6.90
C ALA E 257 49.53 26.58 -7.96
N SER E 258 48.97 27.71 -7.55
CA SER E 258 48.38 28.66 -8.49
C SER E 258 49.43 29.20 -9.46
N MET E 259 50.61 29.54 -8.95
CA MET E 259 51.63 30.15 -9.82
C MET E 259 52.07 29.20 -10.92
N VAL E 260 52.17 27.90 -10.63
CA VAL E 260 52.55 26.94 -11.65
C VAL E 260 51.40 26.72 -12.64
N ILE E 261 50.16 26.67 -12.13
CA ILE E 261 49.02 26.34 -12.98
C ILE E 261 48.78 27.44 -14.01
N THR E 262 49.00 28.70 -13.64
CA THR E 262 48.64 29.81 -14.50
C THR E 262 49.65 30.07 -15.61
N GLU E 263 50.77 29.34 -15.65
CA GLU E 263 51.75 29.54 -16.70
C GLU E 263 51.32 28.94 -18.03
N SER E 264 50.37 28.01 -18.03
CA SER E 264 49.83 27.43 -19.25
C SER E 264 48.31 27.44 -19.16
N PRO E 265 47.61 27.93 -20.19
CA PRO E 265 46.18 28.24 -20.00
C PRO E 265 45.28 27.04 -19.76
N ALA E 266 45.56 25.89 -20.37
CA ALA E 266 44.63 24.76 -20.27
C ALA E 266 44.69 24.05 -18.92
N ALA E 267 45.68 24.35 -18.09
CA ALA E 267 45.91 23.58 -16.87
C ALA E 267 44.74 23.69 -15.89
N LEU E 268 44.27 24.91 -15.64
CA LEU E 268 43.17 25.10 -14.69
C LEU E 268 41.91 24.40 -15.17
N GLN E 269 41.70 24.36 -16.48
CA GLN E 269 40.53 23.68 -17.02
C GLN E 269 40.60 22.17 -16.75
N LEU E 270 41.78 21.59 -16.84
CA LEU E 270 41.94 20.18 -16.48
C LEU E 270 41.57 19.93 -15.03
N ARG E 271 41.96 20.84 -14.13
CA ARG E 271 41.57 20.73 -12.73
C ARG E 271 40.05 20.79 -12.58
N TYR E 272 39.39 21.67 -13.33
CA TYR E 272 37.92 21.75 -13.26
C TYR E 272 37.27 20.42 -13.63
N LEU E 273 37.73 19.80 -14.73
CA LEU E 273 37.11 18.58 -15.19
C LEU E 273 37.33 17.42 -14.23
N GLN E 274 38.52 17.33 -13.63
CA GLN E 274 38.76 16.29 -12.64
C GLN E 274 37.84 16.46 -11.43
N THR E 275 37.56 17.70 -11.04
CA THR E 275 36.63 17.94 -9.95
C THR E 275 35.24 17.38 -10.28
N LEU E 276 34.77 17.63 -11.51
CA LEU E 276 33.46 17.13 -11.90
C LEU E 276 33.38 15.62 -11.80
N THR E 277 34.43 14.93 -12.24
CA THR E 277 34.45 13.47 -12.11
C THR E 277 34.35 13.04 -10.66
N THR E 278 35.02 13.76 -9.76
CA THR E 278 34.93 13.46 -8.34
C THR E 278 33.52 13.66 -7.81
N ILE E 279 32.87 14.75 -8.22
CA ILE E 279 31.52 15.04 -7.74
C ILE E 279 30.55 13.93 -8.14
N ALA E 280 30.66 13.43 -9.37
CA ALA E 280 29.66 12.53 -9.91
C ALA E 280 29.51 11.25 -9.10
N ALA E 281 30.52 10.89 -8.30
CA ALA E 281 30.45 9.65 -7.53
C ALA E 281 29.57 9.77 -6.29
N GLU E 282 29.32 10.98 -5.79
CA GLU E 282 28.48 11.16 -4.62
C GLU E 282 27.00 11.03 -4.98
N LYS E 283 26.22 10.52 -4.03
CA LYS E 283 24.80 10.30 -4.27
C LYS E 283 24.05 11.62 -4.43
N ASN E 284 22.97 11.59 -5.21
CA ASN E 284 22.09 12.74 -5.40
C ASN E 284 22.85 13.95 -5.95
N SER E 285 23.67 13.72 -6.97
CA SER E 285 24.44 14.77 -7.63
C SER E 285 24.02 14.84 -9.10
N THR E 286 23.08 15.73 -9.40
CA THR E 286 22.62 15.93 -10.78
C THR E 286 23.57 16.87 -11.50
N ILE E 287 24.02 16.47 -12.69
CA ILE E 287 24.90 17.27 -13.52
C ILE E 287 24.20 17.59 -14.83
N VAL E 288 24.22 18.86 -15.22
CA VAL E 288 23.59 19.34 -16.44
C VAL E 288 24.70 19.74 -17.41
N PHE E 289 24.70 19.14 -18.59
CA PHE E 289 25.88 19.11 -19.46
C PHE E 289 25.57 19.65 -20.85
N PRO E 290 25.95 20.88 -21.17
CA PRO E 290 25.75 21.40 -22.53
C PRO E 290 26.78 20.85 -23.50
N LEU E 291 26.34 20.60 -24.73
CA LEU E 291 27.20 20.16 -25.83
C LEU E 291 27.04 21.12 -27.01
N PRO E 292 27.88 22.16 -27.10
CA PRO E 292 27.77 23.09 -28.23
C PRO E 292 28.19 22.42 -29.54
N ILE E 293 27.28 22.37 -30.49
CA ILE E 293 27.48 21.67 -31.76
C ILE E 293 27.32 22.66 -32.90
N ASP E 294 28.08 22.44 -33.96
CA ASP E 294 28.10 23.32 -35.12
C ASP E 294 27.65 22.54 -36.35
N MET E 295 26.57 22.98 -36.99
CA MET E 295 26.03 22.35 -38.18
C MET E 295 26.51 23.02 -39.47
N LEU E 296 27.48 23.93 -39.39
CA LEU E 296 28.23 24.41 -40.54
C LEU E 296 27.40 25.26 -41.51
N GLN E 297 26.38 25.96 -41.02
CA GLN E 297 25.66 26.92 -41.86
C GLN E 297 26.31 28.29 -41.80
N ARG F 34 17.17 16.80 71.50
CA ARG F 34 16.33 17.24 70.34
C ARG F 34 15.22 16.24 70.04
N LEU F 35 14.04 16.49 70.61
CA LEU F 35 12.88 15.66 70.31
C LEU F 35 12.32 16.01 68.92
N PRO F 36 11.58 15.09 68.31
CA PRO F 36 10.92 15.40 67.04
C PRO F 36 9.94 16.57 67.18
N ASP F 37 9.67 17.21 66.04
CA ASP F 37 8.63 18.23 65.99
C ASP F 37 7.24 17.63 66.16
N SER F 38 7.00 16.44 65.62
CA SER F 38 5.68 15.81 65.65
C SER F 38 5.16 15.67 67.07
N GLY F 48 0.87 4.52 83.95
CA GLY F 48 -0.20 4.76 84.91
C GLY F 48 -0.75 3.48 85.52
N PRO F 49 -1.70 3.63 86.45
CA PRO F 49 -2.21 2.43 87.14
C PRO F 49 -2.71 1.34 86.22
N CYS F 50 -3.48 1.68 85.19
CA CYS F 50 -3.97 0.65 84.28
C CYS F 50 -2.87 0.13 83.36
N GLY F 51 -1.83 0.94 83.11
CA GLY F 51 -0.70 0.44 82.36
C GLY F 51 -0.03 -0.74 83.04
N TRP F 52 0.13 -0.67 84.37
CA TRP F 52 0.72 -1.78 85.09
C TRP F 52 -0.12 -3.05 84.94
N ILE F 53 -1.44 -2.91 84.88
CA ILE F 53 -2.30 -4.08 84.69
C ILE F 53 -1.98 -4.75 83.36
N LEU F 54 -1.91 -3.96 82.28
CA LEU F 54 -1.59 -4.53 80.98
C LEU F 54 -0.17 -5.10 80.97
N VAL F 55 0.77 -4.40 81.58
CA VAL F 55 2.14 -4.89 81.65
C VAL F 55 2.20 -6.20 82.43
N ALA F 56 1.52 -6.26 83.58
CA ALA F 56 1.51 -7.47 84.37
C ALA F 56 0.88 -8.63 83.59
N PHE F 57 -0.25 -8.37 82.94
CA PHE F 57 -0.87 -9.37 82.09
C PHE F 57 0.11 -9.87 81.03
N SER F 58 0.90 -8.96 80.46
CA SER F 58 1.86 -9.36 79.44
C SER F 58 3.02 -10.16 80.04
N PHE F 59 3.53 -9.73 81.20
CA PHE F 59 4.54 -10.53 81.90
C PHE F 59 4.04 -11.94 82.15
N LEU F 60 2.83 -12.06 82.72
CA LEU F 60 2.27 -13.37 83.00
C LEU F 60 2.14 -14.20 81.73
N PHE F 61 1.51 -13.63 80.70
CA PHE F 61 1.24 -14.37 79.48
C PHE F 61 2.52 -14.89 78.85
N THR F 62 3.55 -14.04 78.77
CA THR F 62 4.81 -14.48 78.17
C THR F 62 5.47 -15.59 78.99
N VAL F 63 5.46 -15.45 80.33
CA VAL F 63 5.99 -16.51 81.17
C VAL F 63 5.16 -17.79 81.02
N ILE F 64 3.84 -17.64 80.89
CA ILE F 64 2.98 -18.79 80.68
C ILE F 64 3.27 -19.43 79.32
N THR F 65 3.79 -18.67 78.37
CA THR F 65 4.11 -19.15 77.03
C THR F 65 5.62 -19.16 76.78
N PHE F 66 6.42 -19.24 77.84
CA PHE F 66 7.84 -18.88 77.80
C PHE F 66 8.62 -19.54 76.69
N PRO F 67 8.64 -20.88 76.59
CA PRO F 67 9.49 -21.52 75.57
C PRO F 67 9.09 -21.21 74.13
N ILE F 68 7.93 -20.58 73.92
CA ILE F 68 7.50 -20.17 72.59
C ILE F 68 7.73 -18.66 72.44
N SER F 69 7.24 -17.89 73.41
CA SER F 69 7.18 -16.44 73.26
C SER F 69 8.51 -15.75 73.56
N ILE F 70 9.44 -16.41 74.25
CA ILE F 70 10.71 -15.75 74.58
C ILE F 70 11.44 -15.35 73.30
N TRP F 71 11.20 -16.06 72.21
CA TRP F 71 11.85 -15.70 70.94
C TRP F 71 11.35 -14.37 70.42
N MET F 72 10.10 -14.03 70.67
CA MET F 72 9.58 -12.71 70.29
C MET F 72 10.09 -11.64 71.24
N CYS F 73 10.28 -11.96 72.52
CA CYS F 73 10.74 -10.98 73.49
C CYS F 73 12.18 -10.54 73.20
N ILE F 74 13.02 -11.47 72.75
CA ILE F 74 14.45 -11.21 72.61
C ILE F 74 14.73 -10.51 71.30
N LYS F 75 15.47 -9.40 71.37
CA LYS F 75 15.92 -8.66 70.20
C LYS F 75 17.42 -8.43 70.31
N ILE F 76 18.12 -8.55 69.18
CA ILE F 76 19.56 -8.34 69.11
C ILE F 76 19.83 -7.30 68.03
N ILE F 77 20.55 -6.25 68.41
CA ILE F 77 20.86 -5.13 67.52
C ILE F 77 22.36 -5.09 67.29
N LYS F 78 22.77 -5.06 66.03
CA LYS F 78 24.18 -5.14 65.67
C LYS F 78 24.86 -3.77 65.84
N GLU F 79 26.20 -3.81 65.72
CA GLU F 79 27.00 -2.60 65.90
C GLU F 79 26.48 -1.44 65.04
N TYR F 80 26.09 -1.74 63.80
CA TYR F 80 25.72 -0.72 62.84
C TYR F 80 24.21 -0.47 62.77
N GLU F 81 23.46 -0.93 63.77
CA GLU F 81 22.01 -0.74 63.83
C GLU F 81 21.64 -0.03 65.12
N ARG F 82 20.46 0.60 65.11
CA ARG F 82 19.88 1.23 66.27
C ARG F 82 18.40 0.92 66.32
N ALA F 83 17.83 0.97 67.54
CA ALA F 83 16.43 0.62 67.76
C ALA F 83 15.69 1.77 68.43
N ILE F 84 14.45 2.00 67.98
CA ILE F 84 13.52 2.95 68.60
C ILE F 84 12.40 2.12 69.21
N ILE F 85 12.16 2.30 70.51
CA ILE F 85 11.24 1.45 71.27
C ILE F 85 10.16 2.31 71.92
N PHE F 86 8.90 1.92 71.69
CA PHE F 86 7.74 2.52 72.35
C PHE F 86 7.12 1.52 73.30
N ARG F 87 6.77 1.98 74.51
CA ARG F 87 6.06 1.17 75.50
C ARG F 87 4.77 1.90 75.86
N LEU F 88 3.64 1.28 75.54
CA LEU F 88 2.33 1.91 75.70
C LEU F 88 2.29 3.27 75.02
N GLY F 89 2.95 3.35 73.87
CA GLY F 89 2.95 4.55 73.06
C GLY F 89 3.97 5.60 73.42
N ARG F 90 4.45 5.64 74.66
CA ARG F 90 5.52 6.54 75.02
C ARG F 90 6.86 5.97 74.58
N ILE F 91 7.78 6.86 74.20
CA ILE F 91 9.10 6.46 73.72
C ILE F 91 10.03 6.28 74.91
N LEU F 92 10.77 5.17 74.93
CA LEU F 92 11.69 4.92 76.03
C LEU F 92 12.73 6.03 76.10
N GLN F 93 13.00 6.48 77.33
CA GLN F 93 13.76 7.70 77.54
C GLN F 93 15.19 7.56 77.05
N GLY F 94 15.73 8.65 76.53
CA GLY F 94 17.08 8.68 76.02
C GLY F 94 17.14 8.51 74.51
N GLY F 95 18.34 8.27 74.03
CA GLY F 95 18.57 8.09 72.61
C GLY F 95 18.16 6.72 72.12
N ALA F 96 18.41 6.49 70.84
CA ALA F 96 18.14 5.18 70.25
C ALA F 96 19.01 4.12 70.93
N LYS F 97 18.45 2.94 71.11
CA LYS F 97 19.15 1.88 71.83
C LYS F 97 20.25 1.28 70.97
N GLY F 98 21.42 1.12 71.58
CA GLY F 98 22.63 0.73 70.88
C GLY F 98 22.70 -0.75 70.58
N PRO F 99 23.90 -1.25 70.31
CA PRO F 99 24.05 -2.68 70.05
C PRO F 99 23.83 -3.51 71.30
N GLY F 100 23.42 -4.76 71.11
CA GLY F 100 23.38 -5.72 72.16
C GLY F 100 22.06 -6.44 72.23
N LEU F 101 21.75 -6.95 73.42
CA LEU F 101 20.59 -7.79 73.68
C LEU F 101 19.54 -6.97 74.41
N PHE F 102 18.29 -7.07 73.95
CA PHE F 102 17.20 -6.26 74.49
C PHE F 102 15.93 -7.09 74.58
N PHE F 103 15.10 -6.78 75.56
CA PHE F 103 13.88 -7.50 75.86
C PHE F 103 12.68 -6.58 75.72
N ILE F 104 11.65 -7.04 75.01
CA ILE F 104 10.41 -6.29 74.86
C ILE F 104 9.24 -7.25 75.03
N LEU F 105 8.07 -6.67 75.34
CA LEU F 105 6.82 -7.42 75.39
C LEU F 105 6.00 -7.09 74.16
N PRO F 106 5.71 -8.06 73.28
CA PRO F 106 5.00 -7.71 72.04
C PRO F 106 3.62 -7.12 72.25
N CYS F 107 2.99 -7.36 73.40
CA CYS F 107 1.67 -6.81 73.65
C CYS F 107 1.75 -5.30 73.88
N THR F 108 2.56 -4.87 74.84
CA THR F 108 2.61 -3.47 75.24
C THR F 108 3.61 -2.63 74.46
N ASP F 109 4.56 -3.24 73.74
CA ASP F 109 5.69 -2.53 73.18
C ASP F 109 5.67 -2.57 71.65
N SER F 110 6.25 -1.55 71.04
CA SER F 110 6.47 -1.47 69.60
C SER F 110 7.94 -1.15 69.36
N PHE F 111 8.50 -1.73 68.30
CA PHE F 111 9.94 -1.81 68.10
C PHE F 111 10.30 -1.52 66.65
N ILE F 112 11.17 -0.53 66.43
CA ILE F 112 11.62 -0.16 65.09
C ILE F 112 13.14 -0.18 65.06
N LYS F 113 13.70 -0.80 64.02
CA LYS F 113 15.12 -1.06 63.89
C LYS F 113 15.67 -0.31 62.68
N VAL F 114 16.75 0.44 62.88
CA VAL F 114 17.25 1.39 61.88
C VAL F 114 18.70 1.03 61.53
N ASP F 115 18.96 0.85 60.23
CA ASP F 115 20.32 0.62 59.73
C ASP F 115 21.02 1.96 59.55
N MET F 116 22.22 2.09 60.11
CA MET F 116 22.96 3.35 60.12
C MET F 116 24.03 3.43 59.02
N ARG F 117 24.07 2.47 58.10
CA ARG F 117 25.12 2.46 57.08
C ARG F 117 24.74 3.32 55.88
N THR F 118 25.78 3.72 55.13
CA THR F 118 25.58 4.45 53.88
C THR F 118 24.82 3.61 52.87
N ILE F 119 23.91 4.24 52.15
CA ILE F 119 23.13 3.59 51.11
C ILE F 119 23.17 4.43 49.84
N SER F 120 23.19 3.77 48.69
CA SER F 120 23.23 4.43 47.40
C SER F 120 21.97 4.07 46.59
N PHE F 121 21.44 5.05 45.87
CA PHE F 121 20.23 4.87 45.06
C PHE F 121 20.44 5.45 43.68
N ASP F 122 19.97 4.74 42.66
CA ASP F 122 20.13 5.14 41.26
C ASP F 122 18.89 5.90 40.80
N ILE F 123 19.01 7.22 40.78
CA ILE F 123 17.89 8.12 40.49
C ILE F 123 17.38 7.91 39.07
N PRO F 124 16.07 7.94 38.83
CA PRO F 124 15.57 7.86 37.46
C PRO F 124 16.00 9.07 36.65
N PRO F 125 16.14 8.92 35.34
CA PRO F 125 16.59 10.04 34.50
C PRO F 125 15.63 11.23 34.51
N GLN F 126 16.18 12.43 34.32
CA GLN F 126 15.46 13.69 34.41
C GLN F 126 15.63 14.53 33.15
N GLU F 127 14.67 15.42 32.91
CA GLU F 127 14.75 16.41 31.83
C GLU F 127 15.06 17.78 32.44
N ILE F 128 16.10 18.44 31.92
CA ILE F 128 16.63 19.66 32.53
C ILE F 128 16.84 20.73 31.47
N LEU F 129 16.77 21.99 31.91
CA LEU F 129 17.11 23.16 31.10
C LEU F 129 18.29 23.88 31.70
N THR F 130 19.31 24.15 30.89
CA THR F 130 20.47 24.90 31.35
C THR F 130 20.16 26.40 31.39
N LYS F 131 21.07 27.15 31.99
CA LYS F 131 20.92 28.61 32.03
C LYS F 131 20.85 29.19 30.63
N ASP F 132 21.59 28.62 29.68
CA ASP F 132 21.49 29.03 28.28
C ASP F 132 20.44 28.24 27.50
N SER F 133 19.47 27.64 28.21
CA SER F 133 18.24 27.13 27.60
C SER F 133 18.49 25.90 26.70
N VAL F 134 19.48 25.07 27.04
CA VAL F 134 19.69 23.83 26.31
C VAL F 134 18.90 22.72 26.99
N THR F 135 18.20 21.92 26.18
CA THR F 135 17.47 20.76 26.68
C THR F 135 18.42 19.57 26.81
N ILE F 136 18.62 19.09 28.04
CA ILE F 136 19.43 17.91 28.30
C ILE F 136 18.70 16.97 29.25
N SER F 137 18.98 15.69 29.12
CA SER F 137 18.51 14.67 30.05
C SER F 137 19.69 14.13 30.85
N VAL F 138 19.54 14.06 32.17
CA VAL F 138 20.61 13.62 33.05
C VAL F 138 20.15 12.41 33.86
N ASP F 139 21.13 11.60 34.29
CA ASP F 139 20.89 10.34 34.97
C ASP F 139 21.74 10.32 36.24
N GLY F 140 21.10 10.52 37.41
CA GLY F 140 21.83 10.78 38.64
C GLY F 140 21.96 9.58 39.59
N VAL F 141 22.79 9.78 40.62
CA VAL F 141 22.98 8.82 41.70
C VAL F 141 23.16 9.61 42.99
N VAL F 142 22.59 9.10 44.09
CA VAL F 142 22.67 9.75 45.39
C VAL F 142 23.15 8.74 46.44
N TYR F 143 23.98 9.22 47.37
CA TYR F 143 24.46 8.46 48.51
C TYR F 143 24.03 9.17 49.79
N TYR F 144 23.41 8.44 50.72
CA TYR F 144 22.95 9.06 51.95
C TYR F 144 23.00 8.07 53.10
N ARG F 145 22.89 8.62 54.31
CA ARG F 145 23.08 7.86 55.55
C ARG F 145 22.19 8.44 56.65
N VAL F 146 21.66 7.58 57.51
CA VAL F 146 20.89 8.05 58.67
C VAL F 146 21.86 8.57 59.72
N GLN F 147 21.63 9.81 60.16
CA GLN F 147 22.46 10.47 61.15
C GLN F 147 21.86 10.47 62.54
N ASN F 148 20.53 10.49 62.65
CA ASN F 148 19.82 10.49 63.93
C ASN F 148 18.62 9.57 63.79
N ALA F 149 18.65 8.43 64.47
CA ALA F 149 17.62 7.40 64.26
C ALA F 149 16.26 7.83 64.79
N THR F 150 16.22 8.68 65.81
CA THR F 150 14.93 9.09 66.37
C THR F 150 14.16 9.97 65.40
N LEU F 151 14.82 11.00 64.86
CA LEU F 151 14.17 11.85 63.88
C LEU F 151 13.78 11.08 62.63
N ALA F 152 14.62 10.13 62.21
CA ALA F 152 14.32 9.38 61.00
C ALA F 152 13.06 8.53 61.16
N VAL F 153 12.73 8.12 62.38
CA VAL F 153 11.56 7.30 62.63
C VAL F 153 10.33 8.16 62.91
N ALA F 154 10.46 9.15 63.79
CA ALA F 154 9.32 9.80 64.42
C ALA F 154 9.02 11.20 63.88
N ASN F 155 9.80 11.72 62.93
CA ASN F 155 9.58 13.05 62.40
C ASN F 155 9.23 13.07 60.92
N ILE F 156 9.37 11.96 60.22
CA ILE F 156 9.11 11.86 58.79
C ILE F 156 8.49 10.50 58.53
N THR F 157 7.50 10.46 57.63
CA THR F 157 6.77 9.22 57.40
C THR F 157 7.62 8.19 56.66
N ASN F 158 8.37 8.62 55.64
CA ASN F 158 9.23 7.74 54.86
C ASN F 158 10.50 8.52 54.54
N ALA F 159 11.56 8.27 55.31
CA ALA F 159 12.79 9.03 55.14
C ALA F 159 13.42 8.80 53.77
N ASP F 160 13.34 7.57 53.26
CA ASP F 160 13.99 7.24 51.99
C ASP F 160 13.36 8.00 50.84
N SER F 161 12.04 7.93 50.70
CA SER F 161 11.38 8.60 49.57
C SER F 161 11.53 10.10 49.65
N ALA F 162 11.45 10.67 50.86
CA ALA F 162 11.68 12.10 51.02
C ALA F 162 13.08 12.48 50.56
N THR F 163 14.08 11.70 50.95
CA THR F 163 15.47 12.02 50.58
C THR F 163 15.68 11.88 49.08
N ARG F 164 15.12 10.83 48.47
CA ARG F 164 15.35 10.58 47.06
C ARG F 164 14.69 11.65 46.18
N LEU F 165 13.48 12.08 46.55
CA LEU F 165 12.83 13.14 45.80
C LEU F 165 13.55 14.47 45.97
N LEU F 166 14.03 14.75 47.19
CA LEU F 166 14.74 16.00 47.43
C LEU F 166 16.02 16.08 46.61
N ALA F 167 16.73 14.96 46.45
CA ALA F 167 17.94 14.95 45.64
C ALA F 167 17.63 15.33 44.20
N GLN F 168 16.53 14.79 43.64
CA GLN F 168 16.14 15.11 42.27
C GLN F 168 15.88 16.61 42.08
N THR F 169 15.06 17.20 42.96
CA THR F 169 14.71 18.60 42.78
C THR F 169 15.90 19.52 43.01
N THR F 170 16.80 19.15 43.93
CA THR F 170 18.00 19.95 44.14
C THR F 170 18.91 19.90 42.91
N LEU F 171 19.04 18.72 42.30
CA LEU F 171 19.84 18.62 41.08
C LEU F 171 19.22 19.43 39.95
N ARG F 172 17.89 19.38 39.83
CA ARG F 172 17.20 20.15 38.80
C ARG F 172 17.51 21.64 38.93
N ASN F 173 17.45 22.17 40.15
CA ASN F 173 17.60 23.60 40.36
C ASN F 173 19.02 24.07 40.04
N VAL F 174 20.03 23.37 40.55
CA VAL F 174 21.40 23.85 40.44
C VAL F 174 21.84 23.90 38.98
N LEU F 175 21.53 22.85 38.22
CA LEU F 175 21.96 22.82 36.82
C LEU F 175 21.23 23.86 35.99
N GLY F 176 20.09 24.35 36.45
CA GLY F 176 19.41 25.45 35.77
C GLY F 176 20.09 26.79 35.95
N THR F 177 21.01 26.91 36.90
CA THR F 177 21.79 28.12 37.10
C THR F 177 23.14 28.09 36.38
N LYS F 178 23.44 27.03 35.64
CA LYS F 178 24.73 26.85 34.98
C LYS F 178 24.55 26.73 33.48
N ASN F 179 25.49 27.30 32.72
CA ASN F 179 25.58 27.03 31.31
C ASN F 179 26.12 25.62 31.08
N LEU F 180 25.83 25.06 29.90
CA LEU F 180 26.23 23.69 29.61
C LEU F 180 27.75 23.51 29.76
N SER F 181 28.54 24.48 29.32
CA SER F 181 29.98 24.39 29.46
C SER F 181 30.40 24.35 30.93
N GLN F 182 29.70 25.10 31.78
CA GLN F 182 30.03 25.10 33.21
C GLN F 182 29.69 23.76 33.85
N ILE F 183 28.64 23.10 33.38
CA ILE F 183 28.24 21.82 33.94
C ILE F 183 29.35 20.79 33.77
N LEU F 184 30.05 20.83 32.63
CA LEU F 184 31.13 19.89 32.38
C LEU F 184 32.41 20.22 33.15
N SER F 185 32.62 21.49 33.50
CA SER F 185 33.88 21.93 34.08
C SER F 185 33.85 22.14 35.59
N ASP F 186 32.68 22.35 36.19
CA ASP F 186 32.57 22.91 37.55
C ASP F 186 31.98 21.92 38.55
N ARG F 187 32.51 20.70 38.61
CA ARG F 187 31.95 19.71 39.53
C ARG F 187 32.05 20.16 40.99
N GLU F 188 33.21 20.66 41.40
CA GLU F 188 33.42 21.00 42.80
C GLU F 188 32.47 22.12 43.24
N GLU F 189 32.33 23.16 42.41
CA GLU F 189 31.41 24.25 42.75
C GLU F 189 29.97 23.77 42.79
N ILE F 190 29.58 22.92 41.84
CA ILE F 190 28.22 22.40 41.81
C ILE F 190 27.93 21.56 43.04
N ALA F 191 28.89 20.71 43.44
CA ALA F 191 28.69 19.90 44.64
C ALA F 191 28.55 20.77 45.87
N HIS F 192 29.37 21.81 45.99
CA HIS F 192 29.30 22.70 47.14
C HIS F 192 27.95 23.41 47.21
N ASN F 193 27.42 23.83 46.06
CA ASN F 193 26.11 24.48 46.04
C ASN F 193 25.01 23.55 46.52
N MET F 194 25.04 22.29 46.09
CA MET F 194 23.98 21.36 46.46
C MET F 194 24.01 21.02 47.95
N GLN F 195 25.21 20.88 48.52
CA GLN F 195 25.32 20.37 49.88
C GLN F 195 24.61 21.29 50.87
N SER F 196 24.81 22.60 50.74
CA SER F 196 24.17 23.52 51.68
C SER F 196 22.65 23.49 51.54
N THR F 197 22.14 23.32 50.32
CA THR F 197 20.70 23.18 50.14
C THR F 197 20.19 21.90 50.80
N LEU F 198 20.86 20.78 50.57
CA LEU F 198 20.40 19.51 51.10
C LEU F 198 20.45 19.48 52.63
N ASP F 199 21.51 20.03 53.21
CA ASP F 199 21.67 19.93 54.66
C ASP F 199 20.56 20.68 55.40
N ASP F 200 20.16 21.85 54.90
CA ASP F 200 19.11 22.62 55.56
C ASP F 200 17.80 21.83 55.62
N ALA F 201 17.50 21.06 54.57
CA ALA F 201 16.24 20.32 54.52
C ALA F 201 16.32 19.00 55.28
N THR F 202 17.36 18.20 55.03
CA THR F 202 17.42 16.85 55.59
C THR F 202 17.72 16.84 57.08
N ASP F 203 18.17 17.96 57.66
CA ASP F 203 18.53 17.98 59.07
C ASP F 203 17.37 17.53 59.96
N ALA F 204 16.18 18.08 59.72
CA ALA F 204 15.02 17.73 60.54
C ALA F 204 14.62 16.27 60.40
N TRP F 205 15.03 15.61 59.32
CA TRP F 205 14.73 14.19 59.11
C TRP F 205 15.80 13.26 59.70
N GLY F 206 16.88 13.82 60.25
CA GLY F 206 17.96 12.99 60.72
C GLY F 206 18.75 12.29 59.63
N ILE F 207 18.84 12.91 58.44
CA ILE F 207 19.52 12.34 57.29
C ILE F 207 20.69 13.23 56.90
N LYS F 208 21.78 12.62 56.48
CA LYS F 208 22.91 13.32 55.88
C LYS F 208 23.12 12.77 54.47
N VAL F 209 23.04 13.65 53.48
CA VAL F 209 23.34 13.29 52.09
C VAL F 209 24.84 13.49 51.85
N GLU F 210 25.48 12.46 51.34
CA GLU F 210 26.94 12.47 51.18
C GLU F 210 27.39 12.79 49.76
N ARG F 211 26.66 12.35 48.74
CA ARG F 211 27.04 12.65 47.36
C ARG F 211 25.81 12.67 46.46
N VAL F 212 25.85 13.53 45.44
CA VAL F 212 24.97 13.45 44.29
C VAL F 212 25.84 13.61 43.05
N GLU F 213 25.68 12.69 42.09
CA GLU F 213 26.54 12.67 40.91
C GLU F 213 25.72 12.22 39.70
N ILE F 214 26.28 12.50 38.54
CA ILE F 214 25.64 12.25 37.25
C ILE F 214 26.41 11.15 36.53
N LYS F 215 25.69 10.15 36.02
CA LYS F 215 26.34 9.07 35.28
C LYS F 215 26.11 9.14 33.77
N ASP F 216 25.11 9.89 33.29
CA ASP F 216 24.91 10.10 31.86
C ASP F 216 24.37 11.49 31.59
N VAL F 217 24.74 12.05 30.44
CA VAL F 217 24.20 13.31 29.94
C VAL F 217 23.98 13.16 28.44
N LYS F 218 22.81 13.58 27.96
CA LYS F 218 22.46 13.45 26.55
C LYS F 218 21.85 14.73 26.01
N LEU F 219 22.25 15.08 24.79
CA LEU F 219 21.54 16.05 23.98
C LEU F 219 20.50 15.35 23.11
N PRO F 220 19.39 16.01 22.78
CA PRO F 220 18.49 15.44 21.78
C PRO F 220 19.15 15.40 20.41
N VAL F 221 18.72 14.45 19.57
CA VAL F 221 19.41 14.15 18.33
C VAL F 221 19.49 15.38 17.43
N GLN F 222 18.47 16.25 17.47
CA GLN F 222 18.43 17.39 16.56
C GLN F 222 19.52 18.41 16.86
N LEU F 223 20.11 18.39 18.06
CA LEU F 223 21.12 19.36 18.45
C LEU F 223 22.54 18.83 18.36
N GLN F 224 22.73 17.55 18.05
CA GLN F 224 24.02 16.91 18.30
C GLN F 224 25.11 17.40 17.34
N ARG F 225 24.82 17.46 16.03
CA ARG F 225 25.84 17.92 15.11
C ARG F 225 26.10 19.41 15.26
N ALA F 226 25.05 20.19 15.51
CA ALA F 226 25.22 21.64 15.65
C ALA F 226 26.16 21.97 16.81
N MET F 227 25.97 21.31 17.95
CA MET F 227 26.80 21.59 19.12
C MET F 227 28.24 21.11 18.96
N ALA F 228 28.50 20.19 18.06
CA ALA F 228 29.84 19.64 17.84
C ALA F 228 30.70 20.49 16.88
N ALA F 229 30.25 21.70 16.55
CA ALA F 229 30.89 22.47 15.49
C ALA F 229 32.39 22.66 15.73
N GLU F 230 32.79 22.90 16.98
CA GLU F 230 34.18 23.19 17.28
C GLU F 230 35.08 22.00 16.97
N ALA F 231 34.63 20.79 17.29
CA ALA F 231 35.43 19.60 17.00
C ALA F 231 35.50 19.34 15.50
N GLU F 232 34.37 19.49 14.80
CA GLU F 232 34.34 19.29 13.37
C GLU F 232 35.27 20.29 12.66
N ALA F 233 35.26 21.55 13.11
CA ALA F 233 36.06 22.58 12.46
C ALA F 233 37.55 22.30 12.60
N SER F 234 37.99 21.78 13.74
CA SER F 234 39.41 21.53 13.94
C SER F 234 39.94 20.50 12.95
N ARG F 235 39.19 19.42 12.73
CA ARG F 235 39.63 18.40 11.80
C ARG F 235 39.59 18.90 10.35
N GLU F 236 38.58 19.71 10.01
CA GLU F 236 38.52 20.28 8.67
C GLU F 236 39.67 21.24 8.42
N ALA F 237 40.08 22.00 9.44
CA ALA F 237 41.20 22.91 9.28
C ALA F 237 42.48 22.17 8.90
N ARG F 238 42.75 21.06 9.60
CA ARG F 238 43.92 20.26 9.26
C ARG F 238 43.77 19.61 7.88
N ALA F 239 42.54 19.21 7.53
CA ALA F 239 42.31 18.63 6.21
C ALA F 239 42.63 19.62 5.09
N LYS F 240 42.30 20.89 5.29
CA LYS F 240 42.54 21.90 4.25
C LYS F 240 44.03 22.05 3.94
N VAL F 241 44.87 22.00 4.97
CA VAL F 241 46.31 22.09 4.75
C VAL F 241 46.81 20.90 3.95
N ILE F 242 46.35 19.69 4.29
CA ILE F 242 46.72 18.50 3.54
C ILE F 242 46.26 18.62 2.09
N ALA F 243 45.06 19.13 1.86
CA ALA F 243 44.53 19.23 0.50
C ALA F 243 45.32 20.22 -0.34
N ALA F 244 45.77 21.33 0.26
CA ALA F 244 46.52 22.33 -0.50
C ALA F 244 47.89 21.80 -0.91
N GLU F 245 48.52 21.01 -0.05
CA GLU F 245 49.78 20.36 -0.41
C GLU F 245 49.58 19.42 -1.60
N GLY F 246 48.42 18.75 -1.66
CA GLY F 246 48.12 17.92 -2.82
C GLY F 246 48.02 18.71 -4.10
N GLU F 247 47.38 19.88 -4.04
CA GLU F 247 47.32 20.76 -5.21
C GLU F 247 48.72 21.14 -5.68
N MET F 248 49.60 21.50 -4.74
CA MET F 248 50.95 21.92 -5.10
C MET F 248 51.71 20.76 -5.74
N ASN F 249 51.58 19.55 -5.20
CA ASN F 249 52.32 18.41 -5.72
C ASN F 249 51.85 18.01 -7.12
N ALA F 250 50.56 18.15 -7.41
CA ALA F 250 50.02 17.75 -8.70
C ALA F 250 50.22 18.79 -9.80
N SER F 251 50.61 20.02 -9.45
CA SER F 251 50.52 21.12 -10.40
C SER F 251 51.50 20.97 -11.56
N ARG F 252 52.71 20.46 -11.30
CA ARG F 252 53.73 20.39 -12.35
C ARG F 252 53.28 19.51 -13.51
N ALA F 253 52.68 18.36 -13.22
CA ALA F 253 52.24 17.47 -14.30
C ALA F 253 51.09 18.09 -15.09
N LEU F 254 50.19 18.83 -14.42
CA LEU F 254 49.12 19.50 -15.16
C LEU F 254 49.68 20.56 -16.10
N LYS F 255 50.72 21.29 -15.68
CA LYS F 255 51.35 22.25 -16.57
C LYS F 255 51.94 21.55 -17.79
N GLU F 256 52.65 20.45 -17.58
CA GLU F 256 53.23 19.71 -18.70
C GLU F 256 52.13 19.22 -19.64
N ALA F 257 51.06 18.68 -19.10
CA ALA F 257 49.94 18.24 -19.92
C ALA F 257 49.34 19.41 -20.70
N SER F 258 49.18 20.55 -20.02
CA SER F 258 48.57 21.72 -20.66
C SER F 258 49.39 22.20 -21.85
N MET F 259 50.73 22.25 -21.71
CA MET F 259 51.57 22.78 -22.77
C MET F 259 51.48 21.94 -24.04
N VAL F 260 51.33 20.63 -23.91
CA VAL F 260 51.11 19.79 -25.07
C VAL F 260 49.72 20.06 -25.66
N ILE F 261 48.70 20.11 -24.80
CA ILE F 261 47.32 20.22 -25.27
C ILE F 261 47.10 21.52 -26.03
N THR F 262 47.74 22.61 -25.58
CA THR F 262 47.49 23.92 -26.17
C THR F 262 48.07 24.05 -27.57
N GLU F 263 48.97 23.15 -27.99
CA GLU F 263 49.53 23.24 -29.33
C GLU F 263 48.53 22.82 -30.40
N SER F 264 47.47 22.11 -30.02
CA SER F 264 46.35 21.80 -30.92
C SER F 264 45.08 21.89 -30.08
N PRO F 265 44.55 23.11 -29.88
CA PRO F 265 43.55 23.33 -28.83
C PRO F 265 42.29 22.47 -28.90
N ALA F 266 41.94 21.92 -30.06
CA ALA F 266 40.78 21.04 -30.10
C ALA F 266 40.98 19.80 -29.24
N ALA F 267 42.21 19.50 -28.82
CA ALA F 267 42.45 18.39 -27.91
C ALA F 267 41.69 18.55 -26.60
N LEU F 268 41.49 19.80 -26.15
CA LEU F 268 40.77 20.01 -24.89
C LEU F 268 39.31 19.61 -25.00
N GLN F 269 38.70 19.82 -26.18
CA GLN F 269 37.34 19.37 -26.38
C GLN F 269 37.23 17.84 -26.38
N LEU F 270 38.25 17.16 -26.89
CA LEU F 270 38.28 15.71 -26.80
C LEU F 270 38.33 15.25 -25.34
N ARG F 271 39.15 15.92 -24.53
CA ARG F 271 39.18 15.62 -23.10
C ARG F 271 37.82 15.89 -22.46
N TYR F 272 37.17 16.98 -22.87
CA TYR F 272 35.85 17.31 -22.35
C TYR F 272 34.84 16.21 -22.63
N LEU F 273 34.85 15.67 -23.86
CA LEU F 273 33.89 14.64 -24.22
C LEU F 273 34.16 13.32 -23.49
N GLN F 274 35.42 12.99 -23.22
CA GLN F 274 35.72 11.80 -22.44
C GLN F 274 35.29 11.95 -20.99
N THR F 275 35.31 13.18 -20.46
CA THR F 275 34.80 13.42 -19.12
C THR F 275 33.31 13.10 -19.04
N LEU F 276 32.55 13.52 -20.06
CA LEU F 276 31.11 13.26 -20.08
C LEU F 276 30.84 11.75 -20.08
N THR F 277 31.61 10.99 -20.85
CA THR F 277 31.41 9.54 -20.89
C THR F 277 31.63 8.91 -19.52
N THR F 278 32.66 9.37 -18.80
CA THR F 278 32.91 8.85 -17.46
C THR F 278 31.74 9.17 -16.52
N ILE F 279 31.24 10.40 -16.58
CA ILE F 279 30.22 10.84 -15.63
C ILE F 279 28.92 10.08 -15.85
N ALA F 280 28.57 9.81 -17.11
CA ALA F 280 27.30 9.15 -17.40
C ALA F 280 27.23 7.75 -16.79
N ALA F 281 28.38 7.10 -16.60
CA ALA F 281 28.39 5.75 -16.07
C ALA F 281 28.06 5.67 -14.59
N GLU F 282 28.15 6.77 -13.86
CA GLU F 282 27.84 6.76 -12.44
C GLU F 282 26.33 6.64 -12.23
N LYS F 283 25.96 6.18 -11.03
CA LYS F 283 24.55 5.99 -10.67
C LYS F 283 23.97 7.31 -10.18
N ASN F 284 23.79 8.22 -11.13
CA ASN F 284 23.24 9.54 -10.89
C ASN F 284 22.50 10.00 -12.15
N SER F 285 21.68 11.03 -11.99
CA SER F 285 20.96 11.60 -13.12
C SER F 285 21.87 12.53 -13.92
N THR F 286 21.82 12.40 -15.23
CA THR F 286 22.54 13.28 -16.15
C THR F 286 21.56 13.87 -17.15
N ILE F 287 21.69 15.17 -17.40
CA ILE F 287 20.88 15.87 -18.40
C ILE F 287 21.81 16.52 -19.40
N VAL F 288 21.62 16.22 -20.67
CA VAL F 288 22.52 16.65 -21.74
C VAL F 288 21.73 17.48 -22.76
N PHE F 289 22.29 18.63 -23.13
CA PHE F 289 21.70 19.55 -24.11
C PHE F 289 22.60 19.67 -25.33
N PRO F 290 22.34 18.94 -26.40
CA PRO F 290 22.95 19.31 -27.69
C PRO F 290 22.48 20.70 -28.11
N LEU F 291 23.42 21.55 -28.48
CA LEU F 291 23.18 22.98 -28.66
C LEU F 291 23.77 23.44 -29.99
N PRO F 292 22.92 23.56 -31.04
CA PRO F 292 23.43 23.99 -32.35
C PRO F 292 23.75 25.48 -32.42
N ILE F 293 24.97 25.85 -32.06
CA ILE F 293 25.30 27.26 -31.86
C ILE F 293 25.17 28.07 -33.15
N ASP F 294 25.50 27.48 -34.30
CA ASP F 294 25.34 28.24 -35.55
C ASP F 294 23.87 28.48 -35.88
N MET F 295 22.96 27.66 -35.38
CA MET F 295 21.54 27.95 -35.52
C MET F 295 21.13 29.09 -34.58
N LEU F 296 21.67 29.11 -33.37
CA LEU F 296 21.42 30.23 -32.46
C LEU F 296 22.08 31.51 -32.98
N GLN F 297 23.26 31.38 -33.58
CA GLN F 297 23.93 32.54 -34.15
C GLN F 297 23.05 33.26 -35.17
N GLY F 298 22.11 32.55 -35.78
CA GLY F 298 21.20 33.15 -36.74
C GLY F 298 20.03 33.91 -36.15
N ILE F 299 19.78 33.76 -34.85
CA ILE F 299 18.69 34.48 -34.21
C ILE F 299 19.17 35.05 -32.88
N ARG G 34 40.95 2.60 64.21
CA ARG G 34 39.83 2.96 63.30
C ARG G 34 38.69 1.95 63.41
N LEU G 35 37.46 2.44 63.37
CA LEU G 35 36.26 1.62 63.37
C LEU G 35 35.21 2.29 62.51
N PRO G 36 34.16 1.54 62.13
CA PRO G 36 33.14 2.11 61.25
C PRO G 36 32.49 3.35 61.85
N ASP G 37 32.11 4.29 60.97
CA ASP G 37 31.38 5.47 61.39
C ASP G 37 29.93 5.16 61.77
N SER G 38 29.37 4.08 61.25
CA SER G 38 27.99 3.71 61.53
C SER G 38 27.75 3.53 63.03
N GLY G 48 27.53 -9.86 80.21
CA GLY G 48 26.76 -9.81 81.44
C GLY G 48 25.92 -11.06 81.67
N PRO G 49 25.14 -11.07 82.76
CA PRO G 49 24.38 -12.29 83.10
C PRO G 49 23.49 -12.82 81.99
N CYS G 50 22.76 -11.94 81.29
CA CYS G 50 21.89 -12.43 80.23
C CYS G 50 22.70 -12.93 79.04
N GLY G 51 23.88 -12.38 78.82
CA GLY G 51 24.77 -12.93 77.81
C GLY G 51 25.26 -14.33 78.19
N TRP G 52 25.73 -14.49 79.42
CA TRP G 52 26.21 -15.81 79.84
C TRP G 52 25.10 -16.85 79.77
N ILE G 53 23.90 -16.49 80.23
CA ILE G 53 22.80 -17.44 80.25
C ILE G 53 22.43 -17.86 78.84
N LEU G 54 22.29 -16.88 77.94
CA LEU G 54 21.86 -17.21 76.58
C LEU G 54 22.94 -17.99 75.84
N VAL G 55 24.21 -17.68 76.10
CA VAL G 55 25.30 -18.45 75.52
C VAL G 55 25.27 -19.88 76.06
N ALA G 56 25.10 -20.03 77.37
CA ALA G 56 25.04 -21.36 77.96
C ALA G 56 23.90 -22.18 77.37
N PHE G 57 22.73 -21.57 77.22
CA PHE G 57 21.62 -22.26 76.57
C PHE G 57 22.01 -22.74 75.17
N SER G 58 22.69 -21.88 74.41
CA SER G 58 23.10 -22.25 73.06
C SER G 58 24.05 -23.44 73.07
N PHE G 59 25.02 -23.43 73.99
CA PHE G 59 25.93 -24.57 74.12
C PHE G 59 25.15 -25.86 74.34
N LEU G 60 24.22 -25.85 75.29
CA LEU G 60 23.43 -27.05 75.58
C LEU G 60 22.64 -27.50 74.36
N PHE G 61 22.00 -26.55 73.69
CA PHE G 61 21.20 -26.89 72.50
C PHE G 61 22.06 -27.54 71.43
N THR G 62 23.24 -26.98 71.17
CA THR G 62 24.09 -27.51 70.11
C THR G 62 24.72 -28.84 70.50
N VAL G 63 25.05 -29.03 71.78
CA VAL G 63 25.57 -30.32 72.24
C VAL G 63 24.47 -31.37 72.15
N ILE G 64 23.24 -31.04 72.55
CA ILE G 64 22.13 -31.96 72.44
C ILE G 64 21.92 -32.36 70.98
N THR G 65 22.19 -31.44 70.06
CA THR G 65 22.09 -31.69 68.63
C THR G 65 23.45 -31.90 67.98
N PHE G 66 24.41 -32.45 68.73
CA PHE G 66 25.81 -32.56 68.27
C PHE G 66 25.98 -33.14 66.88
N PRO G 67 25.41 -34.30 66.53
CA PRO G 67 25.60 -34.83 65.17
C PRO G 67 25.03 -33.95 64.07
N ILE G 68 24.13 -33.02 64.41
CA ILE G 68 23.64 -32.03 63.46
C ILE G 68 24.43 -30.73 63.55
N SER G 69 24.87 -30.36 64.77
CA SER G 69 25.51 -29.06 64.97
C SER G 69 26.91 -29.00 64.37
N ILE G 70 27.62 -30.12 64.32
CA ILE G 70 28.99 -30.13 63.82
C ILE G 70 29.11 -29.31 62.54
N TRP G 71 28.16 -29.51 61.62
CA TRP G 71 28.29 -28.96 60.28
C TRP G 71 27.91 -27.48 60.21
N MET G 72 27.25 -26.96 61.24
CA MET G 72 26.83 -25.56 61.27
C MET G 72 27.70 -24.68 62.16
N CYS G 73 28.32 -25.25 63.18
CA CYS G 73 29.05 -24.45 64.18
C CYS G 73 30.52 -24.25 63.85
N ILE G 74 31.09 -25.04 62.94
CA ILE G 74 32.51 -24.97 62.60
C ILE G 74 32.66 -24.29 61.25
N LYS G 75 33.57 -23.31 61.18
CA LYS G 75 33.84 -22.56 59.96
C LYS G 75 35.33 -22.64 59.64
N ILE G 76 35.65 -22.64 58.35
CA ILE G 76 37.03 -22.69 57.86
C ILE G 76 37.23 -21.55 56.87
N ILE G 77 38.32 -20.80 57.05
CA ILE G 77 38.58 -19.59 56.29
C ILE G 77 39.92 -19.77 55.56
N LYS G 78 39.91 -19.53 54.24
CA LYS G 78 41.10 -19.66 53.43
C LYS G 78 42.02 -18.44 53.59
N GLU G 79 43.24 -18.59 53.07
CA GLU G 79 44.22 -17.50 53.13
C GLU G 79 43.69 -16.20 52.55
N TYR G 80 42.91 -16.28 51.47
CA TYR G 80 42.44 -15.10 50.77
C TYR G 80 41.05 -14.64 51.21
N GLU G 81 40.60 -15.08 52.40
CA GLU G 81 39.31 -14.70 52.94
C GLU G 81 39.46 -14.15 54.35
N ARG G 82 38.51 -13.32 54.75
CA ARG G 82 38.40 -12.83 56.12
C ARG G 82 36.95 -12.94 56.57
N ALA G 83 36.76 -13.05 57.87
CA ALA G 83 35.42 -13.16 58.46
C ALA G 83 35.16 -12.02 59.43
N ILE G 84 33.92 -11.54 59.44
CA ILE G 84 33.42 -10.58 60.41
C ILE G 84 32.38 -11.28 61.27
N ILE G 85 32.61 -11.32 62.58
CA ILE G 85 31.80 -12.10 63.50
C ILE G 85 31.23 -11.18 64.58
N PHE G 86 29.93 -11.28 64.80
CA PHE G 86 29.23 -10.59 65.87
C PHE G 86 28.77 -11.60 66.92
N ARG G 87 29.10 -11.34 68.18
CA ARG G 87 28.65 -12.14 69.31
C ARG G 87 27.64 -11.31 70.09
N LEU G 88 26.38 -11.72 70.03
CA LEU G 88 25.27 -10.95 70.59
C LEU G 88 25.32 -9.49 70.10
N GLY G 89 25.43 -9.33 68.79
CA GLY G 89 25.38 -8.03 68.16
C GLY G 89 26.63 -7.21 68.26
N ARG G 90 27.62 -7.64 69.05
CA ARG G 90 28.86 -6.90 69.22
C ARG G 90 29.97 -7.60 68.45
N ILE G 91 30.78 -6.82 67.74
CA ILE G 91 31.85 -7.37 66.93
C ILE G 91 32.98 -7.86 67.83
N LEU G 92 33.54 -9.02 67.49
CA LEU G 92 34.63 -9.56 68.28
C LEU G 92 35.86 -8.67 68.19
N GLN G 93 36.61 -8.60 69.30
CA GLN G 93 37.68 -7.63 69.44
C GLN G 93 38.80 -7.89 68.44
N GLY G 94 39.43 -6.80 68.00
CA GLY G 94 40.47 -6.87 67.00
C GLY G 94 39.93 -6.77 65.59
N GLY G 95 40.83 -6.97 64.63
CA GLY G 95 40.47 -6.86 63.23
C GLY G 95 39.67 -8.07 62.77
N ALA G 96 39.47 -8.12 61.45
CA ALA G 96 38.77 -9.24 60.86
C ALA G 96 39.52 -10.54 61.12
N LYS G 97 38.79 -11.62 61.34
CA LYS G 97 39.41 -12.89 61.69
C LYS G 97 40.07 -13.52 60.48
N GLY G 98 41.31 -13.96 60.67
CA GLY G 98 42.15 -14.43 59.59
C GLY G 98 41.85 -15.85 59.17
N PRO G 99 42.76 -16.45 58.41
CA PRO G 99 42.54 -17.82 57.94
C PRO G 99 42.61 -18.82 59.07
N GLY G 100 41.88 -19.92 58.90
CA GLY G 100 41.96 -21.01 59.85
C GLY G 100 40.63 -21.58 60.27
N LEU G 101 40.60 -22.14 61.47
CA LEU G 101 39.46 -22.85 62.01
C LEU G 101 38.81 -22.00 63.09
N PHE G 102 37.48 -21.86 63.01
CA PHE G 102 36.74 -20.99 63.93
C PHE G 102 35.42 -21.64 64.29
N PHE G 103 34.89 -21.23 65.44
CA PHE G 103 33.74 -21.87 66.06
C PHE G 103 32.66 -20.83 66.32
N ILE G 104 31.46 -21.08 65.80
CA ILE G 104 30.36 -20.12 65.81
C ILE G 104 29.16 -20.77 66.49
N LEU G 105 28.62 -20.10 67.51
CA LEU G 105 27.35 -20.52 68.09
C LEU G 105 26.22 -19.90 67.28
N PRO G 106 25.52 -20.68 66.45
CA PRO G 106 24.55 -20.06 65.52
C PRO G 106 23.39 -19.35 66.20
N CYS G 107 23.10 -19.67 67.47
CA CYS G 107 22.00 -18.97 68.15
C CYS G 107 22.39 -17.54 68.50
N THR G 108 23.62 -17.34 68.98
CA THR G 108 24.06 -16.03 69.47
C THR G 108 24.91 -15.25 68.48
N ASP G 109 25.44 -15.90 67.43
CA ASP G 109 26.51 -15.31 66.62
C ASP G 109 26.08 -15.15 65.17
N SER G 110 26.60 -14.10 64.53
CA SER G 110 26.40 -13.84 63.11
C SER G 110 27.76 -13.82 62.42
N PHE G 111 27.86 -14.47 61.27
CA PHE G 111 29.12 -14.71 60.58
C PHE G 111 29.03 -14.22 59.13
N ILE G 112 29.96 -13.34 58.74
CA ILE G 112 30.09 -12.88 57.36
C ILE G 112 31.54 -13.05 56.92
N LYS G 113 31.75 -13.71 55.78
CA LYS G 113 33.08 -13.88 55.23
C LYS G 113 33.25 -13.04 53.97
N VAL G 114 34.45 -12.48 53.81
CA VAL G 114 34.73 -11.50 52.76
C VAL G 114 35.90 -12.01 51.91
N ASP G 115 35.71 -12.03 50.59
CA ASP G 115 36.78 -12.38 49.66
C ASP G 115 37.66 -11.15 49.42
N MET G 116 38.97 -11.33 49.56
CA MET G 116 39.94 -10.24 49.48
C MET G 116 40.64 -10.16 48.13
N ARG G 117 40.21 -10.94 47.13
CA ARG G 117 40.89 -10.96 45.84
C ARG G 117 40.33 -9.91 44.89
N THR G 118 41.14 -9.56 43.89
CA THR G 118 40.73 -8.58 42.89
C THR G 118 39.51 -9.07 42.12
N ILE G 119 38.58 -8.15 41.88
CA ILE G 119 37.36 -8.40 41.10
C ILE G 119 37.34 -7.47 39.90
N SER G 120 36.86 -7.97 38.77
CA SER G 120 36.67 -7.18 37.57
C SER G 120 35.21 -7.22 37.16
N PHE G 121 34.68 -6.08 36.71
CA PHE G 121 33.27 -5.95 36.36
C PHE G 121 33.13 -5.17 35.06
N ASP G 122 32.26 -5.63 34.18
CA ASP G 122 32.04 -5.03 32.86
C ASP G 122 30.90 -4.03 32.94
N ILE G 123 31.26 -2.75 33.04
CA ILE G 123 30.32 -1.65 33.21
C ILE G 123 29.39 -1.54 32.01
N PRO G 124 28.10 -1.26 32.20
CA PRO G 124 27.24 -1.02 31.05
C PRO G 124 27.60 0.28 30.34
N PRO G 125 27.26 0.41 29.06
CA PRO G 125 27.66 1.61 28.30
C PRO G 125 27.02 2.89 28.80
N GLN G 126 27.71 4.00 28.57
CA GLN G 126 27.30 5.34 28.99
C GLN G 126 27.28 6.30 27.81
N GLU G 127 26.43 7.32 27.90
CA GLU G 127 26.43 8.44 26.95
C GLU G 127 27.17 9.62 27.56
N ILE G 128 28.12 10.18 26.81
CA ILE G 128 29.05 11.17 27.33
C ILE G 128 29.17 12.36 26.39
N LEU G 129 29.48 13.52 26.96
CA LEU G 129 29.81 14.73 26.22
C LEU G 129 31.25 15.14 26.52
N THR G 130 32.04 15.35 25.47
CA THR G 130 33.41 15.80 25.63
C THR G 130 33.44 17.31 25.87
N LYS G 131 34.63 17.81 26.20
CA LYS G 131 34.80 19.24 26.43
C LYS G 131 34.45 20.04 25.17
N ASP G 132 34.82 19.54 24.00
CA ASP G 132 34.40 20.14 22.74
C ASP G 132 32.98 19.78 22.33
N SER G 133 32.21 19.11 23.20
CA SER G 133 30.78 18.90 23.01
C SER G 133 30.45 17.82 21.98
N VAL G 134 31.34 16.85 21.78
CA VAL G 134 31.03 15.72 20.91
C VAL G 134 30.26 14.68 21.69
N THR G 135 29.18 14.18 21.09
CA THR G 135 28.44 13.06 21.66
C THR G 135 29.17 11.75 21.37
N ILE G 136 29.57 11.04 22.42
CA ILE G 136 30.17 9.71 22.27
C ILE G 136 29.58 8.78 23.33
N SER G 137 29.54 7.50 23.01
CA SER G 137 29.17 6.45 23.95
C SER G 137 30.38 5.57 24.21
N VAL G 138 30.65 5.29 25.49
CA VAL G 138 31.82 4.52 25.90
C VAL G 138 31.38 3.31 26.72
N ASP G 139 32.22 2.28 26.72
CA ASP G 139 31.93 1.00 27.36
C ASP G 139 33.12 0.63 28.25
N GLY G 140 32.97 0.78 29.57
CA GLY G 140 34.10 0.71 30.48
C GLY G 140 34.22 -0.60 31.26
N VAL G 141 35.33 -0.72 31.98
CA VAL G 141 35.63 -1.86 32.86
C VAL G 141 36.32 -1.33 34.10
N VAL G 142 36.00 -1.90 35.27
CA VAL G 142 36.61 -1.52 36.54
C VAL G 142 37.18 -2.75 37.23
N TYR G 143 38.34 -2.58 37.86
CA TYR G 143 38.98 -3.60 38.69
C TYR G 143 39.10 -3.05 40.11
N TYR G 144 38.76 -3.87 41.11
CA TYR G 144 38.84 -3.42 42.49
C TYR G 144 38.91 -4.60 43.45
N ARG G 145 39.31 -4.31 44.69
CA ARG G 145 39.42 -5.32 45.74
C ARG G 145 39.15 -4.69 47.10
N VAL G 146 38.73 -5.53 48.05
CA VAL G 146 38.57 -5.10 49.44
C VAL G 146 39.93 -5.00 50.10
N GLN G 147 40.18 -3.89 50.79
CA GLN G 147 41.39 -3.72 51.58
C GLN G 147 41.15 -3.53 53.07
N ASN G 148 39.89 -3.49 53.52
CA ASN G 148 39.58 -3.48 54.95
C ASN G 148 38.20 -4.13 55.11
N ALA G 149 38.19 -5.39 55.53
CA ALA G 149 36.94 -6.15 55.55
C ALA G 149 35.96 -5.63 56.58
N THR G 150 36.45 -5.01 57.67
CA THR G 150 35.54 -4.47 58.67
C THR G 150 34.70 -3.34 58.11
N LEU G 151 35.33 -2.40 57.41
CA LEU G 151 34.59 -1.29 56.82
C LEU G 151 33.68 -1.75 55.69
N ALA G 152 34.11 -2.76 54.94
CA ALA G 152 33.30 -3.21 53.82
C ALA G 152 31.98 -3.82 54.26
N VAL G 153 31.95 -4.41 55.45
CA VAL G 153 30.73 -5.03 55.99
C VAL G 153 29.89 -4.02 56.76
N ALA G 154 30.51 -3.25 57.65
CA ALA G 154 29.81 -2.51 58.68
C ALA G 154 29.65 -1.02 58.40
N ASN G 155 30.24 -0.51 57.32
CA ASN G 155 30.17 0.92 57.02
C ASN G 155 29.42 1.24 55.73
N ILE G 156 29.01 0.23 54.97
CA ILE G 156 28.34 0.43 53.69
C ILE G 156 27.38 -0.74 53.49
N THR G 157 26.20 -0.45 52.93
CA THR G 157 25.19 -1.48 52.81
C THR G 157 25.56 -2.51 51.76
N ASN G 158 26.01 -2.07 50.58
CA ASN G 158 26.38 -2.97 49.48
C ASN G 158 27.64 -2.37 48.84
N ALA G 159 28.80 -2.89 49.23
CA ALA G 159 30.06 -2.31 48.79
C ALA G 159 30.23 -2.43 47.27
N ASP G 160 29.85 -3.57 46.70
CA ASP G 160 30.04 -3.78 45.26
C ASP G 160 29.20 -2.81 44.45
N SER G 161 27.91 -2.70 44.77
CA SER G 161 27.04 -1.78 44.03
C SER G 161 27.51 -0.34 44.17
N ALA G 162 27.90 0.07 45.38
CA ALA G 162 28.40 1.42 45.57
C ALA G 162 29.65 1.68 44.73
N THR G 163 30.56 0.71 44.66
CA THR G 163 31.79 0.89 43.90
C THR G 163 31.51 1.01 42.41
N ARG G 164 30.63 0.16 41.88
CA ARG G 164 30.40 0.14 40.44
C ARG G 164 29.73 1.42 39.96
N LEU G 165 28.79 1.95 40.74
CA LEU G 165 28.18 3.23 40.38
C LEU G 165 29.19 4.37 40.45
N LEU G 166 30.06 4.36 41.45
CA LEU G 166 31.05 5.41 41.59
C LEU G 166 32.01 5.43 40.41
N ALA G 167 32.36 4.26 39.89
CA ALA G 167 33.22 4.20 38.72
C ALA G 167 32.58 4.88 37.52
N GLN G 168 31.28 4.63 37.31
CA GLN G 168 30.58 5.24 36.17
C GLN G 168 30.59 6.76 36.24
N THR G 169 30.26 7.32 37.40
CA THR G 169 30.20 8.76 37.52
C THR G 169 31.58 9.40 37.43
N THR G 170 32.62 8.73 37.96
CA THR G 170 33.97 9.27 37.85
C THR G 170 34.42 9.32 36.40
N LEU G 171 34.14 8.26 35.64
CA LEU G 171 34.49 8.24 34.22
C LEU G 171 33.71 9.30 33.46
N ARG G 172 32.43 9.47 33.79
CA ARG G 172 31.61 10.49 33.12
C ARG G 172 32.21 11.88 33.30
N ASN G 173 32.62 12.20 34.53
CA ASN G 173 33.12 13.53 34.83
C ASN G 173 34.44 13.83 34.12
N VAL G 174 35.42 12.92 34.23
CA VAL G 174 36.76 13.22 33.76
C VAL G 174 36.78 13.42 32.25
N LEU G 175 36.03 12.59 31.51
CA LEU G 175 36.03 12.71 30.06
C LEU G 175 35.34 13.99 29.60
N GLY G 176 34.50 14.58 30.45
CA GLY G 176 33.90 15.86 30.14
C GLY G 176 34.86 17.04 30.24
N THR G 177 36.02 16.83 30.85
CA THR G 177 37.06 17.86 30.92
C THR G 177 38.11 17.71 29.83
N LYS G 178 37.95 16.76 28.92
CA LYS G 178 38.93 16.47 27.89
C LYS G 178 38.33 16.64 26.50
N ASN G 179 39.11 17.16 25.57
CA ASN G 179 38.73 17.14 24.17
C ASN G 179 38.87 15.73 23.61
N LEU G 180 38.11 15.44 22.56
CA LEU G 180 38.11 14.09 21.99
C LEU G 180 39.51 13.64 21.60
N SER G 181 40.32 14.57 21.08
CA SER G 181 41.69 14.21 20.71
C SER G 181 42.53 13.86 21.94
N GLN G 182 42.28 14.51 23.08
CA GLN G 182 43.00 14.18 24.30
C GLN G 182 42.56 12.84 24.87
N ILE G 183 41.30 12.46 24.69
CA ILE G 183 40.83 11.17 25.18
C ILE G 183 41.62 10.04 24.54
N LEU G 184 41.94 10.17 23.25
CA LEU G 184 42.68 9.13 22.56
C LEU G 184 44.16 9.11 22.93
N SER G 185 44.73 10.25 23.29
CA SER G 185 46.18 10.36 23.46
C SER G 185 46.67 10.29 24.91
N ASP G 186 45.80 10.55 25.89
CA ASP G 186 46.23 10.84 27.26
C ASP G 186 45.75 9.80 28.27
N ARG G 187 46.00 8.53 28.02
CA ARG G 187 45.56 7.48 28.95
C ARG G 187 46.18 7.67 30.34
N GLU G 188 47.48 7.92 30.40
CA GLU G 188 48.17 8.03 31.69
C GLU G 188 47.63 9.20 32.51
N GLU G 189 47.46 10.35 31.86
CA GLU G 189 46.95 11.52 32.56
C GLU G 189 45.53 11.30 33.05
N ILE G 190 44.68 10.69 32.22
CA ILE G 190 43.30 10.44 32.60
C ILE G 190 43.22 9.49 33.79
N ALA G 191 44.06 8.44 33.78
CA ALA G 191 44.07 7.49 34.89
C ALA G 191 44.47 8.16 36.19
N HIS G 192 45.50 9.01 36.15
CA HIS G 192 45.93 9.72 37.35
C HIS G 192 44.82 10.60 37.92
N ASN G 193 44.07 11.29 37.04
CA ASN G 193 42.98 12.13 37.51
C ASN G 193 41.90 11.31 38.22
N MET G 194 41.53 10.16 37.64
CA MET G 194 40.45 9.37 38.21
C MET G 194 40.84 8.80 39.58
N GLN G 195 42.09 8.40 39.74
CA GLN G 195 42.50 7.72 40.97
C GLN G 195 42.30 8.60 42.19
N SER G 196 42.60 9.89 42.07
CA SER G 196 42.41 10.80 43.20
C SER G 196 40.96 10.85 43.63
N THR G 197 40.04 10.97 42.67
CA THR G 197 38.62 11.00 43.01
C THR G 197 38.19 9.70 43.67
N LEU G 198 38.61 8.57 43.12
CA LEU G 198 38.17 7.28 43.63
C LEU G 198 38.69 7.02 45.04
N ASP G 199 39.97 7.34 45.30
CA ASP G 199 40.54 7.05 46.60
C ASP G 199 39.84 7.82 47.72
N ASP G 200 39.52 9.10 47.48
CA ASP G 200 38.85 9.90 48.49
C ASP G 200 37.51 9.29 48.88
N ALA G 201 36.78 8.74 47.91
CA ALA G 201 35.44 8.22 48.18
C ALA G 201 35.46 6.81 48.74
N THR G 202 36.34 5.94 48.24
CA THR G 202 36.29 4.52 48.58
C THR G 202 37.04 4.18 49.87
N ASP G 203 37.83 5.10 50.42
CA ASP G 203 38.55 4.81 51.65
C ASP G 203 37.60 4.37 52.76
N ALA G 204 36.51 5.12 52.95
CA ALA G 204 35.58 4.82 54.04
C ALA G 204 34.87 3.48 53.86
N TRP G 205 34.79 2.97 52.63
CA TRP G 205 34.13 1.70 52.37
C TRP G 205 35.08 0.51 52.48
N GLY G 206 36.37 0.74 52.73
CA GLY G 206 37.32 -0.34 52.74
C GLY G 206 37.61 -0.94 51.38
N ILE G 207 37.57 -0.12 50.33
CA ILE G 207 37.72 -0.57 48.95
C ILE G 207 38.89 0.17 48.32
N LYS G 208 39.58 -0.51 47.41
CA LYS G 208 40.60 0.10 46.56
C LYS G 208 40.27 -0.20 45.11
N VAL G 209 40.05 0.84 44.32
CA VAL G 209 39.84 0.69 42.88
C VAL G 209 41.21 0.67 42.20
N GLU G 210 41.47 -0.35 41.39
CA GLU G 210 42.78 -0.53 40.80
C GLU G 210 42.86 -0.01 39.37
N ARG G 211 41.78 -0.14 38.59
CA ARG G 211 41.77 0.37 37.23
C ARG G 211 40.36 0.72 36.80
N VAL G 212 40.26 1.73 35.93
CA VAL G 212 39.08 1.96 35.10
C VAL G 212 39.57 2.11 33.66
N GLU G 213 38.98 1.33 32.76
CA GLU G 213 39.44 1.23 31.38
C GLU G 213 38.25 1.31 30.46
N ILE G 214 38.53 1.60 29.19
CA ILE G 214 37.49 1.77 28.17
C ILE G 214 37.64 0.66 27.13
N LYS G 215 36.53 -0.02 26.87
CA LYS G 215 36.50 -1.15 25.96
C LYS G 215 36.11 -0.76 24.54
N ASP G 216 35.21 0.22 24.39
CA ASP G 216 34.73 0.65 23.07
C ASP G 216 34.41 2.14 23.11
N VAL G 217 34.53 2.78 21.95
CA VAL G 217 34.12 4.17 21.75
C VAL G 217 33.41 4.27 20.41
N LYS G 218 32.29 4.99 20.38
CA LYS G 218 31.47 5.11 19.18
C LYS G 218 31.02 6.56 18.98
N LEU G 219 31.13 7.04 17.76
CA LEU G 219 30.48 8.26 17.34
C LEU G 219 29.07 7.96 16.81
N PRO G 220 28.13 8.89 16.92
CA PRO G 220 26.87 8.74 16.19
C PRO G 220 27.11 8.69 14.69
N VAL G 221 26.26 7.93 13.99
CA VAL G 221 26.47 7.72 12.56
C VAL G 221 26.49 9.03 11.80
N GLN G 222 25.68 10.01 12.22
CA GLN G 222 25.61 11.27 11.50
C GLN G 222 26.93 12.05 11.54
N LEU G 223 27.78 11.79 12.53
CA LEU G 223 29.04 12.51 12.68
C LEU G 223 30.23 11.80 12.04
N GLN G 224 30.06 10.55 11.59
CA GLN G 224 31.22 9.69 11.35
C GLN G 224 32.05 10.16 10.15
N ARG G 225 31.42 10.42 9.00
CA ARG G 225 32.23 10.83 7.85
C ARG G 225 32.81 12.23 8.04
N ALA G 226 32.06 13.13 8.68
CA ALA G 226 32.57 14.47 8.90
C ALA G 226 33.83 14.48 9.76
N MET G 227 33.84 13.67 10.83
CA MET G 227 34.99 13.65 11.72
C MET G 227 36.21 13.00 11.07
N ALA G 228 36.01 12.18 10.05
CA ALA G 228 37.08 11.47 9.36
C ALA G 228 37.77 12.31 8.28
N ALA G 229 37.63 13.64 8.32
CA ALA G 229 38.05 14.47 7.18
C ALA G 229 39.54 14.34 6.88
N GLU G 230 40.38 14.27 7.91
CA GLU G 230 41.83 14.22 7.68
C GLU G 230 42.22 12.97 6.90
N ALA G 231 41.65 11.82 7.23
CA ALA G 231 42.02 10.58 6.55
C ALA G 231 41.53 10.57 5.11
N GLU G 232 40.32 11.07 4.87
CA GLU G 232 39.82 11.17 3.51
C GLU G 232 40.69 12.11 2.67
N ALA G 233 41.09 13.24 3.25
CA ALA G 233 41.86 14.23 2.51
C ALA G 233 43.24 13.71 2.13
N SER G 234 43.90 12.96 3.02
CA SER G 234 45.24 12.46 2.73
C SER G 234 45.23 11.52 1.52
N ARG G 235 44.20 10.69 1.39
CA ARG G 235 44.12 9.77 0.27
C ARG G 235 43.74 10.49 -1.01
N GLU G 236 42.88 11.51 -0.91
CA GLU G 236 42.55 12.31 -2.08
C GLU G 236 43.75 13.09 -2.59
N ALA G 237 44.63 13.53 -1.70
CA ALA G 237 45.82 14.25 -2.13
C ALA G 237 46.76 13.36 -2.95
N ARG G 238 46.95 12.11 -2.52
CA ARG G 238 47.78 11.19 -3.29
C ARG G 238 47.11 10.82 -4.61
N ALA G 239 45.78 10.72 -4.62
CA ALA G 239 45.06 10.41 -5.85
C ALA G 239 45.26 11.49 -6.92
N LYS G 240 45.29 12.76 -6.50
CA LYS G 240 45.46 13.85 -7.46
C LYS G 240 46.80 13.77 -8.19
N VAL G 241 47.87 13.45 -7.46
CA VAL G 241 49.18 13.33 -8.09
C VAL G 241 49.16 12.22 -9.12
N ILE G 242 48.48 11.12 -8.81
CA ILE G 242 48.37 10.01 -9.77
C ILE G 242 47.55 10.44 -10.98
N ALA G 243 46.45 11.16 -10.75
CA ALA G 243 45.59 11.58 -11.86
C ALA G 243 46.30 12.58 -12.77
N ALA G 244 47.07 13.51 -12.20
CA ALA G 244 47.79 14.47 -13.02
C ALA G 244 48.82 13.78 -13.92
N GLU G 245 49.52 12.79 -13.37
CA GLU G 245 50.45 12.00 -14.19
C GLU G 245 49.71 11.32 -15.33
N GLY G 246 48.45 10.92 -15.11
CA GLY G 246 47.66 10.34 -16.19
C GLY G 246 47.38 11.33 -17.30
N GLU G 247 47.04 12.57 -16.96
CA GLU G 247 46.82 13.60 -17.97
C GLU G 247 48.07 13.79 -18.83
N MET G 248 49.24 13.84 -18.19
CA MET G 248 50.48 14.06 -18.92
C MET G 248 50.76 12.91 -19.89
N ASN G 249 50.54 11.67 -19.45
CA ASN G 249 50.82 10.52 -20.29
C ASN G 249 49.90 10.48 -21.51
N ALA G 250 48.63 10.84 -21.34
CA ALA G 250 47.65 10.77 -22.42
C ALA G 250 47.76 11.93 -23.41
N SER G 251 48.44 13.02 -23.06
CA SER G 251 48.33 14.26 -23.83
C SER G 251 48.91 14.12 -25.24
N ARG G 252 49.99 13.37 -25.41
CA ARG G 252 50.62 13.29 -26.72
C ARG G 252 49.68 12.68 -27.76
N ALA G 253 48.98 11.61 -27.40
CA ALA G 253 48.07 10.98 -28.35
C ALA G 253 46.90 11.89 -28.69
N LEU G 254 46.38 12.62 -27.69
CA LEU G 254 45.28 13.55 -27.96
C LEU G 254 45.72 14.66 -28.91
N LYS G 255 46.97 15.12 -28.78
CA LYS G 255 47.47 16.13 -29.71
C LYS G 255 47.51 15.60 -31.13
N GLU G 256 48.01 14.37 -31.32
CA GLU G 256 48.05 13.77 -32.65
C GLU G 256 46.64 13.63 -33.22
N ALA G 257 45.70 13.15 -32.40
CA ALA G 257 44.32 13.02 -32.85
C ALA G 257 43.75 14.39 -33.22
N SER G 258 44.02 15.40 -32.39
CA SER G 258 43.48 16.74 -32.65
C SER G 258 44.00 17.30 -33.96
N MET G 259 45.28 17.11 -34.26
CA MET G 259 45.86 17.69 -35.47
C MET G 259 45.24 17.12 -36.74
N VAL G 260 44.84 15.85 -36.73
CA VAL G 260 44.18 15.26 -37.89
C VAL G 260 42.73 15.70 -37.97
N ILE G 261 42.06 15.80 -36.81
CA ILE G 261 40.63 16.06 -36.78
C ILE G 261 40.33 17.47 -37.28
N THR G 262 41.20 18.44 -36.97
CA THR G 262 40.92 19.83 -37.28
C THR G 262 41.24 20.21 -38.72
N GLU G 263 41.77 19.30 -39.53
CA GLU G 263 42.05 19.63 -40.91
C GLU G 263 40.80 19.69 -41.78
N SER G 264 39.70 19.07 -41.35
CA SER G 264 38.43 19.16 -42.05
C SER G 264 37.34 19.50 -41.03
N PRO G 265 36.48 20.47 -41.33
CA PRO G 265 35.64 21.05 -40.26
C PRO G 265 34.61 20.11 -39.66
N ALA G 266 34.02 19.20 -40.44
CA ALA G 266 32.93 18.38 -39.92
C ALA G 266 33.39 17.26 -39.00
N ALA G 267 34.70 16.96 -38.97
CA ALA G 267 35.18 15.76 -38.28
C ALA G 267 34.87 15.81 -36.79
N LEU G 268 35.17 16.93 -36.13
CA LEU G 268 34.92 17.02 -34.69
C LEU G 268 33.44 16.89 -34.37
N GLN G 269 32.57 17.38 -35.26
CA GLN G 269 31.13 17.26 -35.04
C GLN G 269 30.68 15.81 -35.09
N LEU G 270 31.28 15.00 -35.95
CA LEU G 270 30.99 13.57 -35.96
C LEU G 270 31.36 12.93 -34.64
N ARG G 271 32.49 13.35 -34.05
CA ARG G 271 32.88 12.83 -32.74
C ARG G 271 31.85 13.20 -31.67
N TYR G 272 31.33 14.43 -31.71
CA TYR G 272 30.30 14.84 -30.76
C TYR G 272 29.08 13.93 -30.84
N LEU G 273 28.60 13.67 -32.05
CA LEU G 273 27.37 12.89 -32.20
C LEU G 273 27.55 11.45 -31.75
N GLN G 274 28.74 10.88 -31.98
CA GLN G 274 29.00 9.53 -31.51
C GLN G 274 29.04 9.47 -29.99
N THR G 275 29.54 10.52 -29.33
CA THR G 275 29.51 10.56 -27.88
C THR G 275 28.09 10.52 -27.37
N LEU G 276 27.20 11.30 -27.99
CA LEU G 276 25.80 11.33 -27.55
C LEU G 276 25.18 9.94 -27.63
N THR G 277 25.44 9.22 -28.71
CA THR G 277 24.91 7.87 -28.84
C THR G 277 25.45 6.96 -27.75
N THR G 278 26.71 7.14 -27.37
CA THR G 278 27.27 6.36 -26.26
C THR G 278 26.58 6.70 -24.94
N ILE G 279 26.29 7.99 -24.70
CA ILE G 279 25.66 8.40 -23.46
C ILE G 279 24.27 7.79 -23.33
N ALA G 280 23.50 7.77 -24.42
CA ALA G 280 22.10 7.41 -24.34
C ALA G 280 21.88 6.00 -23.80
N ALA G 281 22.88 5.12 -23.88
CA ALA G 281 22.70 3.75 -23.40
C ALA G 281 22.78 3.63 -21.88
N GLU G 282 23.32 4.63 -21.19
CA GLU G 282 23.41 4.58 -19.73
C GLU G 282 22.09 4.97 -19.09
N LYS G 283 21.80 4.37 -17.94
CA LYS G 283 20.53 4.59 -17.27
C LYS G 283 20.42 6.01 -16.75
N ASN G 284 19.18 6.51 -16.69
CA ASN G 284 18.88 7.83 -16.14
C ASN G 284 19.63 8.95 -16.87
N SER G 285 19.72 8.87 -18.19
CA SER G 285 20.36 9.91 -19.01
C SER G 285 19.29 10.59 -19.84
N THR G 286 18.82 11.75 -19.38
CA THR G 286 17.84 12.55 -20.12
C THR G 286 18.56 13.40 -21.15
N ILE G 287 18.08 13.37 -22.39
CA ILE G 287 18.63 14.16 -23.49
C ILE G 287 17.55 15.10 -24.00
N VAL G 288 17.90 16.38 -24.13
CA VAL G 288 16.99 17.42 -24.61
C VAL G 288 17.47 17.87 -25.99
N PHE G 289 16.62 17.75 -26.99
CA PHE G 289 17.04 17.75 -28.39
C PHE G 289 16.31 18.82 -29.20
N PRO G 290 16.97 19.91 -29.60
CA PRO G 290 16.30 20.90 -30.45
C PRO G 290 16.31 20.50 -31.92
N LEU G 291 15.22 20.83 -32.62
CA LEU G 291 15.09 20.60 -34.06
C LEU G 291 14.78 21.93 -34.73
N PRO G 292 15.79 22.68 -35.16
CA PRO G 292 15.53 23.97 -35.84
C PRO G 292 14.91 23.74 -37.21
N ILE G 293 13.72 24.30 -37.40
CA ILE G 293 12.90 24.07 -38.59
C ILE G 293 12.58 25.42 -39.24
N ASP G 294 12.56 25.43 -40.57
CA ASP G 294 12.32 26.65 -41.34
C ASP G 294 11.03 26.49 -42.13
N MET G 295 10.05 27.36 -41.85
CA MET G 295 8.77 27.35 -42.54
C MET G 295 8.72 28.31 -43.73
N LEU G 296 9.86 28.85 -44.15
CA LEU G 296 10.01 29.50 -45.45
C LEU G 296 9.25 30.82 -45.58
N GLN G 297 9.00 31.52 -44.48
CA GLN G 297 8.43 32.87 -44.56
C GLN G 297 9.52 33.92 -44.74
N ARG H 34 57.14 -15.27 46.88
CA ARG H 34 56.15 -14.18 46.60
C ARG H 34 54.74 -14.63 46.96
N LEU H 35 54.29 -14.24 48.16
CA LEU H 35 52.93 -14.54 48.56
C LEU H 35 51.95 -13.58 47.88
N PRO H 36 50.68 -13.99 47.74
CA PRO H 36 49.68 -13.07 47.18
C PRO H 36 49.48 -11.83 48.05
N ASP H 37 48.96 -10.78 47.41
CA ASP H 37 48.57 -9.58 48.15
C ASP H 37 47.39 -9.88 49.07
N SER H 38 46.43 -10.68 48.61
CA SER H 38 45.19 -10.93 49.35
C SER H 38 45.48 -11.47 50.75
N GLY H 48 46.26 -26.30 65.06
CA GLY H 48 46.09 -26.28 66.49
C GLY H 48 45.49 -27.55 67.04
N PRO H 49 45.31 -27.61 68.37
CA PRO H 49 44.80 -28.86 68.97
C PRO H 49 43.50 -29.36 68.38
N CYS H 50 42.52 -28.46 68.16
CA CYS H 50 41.25 -28.92 67.62
C CYS H 50 41.37 -29.31 66.15
N GLY H 51 42.35 -28.75 65.43
CA GLY H 51 42.60 -29.21 64.07
C GLY H 51 42.97 -30.68 64.03
N TRP H 52 43.83 -31.13 64.95
CA TRP H 52 44.20 -32.54 64.98
C TRP H 52 42.99 -33.42 65.21
N ILE H 53 42.02 -32.97 66.00
CA ILE H 53 40.81 -33.77 66.23
C ILE H 53 40.07 -33.96 64.92
N LEU H 54 39.84 -32.87 64.18
CA LEU H 54 39.16 -32.99 62.90
C LEU H 54 39.96 -33.82 61.92
N VAL H 55 41.28 -33.65 61.91
CA VAL H 55 42.14 -34.44 61.03
C VAL H 55 42.05 -35.92 61.40
N ALA H 56 42.15 -36.23 62.70
CA ALA H 56 42.07 -37.61 63.13
C ALA H 56 40.70 -38.21 62.80
N PHE H 57 39.64 -37.47 63.06
CA PHE H 57 38.30 -37.91 62.66
C PHE H 57 38.25 -38.22 61.17
N SER H 58 38.91 -37.40 60.35
CA SER H 58 38.92 -37.63 58.91
C SER H 58 39.75 -38.84 58.55
N PHE H 59 40.93 -39.00 59.17
CA PHE H 59 41.74 -40.20 58.95
C PHE H 59 40.93 -41.44 59.26
N LEU H 60 40.29 -41.47 60.42
CA LEU H 60 39.48 -42.62 60.82
C LEU H 60 38.37 -42.88 59.81
N PHE H 61 37.61 -41.83 59.47
CA PHE H 61 36.46 -41.99 58.59
C PHE H 61 36.88 -42.53 57.23
N THR H 62 37.95 -41.98 56.66
CA THR H 62 38.40 -42.43 55.35
C THR H 62 38.87 -43.89 55.39
N VAL H 63 39.51 -44.31 56.48
CA VAL H 63 39.87 -45.71 56.62
C VAL H 63 38.62 -46.56 56.81
N ILE H 64 37.66 -46.07 57.59
CA ILE H 64 36.40 -46.78 57.77
C ILE H 64 35.68 -46.95 56.43
N THR H 65 35.83 -45.98 55.54
CA THR H 65 35.20 -45.99 54.22
C THR H 65 36.18 -46.31 53.11
N PHE H 66 37.32 -46.93 53.42
CA PHE H 66 38.49 -46.97 52.55
C PHE H 66 38.17 -47.36 51.11
N PRO H 67 37.59 -48.53 50.85
CA PRO H 67 37.41 -48.96 49.45
C PRO H 67 36.46 -48.06 48.66
N ILE H 68 35.77 -47.13 49.31
CA ILE H 68 34.96 -46.13 48.64
C ILE H 68 35.69 -44.80 48.56
N SER H 69 36.26 -44.34 49.68
CA SER H 69 36.75 -42.97 49.78
C SER H 69 38.18 -42.79 49.30
N ILE H 70 38.96 -43.87 49.20
CA ILE H 70 40.35 -43.71 48.76
C ILE H 70 40.41 -43.10 47.37
N TRP H 71 39.37 -43.32 46.56
CA TRP H 71 39.33 -42.70 45.23
C TRP H 71 39.25 -41.18 45.33
N MET H 72 38.56 -40.66 46.34
CA MET H 72 38.51 -39.22 46.54
C MET H 72 39.80 -38.70 47.14
N CYS H 73 40.49 -39.51 47.94
CA CYS H 73 41.72 -39.06 48.59
C CYS H 73 42.86 -38.91 47.59
N ILE H 74 42.91 -39.77 46.57
CA ILE H 74 44.05 -39.86 45.66
C ILE H 74 43.87 -38.86 44.52
N LYS H 75 44.93 -38.09 44.25
CA LYS H 75 44.97 -37.15 43.14
C LYS H 75 46.22 -37.41 42.31
N ILE H 76 46.11 -37.26 40.99
CA ILE H 76 47.23 -37.40 40.07
C ILE H 76 47.30 -36.12 39.24
N ILE H 77 48.47 -35.48 39.23
CA ILE H 77 48.71 -34.24 38.53
C ILE H 77 49.70 -34.50 37.41
N LYS H 78 49.34 -34.12 36.19
CA LYS H 78 50.17 -34.40 35.02
C LYS H 78 51.33 -33.41 34.93
N GLU H 79 52.24 -33.70 34.00
CA GLU H 79 53.43 -32.87 33.81
C GLU H 79 53.07 -31.40 33.62
N TYR H 80 52.00 -31.13 32.87
CA TYR H 80 51.64 -29.77 32.49
C TYR H 80 50.59 -29.16 33.42
N GLU H 81 50.37 -29.74 34.60
CA GLU H 81 49.41 -29.23 35.57
C GLU H 81 50.10 -28.97 36.90
N ARG H 82 49.51 -28.08 37.69
CA ARG H 82 49.96 -27.80 39.05
C ARG H 82 48.75 -27.73 39.98
N ALA H 83 48.97 -28.04 41.25
CA ALA H 83 47.92 -28.09 42.25
C ALA H 83 48.17 -27.09 43.37
N ILE H 84 47.12 -26.39 43.78
CA ILE H 84 47.11 -25.53 44.95
C ILE H 84 46.24 -26.20 46.00
N ILE H 85 46.80 -26.42 47.20
CA ILE H 85 46.15 -27.22 48.22
C ILE H 85 46.06 -26.42 49.52
N PHE H 86 44.87 -26.38 50.12
CA PHE H 86 44.63 -25.79 51.42
C PHE H 86 44.25 -26.89 52.41
N ARG H 87 44.79 -26.80 53.63
CA ARG H 87 44.45 -27.71 54.72
C ARG H 87 43.99 -26.88 55.91
N LEU H 88 42.73 -27.03 56.31
CA LEU H 88 42.12 -26.20 57.34
C LEU H 88 42.31 -24.72 57.02
N GLY H 89 42.22 -24.39 55.73
CA GLY H 89 42.29 -23.02 55.26
C GLY H 89 43.69 -22.47 55.06
N ARG H 90 44.72 -23.04 55.69
CA ARG H 90 46.08 -22.63 55.42
C ARG H 90 46.59 -23.30 54.16
N ILE H 91 47.41 -22.58 53.40
CA ILE H 91 47.98 -23.11 52.16
C ILE H 91 49.23 -23.91 52.49
N LEU H 92 49.36 -25.09 51.90
CA LEU H 92 50.51 -25.94 52.17
C LEU H 92 51.79 -25.23 51.78
N GLN H 93 52.79 -25.34 52.65
CA GLN H 93 54.02 -24.58 52.50
C GLN H 93 54.78 -25.02 51.26
N GLY H 94 55.51 -24.07 50.67
CA GLY H 94 56.21 -24.29 49.42
C GLY H 94 55.40 -23.82 48.23
N GLY H 95 55.95 -24.07 47.05
CA GLY H 95 55.31 -23.68 45.82
C GLY H 95 54.16 -24.60 45.46
N ALA H 96 53.58 -24.34 44.29
CA ALA H 96 52.52 -25.19 43.79
C ALA H 96 53.03 -26.61 43.59
N LYS H 97 52.20 -27.59 43.93
CA LYS H 97 52.63 -28.98 43.91
C LYS H 97 52.74 -29.50 42.48
N GLY H 98 53.86 -30.13 42.19
CA GLY H 98 54.20 -30.55 40.85
C GLY H 98 53.45 -31.79 40.42
N PRO H 99 53.94 -32.46 39.37
CA PRO H 99 53.30 -33.68 38.89
C PRO H 99 53.49 -34.84 39.87
N GLY H 100 52.58 -35.80 39.77
CA GLY H 100 52.73 -37.06 40.46
C GLY H 100 51.49 -37.43 41.24
N LEU H 101 51.70 -38.22 42.29
CA LEU H 101 50.64 -38.81 43.09
C LEU H 101 50.53 -38.06 44.41
N PHE H 102 49.31 -37.71 44.81
CA PHE H 102 49.10 -36.88 45.98
C PHE H 102 47.88 -37.36 46.74
N PHE H 103 47.92 -37.15 48.06
CA PHE H 103 46.89 -37.63 48.97
C PHE H 103 46.33 -36.44 49.75
N ILE H 104 44.99 -36.35 49.81
CA ILE H 104 44.32 -35.31 50.58
C ILE H 104 43.11 -35.91 51.29
N LEU H 105 42.69 -35.25 52.37
CA LEU H 105 41.48 -35.61 53.08
C LEU H 105 40.37 -34.66 52.67
N PRO H 106 39.31 -35.13 52.00
CA PRO H 106 38.31 -34.19 51.47
C PRO H 106 37.58 -33.41 52.54
N CYS H 107 37.55 -33.87 53.79
CA CYS H 107 36.87 -33.13 54.84
C CYS H 107 37.65 -31.88 55.21
N THR H 108 38.94 -32.04 55.53
CA THR H 108 39.75 -30.94 56.02
C THR H 108 40.48 -30.17 54.92
N ASP H 109 40.55 -30.70 53.70
CA ASP H 109 41.42 -30.15 52.66
C ASP H 109 40.60 -29.64 51.47
N SER H 110 41.17 -28.67 50.78
CA SER H 110 40.59 -28.11 49.56
C SER H 110 41.67 -28.10 48.48
N PHE H 111 41.26 -28.37 47.24
CA PHE H 111 42.18 -28.73 46.17
C PHE H 111 41.81 -28.00 44.89
N ILE H 112 42.77 -27.28 44.31
CA ILE H 112 42.57 -26.55 43.06
C ILE H 112 43.70 -26.92 42.09
N LYS H 113 43.33 -27.18 40.84
CA LYS H 113 44.20 -27.76 39.83
C LYS H 113 44.30 -26.79 38.65
N VAL H 114 45.53 -26.44 38.26
CA VAL H 114 45.77 -25.37 37.29
C VAL H 114 46.49 -25.95 36.07
N ASP H 115 45.93 -25.71 34.89
CA ASP H 115 46.56 -26.08 33.63
C ASP H 115 47.57 -25.00 33.22
N MET H 116 48.81 -25.41 32.96
CA MET H 116 49.90 -24.48 32.68
C MET H 116 50.16 -24.27 31.19
N ARG H 117 49.29 -24.75 30.31
CA ARG H 117 49.54 -24.67 28.87
C ARG H 117 48.98 -23.38 28.27
N THR H 118 49.54 -23.01 27.12
CA THR H 118 49.05 -21.86 26.37
C THR H 118 47.61 -22.07 25.94
N ILE H 119 46.79 -21.02 26.04
CA ILE H 119 45.41 -21.05 25.61
C ILE H 119 45.16 -19.83 24.72
N SER H 120 44.24 -20.00 23.76
CA SER H 120 43.88 -18.94 22.83
C SER H 120 42.38 -18.67 22.93
N PHE H 121 42.01 -17.40 22.80
CA PHE H 121 40.62 -16.97 22.93
C PHE H 121 40.29 -15.98 21.82
N ASP H 122 39.12 -16.16 21.21
CA ASP H 122 38.67 -15.34 20.08
C ASP H 122 37.82 -14.18 20.62
N ILE H 123 38.44 -13.01 20.72
CA ILE H 123 37.83 -11.82 21.32
C ILE H 123 36.61 -11.38 20.52
N PRO H 124 35.53 -10.94 21.16
CA PRO H 124 34.41 -10.38 20.40
C PRO H 124 34.83 -9.11 19.68
N PRO H 125 34.19 -8.82 18.54
CA PRO H 125 34.59 -7.62 17.77
C PRO H 125 34.33 -6.32 18.51
N GLN H 126 35.13 -5.31 18.17
CA GLN H 126 35.19 -4.04 18.87
C GLN H 126 34.98 -2.86 17.91
N GLU H 127 34.53 -1.73 18.46
CA GLU H 127 34.41 -0.47 17.73
C GLU H 127 35.53 0.46 18.18
N ILE H 128 36.27 1.01 17.22
CA ILE H 128 37.51 1.74 17.50
C ILE H 128 37.57 3.03 16.71
N LEU H 129 38.30 4.01 17.26
CA LEU H 129 38.61 5.26 16.58
C LEU H 129 40.13 5.40 16.43
N THR H 130 40.57 5.69 15.20
CA THR H 130 41.99 5.90 14.95
C THR H 130 42.40 7.32 15.38
N LYS H 131 43.70 7.57 15.35
CA LYS H 131 44.21 8.89 15.69
C LYS H 131 43.68 9.94 14.72
N ASP H 132 43.59 9.59 13.43
CA ASP H 132 42.95 10.46 12.45
C ASP H 132 41.43 10.38 12.46
N SER H 133 40.82 9.73 13.47
CA SER H 133 39.39 9.80 13.72
C SER H 133 38.55 8.95 12.78
N VAL H 134 39.11 7.89 12.21
CA VAL H 134 38.34 6.98 11.37
C VAL H 134 37.64 5.96 12.26
N THR H 135 36.37 5.69 11.95
CA THR H 135 35.61 4.66 12.64
C THR H 135 35.90 3.30 12.00
N ILE H 136 36.46 2.37 12.76
CA ILE H 136 36.71 1.02 12.30
C ILE H 136 36.27 0.02 13.36
N SER H 137 35.87 -1.17 12.90
CA SER H 137 35.59 -2.30 13.77
C SER H 137 36.65 -3.37 13.55
N VAL H 138 37.20 -3.89 14.65
CA VAL H 138 38.28 -4.87 14.60
C VAL H 138 37.87 -6.12 15.38
N ASP H 139 38.50 -7.24 15.04
CA ASP H 139 38.16 -8.56 15.57
C ASP H 139 39.44 -9.26 15.99
N GLY H 140 39.71 -9.30 17.32
CA GLY H 140 41.00 -9.71 17.82
C GLY H 140 41.08 -11.16 18.30
N VAL H 141 42.31 -11.58 18.60
CA VAL H 141 42.62 -12.89 19.17
C VAL H 141 43.76 -12.72 20.17
N VAL H 142 43.67 -13.41 21.30
CA VAL H 142 44.68 -13.32 22.36
C VAL H 142 45.16 -14.71 22.74
N TYR H 143 46.46 -14.84 22.97
CA TYR H 143 47.09 -16.06 23.44
C TYR H 143 47.74 -15.78 24.79
N TYR H 144 47.49 -16.63 25.79
CA TYR H 144 48.05 -16.39 27.12
C TYR H 144 48.25 -17.70 27.87
N ARG H 145 48.99 -17.60 28.97
CA ARG H 145 49.46 -18.76 29.71
C ARG H 145 49.63 -18.40 31.18
N VAL H 146 49.39 -19.38 32.06
CA VAL H 146 49.64 -19.19 33.49
C VAL H 146 51.12 -19.33 33.77
N GLN H 147 51.71 -18.31 34.38
CA GLN H 147 53.12 -18.30 34.75
C GLN H 147 53.36 -18.67 36.20
N ASN H 148 52.41 -18.37 37.09
CA ASN H 148 52.54 -18.66 38.52
C ASN H 148 51.18 -19.12 39.03
N ALA H 149 51.08 -20.41 39.38
CA ALA H 149 49.78 -20.98 39.71
C ALA H 149 49.23 -20.45 41.03
N THR H 150 50.09 -20.05 41.96
CA THR H 150 49.60 -19.56 43.26
C THR H 150 48.88 -18.23 43.09
N LEU H 151 49.50 -17.28 42.40
CA LEU H 151 48.86 -15.99 42.19
C LEU H 151 47.59 -16.13 41.35
N ALA H 152 47.59 -17.06 40.40
CA ALA H 152 46.42 -17.22 39.54
C ALA H 152 45.21 -17.69 40.33
N VAL H 153 45.42 -18.44 41.41
CA VAL H 153 44.32 -18.96 42.22
C VAL H 153 43.93 -18.00 43.33
N ALA H 154 44.91 -17.47 44.05
CA ALA H 154 44.67 -16.82 45.33
C ALA H 154 44.73 -15.30 45.30
N ASN H 155 45.04 -14.69 44.16
CA ASN H 155 45.15 -13.23 44.07
C ASN H 155 44.14 -12.59 43.13
N ILE H 156 43.40 -13.38 42.36
CA ILE H 156 42.42 -12.87 41.41
C ILE H 156 41.25 -13.85 41.41
N THR H 157 40.03 -13.31 41.36
CA THR H 157 38.85 -14.16 41.45
C THR H 157 38.68 -15.02 40.20
N ASN H 158 38.83 -14.43 39.02
CA ASN H 158 38.71 -15.16 37.75
C ASN H 158 39.81 -14.64 36.83
N ALA H 159 40.90 -15.41 36.73
CA ALA H 159 42.04 -14.97 35.93
C ALA H 159 41.67 -14.82 34.46
N ASP H 160 40.88 -15.76 33.92
CA ASP H 160 40.57 -15.74 32.50
C ASP H 160 39.80 -14.48 32.10
N SER H 161 38.72 -14.18 32.81
CA SER H 161 37.92 -12.99 32.48
C SER H 161 38.73 -11.72 32.66
N ALA H 162 39.53 -11.63 33.72
CA ALA H 162 40.39 -10.47 33.90
C ALA H 162 41.34 -10.30 32.72
N THR H 163 41.95 -11.40 32.27
CA THR H 163 42.92 -11.31 31.19
C THR H 163 42.26 -10.95 29.87
N ARG H 164 41.10 -11.55 29.57
CA ARG H 164 40.46 -11.31 28.29
C ARG H 164 39.94 -9.88 28.18
N LEU H 165 39.38 -9.33 29.26
CA LEU H 165 38.95 -7.94 29.24
C LEU H 165 40.14 -7.00 29.11
N LEU H 166 41.24 -7.30 29.81
CA LEU H 166 42.41 -6.44 29.72
C LEU H 166 42.95 -6.38 28.30
N ALA H 167 42.94 -7.51 27.59
CA ALA H 167 43.41 -7.51 26.21
C ALA H 167 42.56 -6.59 25.34
N GLN H 168 41.25 -6.59 25.53
CA GLN H 168 40.37 -5.72 24.75
C GLN H 168 40.68 -4.25 24.97
N THR H 169 40.80 -3.82 26.23
CA THR H 169 41.03 -2.41 26.49
C THR H 169 42.42 -1.97 26.08
N THR H 170 43.42 -2.86 26.17
CA THR H 170 44.75 -2.52 25.70
C THR H 170 44.78 -2.35 24.19
N LEU H 171 44.06 -3.23 23.47
CA LEU H 171 43.98 -3.08 22.02
C LEU H 171 43.24 -1.81 21.63
N ARG H 172 42.20 -1.46 22.38
CA ARG H 172 41.45 -0.23 22.10
C ARG H 172 42.36 0.99 22.21
N ASN H 173 43.21 1.03 23.24
CA ASN H 173 44.03 2.21 23.50
C ASN H 173 45.12 2.38 22.45
N VAL H 174 45.86 1.31 22.14
CA VAL H 174 47.03 1.45 21.27
C VAL H 174 46.62 1.90 19.88
N LEU H 175 45.55 1.34 19.33
CA LEU H 175 45.13 1.71 17.99
C LEU H 175 44.58 3.13 17.94
N GLY H 176 44.16 3.69 19.07
CA GLY H 176 43.77 5.08 19.13
C GLY H 176 44.93 6.05 19.05
N THR H 177 46.16 5.57 19.20
CA THR H 177 47.36 6.38 19.04
C THR H 177 47.96 6.28 17.63
N LYS H 178 47.33 5.54 16.72
CA LYS H 178 47.87 5.30 15.39
C LYS H 178 46.90 5.80 14.32
N ASN H 179 47.47 6.33 13.24
CA ASN H 179 46.68 6.58 12.04
C ASN H 179 46.37 5.26 11.34
N LEU H 180 45.30 5.26 10.54
CA LEU H 180 44.87 4.03 9.90
C LEU H 180 45.99 3.43 9.05
N SER H 181 46.75 4.27 8.34
CA SER H 181 47.85 3.76 7.53
C SER H 181 48.91 3.09 8.41
N GLN H 182 49.18 3.63 9.59
CA GLN H 182 50.15 3.02 10.49
C GLN H 182 49.67 1.68 11.01
N ILE H 183 48.35 1.53 11.21
CA ILE H 183 47.82 0.27 11.71
C ILE H 183 48.14 -0.86 10.74
N LEU H 184 48.08 -0.58 9.44
CA LEU H 184 48.34 -1.61 8.44
C LEU H 184 49.83 -1.93 8.30
N SER H 185 50.70 -0.98 8.65
CA SER H 185 52.13 -1.12 8.36
C SER H 185 53.00 -1.45 9.57
N ASP H 186 52.55 -1.20 10.80
CA ASP H 186 53.41 -1.16 11.98
C ASP H 186 53.13 -2.29 12.97
N ARG H 187 53.05 -3.53 12.50
CA ARG H 187 52.74 -4.64 13.40
C ARG H 187 53.72 -4.73 14.56
N GLU H 188 55.03 -4.72 14.26
CA GLU H 188 56.02 -4.96 15.30
C GLU H 188 55.99 -3.87 16.37
N GLU H 189 55.89 -2.60 15.95
CA GLU H 189 55.83 -1.51 16.91
C GLU H 189 54.57 -1.60 17.76
N ILE H 190 53.43 -1.92 17.14
CA ILE H 190 52.18 -2.03 17.87
C ILE H 190 52.24 -3.17 18.88
N ALA H 191 52.80 -4.31 18.49
CA ALA H 191 52.95 -5.42 19.42
C ALA H 191 53.84 -5.05 20.59
N HIS H 192 54.95 -4.36 20.31
CA HIS H 192 55.87 -3.96 21.38
C HIS H 192 55.19 -3.01 22.37
N ASN H 193 54.36 -2.09 21.87
CA ASN H 193 53.65 -1.18 22.75
C ASN H 193 52.71 -1.93 23.69
N MET H 194 51.97 -2.90 23.17
CA MET H 194 50.99 -3.60 23.99
C MET H 194 51.66 -4.45 25.06
N GLN H 195 52.79 -5.07 24.74
CA GLN H 195 53.37 -6.07 25.64
C GLN H 195 53.74 -5.45 26.98
N SER H 196 54.43 -4.31 26.97
CA SER H 196 54.82 -3.68 28.22
C SER H 196 53.60 -3.27 29.04
N THR H 197 52.56 -2.77 28.38
CA THR H 197 51.32 -2.46 29.08
C THR H 197 50.74 -3.72 29.74
N LEU H 198 50.64 -4.80 28.99
CA LEU H 198 50.04 -6.02 29.53
C LEU H 198 50.89 -6.63 30.64
N ASP H 199 52.21 -6.65 30.47
CA ASP H 199 53.06 -7.30 31.47
C ASP H 199 52.96 -6.62 32.82
N ASP H 200 52.85 -5.29 32.84
CA ASP H 200 52.73 -4.58 34.11
C ASP H 200 51.46 -4.99 34.85
N ALA H 201 50.36 -5.16 34.13
CA ALA H 201 49.08 -5.46 34.77
C ALA H 201 48.96 -6.94 35.15
N THR H 202 49.39 -7.84 34.27
CA THR H 202 49.14 -9.28 34.49
C THR H 202 50.13 -9.92 35.44
N ASP H 203 51.23 -9.25 35.78
CA ASP H 203 52.23 -9.85 36.66
C ASP H 203 51.61 -10.30 37.97
N ALA H 204 50.85 -9.42 38.63
CA ALA H 204 50.27 -9.75 39.93
C ALA H 204 49.26 -10.88 39.85
N TRP H 205 48.73 -11.18 38.66
CA TRP H 205 47.78 -12.28 38.48
C TRP H 205 48.47 -13.60 38.14
N GLY H 206 49.78 -13.61 37.97
CA GLY H 206 50.47 -14.81 37.55
C GLY H 206 50.21 -15.22 36.11
N ILE H 207 49.91 -14.25 35.24
CA ILE H 207 49.56 -14.52 33.84
C ILE H 207 50.57 -13.84 32.95
N LYS H 208 50.95 -14.53 31.86
CA LYS H 208 51.76 -13.95 30.79
C LYS H 208 50.93 -13.98 29.51
N VAL H 209 50.75 -12.81 28.90
CA VAL H 209 50.11 -12.72 27.59
C VAL H 209 51.19 -12.81 26.53
N GLU H 210 50.98 -13.68 25.55
CA GLU H 210 51.99 -13.99 24.55
C GLU H 210 51.74 -13.31 23.20
N ARG H 211 50.49 -13.19 22.78
CA ARG H 211 50.19 -12.52 21.51
C ARG H 211 48.81 -11.88 21.58
N VAL H 212 48.68 -10.75 20.88
CA VAL H 212 47.38 -10.18 20.53
C VAL H 212 47.44 -9.80 19.06
N GLU H 213 46.46 -10.27 18.29
CA GLU H 213 46.46 -10.08 16.85
C GLU H 213 45.04 -9.83 16.36
N ILE H 214 44.94 -9.31 15.14
CA ILE H 214 43.69 -8.90 14.54
C ILE H 214 43.40 -9.79 13.34
N LYS H 215 42.18 -10.32 13.27
CA LYS H 215 41.80 -11.17 12.15
C LYS H 215 40.87 -10.50 11.13
N ASP H 216 40.20 -9.41 11.50
CA ASP H 216 39.37 -8.66 10.55
C ASP H 216 39.41 -7.17 10.89
N VAL H 217 39.30 -6.34 9.84
CA VAL H 217 39.14 -4.90 9.97
C VAL H 217 38.12 -4.45 8.92
N LYS H 218 37.14 -3.64 9.34
CA LYS H 218 36.11 -3.14 8.44
C LYS H 218 35.96 -1.63 8.58
N LEU H 219 35.80 -0.96 7.45
CA LEU H 219 35.25 0.39 7.40
C LEU H 219 33.72 0.32 7.31
N PRO H 220 33.01 1.32 7.82
CA PRO H 220 31.57 1.40 7.54
C PRO H 220 31.33 1.68 6.06
N VAL H 221 30.17 1.23 5.57
CA VAL H 221 29.91 1.23 4.12
C VAL H 221 29.99 2.63 3.53
N GLN H 222 29.64 3.67 4.30
CA GLN H 222 29.62 5.03 3.75
C GLN H 222 31.02 5.56 3.44
N LEU H 223 32.06 4.96 3.99
CA LEU H 223 33.43 5.43 3.81
C LEU H 223 34.22 4.64 2.77
N GLN H 224 33.68 3.52 2.28
CA GLN H 224 34.51 2.55 1.57
C GLN H 224 35.01 3.07 0.23
N ARG H 225 34.15 3.69 -0.57
CA ARG H 225 34.63 4.19 -1.86
C ARG H 225 35.50 5.43 -1.70
N ALA H 226 35.17 6.29 -0.72
CA ALA H 226 35.98 7.49 -0.51
C ALA H 226 37.42 7.14 -0.15
N MET H 227 37.60 6.14 0.72
CA MET H 227 38.95 5.75 1.13
C MET H 227 39.72 5.02 0.04
N ALA H 228 39.03 4.44 -0.94
CA ALA H 228 39.67 3.71 -2.03
C ALA H 228 40.14 4.59 -3.17
N ALA H 229 40.16 5.92 -2.98
CA ALA H 229 40.38 6.83 -4.11
C ALA H 229 41.71 6.57 -4.82
N GLU H 230 42.75 6.25 -4.06
CA GLU H 230 44.07 6.07 -4.66
C GLU H 230 44.09 4.88 -5.62
N ALA H 231 43.44 3.78 -5.25
CA ALA H 231 43.40 2.62 -6.14
C ALA H 231 42.54 2.90 -7.37
N GLU H 232 41.42 3.58 -7.19
CA GLU H 232 40.55 3.94 -8.31
C GLU H 232 41.30 4.84 -9.30
N ALA H 233 42.05 5.82 -8.78
CA ALA H 233 42.74 6.77 -9.65
C ALA H 233 43.80 6.09 -10.50
N SER H 234 44.52 5.11 -9.94
CA SER H 234 45.59 4.46 -10.70
C SER H 234 45.05 3.74 -11.92
N ARG H 235 43.89 3.08 -11.79
CA ARG H 235 43.31 2.37 -12.92
C ARG H 235 42.72 3.35 -13.93
N GLU H 236 42.15 4.46 -13.47
CA GLU H 236 41.64 5.47 -14.39
C GLU H 236 42.77 6.15 -15.16
N ALA H 237 43.92 6.33 -14.51
CA ALA H 237 45.05 6.95 -15.19
C ALA H 237 45.52 6.10 -16.37
N ARG H 238 45.54 4.79 -16.22
CA ARG H 238 45.94 3.90 -17.32
C ARG H 238 44.84 3.81 -18.37
N ALA H 239 43.57 3.89 -17.96
CA ALA H 239 42.48 3.90 -18.92
C ALA H 239 42.54 5.12 -19.84
N LYS H 240 42.93 6.28 -19.30
CA LYS H 240 43.00 7.49 -20.10
C LYS H 240 44.02 7.36 -21.24
N VAL H 241 45.17 6.75 -20.95
CA VAL H 241 46.17 6.55 -22.00
C VAL H 241 45.61 5.64 -23.09
N ILE H 242 44.93 4.56 -22.70
CA ILE H 242 44.32 3.66 -23.67
C ILE H 242 43.28 4.40 -24.51
N ALA H 243 42.45 5.22 -23.86
CA ALA H 243 41.40 5.94 -24.58
C ALA H 243 41.98 6.92 -25.58
N ALA H 244 43.05 7.64 -25.22
CA ALA H 244 43.64 8.62 -26.12
C ALA H 244 44.23 7.94 -27.35
N GLU H 245 44.83 6.77 -27.18
CA GLU H 245 45.32 6.02 -28.32
C GLU H 245 44.18 5.65 -29.27
N GLY H 246 43.01 5.33 -28.72
CA GLY H 246 41.84 5.07 -29.57
C GLY H 246 41.42 6.28 -30.38
N GLU H 247 41.44 7.46 -29.77
CA GLU H 247 41.14 8.69 -30.51
C GLU H 247 42.09 8.85 -31.69
N MET H 248 43.38 8.62 -31.46
CA MET H 248 44.36 8.78 -32.53
C MET H 248 44.11 7.78 -33.66
N ASN H 249 43.84 6.53 -33.31
CA ASN H 249 43.62 5.50 -34.33
C ASN H 249 42.38 5.81 -35.18
N ALA H 250 41.31 6.30 -34.57
CA ALA H 250 40.07 6.55 -35.29
C ALA H 250 40.09 7.83 -36.11
N SER H 251 41.08 8.70 -35.91
CA SER H 251 41.00 10.06 -36.44
C SER H 251 41.04 10.10 -37.96
N ARG H 252 41.84 9.24 -38.59
CA ARG H 252 42.01 9.30 -40.03
C ARG H 252 40.70 9.06 -40.77
N ALA H 253 39.93 8.05 -40.34
CA ALA H 253 38.66 7.76 -41.00
C ALA H 253 37.67 8.91 -40.83
N LEU H 254 37.65 9.54 -39.66
CA LEU H 254 36.76 10.68 -39.47
C LEU H 254 37.11 11.84 -40.40
N LYS H 255 38.41 12.07 -40.62
CA LYS H 255 38.81 13.11 -41.56
C LYS H 255 38.32 12.79 -42.97
N GLU H 256 38.51 11.54 -43.41
CA GLU H 256 38.03 11.14 -44.73
C GLU H 256 36.53 11.33 -44.86
N ALA H 257 35.78 10.91 -43.83
CA ALA H 257 34.34 11.09 -43.86
C ALA H 257 33.97 12.57 -43.91
N SER H 258 34.67 13.39 -43.14
CA SER H 258 34.37 14.82 -43.11
C SER H 258 34.58 15.49 -44.46
N MET H 259 35.66 15.12 -45.16
CA MET H 259 35.97 15.78 -46.43
C MET H 259 34.90 15.51 -47.48
N VAL H 260 34.28 14.33 -47.45
CA VAL H 260 33.16 14.06 -48.35
C VAL H 260 31.93 14.85 -47.91
N ILE H 261 31.64 14.86 -46.61
CA ILE H 261 30.41 15.48 -46.11
C ILE H 261 30.41 16.97 -46.37
N THR H 262 31.58 17.62 -46.27
CA THR H 262 31.62 19.07 -46.41
C THR H 262 31.38 19.54 -47.84
N GLU H 263 31.47 18.65 -48.83
CA GLU H 263 31.24 19.05 -50.20
C GLU H 263 29.75 19.29 -50.48
N SER H 264 28.86 18.79 -49.62
CA SER H 264 27.44 19.13 -49.67
C SER H 264 26.97 19.24 -48.23
N PRO H 265 27.21 20.39 -47.58
CA PRO H 265 27.14 20.46 -46.11
C PRO H 265 25.83 20.03 -45.47
N ALA H 266 24.71 20.08 -46.19
CA ALA H 266 23.46 19.61 -45.60
C ALA H 266 23.51 18.13 -45.23
N ALA H 267 24.51 17.39 -45.71
CA ALA H 267 24.66 16.00 -45.30
C ALA H 267 24.84 15.86 -43.79
N LEU H 268 25.47 16.85 -43.15
CA LEU H 268 25.68 16.77 -41.71
C LEU H 268 24.36 16.81 -40.96
N GLN H 269 23.38 17.57 -41.46
CA GLN H 269 22.06 17.56 -40.84
C GLN H 269 21.36 16.23 -41.01
N LEU H 270 21.58 15.53 -42.14
CA LEU H 270 21.04 14.19 -42.29
C LEU H 270 21.65 13.25 -41.26
N ARG H 271 22.95 13.34 -41.03
CA ARG H 271 23.59 12.55 -39.97
C ARG H 271 23.04 12.93 -38.60
N TYR H 272 22.76 14.21 -38.39
CA TYR H 272 22.18 14.67 -37.12
C TYR H 272 20.82 14.03 -36.86
N LEU H 273 19.97 13.98 -37.89
CA LEU H 273 18.62 13.44 -37.70
C LEU H 273 18.65 11.93 -37.46
N GLN H 274 19.56 11.22 -38.11
CA GLN H 274 19.69 9.79 -37.85
C GLN H 274 20.20 9.53 -36.44
N THR H 275 21.02 10.42 -35.89
CA THR H 275 21.45 10.29 -34.50
C THR H 275 20.25 10.34 -33.56
N LEU H 276 19.33 11.27 -33.80
CA LEU H 276 18.14 11.39 -32.96
C LEU H 276 17.30 10.11 -33.00
N THR H 277 17.15 9.52 -34.18
CA THR H 277 16.40 8.28 -34.28
C THR H 277 17.04 7.16 -33.46
N THR H 278 18.37 7.06 -33.51
CA THR H 278 19.07 6.05 -32.72
C THR H 278 18.87 6.28 -31.22
N ILE H 279 18.94 7.54 -30.78
CA ILE H 279 18.83 7.85 -29.36
C ILE H 279 17.43 7.55 -28.85
N ALA H 280 16.40 7.85 -29.64
CA ALA H 280 15.03 7.68 -29.18
C ALA H 280 14.71 6.24 -28.81
N ALA H 281 15.40 5.29 -29.44
CA ALA H 281 15.09 3.87 -29.21
C ALA H 281 15.57 3.38 -27.85
N GLU H 282 16.52 4.07 -27.22
CA GLU H 282 17.03 3.63 -25.94
C GLU H 282 15.98 3.80 -24.83
N LYS H 283 16.16 3.04 -23.75
CA LYS H 283 15.25 3.11 -22.60
C LYS H 283 15.64 4.29 -21.71
N ASN H 284 15.27 5.48 -22.18
CA ASN H 284 15.53 6.73 -21.47
C ASN H 284 14.51 7.76 -21.92
N SER H 285 14.42 8.85 -21.16
CA SER H 285 13.53 9.95 -21.50
C SER H 285 14.18 10.86 -22.53
N THR H 286 13.44 11.18 -23.59
CA THR H 286 13.88 12.13 -24.61
C THR H 286 12.86 13.26 -24.70
N ILE H 287 13.36 14.50 -24.76
CA ILE H 287 12.53 15.69 -24.93
C ILE H 287 12.98 16.38 -26.20
N VAL H 288 12.03 16.66 -27.09
CA VAL H 288 12.32 17.20 -28.42
C VAL H 288 11.55 18.50 -28.60
N PHE H 289 12.24 19.53 -29.11
CA PHE H 289 11.68 20.85 -29.38
C PHE H 289 11.77 21.17 -30.86
N PRO H 290 10.71 20.97 -31.64
CA PRO H 290 10.65 21.63 -32.95
C PRO H 290 10.67 23.14 -32.79
N LEU H 291 11.55 23.80 -33.55
CA LEU H 291 11.85 25.21 -33.33
C LEU H 291 11.78 25.98 -34.66
N PRO H 292 10.66 26.67 -34.93
CA PRO H 292 10.53 27.41 -36.19
C PRO H 292 11.35 28.70 -36.24
N ILE H 293 12.61 28.60 -36.66
CA ILE H 293 13.54 29.72 -36.52
C ILE H 293 13.11 30.92 -37.35
N ASP H 294 12.47 30.73 -38.50
CA ASP H 294 12.02 31.88 -39.28
C ASP H 294 10.85 32.59 -38.62
N MET H 295 10.11 31.91 -37.75
CA MET H 295 9.10 32.59 -36.95
C MET H 295 9.75 33.37 -35.80
N LEU H 296 10.78 32.80 -35.18
CA LEU H 296 11.54 33.53 -34.18
C LEU H 296 12.32 34.68 -34.81
N GLN H 297 12.81 34.49 -36.03
CA GLN H 297 13.51 35.55 -36.73
C GLN H 297 12.63 36.79 -36.89
N GLY H 298 11.30 36.61 -36.87
CA GLY H 298 10.39 37.73 -37.03
C GLY H 298 10.15 38.56 -35.79
N ILE H 299 10.50 38.04 -34.62
CA ILE H 299 10.34 38.80 -33.38
C ILE H 299 11.63 38.76 -32.58
N ARG I 34 64.89 -31.28 24.52
CA ARG I 34 63.81 -30.26 24.61
C ARG I 34 62.56 -30.85 25.24
N LEU I 35 61.91 -30.07 26.10
CA LEU I 35 60.67 -30.47 26.75
C LEU I 35 59.75 -29.27 26.82
N PRO I 36 58.45 -29.50 27.05
CA PRO I 36 57.51 -28.38 27.12
C PRO I 36 57.88 -27.35 28.18
N ASP I 37 57.56 -26.09 27.89
CA ASP I 37 57.76 -25.02 28.86
C ASP I 37 56.73 -25.07 29.98
N SER I 38 55.60 -25.73 29.77
CA SER I 38 54.54 -25.82 30.78
C SER I 38 55.07 -26.48 32.05
N GLY I 48 58.22 -44.73 43.47
CA GLY I 48 58.28 -44.87 44.92
C GLY I 48 57.31 -45.89 45.47
N PRO I 49 57.33 -46.10 46.78
CA PRO I 49 56.49 -47.16 47.37
C PRO I 49 55.01 -47.06 47.04
N CYS I 50 54.43 -45.86 47.06
CA CYS I 50 53.01 -45.75 46.75
C CYS I 50 52.74 -45.92 45.26
N GLY I 51 53.72 -45.60 44.42
CA GLY I 51 53.61 -45.97 43.02
C GLY I 51 53.58 -47.46 42.81
N TRP I 52 54.50 -48.18 43.47
CA TRP I 52 54.53 -49.63 43.32
C TRP I 52 53.23 -50.26 43.82
N ILE I 53 52.72 -49.79 44.96
CA ILE I 53 51.48 -50.34 45.51
C ILE I 53 50.33 -50.13 44.53
N LEU I 54 50.17 -48.91 44.05
CA LEU I 54 49.05 -48.60 43.18
C LEU I 54 49.18 -49.31 41.84
N VAL I 55 50.41 -49.43 41.33
CA VAL I 55 50.64 -50.20 40.10
C VAL I 55 50.30 -51.67 40.32
N ALA I 56 50.75 -52.24 41.44
CA ALA I 56 50.44 -53.63 41.72
C ALA I 56 48.93 -53.85 41.83
N PHE I 57 48.24 -52.94 42.53
CA PHE I 57 46.79 -53.02 42.62
C PHE I 57 46.15 -53.07 41.24
N SER I 58 46.62 -52.22 40.32
CA SER I 58 46.08 -52.22 38.97
C SER I 58 46.34 -53.53 38.25
N PHE I 59 47.56 -54.07 38.38
CA PHE I 59 47.88 -55.37 37.79
C PHE I 59 46.90 -56.44 38.26
N LEU I 60 46.69 -56.52 39.58
CA LEU I 60 45.78 -57.51 40.13
C LEU I 60 44.37 -57.33 39.58
N PHE I 61 43.89 -56.09 39.56
CA PHE I 61 42.55 -55.81 39.04
C PHE I 61 42.42 -56.25 37.59
N THR I 62 43.41 -55.89 36.76
CA THR I 62 43.32 -56.22 35.33
C THR I 62 43.50 -57.72 35.08
N VAL I 63 44.28 -58.40 35.91
CA VAL I 63 44.39 -59.86 35.77
C VAL I 63 43.10 -60.54 36.22
N ILE I 64 42.52 -60.07 37.33
CA ILE I 64 41.25 -60.63 37.80
C ILE I 64 40.15 -60.40 36.77
N THR I 65 40.26 -59.32 35.99
CA THR I 65 39.33 -59.03 34.91
C THR I 65 39.93 -59.34 33.53
N PHE I 66 40.90 -60.26 33.47
CA PHE I 66 41.71 -60.49 32.28
C PHE I 66 40.92 -60.53 30.99
N PRO I 67 39.94 -61.43 30.83
CA PRO I 67 39.25 -61.53 29.53
C PRO I 67 38.53 -60.26 29.13
N ILE I 68 38.17 -59.41 30.08
CA ILE I 68 37.58 -58.11 29.77
C ILE I 68 38.66 -57.04 29.62
N SER I 69 39.76 -57.18 30.36
CA SER I 69 40.80 -56.16 30.37
C SER I 69 41.56 -56.09 29.05
N ILE I 70 41.71 -57.22 28.35
CA ILE I 70 42.48 -57.29 27.12
C ILE I 70 42.22 -56.09 26.23
N TRP I 71 40.93 -55.74 26.08
CA TRP I 71 40.52 -54.77 25.08
C TRP I 71 40.82 -53.33 25.50
N MET I 72 41.00 -53.08 26.79
CA MET I 72 41.32 -51.75 27.29
C MET I 72 42.81 -51.53 27.50
N CYS I 73 43.56 -52.59 27.82
CA CYS I 73 44.96 -52.45 28.21
C CYS I 73 45.94 -52.49 27.05
N ILE I 74 45.53 -53.00 25.88
CA ILE I 74 46.43 -53.17 24.75
C ILE I 74 46.10 -52.12 23.70
N LYS I 75 47.14 -51.43 23.23
CA LYS I 75 47.03 -50.39 22.21
C LYS I 75 47.95 -50.72 21.04
N ILE I 76 47.54 -50.31 19.84
CA ILE I 76 48.31 -50.52 18.62
C ILE I 76 48.43 -49.20 17.89
N ILE I 77 49.65 -48.85 17.48
CA ILE I 77 49.97 -47.56 16.88
C ILE I 77 50.49 -47.80 15.46
N LYS I 78 49.89 -47.13 14.49
CA LYS I 78 50.29 -47.26 13.10
C LYS I 78 51.55 -46.45 12.80
N GLU I 79 52.11 -46.70 11.61
CA GLU I 79 53.31 -45.99 11.19
C GLU I 79 53.15 -44.47 11.26
N TYR I 80 51.98 -43.96 10.87
CA TYR I 80 51.76 -42.52 10.80
C TYR I 80 51.16 -41.94 12.08
N GLU I 81 51.27 -42.64 13.21
CA GLU I 81 50.76 -42.18 14.48
C GLU I 81 51.86 -42.22 15.54
N ARG I 82 51.69 -41.40 16.57
CA ARG I 82 52.54 -41.41 17.75
C ARG I 82 51.64 -41.30 18.99
N ALA I 83 52.14 -41.81 20.11
CA ALA I 83 51.40 -41.78 21.36
C ALA I 83 52.18 -41.05 22.45
N ILE I 84 51.45 -40.34 23.31
CA ILE I 84 52.00 -39.70 24.50
C ILE I 84 51.40 -40.40 25.71
N ILE I 85 52.26 -40.94 26.58
CA ILE I 85 51.84 -41.78 27.69
C ILE I 85 52.33 -41.17 29.00
N PHE I 86 51.42 -41.03 29.97
CA PHE I 86 51.75 -40.62 31.32
C PHE I 86 51.53 -41.79 32.26
N ARG I 87 52.55 -42.13 33.05
CA ARG I 87 52.45 -43.15 34.09
C ARG I 87 52.44 -42.44 35.43
N LEU I 88 51.29 -42.47 36.10
CA LEU I 88 51.07 -41.68 37.32
C LEU I 88 51.45 -40.22 37.11
N GLY I 89 50.89 -39.63 36.06
CA GLY I 89 51.08 -38.23 35.76
C GLY I 89 52.42 -37.84 35.18
N ARG I 90 53.41 -38.72 35.25
CA ARG I 90 54.73 -38.44 34.68
C ARG I 90 54.84 -39.06 33.30
N ILE I 91 55.40 -38.29 32.37
CA ILE I 91 55.54 -38.77 30.99
C ILE I 91 56.65 -39.81 30.93
N LEU I 92 56.43 -40.85 30.14
CA LEU I 92 57.43 -41.90 30.00
C LEU I 92 58.68 -41.35 29.31
N GLN I 93 59.81 -41.94 29.65
CA GLN I 93 61.11 -41.41 29.26
C GLN I 93 61.31 -41.50 27.75
N GLY I 94 61.95 -40.49 27.19
CA GLY I 94 62.22 -40.43 25.77
C GLY I 94 61.12 -39.74 24.99
N GLY I 95 61.23 -39.84 23.67
CA GLY I 95 60.29 -39.18 22.79
C GLY I 95 58.94 -39.88 22.75
N ALA I 96 58.08 -39.39 21.87
CA ALA I 96 56.77 -40.01 21.70
C ALA I 96 56.94 -41.44 21.23
N LYS I 97 56.07 -42.33 21.72
CA LYS I 97 56.20 -43.74 21.44
C LYS I 97 55.80 -44.05 20.00
N GLY I 98 56.64 -44.83 19.32
CA GLY I 98 56.50 -45.08 17.91
C GLY I 98 55.45 -46.13 17.60
N PRO I 99 55.44 -46.62 16.36
CA PRO I 99 54.45 -47.61 15.96
C PRO I 99 54.69 -48.96 16.65
N GLY I 100 53.61 -49.71 16.82
CA GLY I 100 53.70 -51.06 17.32
C GLY I 100 52.68 -51.32 18.41
N LEU I 101 53.03 -52.26 19.28
CA LEU I 101 52.14 -52.79 20.30
C LEU I 101 52.56 -52.23 21.67
N PHE I 102 51.58 -51.79 22.46
CA PHE I 102 51.86 -51.15 23.72
C PHE I 102 50.79 -51.53 24.75
N PHE I 103 51.18 -51.47 26.03
CA PHE I 103 50.37 -51.96 27.13
C PHE I 103 50.16 -50.83 28.12
N ILE I 104 48.89 -50.56 28.43
CA ILE I 104 48.50 -49.43 29.26
C ILE I 104 47.72 -49.96 30.45
N LEU I 105 48.16 -49.61 31.67
CA LEU I 105 47.38 -49.88 32.86
C LEU I 105 46.37 -48.75 33.03
N PRO I 106 45.09 -48.97 32.69
CA PRO I 106 44.17 -47.83 32.64
C PRO I 106 43.93 -47.14 33.98
N CYS I 107 44.23 -47.79 35.10
CA CYS I 107 44.06 -47.13 36.39
C CYS I 107 45.14 -46.07 36.60
N THR I 108 46.38 -46.40 36.27
CA THR I 108 47.51 -45.51 36.54
C THR I 108 47.95 -44.68 35.35
N ASP I 109 47.54 -45.04 34.13
CA ASP I 109 48.15 -44.50 32.91
C ASP I 109 47.13 -43.74 32.06
N SER I 110 47.62 -42.69 31.40
CA SER I 110 46.83 -41.90 30.45
C SER I 110 47.52 -41.95 29.10
N PHE I 111 46.73 -42.08 28.03
CA PHE I 111 47.22 -42.38 26.69
C PHE I 111 46.59 -41.42 25.68
N ILE I 112 47.44 -40.71 24.93
CA ILE I 112 47.01 -39.81 23.86
C ILE I 112 47.78 -40.17 22.60
N LYS I 113 47.07 -40.48 21.51
CA LYS I 113 47.69 -40.75 20.22
C LYS I 113 47.48 -39.56 19.28
N VAL I 114 48.50 -39.29 18.46
CA VAL I 114 48.56 -38.09 17.62
C VAL I 114 48.77 -38.53 16.17
N ASP I 115 47.93 -38.01 15.28
CA ASP I 115 48.09 -38.26 13.85
C ASP I 115 49.12 -37.30 13.28
N MET I 116 50.11 -37.84 12.58
CA MET I 116 51.23 -37.07 12.05
C MET I 116 51.08 -36.68 10.59
N ARG I 117 49.94 -36.94 9.97
CA ARG I 117 49.76 -36.66 8.54
C ARG I 117 49.30 -35.22 8.31
N THR I 118 49.51 -34.75 7.08
CA THR I 118 49.11 -33.40 6.70
C THR I 118 47.60 -33.24 6.80
N ILE I 119 47.17 -32.09 7.31
CA ILE I 119 45.77 -31.73 7.44
C ILE I 119 45.51 -30.46 6.62
N SER I 120 44.34 -30.40 6.00
CA SER I 120 43.89 -29.21 5.28
C SER I 120 42.56 -28.74 5.86
N PHE I 121 42.42 -27.42 6.01
CA PHE I 121 41.24 -26.82 6.64
C PHE I 121 40.80 -25.60 5.84
N ASP I 122 39.49 -25.46 5.65
CA ASP I 122 38.90 -24.39 4.84
C ASP I 122 38.52 -23.23 5.75
N ILE I 123 39.36 -22.20 5.77
CA ILE I 123 39.21 -21.03 6.64
C ILE I 123 37.93 -20.27 6.29
N PRO I 124 37.18 -19.78 7.27
CA PRO I 124 36.02 -18.94 6.95
C PRO I 124 36.46 -17.60 6.39
N PRO I 125 35.61 -16.95 5.60
CA PRO I 125 36.01 -15.70 4.93
C PRO I 125 36.33 -14.55 5.90
N GLN I 126 37.20 -13.65 5.44
CA GLN I 126 37.67 -12.51 6.21
C GLN I 126 37.45 -11.21 5.45
N GLU I 127 37.26 -10.11 6.18
CA GLU I 127 37.22 -8.77 5.61
C GLU I 127 38.60 -8.12 5.77
N ILE I 128 39.15 -7.59 4.68
CA ILE I 128 40.53 -7.13 4.64
C ILE I 128 40.61 -5.75 3.99
N LEU I 129 41.63 -4.99 4.41
CA LEU I 129 42.00 -3.72 3.78
C LEU I 129 43.39 -3.83 3.18
N THR I 130 43.51 -3.46 1.91
CA THR I 130 44.82 -3.44 1.26
C THR I 130 45.59 -2.18 1.62
N LYS I 131 46.86 -2.14 1.20
CA LYS I 131 47.69 -0.97 1.48
C LYS I 131 47.10 0.29 0.84
N ASP I 132 46.58 0.16 -0.39
CA ASP I 132 45.86 1.27 -1.01
C ASP I 132 44.45 1.45 -0.47
N SER I 133 44.07 0.74 0.59
CA SER I 133 42.83 0.98 1.31
C SER I 133 41.59 0.46 0.59
N VAL I 134 41.74 -0.55 -0.25
CA VAL I 134 40.58 -1.18 -0.90
C VAL I 134 39.98 -2.21 0.04
N THR I 135 38.66 -2.19 0.17
CA THR I 135 37.95 -3.22 0.91
C THR I 135 37.78 -4.47 0.06
N ILE I 136 38.33 -5.59 0.52
CA ILE I 136 38.13 -6.87 -0.14
C ILE I 136 37.85 -7.95 0.91
N SER I 137 37.09 -8.95 0.50
CA SER I 137 36.85 -10.14 1.31
C SER I 137 37.54 -11.33 0.66
N VAL I 138 38.27 -12.11 1.46
CA VAL I 138 39.06 -13.23 0.95
C VAL I 138 38.66 -14.50 1.69
N ASP I 139 38.90 -15.64 1.02
CA ASP I 139 38.46 -16.96 1.49
C ASP I 139 39.66 -17.91 1.38
N GLY I 140 40.30 -18.21 2.53
CA GLY I 140 41.58 -18.89 2.53
C GLY I 140 41.52 -20.39 2.86
N VAL I 141 42.67 -21.04 2.68
CA VAL I 141 42.87 -22.45 3.02
C VAL I 141 44.27 -22.60 3.62
N VAL I 142 44.41 -23.48 4.61
CA VAL I 142 45.69 -23.74 5.25
C VAL I 142 45.96 -25.23 5.28
N TYR I 143 47.23 -25.60 5.09
CA TYR I 143 47.71 -26.98 5.20
C TYR I 143 48.77 -27.03 6.30
N TYR I 144 48.67 -28.03 7.18
CA TYR I 144 49.63 -28.13 8.28
C TYR I 144 49.70 -29.56 8.79
N ARG I 145 50.76 -29.85 9.56
CA ARG I 145 50.96 -31.16 10.15
C ARG I 145 51.71 -31.03 11.48
N VAL I 146 51.51 -32.01 12.35
CA VAL I 146 52.29 -32.11 13.58
C VAL I 146 53.69 -32.64 13.25
N GLN I 147 54.72 -31.98 13.77
CA GLN I 147 56.08 -32.46 13.62
C GLN I 147 56.77 -32.79 14.94
N ASN I 148 56.15 -32.50 16.09
CA ASN I 148 56.66 -32.94 17.38
C ASN I 148 55.44 -33.20 18.27
N ALA I 149 55.14 -34.48 18.49
CA ALA I 149 53.91 -34.85 19.17
C ALA I 149 53.93 -34.49 20.65
N THR I 150 55.12 -34.45 21.26
CA THR I 150 55.18 -34.11 22.68
C THR I 150 54.76 -32.66 22.93
N LEU I 151 55.27 -31.73 22.13
CA LEU I 151 54.87 -30.34 22.27
C LEU I 151 53.41 -30.12 21.90
N ALA I 152 52.90 -30.88 20.95
CA ALA I 152 51.53 -30.68 20.50
C ALA I 152 50.52 -31.05 21.59
N VAL I 153 50.88 -31.96 22.49
CA VAL I 153 49.98 -32.37 23.57
C VAL I 153 50.21 -31.54 24.82
N ALA I 154 51.47 -31.36 25.22
CA ALA I 154 51.82 -30.88 26.55
C ALA I 154 52.16 -29.40 26.62
N ASN I 155 52.18 -28.68 25.51
CA ASN I 155 52.57 -27.28 25.50
C ASN I 155 51.46 -26.34 25.03
N ILE I 156 50.37 -26.87 24.50
CA ILE I 156 49.28 -26.07 23.96
C ILE I 156 47.98 -26.81 24.23
N THR I 157 46.93 -26.06 24.56
CA THR I 157 45.68 -26.69 24.96
C THR I 157 44.97 -27.35 23.77
N ASN I 158 44.89 -26.63 22.64
CA ASN I 158 44.23 -27.13 21.44
C ASN I 158 45.08 -26.69 20.25
N ALA I 159 45.96 -27.59 19.78
CA ALA I 159 46.89 -27.22 18.73
C ALA I 159 46.18 -26.82 17.44
N ASP I 160 45.15 -27.57 17.05
CA ASP I 160 44.45 -27.30 15.80
C ASP I 160 43.81 -25.92 15.81
N SER I 161 43.05 -25.61 16.87
CA SER I 161 42.39 -24.31 16.95
C SER I 161 43.39 -23.17 16.99
N ALA I 162 44.48 -23.33 17.76
CA ALA I 162 45.51 -22.31 17.79
C ALA I 162 46.11 -22.07 16.41
N THR I 163 46.37 -23.15 15.67
CA THR I 163 46.95 -23.01 14.34
C THR I 163 46.01 -22.28 13.39
N ARG I 164 44.74 -22.64 13.41
CA ARG I 164 43.79 -22.09 12.44
C ARG I 164 43.57 -20.59 12.66
N LEU I 165 43.51 -20.15 13.92
CA LEU I 165 43.38 -18.72 14.19
C LEU I 165 44.66 -17.97 13.79
N LEU I 166 45.82 -18.58 14.01
CA LEU I 166 47.07 -17.94 13.63
C LEU I 166 47.16 -17.71 12.13
N ALA I 167 46.69 -18.68 11.34
CA ALA I 167 46.71 -18.53 9.88
C ALA I 167 45.88 -17.33 9.45
N GLN I 168 44.70 -17.15 10.06
CA GLN I 168 43.82 -16.04 9.70
C GLN I 168 44.48 -14.70 9.97
N THR I 169 45.08 -14.53 11.15
CA THR I 169 45.69 -13.25 11.48
C THR I 169 46.94 -12.98 10.64
N THR I 170 47.69 -14.02 10.31
CA THR I 170 48.87 -13.83 9.46
C THR I 170 48.47 -13.38 8.06
N LEU I 171 47.42 -14.00 7.50
CA LEU I 171 46.92 -13.59 6.19
C LEU I 171 46.38 -12.16 6.24
N ARG I 172 45.68 -11.81 7.31
CA ARG I 172 45.17 -10.45 7.46
C ARG I 172 46.30 -9.42 7.43
N ASN I 173 47.38 -9.69 8.16
CA ASN I 173 48.47 -8.73 8.26
C ASN I 173 49.19 -8.54 6.93
N VAL I 174 49.59 -9.64 6.29
CA VAL I 174 50.46 -9.53 5.11
C VAL I 174 49.75 -8.79 3.99
N LEU I 175 48.48 -9.10 3.74
CA LEU I 175 47.77 -8.46 2.64
C LEU I 175 47.56 -6.97 2.90
N GLY I 176 47.62 -6.54 4.16
CA GLY I 176 47.57 -5.12 4.47
C GLY I 176 48.82 -4.36 4.09
N THR I 177 49.92 -5.05 3.81
CA THR I 177 51.16 -4.43 3.36
C THR I 177 51.30 -4.42 1.85
N LYS I 178 50.30 -4.90 1.11
CA LYS I 178 50.38 -5.03 -0.34
C LYS I 178 49.27 -4.22 -1.00
N ASN I 179 49.60 -3.60 -2.13
CA ASN I 179 48.57 -3.03 -2.99
C ASN I 179 47.80 -4.14 -3.71
N LEU I 180 46.56 -3.84 -4.09
CA LEU I 180 45.71 -4.85 -4.69
C LEU I 180 46.36 -5.47 -5.92
N SER I 181 47.05 -4.66 -6.74
CA SER I 181 47.71 -5.20 -7.92
C SER I 181 48.84 -6.15 -7.53
N GLN I 182 49.53 -5.87 -6.43
CA GLN I 182 50.58 -6.77 -5.96
C GLN I 182 50.00 -8.09 -5.47
N ILE I 183 48.81 -8.05 -4.86
CA ILE I 183 48.20 -9.28 -4.35
C ILE I 183 47.95 -10.24 -5.50
N LEU I 184 47.58 -9.73 -6.67
CA LEU I 184 47.30 -10.59 -7.81
C LEU I 184 48.58 -11.13 -8.45
N SER I 185 49.70 -10.41 -8.32
CA SER I 185 50.91 -10.74 -9.06
C SER I 185 52.01 -11.42 -8.23
N ASP I 186 51.97 -11.32 -6.90
CA ASP I 186 53.13 -11.65 -6.06
C ASP I 186 52.85 -12.83 -5.13
N ARG I 187 52.38 -13.96 -5.68
CA ARG I 187 52.12 -15.13 -4.84
C ARG I 187 53.37 -15.59 -4.10
N GLU I 188 54.49 -15.71 -4.81
CA GLU I 188 55.70 -16.26 -4.20
C GLU I 188 56.22 -15.36 -3.09
N GLU I 189 56.26 -14.05 -3.33
CA GLU I 189 56.73 -13.12 -2.30
C GLU I 189 55.83 -13.15 -1.08
N ILE I 190 54.51 -13.21 -1.30
CA ILE I 190 53.56 -13.22 -0.19
C ILE I 190 53.73 -14.50 0.63
N ALA I 191 53.94 -15.64 -0.03
CA ALA I 191 54.13 -16.90 0.68
C ALA I 191 55.39 -16.84 1.53
N HIS I 192 56.48 -16.32 0.98
CA HIS I 192 57.73 -16.21 1.74
C HIS I 192 57.56 -15.34 2.97
N ASN I 193 56.82 -14.23 2.84
CA ASN I 193 56.58 -13.36 3.99
C ASN I 193 55.83 -14.11 5.10
N MET I 194 54.78 -14.85 4.74
CA MET I 194 53.95 -15.50 5.75
C MET I 194 54.71 -16.60 6.48
N GLN I 195 55.58 -17.33 5.78
CA GLN I 195 56.21 -18.50 6.38
C GLN I 195 57.07 -18.12 7.57
N SER I 196 57.81 -17.01 7.47
CA SER I 196 58.65 -16.58 8.60
C SER I 196 57.80 -16.28 9.83
N THR I 197 56.68 -15.58 9.66
CA THR I 197 55.80 -15.31 10.78
C THR I 197 55.27 -16.61 11.38
N LEU I 198 54.83 -17.54 10.54
CA LEU I 198 54.21 -18.76 11.03
C LEU I 198 55.22 -19.65 11.76
N ASP I 199 56.43 -19.78 11.23
CA ASP I 199 57.42 -20.68 11.83
C ASP I 199 57.79 -20.23 13.24
N ASP I 200 58.02 -18.91 13.42
CA ASP I 200 58.38 -18.40 14.73
C ASP I 200 57.30 -18.72 15.76
N ALA I 201 56.04 -18.67 15.36
CA ALA I 201 54.94 -18.85 16.30
C ALA I 201 54.64 -20.32 16.57
N THR I 202 54.68 -21.17 15.55
CA THR I 202 54.23 -22.55 15.67
C THR I 202 55.32 -23.51 16.15
N ASP I 203 56.57 -23.08 16.23
CA ASP I 203 57.64 -23.97 16.68
C ASP I 203 57.34 -24.54 18.07
N ALA I 204 56.92 -23.68 19.00
CA ALA I 204 56.66 -24.12 20.36
C ALA I 204 55.49 -25.08 20.46
N TRP I 205 54.57 -25.07 19.50
CA TRP I 205 53.42 -25.95 19.52
C TRP I 205 53.69 -27.30 18.85
N GLY I 206 54.87 -27.49 18.27
CA GLY I 206 55.15 -28.72 17.55
C GLY I 206 54.43 -28.82 16.22
N ILE I 207 54.15 -27.70 15.57
CA ILE I 207 53.35 -27.64 14.35
C ILE I 207 54.19 -27.04 13.24
N LYS I 208 53.98 -27.50 12.02
CA LYS I 208 54.54 -26.87 10.83
C LYS I 208 53.41 -26.54 9.87
N VAL I 209 53.25 -25.27 9.55
CA VAL I 209 52.31 -24.84 8.53
C VAL I 209 52.99 -24.94 7.17
N GLU I 210 52.32 -25.60 6.23
CA GLU I 210 52.90 -25.89 4.93
C GLU I 210 52.43 -24.94 3.83
N ARG I 211 51.16 -24.52 3.85
CA ARG I 211 50.66 -23.57 2.87
C ARG I 211 49.54 -22.74 3.45
N VAL I 212 49.44 -21.50 2.99
CA VAL I 212 48.23 -20.70 3.12
C VAL I 212 47.89 -20.17 1.73
N GLU I 213 46.66 -20.40 1.30
CA GLU I 213 46.24 -20.11 -0.06
C GLU I 213 44.90 -19.40 -0.02
N ILE I 214 44.55 -18.76 -1.13
CA ILE I 214 43.34 -17.97 -1.25
C ILE I 214 42.43 -18.62 -2.29
N LYS I 215 41.19 -18.87 -1.90
CA LYS I 215 40.21 -19.54 -2.75
C LYS I 215 39.35 -18.57 -3.55
N ASP I 216 39.03 -17.40 -2.97
CA ASP I 216 38.18 -16.42 -3.61
C ASP I 216 38.58 -15.02 -3.18
N VAL I 217 38.34 -14.05 -4.06
CA VAL I 217 38.50 -12.63 -3.76
C VAL I 217 37.31 -11.88 -4.35
N LYS I 218 36.75 -10.95 -3.58
CA LYS I 218 35.58 -10.19 -3.99
C LYS I 218 35.74 -8.72 -3.67
N LEU I 219 35.33 -7.87 -4.60
CA LEU I 219 35.15 -6.45 -4.34
C LEU I 219 33.69 -6.18 -3.93
N PRO I 220 33.45 -5.14 -3.13
CA PRO I 220 32.07 -4.69 -2.93
C PRO I 220 31.44 -4.27 -4.26
N VAL I 221 30.13 -4.48 -4.37
CA VAL I 221 29.45 -4.24 -5.64
C VAL I 221 29.61 -2.79 -6.07
N GLN I 222 29.63 -1.86 -5.13
CA GLN I 222 29.73 -0.44 -5.46
C GLN I 222 31.06 -0.10 -6.15
N LEU I 223 32.10 -0.90 -5.96
CA LEU I 223 33.42 -0.62 -6.53
C LEU I 223 33.68 -1.32 -7.85
N GLN I 224 32.81 -2.24 -8.28
CA GLN I 224 33.20 -3.22 -9.30
C GLN I 224 33.38 -2.57 -10.67
N ARG I 225 32.43 -1.75 -11.12
CA ARG I 225 32.58 -1.16 -12.44
C ARG I 225 33.69 -0.12 -12.46
N ALA I 226 33.85 0.64 -11.36
CA ALA I 226 34.91 1.64 -11.31
C ALA I 226 36.29 1.01 -11.45
N MET I 227 36.52 -0.10 -10.76
CA MET I 227 37.84 -0.75 -10.79
C MET I 227 38.13 -1.41 -12.13
N ALA I 228 37.11 -1.71 -12.94
CA ALA I 228 37.27 -2.37 -14.23
C ALA I 228 37.54 -1.39 -15.37
N ALA I 229 37.97 -0.15 -15.08
CA ALA I 229 38.02 0.89 -16.10
C ALA I 229 38.94 0.52 -17.27
N GLU I 230 40.07 -0.12 -16.98
CA GLU I 230 41.01 -0.46 -18.06
C GLU I 230 40.38 -1.41 -19.07
N ALA I 231 39.65 -2.42 -18.59
CA ALA I 231 39.05 -3.39 -19.50
C ALA I 231 37.95 -2.74 -20.34
N GLU I 232 37.13 -1.90 -19.71
CA GLU I 232 36.09 -1.19 -20.45
C GLU I 232 36.70 -0.27 -21.51
N ALA I 233 37.76 0.45 -21.16
CA ALA I 233 38.35 1.41 -22.08
C ALA I 233 38.96 0.74 -23.31
N SER I 234 39.61 -0.41 -23.12
CA SER I 234 40.25 -1.09 -24.24
C SER I 234 39.25 -1.49 -25.31
N ARG I 235 38.06 -1.93 -24.89
CA ARG I 235 37.04 -2.33 -25.86
C ARG I 235 36.36 -1.11 -26.49
N GLU I 236 36.23 -0.02 -25.72
CA GLU I 236 35.69 1.21 -26.28
C GLU I 236 36.62 1.78 -27.35
N ALA I 237 37.93 1.65 -27.16
CA ALA I 237 38.88 2.14 -28.15
C ALA I 237 38.77 1.38 -29.46
N ARG I 238 38.65 0.06 -29.41
CA ARG I 238 38.46 -0.72 -30.62
C ARG I 238 37.12 -0.39 -31.28
N ALA I 239 36.08 -0.16 -30.47
CA ALA I 239 34.78 0.19 -31.03
C ALA I 239 34.83 1.50 -31.83
N LYS I 240 35.58 2.49 -31.33
CA LYS I 240 35.65 3.78 -32.02
C LYS I 240 36.24 3.64 -33.42
N VAL I 241 37.29 2.82 -33.56
CA VAL I 241 37.88 2.61 -34.88
C VAL I 241 36.86 1.99 -35.83
N ILE I 242 36.09 1.02 -35.34
CA ILE I 242 35.04 0.41 -36.15
C ILE I 242 33.98 1.45 -36.51
N ALA I 243 33.58 2.28 -35.55
CA ALA I 243 32.53 3.26 -35.80
C ALA I 243 32.98 4.32 -36.79
N ALA I 244 34.23 4.77 -36.71
CA ALA I 244 34.73 5.76 -37.65
C ALA I 244 34.75 5.22 -39.07
N GLU I 245 35.14 3.95 -39.23
CA GLU I 245 35.06 3.31 -40.54
C GLU I 245 33.65 3.30 -41.08
N GLY I 246 32.65 3.15 -40.19
CA GLY I 246 31.27 3.22 -40.62
C GLY I 246 30.89 4.58 -41.17
N GLU I 247 31.33 5.66 -40.51
CA GLU I 247 31.07 7.00 -41.02
C GLU I 247 31.65 7.18 -42.41
N MET I 248 32.89 6.71 -42.62
CA MET I 248 33.54 6.87 -43.92
C MET I 248 32.77 6.12 -45.02
N ASN I 249 32.32 4.90 -44.73
CA ASN I 249 31.63 4.11 -45.74
C ASN I 249 30.28 4.71 -46.10
N ALA I 250 29.58 5.28 -45.12
CA ALA I 250 28.25 5.85 -45.37
C ALA I 250 28.29 7.21 -46.04
N SER I 251 29.45 7.88 -46.06
CA SER I 251 29.48 9.30 -46.41
C SER I 251 29.12 9.56 -47.87
N ARG I 252 29.48 8.66 -48.79
CA ARG I 252 29.23 8.92 -50.21
C ARG I 252 27.74 8.98 -50.52
N ALA I 253 26.95 8.08 -49.94
CA ALA I 253 25.51 8.09 -50.20
C ALA I 253 24.85 9.32 -49.58
N LEU I 254 25.30 9.75 -48.41
CA LEU I 254 24.75 10.95 -47.80
C LEU I 254 25.04 12.19 -48.64
N LYS I 255 26.24 12.26 -49.23
CA LYS I 255 26.54 13.38 -50.11
C LYS I 255 25.61 13.41 -51.31
N GLU I 256 25.37 12.25 -51.93
CA GLU I 256 24.46 12.19 -53.08
C GLU I 256 23.05 12.61 -52.68
N ALA I 257 22.56 12.08 -51.55
CA ALA I 257 21.24 12.48 -51.07
C ALA I 257 21.18 13.97 -50.79
N SER I 258 22.24 14.51 -50.16
CA SER I 258 22.27 15.93 -49.83
C SER I 258 22.20 16.80 -51.07
N MET I 259 22.92 16.42 -52.13
CA MET I 259 22.96 17.26 -53.32
C MET I 259 21.60 17.36 -53.99
N VAL I 260 20.82 16.29 -53.99
CA VAL I 260 19.47 16.34 -54.56
C VAL I 260 18.54 17.13 -53.65
N ILE I 261 18.68 16.96 -52.34
CA ILE I 261 17.74 17.56 -51.39
C ILE I 261 17.86 19.08 -51.39
N THR I 262 19.07 19.60 -51.57
CA THR I 262 19.30 21.04 -51.43
C THR I 262 18.92 21.84 -52.68
N GLU I 263 18.51 21.17 -53.77
CA GLU I 263 18.13 21.90 -54.97
C GLU I 263 16.76 22.56 -54.84
N SER I 264 15.92 22.13 -53.90
CA SER I 264 14.64 22.75 -53.64
C SER I 264 14.52 22.98 -52.14
N PRO I 265 14.11 24.17 -51.69
CA PRO I 265 14.30 24.53 -50.28
C PRO I 265 13.45 23.75 -49.29
N ALA I 266 12.23 23.34 -49.65
CA ALA I 266 11.35 22.71 -48.69
C ALA I 266 11.67 21.24 -48.42
N ALA I 267 12.54 20.63 -49.23
CA ALA I 267 12.75 19.18 -49.14
C ALA I 267 13.33 18.77 -47.79
N LEU I 268 14.35 19.48 -47.31
CA LEU I 268 14.96 19.12 -46.04
C LEU I 268 13.96 19.24 -44.90
N GLN I 269 13.06 20.22 -44.97
CA GLN I 269 12.05 20.39 -43.94
C GLN I 269 11.10 19.20 -43.90
N LEU I 270 10.74 18.66 -45.07
CA LEU I 270 9.93 17.45 -45.10
C LEU I 270 10.64 16.30 -44.40
N ARG I 271 11.95 16.16 -44.60
CA ARG I 271 12.70 15.13 -43.91
C ARG I 271 12.67 15.34 -42.40
N TYR I 272 12.77 16.59 -41.94
CA TYR I 272 12.68 16.86 -40.50
C TYR I 272 11.36 16.38 -39.92
N LEU I 273 10.25 16.71 -40.59
CA LEU I 273 8.93 16.37 -40.06
C LEU I 273 8.71 14.86 -40.02
N GLN I 274 9.15 14.15 -41.06
CA GLN I 274 9.02 12.69 -41.03
C GLN I 274 9.85 12.07 -39.92
N THR I 275 10.99 12.67 -39.58
CA THR I 275 11.77 12.20 -38.43
C THR I 275 10.95 12.33 -37.14
N LEU I 276 10.29 13.47 -36.95
CA LEU I 276 9.49 13.67 -35.75
C LEU I 276 8.41 12.61 -35.61
N THR I 277 7.75 12.28 -36.73
CA THR I 277 6.73 11.24 -36.69
C THR I 277 7.32 9.90 -36.26
N THR I 278 8.54 9.59 -36.73
CA THR I 278 9.21 8.37 -36.30
C THR I 278 9.53 8.38 -34.81
N ILE I 279 9.99 9.53 -34.30
CA ILE I 279 10.35 9.63 -32.88
C ILE I 279 9.14 9.36 -32.00
N ALA I 280 7.98 9.93 -32.37
CA ALA I 280 6.83 9.93 -31.49
C ALA I 280 6.37 8.53 -31.10
N ALA I 281 6.70 7.51 -31.89
CA ALA I 281 6.25 6.16 -31.60
C ALA I 281 7.04 5.48 -30.49
N GLU I 282 8.25 5.96 -30.19
CA GLU I 282 9.05 5.38 -29.12
C GLU I 282 8.54 5.84 -27.76
N LYS I 283 8.68 4.97 -26.76
CA LYS I 283 8.17 5.26 -25.44
C LYS I 283 8.97 6.37 -24.76
N ASN I 284 8.30 7.09 -23.87
CA ASN I 284 8.92 8.15 -23.08
C ASN I 284 9.55 9.24 -23.95
N SER I 285 8.87 9.62 -25.02
CA SER I 285 9.34 10.69 -25.93
C SER I 285 8.38 11.87 -25.80
N THR I 286 8.77 12.87 -25.01
CA THR I 286 8.00 14.09 -24.87
C THR I 286 8.35 15.06 -25.98
N ILE I 287 7.34 15.58 -26.67
CA ILE I 287 7.51 16.55 -27.75
C ILE I 287 6.82 17.84 -27.36
N VAL I 288 7.54 18.95 -27.50
CA VAL I 288 7.04 20.28 -27.17
C VAL I 288 6.89 21.06 -28.48
N PHE I 289 5.68 21.57 -28.73
CA PHE I 289 5.25 21.95 -30.08
C PHE I 289 4.71 23.37 -30.11
N PRO I 290 5.49 24.35 -30.58
CA PRO I 290 4.97 25.71 -30.70
C PRO I 290 4.06 25.87 -31.91
N LEU I 291 3.03 26.72 -31.75
CA LEU I 291 2.10 27.06 -32.83
C LEU I 291 2.06 28.58 -32.97
N PRO I 292 2.90 29.16 -33.82
CA PRO I 292 2.88 30.62 -34.01
C PRO I 292 1.59 31.07 -34.69
N ILE I 293 0.82 31.91 -34.00
CA ILE I 293 -0.50 32.33 -34.46
C ILE I 293 -0.51 33.85 -34.57
N ASP I 294 -1.27 34.34 -35.55
CA ASP I 294 -1.35 35.76 -35.85
C ASP I 294 -2.79 36.24 -35.68
N MET I 295 -3.00 37.17 -34.76
CA MET I 295 -4.32 37.73 -34.49
C MET I 295 -4.60 39.02 -35.28
N LEU I 296 -3.73 39.39 -36.23
CA LEU I 296 -4.01 40.39 -37.23
C LEU I 296 -4.10 41.82 -36.69
N GLN I 297 -3.41 42.13 -35.60
CA GLN I 297 -3.33 43.51 -35.12
C GLN I 297 -2.16 44.24 -35.79
N ARG J 34 60.58 -44.85 -1.28
CA ARG J 34 60.14 -43.53 -0.77
C ARG J 34 59.08 -43.70 0.32
N LEU J 35 59.53 -43.79 1.57
CA LEU J 35 58.59 -43.89 2.68
C LEU J 35 57.91 -42.54 2.93
N PRO J 36 56.72 -42.54 3.52
CA PRO J 36 56.04 -41.28 3.84
C PRO J 36 56.86 -40.42 4.80
N ASP J 37 56.59 -39.12 4.75
CA ASP J 37 57.18 -38.20 5.71
C ASP J 37 56.66 -38.45 7.12
N SER J 38 55.38 -38.77 7.26
CA SER J 38 54.75 -38.95 8.56
C SER J 38 55.50 -39.97 9.41
N GLY J 48 57.45 -58.84 17.84
CA GLY J 48 58.13 -59.26 19.06
C GLY J 48 57.45 -60.44 19.73
N PRO J 49 58.00 -60.89 20.86
CA PRO J 49 57.44 -62.08 21.52
C PRO J 49 55.96 -61.98 21.84
N CYS J 50 55.50 -60.83 22.34
CA CYS J 50 54.08 -60.70 22.66
C CYS J 50 53.23 -60.58 21.40
N GLY J 51 53.81 -60.07 20.31
CA GLY J 51 53.08 -60.06 19.06
C GLY J 51 52.69 -61.45 18.59
N TRP J 52 53.62 -62.41 18.72
CA TRP J 52 53.31 -63.78 18.33
C TRP J 52 52.15 -64.34 19.14
N ILE J 53 52.05 -63.96 20.42
CA ILE J 53 50.92 -64.42 21.24
C ILE J 53 49.60 -63.96 20.64
N LEU J 54 49.50 -62.66 20.35
CA LEU J 54 48.28 -62.14 19.76
C LEU J 54 48.03 -62.76 18.38
N VAL J 55 49.08 -62.92 17.58
CA VAL J 55 48.93 -63.54 16.27
C VAL J 55 48.45 -64.99 16.43
N ALA J 56 49.06 -65.73 17.35
CA ALA J 56 48.66 -67.11 17.56
C ALA J 56 47.22 -67.20 18.04
N PHE J 57 46.84 -66.34 18.99
CA PHE J 57 45.46 -66.30 19.44
C PHE J 57 44.52 -66.04 18.27
N SER J 58 44.90 -65.14 17.36
CA SER J 58 44.06 -64.84 16.21
C SER J 58 44.01 -66.01 15.24
N PHE J 59 45.15 -66.64 14.98
CA PHE J 59 45.16 -67.84 14.14
C PHE J 59 44.21 -68.89 14.70
N LEU J 60 44.33 -69.19 16.00
CA LEU J 60 43.48 -70.19 16.62
C LEU J 60 42.00 -69.81 16.50
N PHE J 61 41.67 -68.58 16.90
CA PHE J 61 40.26 -68.17 16.93
C PHE J 61 39.64 -68.24 15.54
N THR J 62 40.35 -67.76 14.51
CA THR J 62 39.82 -67.81 13.17
C THR J 62 39.62 -69.24 12.69
N VAL J 63 40.57 -70.12 12.99
CA VAL J 63 40.42 -71.53 12.65
C VAL J 63 39.24 -72.14 13.42
N ILE J 64 39.10 -71.77 14.69
CA ILE J 64 37.96 -72.24 15.48
C ILE J 64 36.66 -71.76 14.89
N THR J 65 36.66 -70.58 14.28
CA THR J 65 35.47 -69.99 13.66
C THR J 65 35.51 -70.07 12.14
N PHE J 66 36.28 -71.00 11.58
CA PHE J 66 36.65 -70.96 10.17
C PHE J 66 35.47 -70.82 9.22
N PRO J 67 34.42 -71.63 9.28
CA PRO J 67 33.35 -71.52 8.27
C PRO J 67 32.60 -70.20 8.30
N ILE J 68 32.86 -69.34 9.27
CA ILE J 68 32.29 -68.00 9.32
C ILE J 68 33.35 -66.93 9.09
N SER J 69 34.48 -67.02 9.81
CA SER J 69 35.46 -65.95 9.81
C SER J 69 36.35 -65.94 8.59
N ILE J 70 36.41 -67.03 7.82
CA ILE J 70 37.25 -67.04 6.62
C ILE J 70 36.80 -65.97 5.64
N TRP J 71 35.53 -65.58 5.69
CA TRP J 71 35.04 -64.51 4.83
C TRP J 71 35.76 -63.20 5.11
N MET J 72 36.04 -62.92 6.37
CA MET J 72 36.75 -61.70 6.74
C MET J 72 38.24 -61.79 6.43
N CYS J 73 38.81 -62.99 6.50
CA CYS J 73 40.24 -63.15 6.24
C CYS J 73 40.57 -62.92 4.77
N ILE J 74 39.66 -63.32 3.87
CA ILE J 74 39.93 -63.33 2.44
C ILE J 74 39.65 -61.96 1.84
N LYS J 75 40.61 -61.44 1.07
CA LYS J 75 40.48 -60.19 0.34
C LYS J 75 40.87 -60.42 -1.11
N ILE J 76 40.15 -59.77 -2.03
CA ILE J 76 40.44 -59.84 -3.45
C ILE J 76 40.59 -58.41 -3.97
N ILE J 77 41.71 -58.15 -4.62
CA ILE J 77 42.05 -56.82 -5.15
C ILE J 77 42.09 -56.92 -6.67
N LYS J 78 41.34 -56.04 -7.34
CA LYS J 78 41.23 -56.08 -8.79
C LYS J 78 42.46 -55.47 -9.45
N GLU J 79 42.52 -55.63 -10.77
CA GLU J 79 43.65 -55.11 -11.54
C GLU J 79 43.90 -53.63 -11.28
N TYR J 80 42.83 -52.85 -11.15
CA TYR J 80 42.92 -51.40 -11.04
C TYR J 80 42.87 -50.91 -9.60
N GLU J 81 43.08 -51.81 -8.62
CA GLU J 81 43.09 -51.45 -7.21
C GLU J 81 44.42 -51.86 -6.58
N ARG J 82 44.72 -51.24 -5.44
CA ARG J 82 45.89 -51.57 -4.64
C ARG J 82 45.51 -51.54 -3.17
N ALA J 83 46.23 -52.30 -2.36
CA ALA J 83 45.95 -52.43 -0.93
C ALA J 83 47.15 -52.03 -0.09
N ILE J 84 46.89 -51.32 1.00
CA ILE J 84 47.89 -50.98 2.01
C ILE J 84 47.52 -51.75 3.27
N ILE J 85 48.46 -52.52 3.81
CA ILE J 85 48.19 -53.46 4.90
C ILE J 85 49.14 -53.17 6.06
N PHE J 86 48.56 -53.03 7.26
CA PHE J 86 49.31 -52.90 8.51
C PHE J 86 49.06 -54.14 9.37
N ARG J 87 50.14 -54.69 9.93
CA ARG J 87 50.07 -55.81 10.87
C ARG J 87 50.69 -55.37 12.19
N LEU J 88 49.88 -55.34 13.25
CA LEU J 88 50.31 -54.81 14.54
C LEU J 88 50.91 -53.41 14.39
N GLY J 89 50.29 -52.62 13.51
CA GLY J 89 50.70 -51.24 13.29
C GLY J 89 51.84 -51.03 12.32
N ARG J 90 52.71 -52.01 12.14
CA ARG J 90 53.78 -51.88 11.15
C ARG J 90 53.24 -52.18 9.76
N ILE J 91 53.75 -51.48 8.77
CA ILE J 91 53.33 -51.64 7.38
C ILE J 91 54.09 -52.80 6.75
N LEU J 92 53.37 -53.66 6.04
CA LEU J 92 54.01 -54.80 5.40
C LEU J 92 55.06 -54.32 4.40
N GLN J 93 56.21 -54.98 4.40
CA GLN J 93 57.36 -54.51 3.65
C GLN J 93 57.10 -54.57 2.15
N GLY J 94 57.65 -53.59 1.44
CA GLY J 94 57.48 -53.47 0.00
C GLY J 94 56.42 -52.44 -0.36
N GLY J 95 56.08 -52.43 -1.64
CA GLY J 95 55.10 -51.51 -2.15
C GLY J 95 53.67 -51.97 -1.83
N ALA J 96 52.72 -51.21 -2.38
CA ALA J 96 51.32 -51.57 -2.22
C ALA J 96 51.05 -52.92 -2.88
N LYS J 97 50.16 -53.69 -2.27
CA LYS J 97 49.92 -55.05 -2.74
C LYS J 97 49.05 -55.04 -4.00
N GLY J 98 49.48 -55.81 -5.00
CA GLY J 98 48.88 -55.80 -6.31
C GLY J 98 47.57 -56.55 -6.36
N PRO J 99 47.13 -56.89 -7.58
CA PRO J 99 45.88 -57.65 -7.72
C PRO J 99 46.04 -59.08 -7.22
N GLY J 100 44.91 -59.66 -6.80
CA GLY J 100 44.85 -61.08 -6.51
C GLY J 100 44.18 -61.34 -5.19
N LEU J 101 44.52 -62.49 -4.62
CA LEU J 101 43.90 -63.01 -3.40
C LEU J 101 44.86 -62.84 -2.23
N PHE J 102 44.35 -62.32 -1.12
CA PHE J 102 45.18 -61.99 0.03
C PHE J 102 44.46 -62.36 1.32
N PHE J 103 45.25 -62.71 2.33
CA PHE J 103 44.74 -63.17 3.62
C PHE J 103 45.21 -62.25 4.72
N ILE J 104 44.29 -61.84 5.59
CA ILE J 104 44.61 -61.01 6.74
C ILE J 104 43.88 -61.56 7.96
N LEU J 105 44.42 -61.24 9.14
CA LEU J 105 43.74 -61.55 10.38
C LEU J 105 43.06 -60.27 10.88
N PRO J 106 41.72 -60.22 10.94
CA PRO J 106 41.08 -58.94 11.29
C PRO J 106 41.39 -58.47 12.70
N CYS J 107 41.87 -59.34 13.59
CA CYS J 107 42.24 -58.91 14.92
C CYS J 107 43.53 -58.08 14.91
N THR J 108 44.59 -58.61 14.30
CA THR J 108 45.90 -57.98 14.33
C THR J 108 46.17 -57.05 13.15
N ASP J 109 45.38 -57.11 12.08
CA ASP J 109 45.71 -56.45 10.82
C ASP J 109 44.70 -55.36 10.49
N SER J 110 45.17 -54.36 9.75
CA SER J 110 44.33 -53.29 9.22
C SER J 110 44.59 -53.17 7.72
N PHE J 111 43.53 -52.87 6.97
CA PHE J 111 43.52 -53.04 5.52
C PHE J 111 42.86 -51.84 4.86
N ILE J 112 43.57 -51.21 3.91
CA ILE J 112 43.07 -50.06 3.17
C ILE J 112 43.21 -50.34 1.68
N LYS J 113 42.14 -50.06 0.93
CA LYS J 113 42.03 -50.40 -0.48
C LYS J 113 41.89 -49.13 -1.30
N VAL J 114 42.73 -48.98 -2.34
CA VAL J 114 42.86 -47.73 -3.08
C VAL J 114 42.55 -47.97 -4.55
N ASP J 115 41.62 -47.19 -5.10
CA ASP J 115 41.31 -47.23 -6.52
C ASP J 115 42.29 -46.36 -7.29
N MET J 116 42.89 -46.92 -8.34
CA MET J 116 43.95 -46.26 -9.10
C MET J 116 43.46 -45.60 -10.38
N ARG J 117 42.15 -45.51 -10.60
CA ARG J 117 41.62 -44.97 -11.85
C ARG J 117 41.44 -43.45 -11.78
N THR J 118 41.38 -42.84 -12.97
CA THR J 118 41.10 -41.41 -13.08
C THR J 118 39.72 -41.09 -12.52
N ILE J 119 39.62 -39.97 -11.80
CA ILE J 119 38.37 -39.49 -11.26
C ILE J 119 38.20 -38.02 -11.59
N SER J 120 36.96 -37.61 -11.83
CA SER J 120 36.62 -36.24 -12.19
C SER J 120 35.69 -35.65 -11.12
N PHE J 121 35.90 -34.38 -10.80
CA PHE J 121 35.10 -33.68 -9.80
C PHE J 121 34.68 -32.31 -10.33
N ASP J 122 33.41 -31.96 -10.10
CA ASP J 122 32.84 -30.70 -10.59
C ASP J 122 32.97 -29.64 -9.49
N ILE J 123 33.97 -28.79 -9.62
CA ILE J 123 34.33 -27.79 -8.61
C ILE J 123 33.19 -26.79 -8.43
N PRO J 124 32.89 -26.35 -7.20
CA PRO J 124 31.90 -25.29 -7.03
C PRO J 124 32.37 -24.00 -7.66
N PRO J 125 31.44 -23.14 -8.10
CA PRO J 125 31.82 -21.89 -8.77
C PRO J 125 32.59 -20.93 -7.85
N GLN J 126 33.44 -20.11 -8.46
CA GLN J 126 34.36 -19.22 -7.77
C GLN J 126 34.20 -17.78 -8.24
N GLU J 127 34.62 -16.84 -7.38
CA GLU J 127 34.70 -15.42 -7.72
C GLU J 127 36.16 -15.05 -7.94
N ILE J 128 36.45 -14.42 -9.08
CA ILE J 128 37.82 -14.17 -9.52
C ILE J 128 37.99 -12.73 -9.99
N LEU J 129 39.21 -12.22 -9.85
CA LEU J 129 39.61 -10.92 -10.39
C LEU J 129 40.70 -11.13 -11.44
N THR J 130 40.51 -10.53 -12.62
CA THR J 130 41.53 -10.59 -13.65
C THR J 130 42.63 -9.57 -13.39
N LYS J 131 43.70 -9.66 -14.17
CA LYS J 131 44.79 -8.70 -14.05
C LYS J 131 44.29 -7.28 -14.33
N ASP J 132 43.42 -7.11 -15.33
CA ASP J 132 42.78 -5.83 -15.58
C ASP J 132 41.62 -5.54 -14.62
N SER J 133 41.42 -6.35 -13.58
CA SER J 133 40.51 -6.04 -12.47
C SER J 133 39.04 -6.23 -12.80
N VAL J 134 38.71 -7.12 -13.74
CA VAL J 134 37.32 -7.44 -14.04
C VAL J 134 36.84 -8.50 -13.06
N THR J 135 35.63 -8.31 -12.54
CA THR J 135 34.99 -9.30 -11.68
C THR J 135 34.30 -10.36 -12.54
N ILE J 136 34.76 -11.61 -12.45
CA ILE J 136 34.13 -12.72 -13.14
C ILE J 136 33.96 -13.89 -12.18
N SER J 137 32.94 -14.70 -12.44
CA SER J 137 32.72 -15.96 -11.74
C SER J 137 32.96 -17.12 -12.70
N VAL J 138 33.72 -18.12 -12.25
CA VAL J 138 34.09 -19.26 -13.10
C VAL J 138 33.64 -20.55 -12.43
N ASP J 139 33.44 -21.58 -13.26
CA ASP J 139 32.89 -22.87 -12.85
C ASP J 139 33.79 -23.97 -13.40
N GLY J 140 34.65 -24.56 -12.56
CA GLY J 140 35.71 -25.43 -13.01
C GLY J 140 35.42 -26.92 -12.89
N VAL J 141 36.32 -27.72 -13.47
CA VAL J 141 36.31 -29.17 -13.38
C VAL J 141 37.76 -29.65 -13.28
N VAL J 142 38.01 -30.66 -12.45
CA VAL J 142 39.34 -31.22 -12.26
C VAL J 142 39.30 -32.72 -12.45
N TYR J 143 40.37 -33.25 -13.07
CA TYR J 143 40.58 -34.68 -13.26
C TYR J 143 41.88 -35.08 -12.59
N TYR J 144 41.84 -36.11 -11.75
CA TYR J 144 43.04 -36.52 -11.03
C TYR J 144 43.04 -38.02 -10.78
N ARG J 145 44.21 -38.54 -10.41
CA ARG J 145 44.45 -39.97 -10.30
C ARG J 145 45.51 -40.22 -9.23
N VAL J 146 45.35 -41.34 -8.49
CA VAL J 146 46.36 -41.74 -7.51
C VAL J 146 47.54 -42.34 -8.25
N GLN J 147 48.73 -41.80 -7.99
CA GLN J 147 49.96 -42.27 -8.61
C GLN J 147 50.77 -43.19 -7.70
N ASN J 148 50.69 -42.99 -6.37
CA ASN J 148 51.42 -43.81 -5.40
C ASN J 148 50.49 -44.07 -4.24
N ALA J 149 50.08 -45.32 -4.07
CA ALA J 149 49.04 -45.65 -3.09
C ALA J 149 49.53 -45.51 -1.66
N THR J 150 50.82 -45.73 -1.40
CA THR J 150 51.33 -45.62 -0.04
C THR J 150 51.28 -44.18 0.46
N LEU J 151 51.79 -43.24 -0.32
CA LEU J 151 51.74 -41.84 0.07
C LEU J 151 50.30 -41.36 0.19
N ALA J 152 49.41 -41.83 -0.69
CA ALA J 152 48.03 -41.38 -0.65
C ALA J 152 47.34 -41.80 0.64
N VAL J 153 47.76 -42.90 1.24
CA VAL J 153 47.14 -43.38 2.48
C VAL J 153 47.83 -42.83 3.71
N ALA J 154 49.16 -42.88 3.73
CA ALA J 154 49.94 -42.71 4.97
C ALA J 154 50.58 -41.33 5.12
N ASN J 155 50.44 -40.43 4.13
CA ASN J 155 51.08 -39.13 4.20
C ASN J 155 50.10 -37.96 4.21
N ILE J 156 48.82 -38.21 3.96
CA ILE J 156 47.80 -37.18 3.89
C ILE J 156 46.52 -37.75 4.47
N THR J 157 45.79 -36.94 5.24
CA THR J 157 44.60 -37.43 5.93
C THR J 157 43.47 -37.71 4.95
N ASN J 158 43.24 -36.82 3.99
CA ASN J 158 42.18 -36.97 3.01
C ASN J 158 42.72 -36.45 1.67
N ALA J 159 43.16 -37.37 0.82
CA ALA J 159 43.79 -36.97 -0.44
C ALA J 159 42.80 -36.22 -1.34
N ASP J 160 41.53 -36.63 -1.34
CA ASP J 160 40.55 -36.04 -2.24
C ASP J 160 40.30 -34.57 -1.92
N SER J 161 39.97 -34.27 -0.66
CA SER J 161 39.67 -32.89 -0.29
C SER J 161 40.90 -32.00 -0.46
N ALA J 162 42.07 -32.51 -0.13
CA ALA J 162 43.29 -31.73 -0.34
C ALA J 162 43.48 -31.40 -1.82
N THR J 163 43.28 -32.39 -2.70
CA THR J 163 43.48 -32.16 -4.13
C THR J 163 42.44 -31.20 -4.70
N ARG J 164 41.17 -31.34 -4.27
CA ARG J 164 40.12 -30.49 -4.82
C ARG J 164 40.29 -29.04 -4.38
N LEU J 165 40.66 -28.81 -3.13
CA LEU J 165 40.91 -27.44 -2.67
C LEU J 165 42.13 -26.84 -3.38
N LEU J 166 43.17 -27.64 -3.59
CA LEU J 166 44.35 -27.14 -4.26
C LEU J 166 44.06 -26.72 -5.70
N ALA J 167 43.19 -27.47 -6.39
CA ALA J 167 42.81 -27.09 -7.75
C ALA J 167 42.14 -25.73 -7.77
N GLN J 168 41.25 -25.46 -6.81
CA GLN J 168 40.57 -24.18 -6.74
C GLN J 168 41.55 -23.02 -6.56
N THR J 169 42.46 -23.13 -5.60
CA THR J 169 43.37 -22.02 -5.33
C THR J 169 44.35 -21.82 -6.47
N THR J 170 44.78 -22.91 -7.13
CA THR J 170 45.66 -22.77 -8.28
C THR J 170 44.95 -22.06 -9.43
N LEU J 171 43.68 -22.40 -9.66
CA LEU J 171 42.91 -21.71 -10.70
C LEU J 171 42.72 -20.24 -10.36
N ARG J 172 42.46 -19.94 -9.10
CA ARG J 172 42.29 -18.55 -8.67
C ARG J 172 43.54 -17.73 -8.98
N ASN J 173 44.72 -18.27 -8.66
CA ASN J 173 45.96 -17.53 -8.82
C ASN J 173 46.28 -17.25 -10.28
N VAL J 174 46.20 -18.27 -11.14
CA VAL J 174 46.66 -18.13 -12.51
C VAL J 174 45.81 -17.10 -13.26
N LEU J 175 44.50 -17.16 -13.09
CA LEU J 175 43.63 -16.23 -13.82
C LEU J 175 43.80 -14.80 -13.32
N GLY J 176 44.34 -14.61 -12.11
CA GLY J 176 44.66 -13.27 -11.64
C GLY J 176 45.87 -12.65 -12.30
N THR J 177 46.67 -13.45 -13.01
CA THR J 177 47.81 -12.96 -13.76
C THR J 177 47.49 -12.70 -15.24
N LYS J 178 46.25 -12.91 -15.66
CA LYS J 178 45.86 -12.79 -17.05
C LYS J 178 44.79 -11.72 -17.22
N ASN J 179 44.86 -10.98 -18.31
CA ASN J 179 43.75 -10.12 -18.73
C ASN J 179 42.60 -10.98 -19.25
N LEU J 180 41.40 -10.41 -19.22
CA LEU J 180 40.22 -11.17 -19.64
C LEU J 180 40.36 -11.69 -21.06
N SER J 181 40.90 -10.88 -21.96
CA SER J 181 41.10 -11.32 -23.34
C SER J 181 42.05 -12.51 -23.41
N GLN J 182 43.09 -12.52 -22.57
CA GLN J 182 44.04 -13.63 -22.56
C GLN J 182 43.39 -14.91 -22.05
N ILE J 183 42.44 -14.79 -21.10
CA ILE J 183 41.79 -15.97 -20.56
C ILE J 183 41.03 -16.71 -21.66
N LEU J 184 40.44 -15.97 -22.60
CA LEU J 184 39.68 -16.61 -23.67
C LEU J 184 40.60 -17.21 -24.74
N SER J 185 41.81 -16.68 -24.90
CA SER J 185 42.68 -17.05 -26.01
C SER J 185 43.80 -18.02 -25.65
N ASP J 186 44.21 -18.10 -24.39
CA ASP J 186 45.48 -18.72 -23.99
C ASP J 186 45.30 -20.00 -23.19
N ARG J 187 44.48 -20.94 -23.67
CA ARG J 187 44.25 -22.17 -22.91
C ARG J 187 45.54 -22.94 -22.68
N GLU J 188 46.33 -23.16 -23.73
CA GLU J 188 47.52 -24.00 -23.60
C GLU J 188 48.52 -23.39 -22.64
N GLU J 189 48.75 -22.09 -22.72
CA GLU J 189 49.68 -21.44 -21.80
C GLU J 189 49.17 -21.50 -20.36
N ILE J 190 47.87 -21.29 -20.16
CA ILE J 190 47.30 -21.35 -18.82
C ILE J 190 47.42 -22.76 -18.25
N ALA J 191 47.13 -23.78 -19.06
CA ALA J 191 47.27 -25.15 -18.60
C ALA J 191 48.71 -25.46 -18.20
N HIS J 192 49.67 -25.01 -19.00
CA HIS J 192 51.07 -25.27 -18.69
C HIS J 192 51.50 -24.63 -17.38
N ASN J 193 51.02 -23.40 -17.12
CA ASN J 193 51.34 -22.73 -15.86
C ASN J 193 50.79 -23.50 -14.66
N MET J 194 49.56 -23.98 -14.75
CA MET J 194 48.94 -24.67 -13.62
C MET J 194 49.64 -25.99 -13.32
N GLN J 195 50.04 -26.72 -14.36
CA GLN J 195 50.54 -28.08 -14.17
C GLN J 195 51.78 -28.09 -13.27
N SER J 196 52.74 -27.21 -13.54
CA SER J 196 53.95 -27.17 -12.74
C SER J 196 53.64 -26.81 -11.29
N THR J 197 52.69 -25.89 -11.08
CA THR J 197 52.29 -25.55 -9.72
C THR J 197 51.69 -26.76 -9.01
N LEU J 198 50.78 -27.47 -9.69
CA LEU J 198 50.11 -28.60 -9.05
C LEU J 198 51.07 -29.75 -8.77
N ASP J 199 51.98 -30.02 -9.70
CA ASP J 199 52.87 -31.18 -9.54
C ASP J 199 53.79 -31.03 -8.34
N ASP J 200 54.27 -29.82 -8.08
CA ASP J 200 55.14 -29.60 -6.93
C ASP J 200 54.43 -29.93 -5.62
N ALA J 201 53.14 -29.60 -5.53
CA ALA J 201 52.40 -29.81 -4.30
C ALA J 201 51.89 -31.25 -4.16
N THR J 202 51.25 -31.78 -5.19
CA THR J 202 50.58 -33.08 -5.08
C THR J 202 51.55 -34.26 -5.05
N ASP J 203 52.82 -34.05 -5.39
CA ASP J 203 53.75 -35.17 -5.44
C ASP J 203 53.87 -35.85 -4.09
N ALA J 204 53.98 -35.08 -3.01
CA ALA J 204 54.10 -35.67 -1.68
C ALA J 204 52.86 -36.47 -1.28
N TRP J 205 51.71 -36.20 -1.89
CA TRP J 205 50.49 -36.92 -1.60
C TRP J 205 50.29 -38.15 -2.48
N GLY J 206 51.20 -38.40 -3.43
CA GLY J 206 51.00 -39.48 -4.37
C GLY J 206 49.86 -39.27 -5.35
N ILE J 207 49.60 -38.02 -5.72
CA ILE J 207 48.49 -37.66 -6.62
C ILE J 207 49.06 -37.00 -7.85
N LYS J 208 48.47 -37.31 -9.01
CA LYS J 208 48.76 -36.63 -10.26
C LYS J 208 47.48 -35.99 -10.76
N VAL J 209 47.49 -34.66 -10.94
CA VAL J 209 46.37 -33.95 -11.53
C VAL J 209 46.57 -33.93 -13.04
N GLU J 210 45.53 -34.31 -13.77
CA GLU J 210 45.62 -34.47 -15.21
C GLU J 210 45.01 -33.31 -15.99
N ARG J 211 43.92 -32.71 -15.50
CA ARG J 211 43.33 -31.56 -16.18
C ARG J 211 42.61 -30.67 -15.18
N VAL J 212 42.61 -29.37 -15.47
CA VAL J 212 41.71 -28.40 -14.87
C VAL J 212 41.15 -27.55 -15.99
N GLU J 213 39.82 -27.43 -16.04
CA GLU J 213 39.15 -26.73 -17.13
C GLU J 213 37.94 -25.99 -16.60
N ILE J 214 37.45 -25.06 -17.40
CA ILE J 214 36.37 -24.15 -17.04
C ILE J 214 35.16 -24.47 -17.92
N LYS J 215 33.99 -24.62 -17.31
CA LYS J 215 32.78 -24.90 -18.06
C LYS J 215 31.83 -23.71 -18.19
N ASP J 216 31.96 -22.68 -17.34
CA ASP J 216 31.16 -21.47 -17.46
C ASP J 216 31.98 -20.26 -17.03
N VAL J 217 31.70 -19.12 -17.66
CA VAL J 217 32.27 -17.82 -17.28
C VAL J 217 31.17 -16.78 -17.39
N LYS J 218 31.04 -15.93 -16.37
CA LYS J 218 30.00 -14.91 -16.32
C LYS J 218 30.56 -13.56 -15.91
N LEU J 219 30.09 -12.51 -16.59
CA LEU J 219 30.24 -11.14 -16.10
C LEU J 219 29.02 -10.78 -15.24
N PRO J 220 29.18 -9.88 -14.27
CA PRO J 220 28.00 -9.34 -13.58
C PRO J 220 27.16 -8.51 -14.55
N VAL J 221 25.86 -8.46 -14.27
CA VAL J 221 24.91 -7.86 -15.21
C VAL J 221 25.24 -6.40 -15.52
N GLN J 222 25.82 -5.68 -14.55
CA GLN J 222 26.10 -4.25 -14.75
C GLN J 222 27.19 -4.01 -15.79
N LEU J 223 28.01 -5.01 -16.09
CA LEU J 223 29.12 -4.86 -17.02
C LEU J 223 28.84 -5.39 -18.42
N GLN J 224 27.69 -6.03 -18.64
CA GLN J 224 27.53 -6.87 -19.82
C GLN J 224 27.41 -6.06 -21.10
N ARG J 225 26.58 -5.01 -21.11
CA ARG J 225 26.48 -4.22 -22.33
C ARG J 225 27.74 -3.39 -22.58
N ALA J 226 28.35 -2.88 -21.51
CA ALA J 226 29.55 -2.07 -21.66
C ALA J 226 30.68 -2.87 -22.32
N MET J 227 30.85 -4.12 -21.91
CA MET J 227 31.93 -4.95 -22.46
C MET J 227 31.65 -5.42 -23.88
N ALA J 228 30.41 -5.40 -24.32
CA ALA J 228 30.03 -5.86 -25.66
C ALA J 228 30.17 -4.77 -26.73
N ALA J 229 30.85 -3.66 -26.42
CA ALA J 229 30.82 -2.49 -27.29
C ALA J 229 31.28 -2.80 -28.72
N GLU J 230 32.33 -3.62 -28.85
CA GLU J 230 32.86 -3.88 -30.19
C GLU J 230 31.85 -4.61 -31.07
N ALA J 231 31.13 -5.59 -30.50
CA ALA J 231 30.13 -6.30 -31.29
C ALA J 231 28.99 -5.39 -31.68
N GLU J 232 28.53 -4.56 -30.75
CA GLU J 232 27.46 -3.61 -31.04
C GLU J 232 27.87 -2.62 -32.12
N ALA J 233 29.11 -2.13 -32.05
CA ALA J 233 29.58 -1.14 -33.01
C ALA J 233 29.65 -1.70 -34.42
N SER J 234 30.04 -2.96 -34.58
CA SER J 234 30.15 -3.54 -35.91
C SER J 234 28.80 -3.58 -36.61
N ARG J 235 27.75 -3.98 -35.89
CA ARG J 235 26.42 -4.03 -36.49
C ARG J 235 25.88 -2.64 -36.78
N GLU J 236 26.16 -1.68 -35.90
CA GLU J 236 25.74 -0.30 -36.15
C GLU J 236 26.45 0.28 -37.37
N ALA J 237 27.73 -0.05 -37.56
CA ALA J 237 28.46 0.45 -38.72
C ALA J 237 27.81 -0.02 -40.02
N ARG J 238 27.46 -1.30 -40.09
CA ARG J 238 26.78 -1.81 -41.28
C ARG J 238 25.40 -1.19 -41.44
N ALA J 239 24.70 -0.94 -40.33
CA ALA J 239 23.38 -0.32 -40.40
C ALA J 239 23.44 1.09 -40.99
N LYS J 240 24.49 1.86 -40.66
CA LYS J 240 24.59 3.22 -41.15
C LYS J 240 24.71 3.27 -42.67
N VAL J 241 25.43 2.31 -43.26
CA VAL J 241 25.54 2.27 -44.71
C VAL J 241 24.18 2.00 -45.35
N ILE J 242 23.42 1.06 -44.79
CA ILE J 242 22.09 0.78 -45.30
C ILE J 242 21.20 2.01 -45.18
N ALA J 243 21.29 2.73 -44.06
CA ALA J 243 20.44 3.89 -43.84
C ALA J 243 20.75 5.01 -44.82
N ALA J 244 22.03 5.21 -45.14
CA ALA J 244 22.39 6.28 -46.07
C ALA J 244 21.90 5.97 -47.48
N GLU J 245 21.95 4.70 -47.88
CA GLU J 245 21.38 4.30 -49.16
C GLU J 245 19.88 4.60 -49.20
N GLY J 246 19.19 4.42 -48.07
CA GLY J 246 17.78 4.79 -48.00
C GLY J 246 17.55 6.28 -48.22
N GLU J 247 18.40 7.12 -47.62
CA GLU J 247 18.30 8.56 -47.86
C GLU J 247 18.45 8.88 -49.34
N MET J 248 19.43 8.27 -50.00
CA MET J 248 19.67 8.55 -51.41
C MET J 248 18.48 8.12 -52.27
N ASN J 249 17.90 6.95 -51.97
CA ASN J 249 16.78 6.46 -52.77
C ASN J 249 15.55 7.34 -52.62
N ALA J 250 15.29 7.85 -51.41
CA ALA J 250 14.09 8.64 -51.15
C ALA J 250 14.20 10.08 -51.65
N SER J 251 15.41 10.56 -51.97
CA SER J 251 15.62 11.99 -52.12
C SER J 251 14.87 12.55 -53.34
N ARG J 252 14.80 11.80 -54.43
CA ARG J 252 14.20 12.34 -55.66
C ARG J 252 12.73 12.70 -55.45
N ALA J 253 11.97 11.85 -54.78
CA ALA J 253 10.56 12.14 -54.56
C ALA J 253 10.37 13.34 -53.63
N LEU J 254 11.24 13.50 -52.63
CA LEU J 254 11.15 14.67 -51.77
C LEU J 254 11.41 15.96 -52.55
N LYS J 255 12.37 15.93 -53.48
CA LYS J 255 12.61 17.10 -54.32
C LYS J 255 11.38 17.45 -55.16
N GLU J 256 10.78 16.44 -55.78
CA GLU J 256 9.58 16.68 -56.59
C GLU J 256 8.46 17.25 -55.73
N ALA J 257 8.25 16.69 -54.54
CA ALA J 257 7.24 17.22 -53.63
C ALA J 257 7.56 18.66 -53.24
N SER J 258 8.84 18.93 -52.96
CA SER J 258 9.24 20.27 -52.53
C SER J 258 8.96 21.31 -53.60
N MET J 259 9.26 21.00 -54.86
CA MET J 259 9.10 21.98 -55.93
C MET J 259 7.63 22.38 -56.12
N VAL J 260 6.71 21.45 -55.92
CA VAL J 260 5.29 21.80 -55.96
C VAL J 260 4.93 22.66 -54.75
N ILE J 261 5.39 22.26 -53.55
CA ILE J 261 4.98 22.93 -52.32
C ILE J 261 5.47 24.37 -52.31
N THR J 262 6.66 24.63 -52.85
CA THR J 262 7.23 25.97 -52.79
C THR J 262 6.50 26.97 -53.68
N GLU J 263 5.67 26.52 -54.60
CA GLU J 263 4.94 27.44 -55.46
C GLU J 263 3.81 28.15 -54.72
N SER J 264 3.41 27.62 -53.56
CA SER J 264 2.46 28.28 -52.66
C SER J 264 2.92 27.97 -51.24
N PRO J 265 3.89 28.74 -50.73
CA PRO J 265 4.61 28.30 -49.52
C PRO J 265 3.76 28.00 -48.29
N ALA J 266 2.56 28.57 -48.16
CA ALA J 266 1.72 28.23 -47.02
C ALA J 266 1.35 26.76 -46.98
N ALA J 267 1.58 26.03 -48.08
CA ALA J 267 1.33 24.60 -48.07
C ALA J 267 2.18 23.87 -47.04
N LEU J 268 3.40 24.36 -46.78
CA LEU J 268 4.27 23.70 -45.81
C LEU J 268 3.71 23.81 -44.40
N GLN J 269 3.04 24.92 -44.08
CA GLN J 269 2.39 25.05 -42.78
C GLN J 269 1.22 24.07 -42.64
N LEU J 270 0.50 23.82 -43.73
CA LEU J 270 -0.54 22.79 -43.70
C LEU J 270 0.07 21.42 -43.41
N ARG J 271 1.19 21.10 -44.05
CA ARG J 271 1.90 19.86 -43.76
C ARG J 271 2.35 19.81 -42.30
N TYR J 272 2.82 20.94 -41.79
CA TYR J 272 3.24 21.03 -40.39
C TYR J 272 2.10 20.71 -39.43
N LEU J 273 0.92 21.26 -39.70
CA LEU J 273 -0.23 21.03 -38.81
C LEU J 273 -0.72 19.59 -38.87
N GLN J 274 -0.64 18.94 -40.04
CA GLN J 274 -1.03 17.54 -40.13
C GLN J 274 -0.03 16.64 -39.40
N THR J 275 1.24 17.05 -39.33
CA THR J 275 2.21 16.31 -38.54
C THR J 275 1.83 16.33 -37.06
N LEU J 276 1.42 17.49 -36.54
CA LEU J 276 1.03 17.59 -35.14
C LEU J 276 -0.15 16.67 -34.84
N THR J 277 -1.13 16.61 -35.74
CA THR J 277 -2.27 15.72 -35.54
C THR J 277 -1.82 14.27 -35.43
N THR J 278 -0.88 13.86 -36.28
CA THR J 278 -0.37 12.49 -36.21
C THR J 278 0.34 12.22 -34.89
N ILE J 279 1.17 13.16 -34.44
CA ILE J 279 1.96 12.94 -33.23
C ILE J 279 1.06 12.84 -32.01
N ALA J 280 0.02 13.66 -31.95
CA ALA J 280 -0.83 13.68 -30.76
C ALA J 280 -1.51 12.34 -30.52
N ALA J 281 -1.72 11.55 -31.58
CA ALA J 281 -2.41 10.27 -31.44
C ALA J 281 -1.55 9.20 -30.76
N GLU J 282 -0.24 9.37 -30.72
CA GLU J 282 0.63 8.37 -30.11
C GLU J 282 0.49 8.42 -28.58
N LYS J 283 0.89 7.31 -27.95
CA LYS J 283 0.83 7.18 -26.49
C LYS J 283 2.08 7.81 -25.87
N ASN J 284 2.07 9.14 -25.83
CA ASN J 284 3.16 9.94 -25.28
C ASN J 284 2.60 11.29 -24.86
N SER J 285 3.38 12.01 -24.07
CA SER J 285 2.99 13.35 -23.63
C SER J 285 3.32 14.37 -24.72
N THR J 286 2.34 15.22 -25.03
CA THR J 286 2.52 16.33 -25.96
C THR J 286 2.21 17.64 -25.23
N ILE J 287 3.04 18.65 -25.44
CA ILE J 287 2.83 19.98 -24.88
C ILE J 287 2.79 20.96 -26.05
N VAL J 288 1.72 21.75 -26.12
CA VAL J 288 1.47 22.65 -27.25
C VAL J 288 1.36 24.08 -26.72
N PHE J 289 2.03 25.01 -27.41
CA PHE J 289 2.03 26.44 -27.08
C PHE J 289 1.45 27.24 -28.24
N PRO J 290 0.16 27.61 -28.20
CA PRO J 290 -0.31 28.68 -29.09
C PRO J 290 0.40 29.98 -28.74
N LEU J 291 0.94 30.64 -29.77
CA LEU J 291 1.85 31.77 -29.60
C LEU J 291 1.43 32.94 -30.47
N PRO J 292 0.74 33.94 -29.91
CA PRO J 292 0.31 35.10 -30.71
C PRO J 292 1.44 36.05 -31.07
N ILE J 293 2.14 35.78 -32.18
CA ILE J 293 3.38 36.49 -32.49
C ILE J 293 3.13 37.99 -32.67
N ASP J 294 2.00 38.39 -33.24
CA ASP J 294 1.74 39.83 -33.39
C ASP J 294 1.54 40.51 -32.05
N MET J 295 1.13 39.78 -31.02
CA MET J 295 1.09 40.35 -29.68
C MET J 295 2.49 40.48 -29.10
N LEU J 296 3.33 39.46 -29.31
CA LEU J 296 4.73 39.55 -28.89
C LEU J 296 5.47 40.62 -29.68
N GLN J 297 5.13 40.78 -30.96
CA GLN J 297 5.74 41.82 -31.77
C GLN J 297 5.55 43.21 -31.16
N GLY J 298 4.50 43.38 -30.36
CA GLY J 298 4.22 44.65 -29.71
C GLY J 298 5.04 44.95 -28.47
N ILE J 299 5.68 43.94 -27.90
CA ILE J 299 6.49 44.14 -26.70
C ILE J 299 7.85 43.47 -26.88
N ARG K 34 48.30 -53.09 -25.58
CA ARG K 34 47.84 -51.95 -24.73
C ARG K 34 46.93 -52.44 -23.61
N LEU K 35 47.15 -51.92 -22.41
CA LEU K 35 46.34 -52.24 -21.25
C LEU K 35 46.21 -50.99 -20.39
N PRO K 36 45.27 -50.98 -19.45
CA PRO K 36 45.04 -49.78 -18.64
C PRO K 36 46.29 -49.31 -17.91
N ASP K 37 46.42 -47.99 -17.78
CA ASP K 37 47.50 -47.40 -16.99
C ASP K 37 47.30 -47.60 -15.50
N SER K 38 46.06 -47.80 -15.06
CA SER K 38 45.77 -47.98 -13.64
C SER K 38 46.56 -49.14 -13.06
N GLY K 48 47.46 -70.48 -8.57
CA GLY K 48 48.15 -71.20 -7.53
C GLY K 48 47.22 -72.01 -6.64
N PRO K 49 47.79 -72.70 -5.64
CA PRO K 49 46.96 -73.61 -4.83
C PRO K 49 45.75 -72.95 -4.19
N CYS K 50 45.88 -71.72 -3.67
CA CYS K 50 44.73 -71.08 -3.06
C CYS K 50 43.68 -70.70 -4.10
N GLY K 51 44.09 -70.39 -5.32
CA GLY K 51 43.13 -70.20 -6.38
C GLY K 51 42.39 -71.48 -6.72
N TRP K 52 43.12 -72.57 -6.89
CA TRP K 52 42.48 -73.85 -7.24
C TRP K 52 41.51 -74.29 -6.14
N ILE K 53 41.92 -74.14 -4.87
CA ILE K 53 41.06 -74.56 -3.77
C ILE K 53 39.79 -73.73 -3.75
N LEU K 54 39.93 -72.41 -3.82
CA LEU K 54 38.76 -71.54 -3.74
C LEU K 54 37.85 -71.71 -4.95
N VAL K 55 38.42 -71.95 -6.13
CA VAL K 55 37.62 -72.21 -7.32
C VAL K 55 36.87 -73.54 -7.16
N ALA K 56 37.57 -74.58 -6.69
CA ALA K 56 36.91 -75.86 -6.49
C ALA K 56 35.77 -75.74 -5.48
N PHE K 57 36.00 -75.03 -4.38
CA PHE K 57 34.94 -74.78 -3.41
C PHE K 57 33.73 -74.14 -4.08
N SER K 58 33.96 -73.16 -4.95
CA SER K 58 32.85 -72.50 -5.63
C SER K 58 32.12 -73.47 -6.56
N PHE K 59 32.86 -74.30 -7.30
CA PHE K 59 32.22 -75.31 -8.14
C PHE K 59 31.30 -76.20 -7.32
N LEU K 60 31.78 -76.69 -6.18
CA LEU K 60 30.97 -77.55 -5.33
C LEU K 60 29.72 -76.83 -4.86
N PHE K 61 29.88 -75.58 -4.40
CA PHE K 61 28.73 -74.82 -3.92
C PHE K 61 27.68 -74.65 -5.01
N THR K 62 28.10 -74.31 -6.22
CA THR K 62 27.16 -74.08 -7.30
C THR K 62 26.51 -75.37 -7.78
N VAL K 63 27.24 -76.48 -7.77
CA VAL K 63 26.65 -77.77 -8.13
C VAL K 63 25.65 -78.20 -7.07
N ILE K 64 26.00 -78.03 -5.78
CA ILE K 64 25.09 -78.38 -4.70
C ILE K 64 23.82 -77.54 -4.79
N THR K 65 23.91 -76.34 -5.36
CA THR K 65 22.76 -75.47 -5.59
C THR K 65 22.36 -75.40 -7.06
N PHE K 66 22.70 -76.42 -7.84
CA PHE K 66 22.56 -76.38 -9.30
C PHE K 66 21.24 -75.79 -9.79
N PRO K 67 20.06 -76.29 -9.40
CA PRO K 67 18.82 -75.71 -9.95
C PRO K 67 18.65 -74.24 -9.62
N ILE K 68 19.27 -73.75 -8.55
CA ILE K 68 19.24 -72.32 -8.24
C ILE K 68 20.39 -71.60 -8.92
N SER K 69 21.54 -72.27 -9.09
CA SER K 69 22.73 -71.60 -9.58
C SER K 69 22.66 -71.28 -11.07
N ILE K 70 21.96 -72.11 -11.84
CA ILE K 70 21.91 -71.98 -13.31
C ILE K 70 21.76 -70.51 -13.70
N TRP K 71 20.83 -69.82 -13.05
CA TRP K 71 20.42 -68.50 -13.52
C TRP K 71 21.43 -67.42 -13.17
N MET K 72 22.25 -67.66 -12.14
CA MET K 72 23.27 -66.69 -11.73
C MET K 72 24.61 -66.93 -12.42
N CYS K 73 24.92 -68.17 -12.79
CA CYS K 73 26.23 -68.51 -13.32
C CYS K 73 26.34 -68.38 -14.83
N ILE K 74 25.22 -68.39 -15.56
CA ILE K 74 25.23 -68.33 -17.02
C ILE K 74 24.89 -66.91 -17.46
N LYS K 75 25.70 -66.38 -18.37
CA LYS K 75 25.52 -65.05 -18.94
C LYS K 75 25.48 -65.14 -20.46
N ILE K 76 24.72 -64.25 -21.08
CA ILE K 76 24.57 -64.21 -22.53
C ILE K 76 24.80 -62.77 -22.99
N ILE K 77 25.59 -62.60 -24.05
CA ILE K 77 26.05 -61.30 -24.51
C ILE K 77 25.62 -61.13 -25.97
N LYS K 78 24.97 -60.01 -26.27
CA LYS K 78 24.49 -59.74 -27.61
C LYS K 78 25.62 -59.22 -28.51
N GLU K 79 25.33 -59.16 -29.81
CA GLU K 79 26.31 -58.70 -30.78
C GLU K 79 26.88 -57.33 -30.42
N TYR K 80 26.03 -56.43 -29.92
CA TYR K 80 26.42 -55.06 -29.64
C TYR K 80 26.88 -54.84 -28.21
N GLU K 81 27.24 -55.90 -27.49
CA GLU K 81 27.72 -55.82 -26.12
C GLU K 81 29.06 -56.51 -25.98
N ARG K 82 29.82 -56.11 -24.96
CA ARG K 82 31.05 -56.77 -24.57
C ARG K 82 31.08 -56.89 -23.06
N ALA K 83 31.80 -57.89 -22.56
CA ALA K 83 31.91 -58.15 -21.14
C ALA K 83 33.37 -58.06 -20.69
N ILE K 84 33.57 -57.55 -19.48
CA ILE K 84 34.87 -57.53 -18.82
C ILE K 84 34.77 -58.43 -17.59
N ILE K 85 35.64 -59.44 -17.53
CA ILE K 85 35.56 -60.48 -16.52
C ILE K 85 36.86 -60.53 -15.74
N PHE K 86 36.76 -60.53 -14.41
CA PHE K 86 37.89 -60.73 -13.52
C PHE K 86 37.73 -62.07 -12.80
N ARG K 87 38.76 -62.90 -12.88
CA ARG K 87 38.82 -64.17 -12.15
C ARG K 87 39.81 -64.02 -11.01
N LEU K 88 39.30 -63.99 -9.78
CA LEU K 88 40.11 -63.70 -8.60
C LEU K 88 40.91 -62.41 -8.78
N GLY K 89 40.21 -61.36 -9.20
CA GLY K 89 40.77 -60.04 -9.33
C GLY K 89 41.64 -59.82 -10.55
N ARG K 90 41.94 -60.86 -11.33
CA ARG K 90 42.76 -60.74 -12.52
C ARG K 90 41.88 -60.84 -13.76
N ILE K 91 42.10 -59.93 -14.70
CA ILE K 91 41.30 -59.90 -15.92
C ILE K 91 41.69 -61.07 -16.82
N LEU K 92 40.68 -61.70 -17.42
CA LEU K 92 40.93 -62.84 -18.29
C LEU K 92 41.73 -62.41 -19.52
N GLN K 93 42.54 -63.34 -20.01
CA GLN K 93 43.51 -63.03 -21.07
C GLN K 93 42.79 -62.66 -22.36
N GLY K 94 43.38 -61.73 -23.10
CA GLY K 94 42.80 -61.25 -24.34
C GLY K 94 41.89 -60.06 -24.13
N GLY K 95 41.23 -59.67 -25.22
CA GLY K 95 40.38 -58.51 -25.20
C GLY K 95 39.06 -58.79 -24.48
N ALA K 96 38.16 -57.82 -24.56
CA ALA K 96 36.85 -57.97 -23.97
C ALA K 96 36.12 -59.15 -24.62
N LYS K 97 35.37 -59.88 -23.81
CA LYS K 97 34.72 -61.09 -24.29
C LYS K 97 33.53 -60.74 -25.18
N GLY K 98 33.47 -61.39 -26.34
CA GLY K 98 32.53 -61.06 -27.38
C GLY K 98 31.14 -61.62 -27.13
N PRO K 99 30.31 -61.62 -28.18
CA PRO K 99 28.95 -62.14 -28.03
C PRO K 99 28.94 -63.65 -27.82
N GLY K 100 27.91 -64.11 -27.12
CA GLY K 100 27.68 -65.54 -27.00
C GLY K 100 27.37 -65.92 -25.57
N LEU K 101 27.68 -67.18 -25.27
CA LEU K 101 27.33 -67.80 -24.00
C LEU K 101 28.59 -67.92 -23.13
N PHE K 102 28.47 -67.53 -21.86
CA PHE K 102 29.61 -67.50 -20.96
C PHE K 102 29.19 -67.92 -19.56
N PHE K 103 30.15 -68.41 -18.79
CA PHE K 103 29.92 -69.04 -17.51
C PHE K 103 30.73 -68.33 -16.44
N ILE K 104 30.06 -67.89 -15.37
CA ILE K 104 30.67 -67.09 -14.32
C ILE K 104 30.49 -67.82 -13.00
N LEU K 105 31.60 -68.02 -12.28
CA LEU K 105 31.53 -68.50 -10.90
C LEU K 105 31.35 -67.28 -10.00
N PRO K 106 30.14 -67.00 -9.50
CA PRO K 106 29.91 -65.72 -8.82
C PRO K 106 30.72 -65.54 -7.55
N CYS K 107 31.23 -66.61 -6.93
CA CYS K 107 32.06 -66.45 -5.74
C CYS K 107 33.43 -65.86 -6.09
N THR K 108 34.05 -66.37 -7.16
CA THR K 108 35.40 -65.97 -7.51
C THR K 108 35.46 -64.88 -8.58
N ASP K 109 34.37 -64.63 -9.31
CA ASP K 109 34.41 -63.86 -10.54
C ASP K 109 33.57 -62.60 -10.44
N SER K 110 34.02 -61.54 -11.12
CA SER K 110 33.29 -60.29 -11.25
C SER K 110 33.05 -60.03 -12.74
N PHE K 111 31.83 -59.61 -13.08
CA PHE K 111 31.37 -59.51 -14.46
C PHE K 111 30.79 -58.13 -14.72
N ILE K 112 31.31 -57.45 -15.75
CA ILE K 112 30.82 -56.14 -16.18
C ILE K 112 30.58 -56.19 -17.69
N LYS K 113 29.37 -55.84 -18.12
CA LYS K 113 29.04 -55.79 -19.53
C LYS K 113 28.88 -54.36 -20.00
N VAL K 114 29.32 -54.08 -21.23
CA VAL K 114 29.43 -52.74 -21.77
C VAL K 114 28.65 -52.67 -23.08
N ASP K 115 27.77 -51.67 -23.20
CA ASP K 115 27.05 -51.41 -24.44
C ASP K 115 27.93 -50.61 -25.39
N MET K 116 28.06 -51.07 -26.62
CA MET K 116 28.96 -50.49 -27.61
C MET K 116 28.23 -49.57 -28.60
N ARG K 117 26.96 -49.26 -28.38
CA ARG K 117 26.20 -48.46 -29.34
C ARG K 117 26.30 -46.96 -29.02
N THR K 118 26.02 -46.15 -30.04
CA THR K 118 26.08 -44.71 -29.90
C THR K 118 25.06 -44.21 -28.85
N ILE K 119 25.50 -43.27 -28.03
CA ILE K 119 24.67 -42.64 -27.01
C ILE K 119 24.60 -41.14 -27.30
N SER K 120 23.42 -40.56 -27.08
CA SER K 120 23.22 -39.12 -27.19
C SER K 120 22.74 -38.57 -25.85
N PHE K 121 23.24 -37.40 -25.48
CA PHE K 121 22.94 -36.79 -24.19
C PHE K 121 22.70 -35.30 -24.35
N ASP K 122 21.67 -34.79 -23.67
CA ASP K 122 21.26 -33.38 -23.76
C ASP K 122 21.97 -32.58 -22.67
N ILE K 123 23.04 -31.90 -23.05
CA ILE K 123 23.87 -31.13 -22.12
C ILE K 123 23.07 -30.01 -21.48
N PRO K 124 23.24 -29.73 -20.19
CA PRO K 124 22.56 -28.57 -19.60
C PRO K 124 23.14 -27.28 -20.13
N PRO K 125 22.37 -26.18 -20.10
CA PRO K 125 22.83 -24.93 -20.70
C PRO K 125 24.04 -24.32 -19.99
N GLN K 126 24.81 -23.53 -20.74
CA GLN K 126 26.04 -22.90 -20.28
C GLN K 126 26.01 -21.40 -20.57
N GLU K 127 26.73 -20.64 -19.74
CA GLU K 127 26.95 -19.21 -19.99
C GLU K 127 28.34 -19.03 -20.62
N ILE K 128 28.39 -18.31 -21.74
CA ILE K 128 29.60 -18.23 -22.55
C ILE K 128 29.91 -16.77 -22.89
N LEU K 129 31.20 -16.49 -23.12
CA LEU K 129 31.67 -15.22 -23.63
C LEU K 129 32.36 -15.44 -24.97
N THR K 130 31.95 -14.65 -25.97
CA THR K 130 32.58 -14.73 -27.29
C THR K 130 33.88 -13.93 -27.31
N LYS K 131 34.61 -14.06 -28.42
CA LYS K 131 35.86 -13.32 -28.57
C LYS K 131 35.61 -11.81 -28.54
N ASP K 132 34.51 -11.36 -29.15
CA ASP K 132 34.11 -9.96 -29.04
C ASP K 132 33.39 -9.64 -27.73
N SER K 133 33.36 -10.58 -26.78
CA SER K 133 32.91 -10.30 -25.42
C SER K 133 31.40 -10.20 -25.29
N VAL K 134 30.64 -10.84 -26.17
CA VAL K 134 29.19 -10.89 -26.04
C VAL K 134 28.80 -12.00 -25.08
N THR K 135 27.90 -11.69 -24.14
CA THR K 135 27.33 -12.70 -23.26
C THR K 135 26.24 -13.47 -24.00
N ILE K 136 26.42 -14.79 -24.13
CA ILE K 136 25.39 -15.65 -24.70
C ILE K 136 25.28 -16.92 -23.87
N SER K 137 24.09 -17.51 -23.86
CA SER K 137 23.84 -18.81 -23.26
C SER K 137 23.51 -19.81 -24.36
N VAL K 138 24.16 -20.98 -24.32
CA VAL K 138 24.02 -22.00 -25.35
C VAL K 138 23.55 -23.30 -24.70
N ASP K 139 22.92 -24.15 -25.51
CA ASP K 139 22.30 -25.40 -25.06
C ASP K 139 22.73 -26.52 -26.02
N GLY K 140 23.70 -27.34 -25.58
CA GLY K 140 24.35 -28.29 -26.48
C GLY K 140 23.86 -29.73 -26.37
N VAL K 141 24.35 -30.55 -27.31
CA VAL K 141 24.10 -31.99 -27.34
C VAL K 141 25.38 -32.69 -27.76
N VAL K 142 25.65 -33.86 -27.18
CA VAL K 142 26.84 -34.66 -27.51
C VAL K 142 26.42 -36.07 -27.87
N TYR K 143 27.10 -36.64 -28.86
CA TYR K 143 26.94 -38.04 -29.27
C TYR K 143 28.28 -38.75 -29.09
N TYR K 144 28.26 -39.95 -28.51
CA TYR K 144 29.50 -40.68 -28.29
C TYR K 144 29.22 -42.17 -28.12
N ARG K 145 30.29 -42.96 -28.24
CA ARG K 145 30.20 -44.41 -28.08
C ARG K 145 31.51 -44.95 -27.52
N VAL K 146 31.43 -46.11 -26.85
CA VAL K 146 32.61 -46.82 -26.41
C VAL K 146 33.26 -47.52 -27.58
N GLN K 147 34.59 -47.37 -27.70
CA GLN K 147 35.35 -48.08 -28.72
C GLN K 147 36.44 -48.98 -28.15
N ASN K 148 36.61 -49.04 -26.83
CA ASN K 148 37.51 -50.01 -26.21
C ASN K 148 36.95 -50.29 -24.81
N ALA K 149 36.27 -51.43 -24.67
CA ALA K 149 35.56 -51.71 -23.42
C ALA K 149 36.51 -51.93 -22.25
N THR K 150 37.73 -52.42 -22.51
CA THR K 150 38.67 -52.64 -21.42
C THR K 150 39.07 -51.33 -20.77
N LEU K 151 39.42 -50.32 -21.56
CA LEU K 151 39.78 -49.03 -21.00
C LEU K 151 38.59 -48.34 -20.35
N ALA K 152 37.39 -48.53 -20.90
CA ALA K 152 36.22 -47.85 -20.36
C ALA K 152 35.89 -48.33 -18.95
N VAL K 153 36.20 -49.58 -18.63
CA VAL K 153 35.95 -50.13 -17.29
C VAL K 153 37.11 -49.87 -16.34
N ALA K 154 38.33 -50.17 -16.79
CA ALA K 154 39.47 -50.30 -15.89
C ALA K 154 40.41 -49.10 -15.86
N ASN K 155 40.16 -48.06 -16.65
CA ASN K 155 41.05 -46.91 -16.70
C ASN K 155 40.37 -45.62 -16.26
N ILE K 156 39.06 -45.62 -16.08
CA ILE K 156 38.31 -44.42 -15.72
C ILE K 156 37.20 -44.85 -14.79
N THR K 157 36.91 -44.03 -13.78
CA THR K 157 35.94 -44.41 -12.76
C THR K 157 34.51 -44.38 -13.30
N ASN K 158 34.15 -43.33 -14.03
CA ASN K 158 32.81 -43.17 -14.59
C ASN K 158 32.97 -42.55 -15.98
N ALA K 159 32.94 -43.39 -17.00
CA ALA K 159 33.26 -42.92 -18.35
C ALA K 159 32.21 -41.93 -18.86
N ASP K 160 30.93 -42.18 -18.57
CA ASP K 160 29.89 -41.29 -19.05
C ASP K 160 30.03 -39.89 -18.46
N SER K 161 30.14 -39.80 -17.14
CA SER K 161 30.28 -38.49 -16.49
C SER K 161 31.52 -37.76 -16.96
N ALA K 162 32.64 -38.47 -17.11
CA ALA K 162 33.86 -37.83 -17.59
C ALA K 162 33.66 -37.27 -18.99
N THR K 163 33.00 -38.01 -19.87
CA THR K 163 32.80 -37.55 -21.24
C THR K 163 31.89 -36.34 -21.30
N ARG K 164 30.79 -36.36 -20.54
CA ARG K 164 29.82 -35.28 -20.62
C ARG K 164 30.40 -33.97 -20.10
N LEU K 165 31.21 -34.02 -19.03
CA LEU K 165 31.87 -32.81 -18.56
C LEU K 165 32.90 -32.30 -19.56
N LEU K 166 33.64 -33.22 -20.19
CA LEU K 166 34.65 -32.80 -21.15
C LEU K 166 34.02 -32.11 -22.35
N ALA K 167 32.84 -32.55 -22.77
CA ALA K 167 32.14 -31.90 -23.87
C ALA K 167 31.82 -30.45 -23.52
N GLN K 168 31.33 -30.21 -22.30
CA GLN K 168 30.96 -28.85 -21.90
C GLN K 168 32.17 -27.91 -21.94
N THR K 169 33.30 -28.34 -21.35
CA THR K 169 34.47 -27.47 -21.31
C THR K 169 35.06 -27.25 -22.70
N THR K 170 35.01 -28.27 -23.57
CA THR K 170 35.52 -28.09 -24.92
C THR K 170 34.68 -27.08 -25.68
N LEU K 171 33.36 -27.16 -25.57
CA LEU K 171 32.47 -26.20 -26.21
C LEU K 171 32.70 -24.80 -25.66
N ARG K 172 32.87 -24.69 -24.34
CA ARG K 172 33.12 -23.39 -23.72
C ARG K 172 34.36 -22.73 -24.30
N ASN K 173 35.44 -23.49 -24.44
CA ASN K 173 36.71 -22.93 -24.90
C ASN K 173 36.63 -22.46 -26.35
N VAL K 174 36.15 -23.33 -27.25
CA VAL K 174 36.25 -23.03 -28.67
C VAL K 174 35.44 -21.79 -29.03
N LEU K 175 34.24 -21.65 -28.46
CA LEU K 175 33.41 -20.49 -28.78
C LEU K 175 33.99 -19.20 -28.23
N GLY K 176 34.87 -19.27 -27.23
CA GLY K 176 35.57 -18.09 -26.77
C GLY K 176 36.64 -17.58 -27.71
N THR K 177 37.00 -18.37 -28.71
CA THR K 177 37.96 -17.94 -29.74
C THR K 177 37.28 -17.45 -31.01
N LYS K 178 35.95 -17.36 -31.03
CA LYS K 178 35.20 -16.97 -32.21
C LYS K 178 34.36 -15.73 -31.91
N ASN K 179 34.24 -14.86 -32.91
CA ASN K 179 33.28 -13.77 -32.84
C ASN K 179 31.86 -14.32 -33.07
N LEU K 180 30.87 -13.60 -32.55
CA LEU K 180 29.49 -14.07 -32.64
C LEU K 180 29.09 -14.33 -34.09
N SER K 181 29.57 -13.50 -35.02
CA SER K 181 29.25 -13.72 -36.43
C SER K 181 29.86 -15.03 -36.95
N GLN K 182 31.07 -15.36 -36.49
CA GLN K 182 31.69 -16.62 -36.90
C GLN K 182 30.98 -17.83 -36.33
N ILE K 183 30.42 -17.71 -35.12
CA ILE K 183 29.72 -18.83 -34.52
C ILE K 183 28.54 -19.23 -35.39
N LEU K 184 27.86 -18.26 -36.00
CA LEU K 184 26.70 -18.57 -36.83
C LEU K 184 27.10 -19.14 -38.19
N SER K 185 28.27 -18.77 -38.69
CA SER K 185 28.64 -19.09 -40.07
C SER K 185 29.58 -20.28 -40.22
N ASP K 186 30.29 -20.69 -39.16
CA ASP K 186 31.44 -21.59 -39.28
C ASP K 186 31.22 -22.91 -38.54
N ARG K 187 30.14 -23.62 -38.84
CA ARG K 187 29.89 -24.91 -38.19
C ARG K 187 31.00 -25.90 -38.46
N GLU K 188 31.40 -26.06 -39.73
CA GLU K 188 32.39 -27.07 -40.07
C GLU K 188 33.74 -26.78 -39.42
N GLU K 189 34.16 -25.51 -39.43
CA GLU K 189 35.43 -25.15 -38.81
C GLU K 189 35.40 -25.39 -37.31
N ILE K 190 34.29 -25.04 -36.66
CA ILE K 190 34.18 -25.22 -35.21
C ILE K 190 34.20 -26.71 -34.86
N ALA K 191 33.52 -27.53 -35.65
CA ALA K 191 33.51 -28.97 -35.39
C ALA K 191 34.91 -29.56 -35.50
N HIS K 192 35.66 -29.15 -36.53
CA HIS K 192 37.02 -29.66 -36.71
C HIS K 192 37.91 -29.29 -35.52
N ASN K 193 37.76 -28.06 -35.02
CA ASN K 193 38.55 -27.64 -33.86
C ASN K 193 38.26 -28.50 -32.64
N MET K 194 36.98 -28.77 -32.36
CA MET K 194 36.62 -29.52 -31.16
C MET K 194 37.11 -30.95 -31.23
N GLN K 195 37.07 -31.57 -32.42
CA GLN K 195 37.40 -32.98 -32.52
C GLN K 195 38.83 -33.26 -32.08
N SER K 196 39.77 -32.38 -32.44
CA SER K 196 41.16 -32.58 -32.04
C SER K 196 41.30 -32.59 -30.51
N THR K 197 40.65 -31.64 -29.83
CA THR K 197 40.72 -31.60 -28.37
C THR K 197 40.10 -32.86 -27.78
N LEU K 198 38.95 -33.28 -28.29
CA LEU K 198 38.25 -34.42 -27.72
C LEU K 198 39.02 -35.72 -27.91
N ASP K 199 39.59 -35.93 -29.10
CA ASP K 199 40.27 -37.19 -29.37
C ASP K 199 41.47 -37.39 -28.46
N ASP K 200 42.27 -36.33 -28.26
CA ASP K 200 43.45 -36.44 -27.41
C ASP K 200 43.06 -36.85 -25.99
N ALA K 201 41.93 -36.35 -25.49
CA ALA K 201 41.55 -36.60 -24.11
C ALA K 201 40.84 -37.95 -23.93
N THR K 202 39.95 -38.31 -24.86
CA THR K 202 39.10 -39.48 -24.69
C THR K 202 39.77 -40.79 -25.10
N ASP K 203 40.93 -40.75 -25.76
CA ASP K 203 41.59 -41.98 -26.18
C ASP K 203 41.84 -42.90 -24.99
N ALA K 204 42.39 -42.35 -23.90
CA ALA K 204 42.74 -43.18 -22.75
C ALA K 204 41.52 -43.80 -22.08
N TRP K 205 40.33 -43.21 -22.27
CA TRP K 205 39.12 -43.74 -21.65
C TRP K 205 38.41 -44.76 -22.52
N GLY K 206 38.89 -45.02 -23.74
CA GLY K 206 38.19 -45.91 -24.64
C GLY K 206 36.91 -45.34 -25.19
N ILE K 207 36.84 -44.03 -25.40
CA ILE K 207 35.64 -43.34 -25.85
C ILE K 207 35.94 -42.61 -27.15
N LYS K 208 34.95 -42.52 -28.02
CA LYS K 208 35.00 -41.66 -29.20
C LYS K 208 33.79 -40.75 -29.19
N VAL K 209 34.03 -39.45 -29.16
CA VAL K 209 32.97 -38.46 -29.28
C VAL K 209 32.70 -38.23 -30.76
N GLU K 210 31.44 -38.36 -31.16
CA GLU K 210 31.08 -38.29 -32.57
C GLU K 210 30.58 -36.92 -32.99
N ARG K 211 29.84 -36.23 -32.11
CA ARG K 211 29.34 -34.90 -32.43
C ARG K 211 29.16 -34.08 -31.16
N VAL K 212 29.36 -32.77 -31.30
CA VAL K 212 28.86 -31.79 -30.35
C VAL K 212 28.11 -30.74 -31.14
N GLU K 213 26.87 -30.47 -30.75
CA GLU K 213 25.96 -29.62 -31.49
C GLU K 213 25.28 -28.65 -30.53
N ILE K 214 24.70 -27.60 -31.09
CA ILE K 214 24.07 -26.53 -30.32
C ILE K 214 22.58 -26.52 -30.65
N LYS K 215 21.76 -26.57 -29.60
CA LYS K 215 20.31 -26.63 -29.74
C LYS K 215 19.66 -25.25 -29.69
N ASP K 216 20.19 -24.34 -28.89
CA ASP K 216 19.63 -23.00 -28.71
C ASP K 216 20.75 -22.00 -28.44
N VAL K 217 20.51 -20.75 -28.84
CA VAL K 217 21.39 -19.63 -28.51
C VAL K 217 20.51 -18.44 -28.13
N LYS K 218 20.89 -17.73 -27.07
CA LYS K 218 20.11 -16.61 -26.55
C LYS K 218 21.02 -15.45 -26.21
N LEU K 219 20.61 -14.24 -26.59
CA LEU K 219 21.19 -13.01 -26.07
C LEU K 219 20.43 -12.57 -24.82
N PRO K 220 21.09 -11.86 -23.90
CA PRO K 220 20.36 -11.19 -22.83
C PRO K 220 19.36 -10.18 -23.40
N VAL K 221 18.24 -10.01 -22.71
CA VAL K 221 17.16 -9.16 -23.23
C VAL K 221 17.67 -7.73 -23.46
N GLN K 222 18.57 -7.25 -22.59
CA GLN K 222 19.05 -5.88 -22.71
C GLN K 222 19.84 -5.65 -24.01
N LEU K 223 20.41 -6.69 -24.60
CA LEU K 223 21.20 -6.56 -25.81
C LEU K 223 20.42 -6.78 -27.10
N GLN K 224 19.15 -7.21 -27.01
CA GLN K 224 18.50 -7.82 -28.17
C GLN K 224 18.19 -6.80 -29.27
N ARG K 225 17.59 -5.65 -28.92
CA ARG K 225 17.26 -4.69 -29.96
C ARG K 225 18.52 -4.03 -30.53
N ALA K 226 19.51 -3.78 -29.69
CA ALA K 226 20.75 -3.16 -30.15
C ALA K 226 21.45 -4.03 -31.19
N MET K 227 21.53 -5.33 -30.96
CA MET K 227 22.23 -6.21 -31.88
C MET K 227 21.47 -6.39 -33.20
N ALA K 228 20.17 -6.13 -33.20
CA ALA K 228 19.34 -6.30 -34.39
C ALA K 228 19.35 -5.08 -35.32
N ALA K 229 20.36 -4.22 -35.22
CA ALA K 229 20.32 -2.92 -35.90
C ALA K 229 20.20 -3.07 -37.42
N GLU K 230 20.91 -4.02 -38.01
CA GLU K 230 20.90 -4.17 -39.46
C GLU K 230 19.49 -4.48 -39.98
N ALA K 231 18.77 -5.37 -39.31
CA ALA K 231 17.44 -5.74 -39.78
C ALA K 231 16.46 -4.59 -39.63
N GLU K 232 16.52 -3.87 -38.52
CA GLU K 232 15.66 -2.71 -38.32
C GLU K 232 15.93 -1.64 -39.38
N ALA K 233 17.21 -1.41 -39.69
CA ALA K 233 17.57 -0.36 -40.63
C ALA K 233 17.12 -0.68 -42.06
N SER K 234 17.20 -1.94 -42.46
CA SER K 234 16.80 -2.30 -43.82
C SER K 234 15.32 -2.03 -44.06
N ARG K 235 14.48 -2.32 -43.07
CA ARG K 235 13.06 -2.06 -43.22
C ARG K 235 12.75 -0.57 -43.14
N GLU K 236 13.49 0.16 -42.31
CA GLU K 236 13.32 1.60 -42.24
C GLU K 236 13.70 2.28 -43.56
N ALA K 237 14.73 1.75 -44.24
CA ALA K 237 15.13 2.34 -45.51
C ALA K 237 14.05 2.17 -46.58
N ARG K 238 13.42 1.00 -46.63
CA ARG K 238 12.32 0.81 -47.60
C ARG K 238 11.11 1.65 -47.22
N ALA K 239 10.87 1.84 -45.92
CA ALA K 239 9.75 2.68 -45.49
C ALA K 239 9.91 4.12 -45.95
N LYS K 240 11.14 4.64 -45.95
CA LYS K 240 11.37 6.02 -46.35
C LYS K 240 11.01 6.25 -47.82
N VAL K 241 11.38 5.31 -48.69
CA VAL K 241 11.04 5.45 -50.10
C VAL K 241 9.53 5.49 -50.28
N ILE K 242 8.81 4.64 -49.54
CA ILE K 242 7.35 4.65 -49.59
C ILE K 242 6.80 5.98 -49.08
N ALA K 243 7.37 6.49 -47.99
CA ALA K 243 6.87 7.73 -47.40
C ALA K 243 7.13 8.93 -48.30
N ALA K 244 8.28 8.96 -48.98
CA ALA K 244 8.57 10.07 -49.88
C ALA K 244 7.60 10.10 -51.06
N GLU K 245 7.29 8.92 -51.60
CA GLU K 245 6.29 8.83 -52.66
C GLU K 245 4.94 9.38 -52.18
N GLY K 246 4.63 9.20 -50.90
CA GLY K 246 3.40 9.75 -50.36
C GLY K 246 3.38 11.27 -50.36
N GLU K 247 4.50 11.89 -49.97
CA GLU K 247 4.60 13.34 -50.00
C GLU K 247 4.35 13.88 -51.40
N MET K 248 4.95 13.23 -52.41
CA MET K 248 4.80 13.68 -53.79
C MET K 248 3.35 13.58 -54.25
N ASN K 249 2.68 12.48 -53.90
CA ASN K 249 1.29 12.28 -54.34
C ASN K 249 0.36 13.30 -53.69
N ALA K 250 0.61 13.67 -52.44
CA ALA K 250 -0.27 14.59 -51.73
C ALA K 250 -0.01 16.06 -52.08
N SER K 251 1.11 16.38 -52.72
CA SER K 251 1.55 17.77 -52.81
C SER K 251 0.61 18.63 -53.66
N ARG K 252 0.05 18.06 -54.74
CA ARG K 252 -0.77 18.86 -55.64
C ARG K 252 -2.00 19.41 -54.94
N ALA K 253 -2.68 18.56 -54.15
CA ALA K 253 -3.87 19.02 -53.46
C ALA K 253 -3.54 20.09 -52.42
N LEU K 254 -2.41 19.93 -51.72
CA LEU K 254 -2.00 20.93 -50.74
C LEU K 254 -1.73 22.28 -51.40
N LYS K 255 -1.14 22.26 -52.60
CA LYS K 255 -0.90 23.51 -53.32
C LYS K 255 -2.22 24.20 -53.65
N GLU K 256 -3.19 23.45 -54.17
CA GLU K 256 -4.49 24.02 -54.49
C GLU K 256 -5.15 24.61 -53.24
N ALA K 257 -5.13 23.85 -52.14
CA ALA K 257 -5.69 24.36 -50.90
C ALA K 257 -4.97 25.62 -50.44
N SER K 258 -3.63 25.63 -50.55
CA SER K 258 -2.85 26.78 -50.11
C SER K 258 -3.19 28.03 -50.92
N MET K 259 -3.36 27.88 -52.24
CA MET K 259 -3.61 29.04 -53.09
C MET K 259 -4.93 29.72 -52.75
N VAL K 260 -5.93 28.97 -52.30
CA VAL K 260 -7.21 29.57 -51.92
C VAL K 260 -7.12 30.17 -50.52
N ILE K 261 -6.40 29.50 -49.61
CA ILE K 261 -6.35 29.94 -48.22
C ILE K 261 -5.64 31.27 -48.09
N THR K 262 -4.61 31.51 -48.90
CA THR K 262 -3.78 32.70 -48.75
C THR K 262 -4.39 33.94 -49.40
N GLU K 263 -5.54 33.82 -50.05
CA GLU K 263 -6.17 35.00 -50.65
C GLU K 263 -6.81 35.91 -49.61
N SER K 264 -7.13 35.40 -48.42
CA SER K 264 -7.67 36.20 -47.34
C SER K 264 -6.88 35.87 -46.08
N PRO K 265 -6.42 36.89 -45.33
CA PRO K 265 -5.39 36.63 -44.29
C PRO K 265 -5.87 35.78 -43.13
N ALA K 266 -7.12 35.89 -42.69
CA ALA K 266 -7.55 35.19 -41.49
C ALA K 266 -7.76 33.70 -41.71
N ALA K 267 -7.80 33.24 -42.96
CA ALA K 267 -8.22 31.86 -43.24
C ALA K 267 -7.27 30.85 -42.61
N LEU K 268 -5.96 31.03 -42.79
CA LEU K 268 -5.01 30.08 -42.24
C LEU K 268 -5.08 30.03 -40.71
N GLN K 269 -5.39 31.16 -40.08
CA GLN K 269 -5.50 31.19 -38.63
C GLN K 269 -6.69 30.36 -38.14
N LEU K 270 -7.79 30.36 -38.91
CA LEU K 270 -8.91 29.50 -38.58
C LEU K 270 -8.51 28.02 -38.63
N ARG K 271 -7.68 27.65 -39.60
CA ARG K 271 -7.18 26.28 -39.68
C ARG K 271 -6.35 25.92 -38.45
N TYR K 272 -5.50 26.85 -37.99
CA TYR K 272 -4.71 26.62 -36.78
C TYR K 272 -5.61 26.31 -35.59
N LEU K 273 -6.65 27.12 -35.37
CA LEU K 273 -7.49 26.95 -34.20
C LEU K 273 -8.27 25.65 -34.23
N GLN K 274 -8.71 25.22 -35.43
CA GLN K 274 -9.38 23.94 -35.54
C GLN K 274 -8.45 22.78 -35.23
N THR K 275 -7.18 22.89 -35.61
CA THR K 275 -6.21 21.86 -35.26
C THR K 275 -6.09 21.72 -33.75
N LEU K 276 -6.01 22.86 -33.04
CA LEU K 276 -5.90 22.82 -31.59
C LEU K 276 -7.07 22.07 -30.96
N THR K 277 -8.29 22.35 -31.44
CA THR K 277 -9.45 21.66 -30.91
C THR K 277 -9.37 20.15 -31.16
N THR K 278 -8.84 19.76 -32.31
CA THR K 278 -8.64 18.34 -32.58
C THR K 278 -7.61 17.73 -31.64
N ILE K 279 -6.53 18.46 -31.35
CA ILE K 279 -5.48 17.95 -30.48
C ILE K 279 -6.03 17.70 -29.08
N ALA K 280 -6.85 18.62 -28.57
CA ALA K 280 -7.26 18.59 -27.17
C ALA K 280 -7.99 17.31 -26.80
N ALA K 281 -8.58 16.60 -27.77
CA ALA K 281 -9.33 15.40 -27.47
C ALA K 281 -8.44 14.18 -27.20
N GLU K 282 -7.17 14.23 -27.59
CA GLU K 282 -6.26 13.12 -27.35
C GLU K 282 -5.73 13.15 -25.93
N LYS K 283 -5.50 11.97 -25.37
CA LYS K 283 -5.07 11.87 -23.97
C LYS K 283 -3.66 12.41 -23.78
N ASN K 284 -3.40 12.93 -22.58
CA ASN K 284 -2.09 13.44 -22.19
C ASN K 284 -1.61 14.54 -23.12
N SER K 285 -2.49 15.47 -23.50
CA SER K 285 -2.15 16.61 -24.35
C SER K 285 -2.30 17.88 -23.52
N THR K 286 -1.18 18.38 -23.01
CA THR K 286 -1.18 19.63 -22.24
C THR K 286 -1.09 20.82 -23.18
N ILE K 287 -1.98 21.79 -22.99
CA ILE K 287 -2.02 23.01 -23.80
C ILE K 287 -1.78 24.20 -22.89
N VAL K 288 -0.87 25.09 -23.30
CA VAL K 288 -0.49 26.28 -22.55
C VAL K 288 -0.96 27.49 -23.34
N PHE K 289 -1.79 28.32 -22.72
CA PHE K 289 -2.64 29.27 -23.45
C PHE K 289 -2.47 30.69 -22.93
N PRO K 290 -1.79 31.57 -23.67
CA PRO K 290 -1.67 32.98 -23.24
C PRO K 290 -2.92 33.78 -23.56
N LEU K 291 -3.24 34.74 -22.67
CA LEU K 291 -4.35 35.67 -22.85
C LEU K 291 -3.81 37.09 -22.75
N PRO K 292 -3.41 37.71 -23.87
CA PRO K 292 -2.91 39.09 -23.81
C PRO K 292 -4.01 40.09 -23.49
N ILE K 293 -3.90 40.78 -22.36
CA ILE K 293 -4.93 41.66 -21.84
C ILE K 293 -4.36 43.07 -21.73
N ASP K 294 -5.20 44.06 -22.01
CA ASP K 294 -4.82 45.46 -21.98
C ASP K 294 -5.59 46.16 -20.87
N MET K 295 -4.85 46.72 -19.90
CA MET K 295 -5.46 47.46 -18.79
C MET K 295 -5.51 48.96 -19.04
N LEU K 296 -5.23 49.41 -20.27
CA LEU K 296 -5.53 50.76 -20.74
C LEU K 296 -4.73 51.85 -20.04
N GLN K 297 -3.50 51.56 -19.61
CA GLN K 297 -2.62 52.62 -19.10
C GLN K 297 -1.78 53.21 -20.23
N ARG L 34 25.75 -55.01 -44.75
CA ARG L 34 26.21 -53.90 -43.86
C ARG L 34 25.88 -54.19 -42.40
N LEU L 35 26.85 -54.78 -41.69
CA LEU L 35 26.68 -55.03 -40.27
C LEU L 35 26.87 -53.73 -39.48
N PRO L 36 26.32 -53.66 -38.27
CA PRO L 36 26.52 -52.47 -37.44
C PRO L 36 27.98 -52.25 -37.08
N ASP L 37 28.30 -51.00 -36.78
CA ASP L 37 29.62 -50.67 -36.26
C ASP L 37 29.86 -51.29 -34.90
N SER L 38 28.85 -51.30 -34.04
CA SER L 38 28.99 -51.76 -32.66
C SER L 38 29.54 -53.19 -32.60
N GLY L 48 27.64 -73.69 -29.88
CA GLY L 48 28.51 -74.78 -29.46
C GLY L 48 27.79 -75.84 -28.65
N PRO L 49 28.53 -76.84 -28.16
CA PRO L 49 27.88 -77.94 -27.45
C PRO L 49 26.98 -77.51 -26.31
N CYS L 50 27.43 -76.59 -25.45
CA CYS L 50 26.58 -76.19 -24.33
C CYS L 50 25.40 -75.35 -24.78
N GLY L 51 25.49 -74.69 -25.93
CA GLY L 51 24.31 -74.05 -26.50
C GLY L 51 23.22 -75.05 -26.82
N TRP L 52 23.60 -76.17 -27.44
CA TRP L 52 22.62 -77.21 -27.75
C TRP L 52 21.94 -77.72 -26.48
N ILE L 53 22.69 -77.81 -25.38
CA ILE L 53 22.10 -78.27 -24.12
C ILE L 53 21.00 -77.30 -23.68
N LEU L 54 21.31 -76.01 -23.64
CA LEU L 54 20.30 -75.02 -23.26
C LEU L 54 19.14 -75.01 -24.24
N VAL L 55 19.44 -75.14 -25.53
CA VAL L 55 18.37 -75.16 -26.54
C VAL L 55 17.48 -76.37 -26.31
N ALA L 56 18.07 -77.55 -26.08
CA ALA L 56 17.27 -78.75 -25.85
C ALA L 56 16.44 -78.61 -24.58
N PHE L 57 17.03 -78.09 -23.50
CA PHE L 57 16.26 -77.82 -22.29
C PHE L 57 15.07 -76.92 -22.59
N SER L 58 15.25 -75.92 -23.45
CA SER L 58 14.16 -75.01 -23.78
C SER L 58 13.11 -75.69 -24.65
N PHE L 59 13.55 -76.46 -25.65
CA PHE L 59 12.60 -77.25 -26.44
C PHE L 59 11.76 -78.14 -25.54
N LEU L 60 12.41 -78.88 -24.65
CA LEU L 60 11.70 -79.80 -23.77
C LEU L 60 10.70 -79.07 -22.90
N PHE L 61 11.14 -78.01 -22.22
CA PHE L 61 10.26 -77.32 -21.28
C PHE L 61 9.05 -76.73 -21.98
N THR L 62 9.24 -76.10 -23.14
CA THR L 62 8.11 -75.53 -23.86
C THR L 62 7.14 -76.61 -24.31
N VAL L 63 7.66 -77.75 -24.80
CA VAL L 63 6.79 -78.86 -25.14
C VAL L 63 6.09 -79.39 -23.90
N ILE L 64 6.81 -79.47 -22.78
CA ILE L 64 6.20 -79.90 -21.52
C ILE L 64 5.09 -78.94 -21.12
N THR L 65 5.19 -77.67 -21.52
CA THR L 65 4.20 -76.63 -21.20
C THR L 65 3.43 -76.18 -22.43
N PHE L 66 3.31 -77.04 -23.44
CA PHE L 66 2.89 -76.61 -24.77
C PHE L 66 1.58 -75.82 -24.79
N PRO L 67 0.47 -76.30 -24.21
CA PRO L 67 -0.78 -75.54 -24.32
C PRO L 67 -0.76 -74.21 -23.58
N ILE L 68 0.31 -73.87 -22.89
CA ILE L 68 0.48 -72.59 -22.23
C ILE L 68 1.58 -71.77 -22.91
N SER L 69 2.75 -72.36 -23.12
CA SER L 69 3.92 -71.61 -23.56
C SER L 69 3.98 -71.39 -25.06
N ILE L 70 3.20 -72.14 -25.86
CA ILE L 70 3.23 -71.93 -27.30
C ILE L 70 2.80 -70.51 -27.65
N TRP L 71 2.03 -69.87 -26.77
CA TRP L 71 1.64 -68.49 -27.01
C TRP L 71 2.86 -67.57 -27.00
N MET L 72 3.84 -67.85 -26.14
CA MET L 72 5.06 -67.05 -26.13
C MET L 72 5.97 -67.38 -27.30
N CYS L 73 5.98 -68.64 -27.74
CA CYS L 73 6.84 -69.03 -28.85
C CYS L 73 6.42 -68.36 -30.15
N ILE L 74 5.11 -68.19 -30.36
CA ILE L 74 4.58 -67.75 -31.65
C ILE L 74 4.60 -66.23 -31.73
N LYS L 75 5.10 -65.70 -32.85
CA LYS L 75 5.10 -64.28 -33.14
C LYS L 75 4.55 -64.07 -34.55
N ILE L 76 3.79 -62.99 -34.72
CA ILE L 76 3.23 -62.60 -36.01
C ILE L 76 3.69 -61.18 -36.31
N ILE L 77 4.30 -61.00 -37.46
CA ILE L 77 4.84 -59.71 -37.90
C ILE L 77 4.05 -59.26 -39.12
N LYS L 78 3.52 -58.04 -39.07
CA LYS L 78 2.67 -57.52 -40.12
C LYS L 78 3.50 -57.03 -41.31
N GLU L 79 2.80 -56.69 -42.39
CA GLU L 79 3.45 -56.23 -43.62
C GLU L 79 4.40 -55.08 -43.34
N TYR L 80 4.01 -54.16 -42.48
CA TYR L 80 4.75 -52.93 -42.24
C TYR L 80 5.68 -53.00 -41.03
N GLU L 81 5.95 -54.21 -40.52
CA GLU L 81 6.84 -54.40 -39.39
C GLU L 81 7.97 -55.34 -39.78
N ARG L 82 9.07 -55.26 -39.01
CA ARG L 82 10.21 -56.15 -39.16
C ARG L 82 10.69 -56.57 -37.78
N ALA L 83 11.30 -57.75 -37.71
CA ALA L 83 11.78 -58.32 -36.46
C ALA L 83 13.29 -58.54 -36.50
N ILE L 84 13.95 -58.20 -35.40
CA ILE L 84 15.36 -58.49 -35.17
C ILE L 84 15.43 -59.53 -34.07
N ILE L 85 16.10 -60.66 -34.35
CA ILE L 85 16.07 -61.83 -33.47
C ILE L 85 17.50 -62.23 -33.11
N PHE L 86 17.75 -62.39 -31.82
CA PHE L 86 19.01 -62.91 -31.29
C PHE L 86 18.78 -64.27 -30.67
N ARG L 87 19.68 -65.22 -30.93
CA ARG L 87 19.66 -66.54 -30.33
C ARG L 87 21.00 -66.79 -29.64
N LEU L 88 20.96 -66.95 -28.32
CA LEU L 88 22.18 -67.04 -27.51
C LEU L 88 23.11 -65.85 -27.80
N GLY L 89 22.50 -64.69 -28.04
CA GLY L 89 23.24 -63.47 -28.27
C GLY L 89 23.73 -63.25 -29.68
N ARG L 90 23.78 -64.27 -30.53
CA ARG L 90 24.13 -64.09 -31.92
C ARG L 90 22.88 -63.69 -32.71
N ILE L 91 23.07 -62.81 -33.68
CA ILE L 91 21.96 -62.33 -34.50
C ILE L 91 21.72 -63.32 -35.64
N LEU L 92 20.47 -63.69 -35.86
CA LEU L 92 20.15 -64.67 -36.89
C LEU L 92 20.59 -64.16 -38.25
N GLN L 93 21.22 -65.04 -39.02
CA GLN L 93 21.83 -64.65 -40.28
C GLN L 93 20.78 -64.19 -41.28
N GLY L 94 21.19 -63.29 -42.16
CA GLY L 94 20.28 -62.66 -43.10
C GLY L 94 19.79 -61.32 -42.58
N GLY L 95 18.92 -60.71 -43.37
CA GLY L 95 18.36 -59.42 -43.01
C GLY L 95 17.29 -59.55 -41.95
N ALA L 96 16.64 -58.41 -41.67
CA ALA L 96 15.54 -58.40 -40.71
C ALA L 96 14.40 -59.27 -41.23
N LYS L 97 13.76 -59.99 -40.31
CA LYS L 97 12.75 -60.96 -40.70
C LYS L 97 11.45 -60.27 -41.11
N GLY L 98 10.90 -60.70 -42.23
CA GLY L 98 9.77 -60.05 -42.86
C GLY L 98 8.45 -60.38 -42.19
N PRO L 99 7.35 -60.12 -42.89
CA PRO L 99 6.03 -60.45 -42.33
C PRO L 99 5.80 -61.95 -42.28
N GLY L 100 4.94 -62.36 -41.36
CA GLY L 100 4.46 -63.72 -41.31
C GLY L 100 4.50 -64.29 -39.92
N LEU L 101 4.56 -65.62 -39.86
CA LEU L 101 4.49 -66.37 -38.62
C LEU L 101 5.88 -66.86 -38.25
N PHE L 102 6.26 -66.67 -36.98
CA PHE L 102 7.62 -66.95 -36.55
C PHE L 102 7.61 -67.62 -35.17
N PHE L 103 8.63 -68.44 -34.93
CA PHE L 103 8.74 -69.24 -33.71
C PHE L 103 10.06 -68.93 -33.02
N ILE L 104 10.00 -68.68 -31.71
CA ILE L 104 11.20 -68.44 -30.92
C ILE L 104 11.07 -69.20 -29.60
N LEU L 105 12.22 -69.43 -28.96
CA LEU L 105 12.27 -69.98 -27.61
C LEU L 105 12.56 -68.86 -26.64
N PRO L 106 11.65 -68.50 -25.74
CA PRO L 106 11.88 -67.30 -24.91
C PRO L 106 13.07 -67.41 -23.98
N CYS L 107 13.56 -68.61 -23.69
CA CYS L 107 14.73 -68.74 -22.83
C CYS L 107 16.01 -68.36 -23.57
N THR L 108 16.24 -68.98 -24.74
CA THR L 108 17.48 -68.77 -25.46
C THR L 108 17.44 -67.58 -26.42
N ASP L 109 16.26 -67.07 -26.77
CA ASP L 109 16.11 -66.10 -27.84
C ASP L 109 15.64 -64.76 -27.30
N SER L 110 16.01 -63.69 -28.01
CA SER L 110 15.57 -62.34 -27.72
C SER L 110 15.03 -61.71 -29.01
N PHE L 111 13.98 -60.91 -28.89
CA PHE L 111 13.14 -60.54 -30.02
C PHE L 111 12.81 -59.05 -29.96
N ILE L 112 13.08 -58.32 -31.04
CA ILE L 112 12.79 -56.90 -31.15
C ILE L 112 12.01 -56.65 -32.42
N LYS L 113 10.95 -55.84 -32.32
CA LYS L 113 9.97 -55.63 -33.39
C LYS L 113 9.98 -54.16 -33.78
N VAL L 114 10.13 -53.87 -35.07
CA VAL L 114 10.38 -52.52 -35.56
C VAL L 114 9.27 -52.11 -36.53
N ASP L 115 8.63 -50.98 -36.27
CA ASP L 115 7.62 -50.42 -37.15
C ASP L 115 8.30 -49.58 -38.24
N MET L 116 7.98 -49.88 -39.50
CA MET L 116 8.65 -49.27 -40.65
C MET L 116 7.88 -48.09 -41.24
N ARG L 117 6.83 -47.60 -40.58
CA ARG L 117 6.00 -46.53 -41.14
C ARG L 117 6.53 -45.15 -40.77
N THR L 118 6.12 -44.16 -41.58
CA THR L 118 6.46 -42.78 -41.30
C THR L 118 5.84 -42.33 -39.97
N ILE L 119 6.61 -41.56 -39.21
CA ILE L 119 6.15 -40.99 -37.95
C ILE L 119 6.48 -39.50 -37.92
N SER L 120 5.62 -38.74 -37.25
CA SER L 120 5.79 -37.29 -37.13
C SER L 120 5.86 -36.91 -35.66
N PHE L 121 6.72 -35.94 -35.35
CA PHE L 121 6.93 -35.48 -33.98
C PHE L 121 6.93 -33.96 -33.93
N ASP L 122 6.25 -33.40 -32.94
CA ASP L 122 6.09 -31.95 -32.79
C ASP L 122 7.21 -31.43 -31.88
N ILE L 123 8.26 -30.91 -32.52
CA ILE L 123 9.47 -30.44 -31.85
C ILE L 123 9.13 -29.33 -30.86
N PRO L 124 9.72 -29.32 -29.66
CA PRO L 124 9.49 -28.20 -28.76
C PRO L 124 10.05 -26.91 -29.33
N PRO L 125 9.48 -25.77 -28.97
CA PRO L 125 9.93 -24.48 -29.54
C PRO L 125 11.37 -24.14 -29.17
N GLN L 126 12.01 -23.37 -30.04
CA GLN L 126 13.43 -23.05 -29.98
C GLN L 126 13.68 -21.55 -30.03
N GLU L 127 14.80 -21.11 -29.47
CA GLU L 127 15.27 -19.73 -29.58
C GLU L 127 16.42 -19.66 -30.58
N ILE L 128 16.31 -18.75 -31.55
CA ILE L 128 17.21 -18.72 -32.70
C ILE L 128 17.69 -17.30 -32.97
N LEU L 129 18.88 -17.20 -33.57
CA LEU L 129 19.43 -15.94 -34.07
C LEU L 129 19.63 -16.02 -35.57
N THR L 130 19.10 -15.03 -36.29
CA THR L 130 19.29 -14.97 -37.73
C THR L 130 20.67 -14.42 -38.09
N LYS L 131 21.01 -14.49 -39.37
CA LYS L 131 22.29 -13.96 -39.82
C LYS L 131 22.39 -12.46 -39.54
N ASP L 132 21.29 -11.73 -39.72
CA ASP L 132 21.24 -10.33 -39.34
C ASP L 132 21.01 -10.11 -37.85
N SER L 133 21.09 -11.16 -37.02
CA SER L 133 21.12 -11.03 -35.57
C SER L 133 19.77 -10.73 -34.95
N VAL L 134 18.67 -11.12 -35.60
CA VAL L 134 17.35 -10.96 -35.01
C VAL L 134 17.06 -12.14 -34.09
N THR L 135 16.48 -11.85 -32.92
CA THR L 135 16.04 -12.88 -32.01
C THR L 135 14.64 -13.35 -32.38
N ILE L 136 14.51 -14.63 -32.74
CA ILE L 136 13.21 -15.21 -33.06
C ILE L 136 13.08 -16.56 -32.37
N SER L 137 11.83 -16.92 -32.04
CA SER L 137 11.48 -18.24 -31.54
C SER L 137 10.70 -18.99 -32.60
N VAL L 138 11.09 -20.23 -32.87
CA VAL L 138 10.45 -21.05 -33.89
C VAL L 138 9.94 -22.35 -33.28
N ASP L 139 8.93 -22.94 -33.92
CA ASP L 139 8.23 -24.12 -33.42
C ASP L 139 8.14 -25.13 -34.56
N GLY L 140 8.96 -26.20 -34.49
CA GLY L 140 9.16 -27.08 -35.63
C GLY L 140 8.38 -28.40 -35.58
N VAL L 141 8.42 -29.11 -36.70
CA VAL L 141 7.84 -30.44 -36.85
C VAL L 141 8.75 -31.26 -37.75
N VAL L 142 8.94 -32.55 -37.42
CA VAL L 142 9.81 -33.43 -38.18
C VAL L 142 9.06 -34.71 -38.52
N TYR L 143 9.30 -35.22 -39.73
CA TYR L 143 8.75 -36.48 -40.21
C TYR L 143 9.91 -37.41 -40.56
N TYR L 144 9.87 -38.65 -40.08
CA TYR L 144 10.98 -39.57 -40.33
C TYR L 144 10.49 -41.01 -40.32
N ARG L 145 11.36 -41.90 -40.81
CA ARG L 145 10.99 -43.29 -41.06
C ARG L 145 12.23 -44.17 -40.92
N VAL L 146 12.02 -45.40 -40.44
CA VAL L 146 13.11 -46.37 -40.36
C VAL L 146 13.36 -46.96 -41.74
N GLN L 147 14.61 -46.87 -42.20
CA GLN L 147 15.00 -47.39 -43.50
C GLN L 147 15.71 -48.75 -43.41
N ASN L 148 16.41 -49.01 -42.30
CA ASN L 148 17.13 -50.27 -42.10
C ASN L 148 16.92 -50.70 -40.67
N ALA L 149 16.15 -51.76 -40.46
CA ALA L 149 15.78 -52.15 -39.10
C ALA L 149 16.95 -52.67 -38.29
N THR L 150 17.94 -53.28 -38.94
CA THR L 150 19.08 -53.81 -38.20
C THR L 150 19.91 -52.70 -37.57
N LEU L 151 20.26 -51.69 -38.36
CA LEU L 151 21.04 -50.57 -37.82
C LEU L 151 20.25 -49.81 -36.77
N ALA L 152 18.93 -49.69 -36.95
CA ALA L 152 18.13 -48.95 -35.99
C ALA L 152 18.09 -49.62 -34.62
N VAL L 153 18.28 -50.92 -34.55
CA VAL L 153 18.26 -51.65 -33.28
C VAL L 153 19.66 -51.76 -32.69
N ALA L 154 20.64 -52.16 -33.50
CA ALA L 154 21.92 -52.63 -32.99
C ALA L 154 23.06 -51.62 -33.10
N ASN L 155 22.80 -50.43 -33.64
CA ASN L 155 23.87 -49.43 -33.81
C ASN L 155 23.61 -48.13 -33.05
N ILE L 156 22.43 -47.94 -32.49
CA ILE L 156 22.08 -46.73 -31.75
C ILE L 156 21.20 -47.14 -30.59
N THR L 157 21.44 -46.54 -29.43
CA THR L 157 20.71 -46.94 -28.22
C THR L 157 19.24 -46.54 -28.30
N ASN L 158 18.95 -45.33 -28.78
CA ASN L 158 17.58 -44.83 -28.89
C ASN L 158 17.50 -44.02 -30.17
N ALA L 159 16.98 -44.64 -31.23
CA ALA L 159 16.94 -43.99 -32.54
C ALA L 159 16.05 -42.75 -32.52
N ASP L 160 14.91 -42.81 -31.83
CA ASP L 160 13.96 -41.71 -31.84
C ASP L 160 14.57 -40.45 -31.23
N SER L 161 15.12 -40.56 -30.02
CA SER L 161 15.69 -39.39 -29.36
C SER L 161 16.87 -38.83 -30.14
N ALA L 162 17.72 -39.71 -30.67
CA ALA L 162 18.83 -39.26 -31.50
C ALA L 162 18.32 -38.46 -32.71
N THR L 163 17.28 -38.96 -33.37
CA THR L 163 16.77 -38.29 -34.56
C THR L 163 16.10 -36.97 -34.21
N ARG L 164 15.30 -36.94 -33.15
CA ARG L 164 14.57 -35.73 -32.80
C ARG L 164 15.52 -34.62 -32.35
N LEU L 165 16.56 -34.95 -31.59
CA LEU L 165 17.55 -33.95 -31.21
C LEU L 165 18.33 -33.45 -32.42
N LEU L 166 18.70 -34.35 -33.34
CA LEU L 166 19.44 -33.94 -34.52
C LEU L 166 18.65 -32.97 -35.36
N ALA L 167 17.34 -33.17 -35.48
CA ALA L 167 16.51 -32.23 -36.24
C ALA L 167 16.55 -30.83 -35.63
N GLN L 168 16.52 -30.74 -34.30
CA GLN L 168 16.57 -29.43 -33.64
C GLN L 168 17.87 -28.69 -33.95
N THR L 169 19.01 -29.36 -33.80
CA THR L 169 20.29 -28.69 -34.00
C THR L 169 20.52 -28.36 -35.46
N THR L 170 20.02 -29.19 -36.38
CA THR L 170 20.16 -28.87 -37.80
C THR L 170 19.31 -27.65 -38.18
N LEU L 171 18.11 -27.55 -37.61
CA LEU L 171 17.27 -26.38 -37.86
C LEU L 171 17.90 -25.12 -37.27
N ARG L 172 18.51 -25.23 -36.09
CA ARG L 172 19.17 -24.10 -35.47
C ARG L 172 20.28 -23.55 -36.37
N ASN L 173 21.08 -24.44 -36.94
CA ASN L 173 22.24 -24.02 -37.72
C ASN L 173 21.83 -23.34 -39.03
N VAL L 174 20.91 -23.94 -39.78
CA VAL L 174 20.60 -23.45 -41.12
C VAL L 174 20.01 -22.06 -41.05
N LEU L 175 19.09 -21.81 -40.12
CA LEU L 175 18.46 -20.50 -40.02
C LEU L 175 19.43 -19.44 -39.53
N GLY L 176 20.53 -19.83 -38.89
CA GLY L 176 21.57 -18.88 -38.54
C GLY L 176 22.40 -18.41 -39.71
N THR L 177 22.28 -19.05 -40.87
CA THR L 177 22.93 -18.63 -42.09
C THR L 177 22.03 -17.78 -42.99
N LYS L 178 20.81 -17.48 -42.57
CA LYS L 178 19.83 -16.77 -43.37
C LYS L 178 19.40 -15.48 -42.68
N ASN L 179 19.20 -14.44 -43.48
CA ASN L 179 18.52 -13.24 -42.99
C ASN L 179 17.04 -13.53 -42.81
N LEU L 180 16.39 -12.75 -41.93
CA LEU L 180 14.98 -13.00 -41.63
C LEU L 180 14.13 -12.97 -42.89
N SER L 181 14.41 -12.04 -43.81
CA SER L 181 13.67 -12.00 -45.06
C SER L 181 13.84 -13.26 -45.88
N GLN L 182 15.06 -13.83 -45.89
CA GLN L 182 15.30 -15.07 -46.62
C GLN L 182 14.53 -16.24 -46.00
N ILE L 183 14.39 -16.24 -44.68
CA ILE L 183 13.70 -17.34 -44.00
C ILE L 183 12.26 -17.43 -44.49
N LEU L 184 11.61 -16.28 -44.72
CA LEU L 184 10.22 -16.29 -45.16
C LEU L 184 10.08 -16.66 -46.64
N SER L 185 11.13 -16.44 -47.44
CA SER L 185 11.01 -16.58 -48.89
C SER L 185 11.64 -17.86 -49.45
N ASP L 186 12.57 -18.50 -48.74
CA ASP L 186 13.46 -19.51 -49.32
C ASP L 186 13.22 -20.92 -48.77
N ARG L 187 11.97 -21.38 -48.76
CA ARG L 187 11.70 -22.71 -48.21
C ARG L 187 12.47 -23.81 -48.94
N GLU L 188 12.43 -23.80 -50.27
CA GLU L 188 13.03 -24.90 -51.04
C GLU L 188 14.53 -24.98 -50.80
N GLU L 189 15.23 -23.85 -50.84
CA GLU L 189 16.67 -23.85 -50.61
C GLU L 189 16.99 -24.30 -49.18
N ILE L 190 16.21 -23.83 -48.20
CA ILE L 190 16.44 -24.20 -46.81
C ILE L 190 16.23 -25.70 -46.62
N ALA L 191 15.19 -26.26 -47.23
CA ALA L 191 14.97 -27.70 -47.12
C ALA L 191 16.11 -28.48 -47.75
N HIS L 192 16.59 -28.05 -48.92
CA HIS L 192 17.67 -28.74 -49.59
C HIS L 192 18.94 -28.73 -48.75
N ASN L 193 19.25 -27.60 -48.11
CA ASN L 193 20.42 -27.53 -47.25
C ASN L 193 20.34 -28.51 -46.09
N MET L 194 19.17 -28.60 -45.45
CA MET L 194 19.03 -29.47 -44.28
C MET L 194 19.15 -30.94 -44.66
N GLN L 195 18.61 -31.33 -45.82
CA GLN L 195 18.51 -32.75 -46.14
C GLN L 195 19.88 -33.40 -46.23
N SER L 196 20.82 -32.77 -46.92
CA SER L 196 22.16 -33.34 -47.05
C SER L 196 22.83 -33.45 -45.68
N THR L 197 22.64 -32.45 -44.82
CA THR L 197 23.19 -32.53 -43.47
C THR L 197 22.59 -33.71 -42.71
N LEU L 198 21.27 -33.87 -42.78
CA LEU L 198 20.61 -34.93 -42.03
C LEU L 198 20.98 -36.31 -42.56
N ASP L 199 21.07 -36.46 -43.88
CA ASP L 199 21.34 -37.78 -44.46
C ASP L 199 22.69 -38.30 -44.04
N ASP L 200 23.71 -37.44 -44.03
CA ASP L 200 25.05 -37.87 -43.63
C ASP L 200 25.05 -38.43 -42.20
N ALA L 201 24.27 -37.83 -41.31
CA ALA L 201 24.28 -38.24 -39.91
C ALA L 201 23.38 -39.46 -39.65
N THR L 202 22.18 -39.48 -40.23
CA THR L 202 21.22 -40.53 -39.90
C THR L 202 21.45 -41.83 -40.65
N ASP L 203 22.29 -41.83 -41.69
CA ASP L 203 22.52 -43.05 -42.45
C ASP L 203 22.95 -44.20 -41.55
N ALA L 204 23.94 -43.97 -40.69
CA ALA L 204 24.45 -45.04 -39.84
C ALA L 204 23.43 -45.53 -38.82
N TRP L 205 22.38 -44.77 -38.56
CA TRP L 205 21.33 -45.17 -37.64
C TRP L 205 20.20 -45.93 -38.32
N GLY L 206 20.23 -46.06 -39.65
CA GLY L 206 19.12 -46.67 -40.36
C GLY L 206 17.87 -45.82 -40.44
N ILE L 207 18.01 -44.49 -40.36
CA ILE L 207 16.89 -43.57 -40.33
C ILE L 207 16.95 -42.67 -41.55
N LYS L 208 15.79 -42.38 -42.13
CA LYS L 208 15.64 -41.38 -43.18
C LYS L 208 14.70 -40.29 -42.68
N VAL L 209 15.18 -39.06 -42.64
CA VAL L 209 14.33 -37.91 -42.32
C VAL L 209 13.69 -37.41 -43.60
N GLU L 210 12.39 -37.23 -43.59
CA GLU L 210 11.63 -36.90 -44.78
C GLU L 210 11.25 -35.41 -44.85
N ARG L 211 10.94 -34.78 -43.73
CA ARG L 211 10.59 -33.36 -43.74
C ARG L 211 10.94 -32.72 -42.40
N VAL L 212 11.32 -31.45 -42.45
CA VAL L 212 11.36 -30.58 -41.28
C VAL L 212 10.71 -29.26 -41.68
N GLU L 213 9.76 -28.80 -40.86
CA GLU L 213 8.99 -27.61 -41.18
C GLU L 213 8.69 -26.83 -39.91
N ILE L 214 8.31 -25.57 -40.11
CA ILE L 214 8.07 -24.62 -39.03
C ILE L 214 6.59 -24.29 -39.01
N LYS L 215 5.97 -24.35 -37.82
CA LYS L 215 4.56 -24.02 -37.70
C LYS L 215 4.30 -22.67 -37.04
N ASP L 216 5.26 -22.08 -36.33
CA ASP L 216 5.12 -20.74 -35.77
C ASP L 216 6.46 -20.01 -35.77
N VAL L 217 6.40 -18.69 -35.93
CA VAL L 217 7.55 -17.80 -35.79
C VAL L 217 7.08 -16.56 -35.03
N LYS L 218 7.86 -16.13 -34.04
CA LYS L 218 7.53 -14.96 -33.24
C LYS L 218 8.75 -14.06 -33.08
N LEU L 219 8.52 -12.75 -33.20
CA LEU L 219 9.44 -11.75 -32.71
C LEU L 219 9.13 -11.43 -31.24
N PRO L 220 10.12 -11.02 -30.46
CA PRO L 220 9.81 -10.49 -29.13
C PRO L 220 9.05 -9.17 -29.24
N VAL L 221 8.26 -8.88 -28.21
CA VAL L 221 7.30 -7.77 -28.28
C VAL L 221 8.00 -6.45 -28.55
N GLN L 222 9.21 -6.28 -28.04
CA GLN L 222 9.90 -4.99 -28.19
C GLN L 222 10.27 -4.68 -29.63
N LEU L 223 10.31 -5.69 -30.51
CA LEU L 223 10.72 -5.49 -31.90
C LEU L 223 9.55 -5.38 -32.87
N GLN L 224 8.32 -5.64 -32.41
CA GLN L 224 7.23 -5.91 -33.35
C GLN L 224 6.83 -4.68 -34.15
N ARG L 225 6.68 -3.52 -33.50
CA ARG L 225 6.29 -2.34 -34.27
C ARG L 225 7.45 -1.82 -35.12
N ALA L 226 8.68 -1.92 -34.61
CA ALA L 226 9.84 -1.46 -35.37
C ALA L 226 9.97 -2.23 -36.68
N MET L 227 9.79 -3.54 -36.65
CA MET L 227 9.93 -4.35 -37.85
C MET L 227 8.77 -4.17 -38.83
N ALA L 228 7.62 -3.69 -38.36
CA ALA L 228 6.45 -3.50 -39.21
C ALA L 228 6.45 -2.16 -39.95
N ALA L 229 7.57 -1.44 -39.98
CA ALA L 229 7.57 -0.07 -40.46
C ALA L 229 7.08 0.03 -41.91
N GLU L 230 7.47 -0.93 -42.74
CA GLU L 230 7.10 -0.86 -44.16
C GLU L 230 5.60 -0.91 -44.36
N ALA L 231 4.90 -1.78 -43.63
CA ALA L 231 3.45 -1.86 -43.75
C ALA L 231 2.77 -0.62 -43.20
N GLU L 232 3.26 -0.11 -42.07
CA GLU L 232 2.71 1.11 -41.49
C GLU L 232 2.85 2.29 -42.45
N ALA L 233 4.00 2.41 -43.10
CA ALA L 233 4.26 3.54 -43.98
C ALA L 233 3.34 3.52 -45.20
N SER L 234 3.04 2.35 -45.74
CA SER L 234 2.19 2.28 -46.92
C SER L 234 0.79 2.81 -46.64
N ARG L 235 0.24 2.47 -45.48
CA ARG L 235 -1.09 2.97 -45.12
C ARG L 235 -1.06 4.47 -44.80
N GLU L 236 0.01 4.94 -44.18
CA GLU L 236 0.14 6.37 -43.92
C GLU L 236 0.28 7.16 -45.22
N ALA L 237 0.97 6.60 -46.20
CA ALA L 237 1.12 7.28 -47.48
C ALA L 237 -0.22 7.50 -48.16
N ARG L 238 -1.10 6.48 -48.12
CA ARG L 238 -2.42 6.63 -48.70
C ARG L 238 -3.29 7.58 -47.88
N ALA L 239 -3.11 7.58 -46.55
CA ALA L 239 -3.87 8.50 -45.72
C ALA L 239 -3.54 9.96 -46.03
N LYS L 240 -2.27 10.26 -46.30
CA LYS L 240 -1.87 11.63 -46.57
C LYS L 240 -2.55 12.19 -47.81
N VAL L 241 -2.68 11.37 -48.86
CA VAL L 241 -3.37 11.81 -50.06
C VAL L 241 -4.83 12.12 -49.75
N ILE L 242 -5.49 11.28 -48.95
CA ILE L 242 -6.87 11.52 -48.56
C ILE L 242 -6.98 12.80 -47.74
N ALA L 243 -6.04 13.02 -46.82
CA ALA L 243 -6.09 14.21 -45.98
C ALA L 243 -5.92 15.49 -46.80
N ALA L 244 -5.00 15.48 -47.76
CA ALA L 244 -4.77 16.67 -48.57
C ALA L 244 -5.99 17.03 -49.40
N GLU L 245 -6.70 16.03 -49.91
CA GLU L 245 -7.95 16.28 -50.63
C GLU L 245 -8.97 16.96 -49.72
N GLY L 246 -9.00 16.57 -48.43
CA GLY L 246 -9.87 17.23 -47.49
C GLY L 246 -9.55 18.70 -47.29
N GLU L 247 -8.24 19.03 -47.23
CA GLU L 247 -7.85 20.43 -47.15
C GLU L 247 -8.36 21.22 -48.35
N MET L 248 -8.23 20.66 -49.54
CA MET L 248 -8.68 21.36 -50.75
C MET L 248 -10.19 21.57 -50.72
N ASN L 249 -10.95 20.56 -50.32
CA ASN L 249 -12.41 20.67 -50.30
C ASN L 249 -12.88 21.72 -49.31
N ALA L 250 -12.24 21.78 -48.13
CA ALA L 250 -12.66 22.71 -47.08
C ALA L 250 -12.23 24.15 -47.32
N SER L 251 -11.29 24.39 -48.26
CA SER L 251 -10.62 25.68 -48.32
C SER L 251 -11.57 26.81 -48.70
N ARG L 252 -12.52 26.56 -49.61
CA ARG L 252 -13.37 27.63 -50.11
C ARG L 252 -14.19 28.26 -48.98
N ALA L 253 -14.78 27.43 -48.11
CA ALA L 253 -15.60 27.96 -47.03
C ALA L 253 -14.75 28.77 -46.05
N LEU L 254 -13.52 28.33 -45.79
CA LEU L 254 -12.64 29.09 -44.90
C LEU L 254 -12.32 30.46 -45.48
N LYS L 255 -12.12 30.54 -46.80
CA LYS L 255 -11.89 31.85 -47.42
C LYS L 255 -13.10 32.74 -47.26
N GLU L 256 -14.29 32.22 -47.50
CA GLU L 256 -15.50 33.01 -47.33
C GLU L 256 -15.63 33.50 -45.90
N ALA L 257 -15.40 32.62 -44.93
CA ALA L 257 -15.45 33.03 -43.52
C ALA L 257 -14.43 34.11 -43.23
N SER L 258 -13.21 33.95 -43.76
CA SER L 258 -12.14 34.91 -43.49
C SER L 258 -12.48 36.30 -44.03
N MET L 259 -13.07 36.37 -45.22
CA MET L 259 -13.35 37.68 -45.82
C MET L 259 -14.36 38.48 -45.02
N VAL L 260 -15.29 37.80 -44.35
CA VAL L 260 -16.21 38.50 -43.45
C VAL L 260 -15.49 38.92 -42.18
N ILE L 261 -14.69 38.01 -41.61
CA ILE L 261 -14.05 38.27 -40.32
C ILE L 261 -13.10 39.46 -40.42
N THR L 262 -12.38 39.60 -41.54
CA THR L 262 -11.37 40.63 -41.65
C THR L 262 -11.96 42.03 -41.73
N GLU L 263 -13.25 42.17 -42.03
CA GLU L 263 -13.85 43.50 -42.11
C GLU L 263 -14.02 44.13 -40.74
N SER L 264 -13.95 43.34 -39.67
CA SER L 264 -13.91 43.86 -38.30
C SER L 264 -12.96 42.96 -37.52
N PRO L 265 -11.64 43.21 -37.64
CA PRO L 265 -10.66 42.18 -37.24
C PRO L 265 -10.77 41.66 -35.81
N ALA L 266 -11.32 42.43 -34.87
CA ALA L 266 -11.48 41.92 -33.52
C ALA L 266 -12.34 40.66 -33.47
N ALA L 267 -13.07 40.35 -34.55
CA ALA L 267 -13.84 39.12 -34.59
C ALA L 267 -12.96 37.88 -34.41
N LEU L 268 -11.72 37.93 -34.90
CA LEU L 268 -10.84 36.78 -34.77
C LEU L 268 -10.49 36.50 -33.32
N GLN L 269 -10.36 37.55 -32.50
CA GLN L 269 -10.13 37.34 -31.08
C GLN L 269 -11.34 36.72 -30.39
N LEU L 270 -12.56 37.05 -30.85
CA LEU L 270 -13.74 36.38 -30.32
C LEU L 270 -13.71 34.89 -30.65
N ARG L 271 -13.32 34.54 -31.87
CA ARG L 271 -13.17 33.14 -32.24
C ARG L 271 -12.07 32.47 -31.40
N TYR L 272 -11.00 33.21 -31.12
CA TYR L 272 -9.92 32.69 -30.29
C TYR L 272 -10.41 32.34 -28.88
N LEU L 273 -11.21 33.21 -28.27
CA LEU L 273 -11.68 32.97 -26.91
C LEU L 273 -12.66 31.80 -26.85
N GLN L 274 -13.50 31.64 -27.87
CA GLN L 274 -14.40 30.50 -27.90
C GLN L 274 -13.64 29.19 -28.06
N THR L 275 -12.52 29.22 -28.79
CA THR L 275 -11.67 28.03 -28.89
C THR L 275 -11.16 27.60 -27.52
N LEU L 276 -10.74 28.57 -26.70
CA LEU L 276 -10.25 28.25 -25.36
C LEU L 276 -11.35 27.60 -24.51
N THR L 277 -12.58 28.09 -24.62
CA THR L 277 -13.68 27.50 -23.86
C THR L 277 -13.91 26.05 -24.25
N THR L 278 -13.86 25.75 -25.55
CA THR L 278 -14.04 24.37 -25.99
C THR L 278 -12.92 23.47 -25.48
N ILE L 279 -11.68 23.96 -25.50
CA ILE L 279 -10.54 23.14 -25.10
C ILE L 279 -10.60 22.84 -23.60
N ALA L 280 -11.00 23.81 -22.79
CA ALA L 280 -10.99 23.61 -21.34
C ALA L 280 -11.91 22.48 -20.92
N ALA L 281 -12.95 22.20 -21.69
CA ALA L 281 -13.91 21.16 -21.30
C ALA L 281 -13.37 19.75 -21.47
N GLU L 282 -12.32 19.55 -22.27
CA GLU L 282 -11.76 18.23 -22.46
C GLU L 282 -11.05 17.75 -21.19
N LYS L 283 -10.91 16.43 -21.07
CA LYS L 283 -10.27 15.81 -19.92
C LYS L 283 -8.75 15.82 -20.12
N ASN L 284 -8.18 17.01 -19.96
CA ASN L 284 -6.75 17.25 -20.10
C ASN L 284 -6.38 18.44 -19.23
N SER L 285 -5.08 18.62 -19.02
CA SER L 285 -4.56 19.75 -18.26
C SER L 285 -4.48 20.99 -19.16
N THR L 286 -4.96 22.12 -18.65
CA THR L 286 -4.86 23.40 -19.33
C THR L 286 -4.18 24.40 -18.40
N ILE L 287 -3.22 25.15 -18.94
CA ILE L 287 -2.54 26.21 -18.20
C ILE L 287 -2.78 27.52 -18.94
N VAL L 288 -3.27 28.53 -18.23
CA VAL L 288 -3.67 29.80 -18.81
C VAL L 288 -2.89 30.94 -18.15
N PHE L 289 -2.37 31.85 -18.96
CA PHE L 289 -1.61 33.02 -18.51
C PHE L 289 -2.31 34.29 -18.94
N PRO L 290 -3.08 34.94 -18.07
CA PRO L 290 -3.43 36.34 -18.32
C PRO L 290 -2.18 37.20 -18.34
N LEU L 291 -2.04 38.01 -19.38
CA LEU L 291 -0.79 38.72 -19.68
C LEU L 291 -1.07 40.19 -19.93
N PRO L 292 -0.86 41.07 -18.93
CA PRO L 292 -1.14 42.50 -19.10
C PRO L 292 -0.11 43.22 -19.95
N ILE L 293 -0.32 43.22 -21.27
CA ILE L 293 0.71 43.68 -22.21
C ILE L 293 1.08 45.15 -21.98
N ASP L 294 0.12 46.00 -21.62
CA ASP L 294 0.45 47.40 -21.41
C ASP L 294 1.27 47.60 -20.14
N MET L 295 1.22 46.67 -19.19
CA MET L 295 2.11 46.72 -18.04
C MET L 295 3.52 46.28 -18.43
N LEU L 296 3.62 45.25 -19.28
CA LEU L 296 4.92 44.84 -19.79
C LEU L 296 5.52 45.90 -20.71
N GLN L 297 4.67 46.59 -21.46
CA GLN L 297 5.13 47.70 -22.29
C GLN L 297 5.81 48.78 -21.46
N GLY L 298 5.52 48.84 -20.16
CA GLY L 298 6.16 49.80 -19.28
C GLY L 298 7.55 49.44 -18.83
N ILE L 299 7.98 48.20 -19.03
CA ILE L 299 9.33 47.79 -18.68
C ILE L 299 9.94 46.99 -19.82
N ARG M 34 0.33 -50.53 -57.03
CA ARG M 34 0.94 -49.71 -55.95
C ARG M 34 0.66 -50.32 -54.58
N LEU M 35 1.69 -50.32 -53.72
CA LEU M 35 1.55 -50.79 -52.35
C LEU M 35 2.39 -49.91 -51.43
N PRO M 36 2.19 -50.00 -50.11
CA PRO M 36 2.96 -49.16 -49.19
C PRO M 36 4.46 -49.33 -49.37
N ASP M 37 5.19 -48.22 -49.19
CA ASP M 37 6.64 -48.26 -49.22
C ASP M 37 7.23 -48.93 -47.97
N SER M 38 6.48 -48.96 -46.87
CA SER M 38 6.94 -49.55 -45.63
C SER M 38 7.34 -51.02 -45.85
N GLY M 48 1.52 -71.98 -45.74
CA GLY M 48 2.22 -73.23 -45.51
C GLY M 48 1.63 -74.07 -44.40
N PRO M 49 2.27 -75.19 -44.09
CA PRO M 49 1.70 -76.09 -43.07
C PRO M 49 1.43 -75.44 -41.73
N CYS M 50 2.31 -74.55 -41.26
CA CYS M 50 2.08 -73.91 -39.98
C CYS M 50 0.90 -72.95 -40.04
N GLY M 51 0.68 -72.31 -41.19
CA GLY M 51 -0.51 -71.51 -41.37
C GLY M 51 -1.78 -72.36 -41.35
N TRP M 52 -1.78 -73.45 -42.12
CA TRP M 52 -2.97 -74.30 -42.16
C TRP M 52 -3.30 -74.87 -40.79
N ILE M 53 -2.28 -75.30 -40.04
CA ILE M 53 -2.52 -75.85 -38.71
C ILE M 53 -3.13 -74.78 -37.80
N LEU M 54 -2.51 -73.60 -37.76
CA LEU M 54 -2.97 -72.56 -36.86
C LEU M 54 -4.35 -72.07 -37.25
N VAL M 55 -4.62 -71.97 -38.56
CA VAL M 55 -5.95 -71.59 -39.02
C VAL M 55 -6.97 -72.65 -38.63
N ALA M 56 -6.63 -73.92 -38.84
CA ALA M 56 -7.54 -75.00 -38.46
C ALA M 56 -7.83 -74.97 -36.97
N PHE M 57 -6.80 -74.77 -36.15
CA PHE M 57 -7.00 -74.66 -34.71
C PHE M 57 -8.00 -73.55 -34.38
N SER M 58 -7.85 -72.40 -35.04
CA SER M 58 -8.77 -71.29 -34.78
C SER M 58 -10.20 -71.64 -35.19
N PHE M 59 -10.37 -72.29 -36.35
CA PHE M 59 -11.69 -72.75 -36.75
C PHE M 59 -12.30 -73.64 -35.68
N LEU M 60 -11.54 -74.63 -35.21
CA LEU M 60 -12.05 -75.55 -34.19
C LEU M 60 -12.44 -74.83 -32.92
N PHE M 61 -11.59 -73.91 -32.45
CA PHE M 61 -11.90 -73.16 -31.24
C PHE M 61 -13.18 -72.35 -31.41
N THR M 62 -13.30 -71.63 -32.54
CA THR M 62 -14.47 -70.79 -32.73
C THR M 62 -15.73 -71.61 -32.93
N VAL M 63 -15.62 -72.81 -33.50
CA VAL M 63 -16.77 -73.70 -33.60
C VAL M 63 -17.15 -74.21 -32.22
N ILE M 64 -16.16 -74.64 -31.43
CA ILE M 64 -16.42 -75.13 -30.08
C ILE M 64 -17.03 -74.02 -29.22
N THR M 65 -16.70 -72.76 -29.51
CA THR M 65 -17.28 -71.61 -28.85
C THR M 65 -18.31 -70.90 -29.72
N PHE M 66 -18.96 -71.62 -30.64
CA PHE M 66 -19.79 -71.02 -31.69
C PHE M 66 -20.80 -69.99 -31.17
N PRO M 67 -21.66 -70.28 -30.19
CA PRO M 67 -22.65 -69.28 -29.77
C PRO M 67 -22.03 -68.02 -29.21
N ILE M 68 -20.78 -68.08 -28.74
CA ILE M 68 -20.08 -66.88 -28.29
C ILE M 68 -19.25 -66.27 -29.41
N SER M 69 -18.77 -67.10 -30.34
CA SER M 69 -17.86 -66.62 -31.38
C SER M 69 -18.56 -65.75 -32.42
N ILE M 70 -19.82 -66.04 -32.73
CA ILE M 70 -20.55 -65.37 -33.80
C ILE M 70 -20.27 -63.87 -33.80
N TRP M 71 -20.32 -63.27 -32.61
CA TRP M 71 -20.36 -61.82 -32.51
C TRP M 71 -19.01 -61.18 -32.76
N MET M 72 -17.92 -61.92 -32.51
CA MET M 72 -16.58 -61.41 -32.76
C MET M 72 -16.07 -61.75 -34.15
N CYS M 73 -16.56 -62.83 -34.75
CA CYS M 73 -16.03 -63.32 -36.02
C CYS M 73 -16.69 -62.69 -37.25
N ILE M 74 -17.86 -62.07 -37.10
CA ILE M 74 -18.60 -61.52 -38.23
C ILE M 74 -18.51 -60.01 -38.18
N LYS M 75 -18.16 -59.40 -39.31
CA LYS M 75 -18.03 -57.95 -39.46
C LYS M 75 -18.92 -57.49 -40.59
N ILE M 76 -19.46 -56.27 -40.47
CA ILE M 76 -20.31 -55.66 -41.48
C ILE M 76 -19.77 -54.28 -41.79
N ILE M 77 -19.64 -53.97 -43.08
CA ILE M 77 -18.99 -52.75 -43.57
C ILE M 77 -19.99 -51.97 -44.40
N LYS M 78 -20.18 -50.70 -44.07
CA LYS M 78 -21.13 -49.84 -44.77
C LYS M 78 -20.53 -49.33 -46.08
N GLU M 79 -21.41 -48.71 -46.89
CA GLU M 79 -21.00 -48.17 -48.18
C GLU M 79 -19.83 -47.21 -48.05
N TYR M 80 -19.82 -46.39 -47.00
CA TYR M 80 -18.81 -45.35 -46.85
C TYR M 80 -17.63 -45.79 -45.98
N GLU M 81 -17.44 -47.10 -45.80
CA GLU M 81 -16.34 -47.63 -45.02
C GLU M 81 -15.54 -48.64 -45.85
N ARG M 82 -14.28 -48.82 -45.48
CA ARG M 82 -13.43 -49.85 -46.05
C ARG M 82 -12.67 -50.53 -44.91
N ALA M 83 -12.31 -51.79 -45.13
CA ALA M 83 -11.58 -52.58 -44.13
C ALA M 83 -10.23 -53.02 -44.68
N ILE M 84 -9.23 -53.05 -43.80
CA ILE M 84 -7.90 -53.58 -44.09
C ILE M 84 -7.71 -54.81 -43.22
N ILE M 85 -7.46 -55.96 -43.85
CA ILE M 85 -7.44 -57.24 -43.17
C ILE M 85 -6.08 -57.89 -43.37
N PHE M 86 -5.47 -58.35 -42.28
CA PHE M 86 -4.25 -59.15 -42.30
C PHE M 86 -4.59 -60.56 -41.83
N ARG M 87 -4.18 -61.56 -42.61
CA ARG M 87 -4.30 -62.96 -42.24
C ARG M 87 -2.90 -63.51 -42.00
N LEU M 88 -2.60 -63.82 -40.74
CA LEU M 88 -1.25 -64.18 -40.33
C LEU M 88 -0.24 -63.14 -40.80
N GLY M 89 -0.53 -61.88 -40.49
CA GLY M 89 0.37 -60.77 -40.77
C GLY M 89 0.43 -60.33 -42.21
N ARG M 90 -0.09 -61.11 -43.15
CA ARG M 90 -0.07 -60.74 -44.56
C ARG M 90 -1.41 -60.15 -44.96
N ILE M 91 -1.34 -59.06 -45.75
CA ILE M 91 -2.56 -58.37 -46.17
C ILE M 91 -3.25 -59.17 -47.27
N LEU M 92 -4.57 -59.25 -47.19
CA LEU M 92 -5.33 -60.02 -48.16
C LEU M 92 -5.22 -59.37 -49.54
N GLN M 93 -5.28 -60.23 -50.57
CA GLN M 93 -5.03 -59.81 -51.94
C GLN M 93 -6.13 -58.88 -52.43
N GLY M 94 -5.75 -58.00 -53.36
CA GLY M 94 -6.65 -56.99 -53.86
C GLY M 94 -6.62 -55.73 -53.00
N GLY M 95 -7.53 -54.81 -53.32
CA GLY M 95 -7.61 -53.56 -52.61
C GLY M 95 -8.28 -53.76 -51.25
N ALA M 96 -8.58 -52.62 -50.62
CA ALA M 96 -9.30 -52.65 -49.35
C ALA M 96 -10.67 -53.28 -49.56
N LYS M 97 -11.11 -54.05 -48.58
CA LYS M 97 -12.35 -54.80 -48.71
C LYS M 97 -13.54 -53.87 -48.61
N GLY M 98 -14.48 -54.01 -49.55
CA GLY M 98 -15.58 -53.10 -49.71
C GLY M 98 -16.72 -53.34 -48.75
N PRO M 99 -17.88 -52.76 -49.05
CA PRO M 99 -19.03 -52.93 -48.17
C PRO M 99 -19.57 -54.35 -48.21
N GLY M 100 -20.19 -54.76 -47.11
CA GLY M 100 -20.88 -56.02 -47.06
C GLY M 100 -20.50 -56.81 -45.82
N LEU M 101 -20.59 -58.13 -45.95
CA LEU M 101 -20.45 -59.07 -44.85
C LEU M 101 -19.11 -59.78 -44.96
N PHE M 102 -18.39 -59.89 -43.84
CA PHE M 102 -17.05 -60.44 -43.85
C PHE M 102 -16.81 -61.23 -42.56
N PHE M 103 -15.90 -62.19 -42.64
CA PHE M 103 -15.67 -63.17 -41.59
C PHE M 103 -14.20 -63.12 -41.18
N ILE M 104 -13.96 -62.97 -39.88
CA ILE M 104 -12.63 -62.78 -39.33
C ILE M 104 -12.36 -63.87 -38.30
N LEU M 105 -11.24 -64.58 -38.45
CA LEU M 105 -10.76 -65.49 -37.42
C LEU M 105 -9.93 -64.68 -36.43
N PRO M 106 -10.47 -64.35 -35.23
CA PRO M 106 -9.76 -63.41 -34.35
C PRO M 106 -8.40 -63.90 -33.88
N CYS M 107 -8.15 -65.21 -33.91
CA CYS M 107 -6.84 -65.71 -33.49
C CYS M 107 -5.77 -65.37 -34.52
N THR M 108 -6.07 -65.56 -35.81
CA THR M 108 -5.09 -65.38 -36.86
C THR M 108 -5.17 -64.03 -37.57
N ASP M 109 -6.27 -63.29 -37.41
CA ASP M 109 -6.58 -62.16 -38.28
C ASP M 109 -6.64 -60.86 -37.51
N SER M 110 -6.25 -59.77 -38.18
CA SER M 110 -6.34 -58.41 -37.65
C SER M 110 -7.17 -57.57 -38.62
N PHE M 111 -8.07 -56.76 -38.06
CA PHE M 111 -9.10 -56.06 -38.83
C PHE M 111 -9.09 -54.58 -38.47
N ILE M 112 -8.93 -53.71 -39.48
CA ILE M 112 -9.00 -52.27 -39.32
C ILE M 112 -9.99 -51.72 -40.34
N LYS M 113 -10.99 -50.97 -39.88
CA LYS M 113 -11.94 -50.32 -40.78
C LYS M 113 -11.67 -48.82 -40.84
N VAL M 114 -11.87 -48.25 -42.03
CA VAL M 114 -11.49 -46.87 -42.32
C VAL M 114 -12.71 -46.12 -42.83
N ASP M 115 -13.00 -44.96 -42.22
CA ASP M 115 -14.08 -44.10 -42.69
C ASP M 115 -13.58 -43.26 -43.86
N MET M 116 -14.34 -43.27 -44.96
CA MET M 116 -13.95 -42.60 -46.19
C MET M 116 -14.62 -41.25 -46.39
N ARG M 117 -15.35 -40.74 -45.40
CA ARG M 117 -16.07 -39.48 -45.54
C ARG M 117 -15.19 -38.29 -45.19
N THR M 118 -15.59 -37.11 -45.69
CA THR M 118 -14.88 -35.88 -45.42
C THR M 118 -14.87 -35.57 -43.93
N ILE M 119 -13.71 -35.14 -43.43
CA ILE M 119 -13.52 -34.72 -42.05
C ILE M 119 -13.13 -33.26 -42.03
N SER M 120 -13.60 -32.53 -41.02
CA SER M 120 -13.21 -31.15 -40.79
C SER M 120 -12.65 -31.01 -39.38
N PHE M 121 -11.58 -30.23 -39.24
CA PHE M 121 -10.89 -30.08 -37.97
C PHE M 121 -10.54 -28.61 -37.74
N ASP M 122 -10.73 -28.13 -36.52
CA ASP M 122 -10.51 -26.73 -36.15
C ASP M 122 -9.09 -26.57 -35.62
N ILE M 123 -8.21 -26.07 -36.49
CA ILE M 123 -6.79 -25.93 -36.19
C ILE M 123 -6.57 -24.95 -35.03
N PRO M 124 -5.67 -25.24 -34.10
CA PRO M 124 -5.37 -24.25 -33.06
C PRO M 124 -4.67 -23.03 -33.65
N PRO M 125 -4.78 -21.87 -32.99
CA PRO M 125 -4.22 -20.64 -33.56
C PRO M 125 -2.70 -20.65 -33.68
N GLN M 126 -2.21 -19.87 -34.65
CA GLN M 126 -0.79 -19.77 -34.98
C GLN M 126 -0.32 -18.32 -34.95
N GLU M 127 0.97 -18.11 -34.68
CA GLU M 127 1.62 -16.82 -34.79
C GLU M 127 2.39 -16.75 -36.11
N ILE M 128 2.15 -15.71 -36.90
CA ILE M 128 2.63 -15.62 -38.28
C ILE M 128 3.29 -14.27 -38.53
N LEU M 129 4.24 -14.26 -39.47
CA LEU M 129 4.85 -13.05 -40.00
C LEU M 129 4.55 -12.94 -41.49
N THR M 130 4.04 -11.78 -41.90
CA THR M 130 3.80 -11.52 -43.31
C THR M 130 5.09 -11.12 -44.02
N LYS M 131 5.01 -11.01 -45.35
CA LYS M 131 6.17 -10.60 -46.13
C LYS M 131 6.64 -9.21 -45.72
N ASP M 132 5.70 -8.28 -45.50
CA ASP M 132 6.06 -6.97 -44.96
C ASP M 132 6.34 -6.99 -43.46
N SER M 133 6.43 -8.16 -42.85
CA SER M 133 6.92 -8.31 -41.48
C SER M 133 5.90 -7.89 -40.41
N VAL M 134 4.61 -7.95 -40.72
CA VAL M 134 3.58 -7.67 -39.72
C VAL M 134 3.33 -8.92 -38.90
N THR M 135 3.28 -8.76 -37.58
CA THR M 135 2.91 -9.85 -36.69
C THR M 135 1.38 -10.00 -36.68
N ILE M 136 0.89 -11.18 -37.05
CA ILE M 136 -0.53 -11.49 -36.97
C ILE M 136 -0.70 -12.91 -36.44
N SER M 137 -1.82 -13.13 -35.76
CA SER M 137 -2.23 -14.47 -35.32
C SER M 137 -3.46 -14.89 -36.12
N VAL M 138 -3.45 -16.12 -36.62
CA VAL M 138 -4.51 -16.63 -37.49
C VAL M 138 -5.07 -17.92 -36.89
N ASP M 139 -6.32 -18.22 -37.24
CA ASP M 139 -7.07 -19.34 -36.67
C ASP M 139 -7.71 -20.11 -37.83
N GLY M 140 -7.12 -21.26 -38.20
CA GLY M 140 -7.49 -21.95 -39.43
C GLY M 140 -8.43 -23.14 -39.25
N VAL M 141 -8.88 -23.65 -40.39
CA VAL M 141 -9.72 -24.85 -40.48
C VAL M 141 -9.28 -25.65 -41.69
N VAL M 142 -9.30 -26.99 -41.58
CA VAL M 142 -8.91 -27.88 -42.66
C VAL M 142 -10.00 -28.92 -42.89
N TYR M 143 -10.23 -29.25 -44.15
CA TYR M 143 -11.14 -30.32 -44.56
C TYR M 143 -10.34 -31.36 -45.34
N TYR M 144 -10.55 -32.64 -45.05
CA TYR M 144 -9.81 -33.69 -45.74
C TYR M 144 -10.56 -35.02 -45.64
N ARG M 145 -10.15 -35.96 -46.50
CA ARG M 145 -10.73 -37.29 -46.53
C ARG M 145 -9.69 -38.31 -46.98
N VAL M 146 -9.90 -39.57 -46.57
CA VAL M 146 -9.09 -40.68 -47.06
C VAL M 146 -9.53 -41.04 -48.46
N GLN M 147 -8.57 -41.16 -49.38
CA GLN M 147 -8.85 -41.64 -50.72
C GLN M 147 -8.19 -42.98 -51.07
N ASN M 148 -7.28 -43.48 -50.24
CA ASN M 148 -6.72 -44.82 -50.41
C ASN M 148 -6.52 -45.39 -49.00
N ALA M 149 -7.38 -46.33 -48.62
CA ALA M 149 -7.37 -46.84 -47.25
C ALA M 149 -6.15 -47.71 -46.97
N THR M 150 -5.58 -48.35 -48.00
CA THR M 150 -4.40 -49.19 -47.77
C THR M 150 -3.21 -48.36 -47.32
N LEU M 151 -2.94 -47.25 -48.02
CA LEU M 151 -1.83 -46.38 -47.64
C LEU M 151 -2.10 -45.69 -46.31
N ALA M 152 -3.35 -45.38 -46.00
CA ALA M 152 -3.65 -44.66 -44.76
C ALA M 152 -3.37 -45.51 -43.53
N VAL M 153 -3.45 -46.84 -43.66
CA VAL M 153 -3.19 -47.74 -42.54
C VAL M 153 -1.72 -48.17 -42.50
N ALA M 154 -1.16 -48.55 -43.64
CA ALA M 154 0.09 -49.29 -43.69
C ALA M 154 1.31 -48.45 -44.07
N ASN M 155 1.14 -47.17 -44.38
CA ASN M 155 2.25 -46.32 -44.80
C ASN M 155 2.52 -45.16 -43.86
N ILE M 156 1.65 -44.90 -42.91
CA ILE M 156 1.77 -43.78 -41.97
C ILE M 156 1.22 -44.24 -40.64
N THR M 157 1.88 -43.81 -39.55
CA THR M 157 1.48 -44.29 -38.23
C THR M 157 0.15 -43.71 -37.79
N ASN M 158 -0.05 -42.40 -37.97
CA ASN M 158 -1.28 -41.72 -37.59
C ASN M 158 -1.60 -40.71 -38.69
N ALA M 159 -2.47 -41.11 -39.62
CA ALA M 159 -2.74 -40.27 -40.78
C ALA M 159 -3.36 -38.93 -40.37
N ASP M 160 -4.30 -38.94 -39.42
CA ASP M 160 -4.98 -37.71 -39.04
C ASP M 160 -4.00 -36.70 -38.45
N SER M 161 -3.19 -37.13 -37.47
CA SER M 161 -2.26 -36.21 -36.84
C SER M 161 -1.23 -35.68 -37.83
N ALA M 162 -0.72 -36.55 -38.72
CA ALA M 162 0.22 -36.09 -39.74
C ALA M 162 -0.43 -35.04 -40.63
N THR M 163 -1.68 -35.26 -41.03
CA THR M 163 -2.35 -34.32 -41.91
C THR M 163 -2.55 -32.97 -41.23
N ARG M 164 -2.96 -32.97 -39.96
CA ARG M 164 -3.29 -31.72 -39.29
C ARG M 164 -2.04 -30.87 -39.06
N LEU M 165 -0.90 -31.50 -38.75
CA LEU M 165 0.33 -30.74 -38.60
C LEU M 165 0.80 -30.19 -39.95
N LEU M 166 0.62 -30.96 -41.02
CA LEU M 166 1.02 -30.50 -42.35
C LEU M 166 0.24 -29.27 -42.77
N ALA M 167 -1.06 -29.23 -42.45
CA ALA M 167 -1.87 -28.07 -42.80
C ALA M 167 -1.34 -26.80 -42.11
N GLN M 168 -0.96 -26.92 -40.84
CA GLN M 168 -0.46 -25.77 -40.10
C GLN M 168 0.81 -25.21 -40.73
N THR M 169 1.78 -26.07 -41.04
CA THR M 169 3.04 -25.59 -41.60
C THR M 169 2.86 -25.03 -43.00
N THR M 170 1.95 -25.60 -43.79
CA THR M 170 1.70 -25.08 -45.13
C THR M 170 1.08 -23.68 -45.06
N LEU M 171 0.13 -23.49 -44.14
CA LEU M 171 -0.45 -22.16 -43.96
C LEU M 171 0.58 -21.16 -43.47
N ARG M 172 1.46 -21.59 -42.56
CA ARG M 172 2.52 -20.72 -42.07
C ARG M 172 3.41 -20.23 -43.20
N ASN M 173 3.80 -21.15 -44.09
CA ASN M 173 4.74 -20.79 -45.16
C ASN M 173 4.12 -19.82 -46.16
N VAL M 174 2.92 -20.13 -46.66
CA VAL M 174 2.36 -19.36 -47.78
C VAL M 174 2.10 -17.92 -47.36
N LEU M 175 1.56 -17.72 -46.16
CA LEU M 175 1.25 -16.36 -45.73
C LEU M 175 2.51 -15.53 -45.51
N GLY M 176 3.65 -16.19 -45.31
CA GLY M 176 4.93 -15.49 -45.24
C GLY M 176 5.42 -14.95 -46.56
N THR M 177 4.84 -15.39 -47.67
CA THR M 177 5.17 -14.88 -48.99
C THR M 177 4.23 -13.79 -49.47
N LYS M 178 3.28 -13.37 -48.65
CA LYS M 178 2.26 -12.40 -49.03
C LYS M 178 2.30 -11.18 -48.11
N ASN M 179 2.11 -10.01 -48.71
CA ASN M 179 1.85 -8.81 -47.91
C ASN M 179 0.47 -8.87 -47.29
N LEU M 180 0.29 -8.16 -46.17
CA LEU M 180 -0.97 -8.21 -45.45
C LEU M 180 -2.15 -7.83 -46.35
N SER M 181 -1.97 -6.85 -47.22
CA SER M 181 -3.04 -6.47 -48.13
C SER M 181 -3.39 -7.59 -49.09
N GLN M 182 -2.38 -8.36 -49.54
CA GLN M 182 -2.63 -9.48 -50.42
C GLN M 182 -3.39 -10.59 -49.72
N ILE M 183 -3.11 -10.79 -48.43
CA ILE M 183 -3.80 -11.84 -47.68
C ILE M 183 -5.30 -11.61 -47.69
N LEU M 184 -5.72 -10.34 -47.59
CA LEU M 184 -7.15 -10.03 -47.56
C LEU M 184 -7.78 -10.14 -48.94
N SER M 185 -7.01 -9.97 -50.01
CA SER M 185 -7.58 -9.86 -51.35
C SER M 185 -7.43 -11.11 -52.21
N ASP M 186 -6.49 -12.01 -51.89
CA ASP M 186 -6.07 -13.06 -52.82
C ASP M 186 -6.40 -14.46 -52.32
N ARG M 187 -7.66 -14.71 -51.95
CA ARG M 187 -8.05 -16.03 -51.46
C ARG M 187 -7.77 -17.11 -52.49
N GLU M 188 -8.20 -16.89 -53.74
CA GLU M 188 -8.08 -17.91 -54.77
C GLU M 188 -6.61 -18.25 -55.05
N GLU M 189 -5.77 -17.22 -55.17
CA GLU M 189 -4.35 -17.45 -55.42
C GLU M 189 -3.69 -18.19 -54.26
N ILE M 190 -4.05 -17.83 -53.03
CA ILE M 190 -3.47 -18.49 -51.86
C ILE M 190 -3.88 -19.96 -51.80
N ALA M 191 -5.14 -20.25 -52.12
CA ALA M 191 -5.59 -21.64 -52.11
C ALA M 191 -4.86 -22.46 -53.16
N HIS M 192 -4.69 -21.91 -54.36
CA HIS M 192 -3.99 -22.64 -55.42
C HIS M 192 -2.57 -22.97 -55.02
N ASN M 193 -1.87 -22.02 -54.39
CA ASN M 193 -0.50 -22.28 -53.95
C ASN M 193 -0.45 -23.41 -52.93
N MET M 194 -1.37 -23.41 -51.96
CA MET M 194 -1.32 -24.41 -50.90
C MET M 194 -1.60 -25.81 -51.43
N GLN M 195 -2.49 -25.94 -52.41
CA GLN M 195 -2.92 -27.26 -52.84
C GLN M 195 -1.76 -28.06 -53.42
N SER M 196 -0.90 -27.41 -54.21
CA SER M 196 0.25 -28.11 -54.78
C SER M 196 1.14 -28.68 -53.70
N THR M 197 1.44 -27.87 -52.68
CA THR M 197 2.27 -28.36 -51.57
C THR M 197 1.61 -29.52 -50.87
N LEU M 198 0.32 -29.41 -50.59
CA LEU M 198 -0.38 -30.45 -49.83
C LEU M 198 -0.45 -31.76 -50.62
N ASP M 199 -0.76 -31.69 -51.92
CA ASP M 199 -0.92 -32.91 -52.70
C ASP M 199 0.39 -33.69 -52.78
N ASP M 200 1.51 -33.01 -52.99
CA ASP M 200 2.80 -33.69 -53.06
C ASP M 200 3.08 -34.46 -51.78
N ALA M 201 2.72 -33.89 -50.62
CA ALA M 201 3.04 -34.51 -49.34
C ALA M 201 2.06 -35.62 -48.98
N THR M 202 0.77 -35.44 -49.25
CA THR M 202 -0.25 -36.35 -48.73
C THR M 202 -0.54 -37.53 -49.64
N ASP M 203 -0.02 -37.55 -50.86
CA ASP M 203 -0.30 -38.66 -51.77
C ASP M 203 0.14 -39.98 -51.18
N ALA M 204 1.35 -40.02 -50.59
CA ALA M 204 1.87 -41.26 -50.04
C ALA M 204 1.07 -41.74 -48.83
N TRP M 205 0.34 -40.85 -48.17
CA TRP M 205 -0.46 -41.24 -47.00
C TRP M 205 -1.87 -41.68 -47.37
N GLY M 206 -2.26 -41.59 -48.63
CA GLY M 206 -3.61 -41.91 -49.03
C GLY M 206 -4.63 -40.88 -48.60
N ILE M 207 -4.24 -39.61 -48.52
CA ILE M 207 -5.08 -38.53 -48.02
C ILE M 207 -5.22 -37.47 -49.11
N LYS M 208 -6.39 -36.84 -49.18
CA LYS M 208 -6.61 -35.67 -50.00
C LYS M 208 -7.11 -34.54 -49.12
N VAL M 209 -6.37 -33.44 -49.07
CA VAL M 209 -6.81 -32.24 -48.38
C VAL M 209 -7.68 -31.43 -49.33
N GLU M 210 -8.87 -31.07 -48.87
CA GLU M 210 -9.86 -30.40 -49.71
C GLU M 210 -9.89 -28.89 -49.51
N ARG M 211 -9.71 -28.40 -48.28
CA ARG M 211 -9.68 -26.97 -48.04
C ARG M 211 -8.80 -26.65 -46.84
N VAL M 212 -8.19 -25.47 -46.89
CA VAL M 212 -7.63 -24.81 -45.71
C VAL M 212 -8.16 -23.38 -45.72
N GLU M 213 -8.78 -22.97 -44.61
CA GLU M 213 -9.47 -21.71 -44.52
C GLU M 213 -9.08 -21.02 -43.22
N ILE M 214 -9.36 -19.72 -43.14
CA ILE M 214 -8.99 -18.90 -42.01
C ILE M 214 -10.26 -18.40 -41.33
N LYS M 215 -10.35 -18.61 -40.02
CA LYS M 215 -11.54 -18.25 -39.26
C LYS M 215 -11.42 -16.87 -38.61
N ASP M 216 -10.22 -16.47 -38.19
CA ASP M 216 -10.00 -15.20 -37.52
C ASP M 216 -8.61 -14.68 -37.85
N VAL M 217 -8.49 -13.35 -37.86
CA VAL M 217 -7.20 -12.67 -38.01
C VAL M 217 -7.16 -11.52 -37.00
N LYS M 218 -6.03 -11.39 -36.30
CA LYS M 218 -5.86 -10.37 -35.27
C LYS M 218 -4.50 -9.68 -35.40
N LEU M 219 -4.50 -8.36 -35.21
CA LEU M 219 -3.29 -7.58 -35.02
C LEU M 219 -2.98 -7.42 -33.53
N PRO M 220 -1.72 -7.28 -33.14
CA PRO M 220 -1.42 -6.87 -31.76
C PRO M 220 -2.04 -5.51 -31.46
N VAL M 221 -2.44 -5.32 -30.20
CA VAL M 221 -3.14 -4.09 -29.81
C VAL M 221 -2.30 -2.86 -30.13
N GLN M 222 -0.98 -2.95 -29.96
CA GLN M 222 -0.12 -1.80 -30.19
C GLN M 222 -0.12 -1.34 -31.65
N LEU M 223 -0.48 -2.22 -32.60
CA LEU M 223 -0.47 -1.87 -34.01
C LEU M 223 -1.82 -1.41 -34.54
N GLN M 224 -2.89 -1.53 -33.75
CA GLN M 224 -4.23 -1.48 -34.31
C GLN M 224 -4.61 -0.08 -34.82
N ARG M 225 -4.39 0.95 -34.00
CA ARG M 225 -4.78 2.29 -34.46
C ARG M 225 -3.86 2.79 -35.58
N ALA M 226 -2.58 2.45 -35.51
CA ALA M 226 -1.65 2.88 -36.56
C ALA M 226 -2.05 2.32 -37.93
N MET M 227 -2.40 1.03 -37.98
CA MET M 227 -2.75 0.39 -39.24
C MET M 227 -4.07 0.90 -39.81
N ALA M 228 -4.94 1.47 -38.98
CA ALA M 228 -6.25 1.96 -39.40
C ALA M 228 -6.20 3.37 -39.98
N ALA M 229 -5.03 3.86 -40.39
CA ALA M 229 -4.87 5.28 -40.71
C ALA M 229 -5.79 5.73 -41.84
N GLU M 230 -5.95 4.91 -42.88
CA GLU M 230 -6.79 5.30 -44.01
C GLU M 230 -8.23 5.54 -43.60
N ALA M 231 -8.78 4.68 -42.74
CA ALA M 231 -10.17 4.83 -42.34
C ALA M 231 -10.36 6.06 -41.45
N GLU M 232 -9.42 6.30 -40.54
CA GLU M 232 -9.49 7.49 -39.70
C GLU M 232 -9.42 8.76 -40.54
N ALA M 233 -8.53 8.79 -41.53
CA ALA M 233 -8.32 9.99 -42.33
C ALA M 233 -9.54 10.32 -43.18
N SER M 234 -10.21 9.30 -43.73
CA SER M 234 -11.36 9.56 -44.60
C SER M 234 -12.47 10.26 -43.84
N ARG M 235 -12.70 9.88 -42.59
CA ARG M 235 -13.75 10.53 -41.80
C ARG M 235 -13.30 11.91 -41.31
N GLU M 236 -12.01 12.08 -41.04
CA GLU M 236 -11.50 13.40 -40.67
C GLU M 236 -11.63 14.37 -41.83
N ALA M 237 -11.46 13.90 -43.06
CA ALA M 237 -11.58 14.79 -44.22
C ALA M 237 -13.02 15.29 -44.37
N ARG M 238 -14.00 14.41 -44.20
CA ARG M 238 -15.40 14.85 -44.26
C ARG M 238 -15.73 15.79 -43.11
N ALA M 239 -15.16 15.54 -41.92
CA ALA M 239 -15.40 16.42 -40.79
C ALA M 239 -14.91 17.85 -41.06
N LYS M 240 -13.76 17.99 -41.71
CA LYS M 240 -13.21 19.33 -41.98
C LYS M 240 -14.14 20.15 -42.85
N VAL M 241 -14.73 19.54 -43.88
CA VAL M 241 -15.66 20.26 -44.74
C VAL M 241 -16.85 20.74 -43.93
N ILE M 242 -17.37 19.90 -43.05
CA ILE M 242 -18.49 20.30 -42.19
C ILE M 242 -18.08 21.44 -41.28
N ALA M 243 -16.88 21.36 -40.69
CA ALA M 243 -16.43 22.39 -39.76
C ALA M 243 -16.20 23.72 -40.47
N ALA M 244 -15.65 23.70 -41.68
CA ALA M 244 -15.44 24.94 -42.41
C ALA M 244 -16.76 25.62 -42.75
N GLU M 245 -17.79 24.84 -43.09
CA GLU M 245 -19.12 25.39 -43.29
C GLU M 245 -19.64 26.04 -42.01
N GLY M 246 -19.31 25.47 -40.85
CA GLY M 246 -19.69 26.09 -39.59
C GLY M 246 -19.07 27.46 -39.40
N GLU M 247 -17.77 27.60 -39.70
CA GLU M 247 -17.11 28.89 -39.61
C GLU M 247 -17.80 29.92 -40.49
N MET M 248 -18.13 29.55 -41.72
CA MET M 248 -18.77 30.49 -42.65
C MET M 248 -20.13 30.94 -42.13
N ASN M 249 -20.92 30.01 -41.60
CA ASN M 249 -22.26 30.38 -41.12
C ASN M 249 -22.20 31.29 -39.90
N ALA M 250 -21.23 31.07 -39.02
CA ALA M 250 -21.13 31.86 -37.80
C ALA M 250 -20.52 33.25 -38.02
N SER M 251 -19.88 33.49 -39.17
CA SER M 251 -19.02 34.67 -39.31
C SER M 251 -19.80 35.97 -39.28
N ARG M 252 -21.03 36.00 -39.82
CA ARG M 252 -21.77 37.26 -39.89
C ARG M 252 -22.11 37.80 -38.52
N ALA M 253 -22.54 36.94 -37.59
CA ALA M 253 -22.87 37.40 -36.25
C ALA M 253 -21.62 37.87 -35.51
N LEU M 254 -20.50 37.19 -35.69
CA LEU M 254 -19.26 37.63 -35.05
C LEU M 254 -18.83 39.00 -35.56
N LYS M 255 -19.00 39.25 -36.86
CA LYS M 255 -18.67 40.58 -37.39
C LYS M 255 -19.54 41.66 -36.75
N GLU M 256 -20.84 41.40 -36.62
CA GLU M 256 -21.73 42.37 -35.99
C GLU M 256 -21.33 42.62 -34.54
N ALA M 257 -21.05 41.55 -33.79
CA ALA M 257 -20.61 41.70 -32.41
C ALA M 257 -19.30 42.49 -32.35
N SER M 258 -18.37 42.19 -33.25
CA SER M 258 -17.08 42.86 -33.25
C SER M 258 -17.23 44.36 -33.50
N MET M 259 -18.12 44.74 -34.42
CA MET M 259 -18.27 46.16 -34.75
C MET M 259 -18.77 46.96 -33.56
N VAL M 260 -19.70 46.40 -32.78
CA VAL M 260 -20.20 47.10 -31.60
C VAL M 260 -19.14 47.14 -30.50
N ILE M 261 -18.43 46.02 -30.30
CA ILE M 261 -17.47 45.91 -29.20
C ILE M 261 -16.32 46.88 -29.40
N THR M 262 -15.91 47.12 -30.64
CA THR M 262 -14.70 47.90 -30.91
C THR M 262 -14.94 49.41 -30.85
N GLU M 263 -16.17 49.86 -30.60
CA GLU M 263 -16.44 51.29 -30.52
C GLU M 263 -16.02 51.89 -29.19
N SER M 264 -15.82 51.08 -28.15
CA SER M 264 -15.33 51.54 -26.85
C SER M 264 -14.22 50.60 -26.41
N PRO M 265 -13.09 51.12 -25.94
CA PRO M 265 -11.88 50.26 -25.83
C PRO M 265 -11.96 49.19 -24.75
N ALA M 266 -12.64 49.43 -23.64
CA ALA M 266 -12.60 48.48 -22.54
C ALA M 266 -13.50 47.26 -22.75
N ALA M 267 -14.37 47.29 -23.77
CA ALA M 267 -15.38 46.25 -23.92
C ALA M 267 -14.76 44.87 -24.15
N LEU M 268 -13.79 44.79 -25.07
CA LEU M 268 -13.18 43.50 -25.37
C LEU M 268 -12.47 42.94 -24.14
N GLN M 269 -11.88 43.80 -23.32
CA GLN M 269 -11.23 43.34 -22.10
C GLN M 269 -12.22 42.70 -21.14
N LEU M 270 -13.43 43.26 -21.04
CA LEU M 270 -14.45 42.65 -20.21
C LEU M 270 -14.79 41.24 -20.71
N ARG M 271 -14.85 41.07 -22.03
CA ARG M 271 -15.11 39.74 -22.58
C ARG M 271 -13.99 38.77 -22.22
N TYR M 272 -12.73 39.23 -22.25
CA TYR M 272 -11.62 38.38 -21.86
C TYR M 272 -11.76 37.88 -20.42
N LEU M 273 -12.10 38.79 -19.50
CA LEU M 273 -12.16 38.42 -18.09
C LEU M 273 -13.32 37.46 -17.82
N GLN M 274 -14.46 37.65 -18.49
CA GLN M 274 -15.56 36.71 -18.32
C GLN M 274 -15.18 35.33 -18.82
N THR M 275 -14.41 35.25 -19.90
CA THR M 275 -13.94 33.94 -20.38
C THR M 275 -13.12 33.24 -19.31
N LEU M 276 -12.21 33.97 -18.65
CA LEU M 276 -11.37 33.37 -17.61
C LEU M 276 -12.22 32.79 -16.49
N THR M 277 -13.27 33.51 -16.08
CA THR M 277 -14.15 33.01 -15.04
C THR M 277 -14.81 31.71 -15.47
N THR M 278 -15.21 31.62 -16.75
CA THR M 278 -15.80 30.39 -17.26
C THR M 278 -14.79 29.25 -17.25
N ILE M 279 -13.53 29.52 -17.64
CA ILE M 279 -12.51 28.48 -17.68
C ILE M 279 -12.29 27.90 -16.29
N ALA M 280 -12.25 28.75 -15.27
CA ALA M 280 -11.82 28.31 -13.94
C ALA M 280 -12.71 27.21 -13.37
N ALA M 281 -13.94 27.06 -13.86
CA ALA M 281 -14.84 26.05 -13.31
C ALA M 281 -14.53 24.64 -13.82
N GLU M 282 -13.81 24.50 -14.92
CA GLU M 282 -13.47 23.18 -15.45
C GLU M 282 -12.32 22.57 -14.67
N LYS M 283 -12.31 21.25 -14.58
CA LYS M 283 -11.31 20.54 -13.79
C LYS M 283 -9.93 20.64 -14.44
N ASN M 284 -8.90 20.60 -13.60
CA ASN M 284 -7.50 20.60 -14.05
C ASN M 284 -7.17 21.84 -14.88
N SER M 285 -7.68 23.00 -14.48
CA SER M 285 -7.39 24.28 -15.16
C SER M 285 -6.53 25.13 -14.24
N THR M 286 -5.22 25.14 -14.49
CA THR M 286 -4.30 25.99 -13.73
C THR M 286 -4.24 27.37 -14.36
N ILE M 287 -4.41 28.40 -13.52
CA ILE M 287 -4.36 29.79 -13.97
C ILE M 287 -3.21 30.48 -13.25
N VAL M 288 -2.37 31.18 -14.01
CA VAL M 288 -1.21 31.90 -13.49
C VAL M 288 -1.48 33.39 -13.63
N PHE M 289 -1.42 34.12 -12.51
CA PHE M 289 -2.03 35.44 -12.40
C PHE M 289 -1.03 36.49 -11.93
N PRO M 290 -0.51 37.34 -12.83
CA PRO M 290 0.39 38.42 -12.38
C PRO M 290 -0.38 39.58 -11.77
N LEU M 291 0.23 40.19 -10.75
CA LEU M 291 -0.30 41.39 -10.09
C LEU M 291 0.75 42.48 -10.13
N PRO M 292 0.77 43.33 -11.16
CA PRO M 292 1.75 44.42 -11.21
C PRO M 292 1.49 45.45 -10.12
N ILE M 293 2.48 45.66 -9.26
CA ILE M 293 2.35 46.52 -8.08
C ILE M 293 3.43 47.60 -8.14
N ASP M 294 3.08 48.77 -7.61
CA ASP M 294 3.96 49.94 -7.64
C ASP M 294 4.24 50.38 -6.20
N MET M 295 5.51 50.36 -5.81
CA MET M 295 5.93 50.80 -4.48
C MET M 295 6.34 52.26 -4.43
N LEU M 296 6.13 53.02 -5.51
CA LEU M 296 6.20 54.49 -5.48
C LEU M 296 7.61 55.01 -5.25
N GLN M 297 8.63 54.32 -5.77
CA GLN M 297 9.99 54.84 -5.72
C GLN M 297 10.29 55.67 -6.97
N ARG N 34 -27.27 -39.55 -58.11
CA ARG N 34 -25.98 -39.01 -57.61
C ARG N 34 -25.54 -39.74 -56.33
N LEU N 35 -24.75 -40.79 -56.50
CA LEU N 35 -24.22 -41.50 -55.35
C LEU N 35 -23.13 -40.68 -54.66
N PRO N 36 -22.89 -40.91 -53.37
CA PRO N 36 -21.81 -40.18 -52.68
C PRO N 36 -20.45 -40.48 -53.29
N ASP N 37 -19.53 -39.54 -53.07
CA ASP N 37 -18.13 -39.76 -53.45
C ASP N 37 -17.50 -40.88 -52.63
N SER N 38 -17.81 -40.93 -51.34
CA SER N 38 -17.18 -41.90 -50.44
C SER N 38 -17.36 -43.33 -50.94
N GLY N 48 -25.93 -62.19 -50.35
CA GLY N 48 -25.43 -63.50 -50.72
C GLY N 48 -26.00 -64.60 -49.86
N PRO N 49 -25.58 -65.85 -50.13
CA PRO N 49 -26.16 -66.98 -49.39
C PRO N 49 -26.05 -66.87 -47.87
N CYS N 50 -24.89 -66.44 -47.36
CA CYS N 50 -24.75 -66.31 -45.91
C CYS N 50 -25.54 -65.13 -45.37
N GLY N 51 -25.80 -64.12 -46.20
CA GLY N 51 -26.67 -63.03 -45.78
C GLY N 51 -28.08 -63.53 -45.47
N TRP N 52 -28.61 -64.40 -46.33
CA TRP N 52 -29.94 -64.95 -46.08
C TRP N 52 -29.98 -65.72 -44.76
N ILE N 53 -28.89 -66.37 -44.38
CA ILE N 53 -28.86 -67.08 -43.11
C ILE N 53 -29.02 -66.10 -41.96
N LEU N 54 -28.24 -65.02 -41.96
CA LEU N 54 -28.36 -64.01 -40.92
C LEU N 54 -29.73 -63.35 -40.95
N VAL N 55 -30.25 -63.07 -42.14
CA VAL N 55 -31.59 -62.48 -42.24
C VAL N 55 -32.63 -63.44 -41.70
N ALA N 56 -32.54 -64.71 -42.07
CA ALA N 56 -33.50 -65.70 -41.59
C ALA N 56 -33.44 -65.84 -40.08
N PHE N 57 -32.23 -65.91 -39.53
CA PHE N 57 -32.08 -65.93 -38.07
C PHE N 57 -32.74 -64.72 -37.44
N SER N 58 -32.59 -63.55 -38.05
CA SER N 58 -33.20 -62.33 -37.52
C SER N 58 -34.73 -62.39 -37.64
N PHE N 59 -35.24 -62.84 -38.78
CA PHE N 59 -36.68 -63.02 -38.92
C PHE N 59 -37.22 -63.95 -37.84
N LEU N 60 -36.60 -65.11 -37.70
CA LEU N 60 -37.07 -66.09 -36.71
C LEU N 60 -37.01 -65.50 -35.31
N PHE N 61 -35.87 -64.93 -34.93
CA PHE N 61 -35.71 -64.44 -33.56
C PHE N 61 -36.72 -63.36 -33.24
N THR N 62 -36.95 -62.42 -34.16
CA THR N 62 -37.92 -61.35 -33.90
C THR N 62 -39.33 -61.90 -33.80
N VAL N 63 -39.68 -62.89 -34.62
CA VAL N 63 -40.96 -63.58 -34.46
C VAL N 63 -41.02 -64.29 -33.11
N ILE N 64 -39.92 -64.94 -32.73
CA ILE N 64 -39.85 -65.61 -31.43
C ILE N 64 -40.03 -64.62 -30.29
N THR N 65 -39.64 -63.36 -30.51
CA THR N 65 -39.73 -62.31 -29.50
C THR N 65 -40.76 -61.25 -29.88
N PHE N 66 -41.74 -61.62 -30.71
CA PHE N 66 -42.56 -60.64 -31.42
C PHE N 66 -43.18 -59.56 -30.54
N PRO N 67 -43.90 -59.89 -29.46
CA PRO N 67 -44.59 -58.83 -28.70
C PRO N 67 -43.66 -57.83 -28.03
N ILE N 68 -42.35 -58.05 -28.05
CA ILE N 68 -41.39 -57.08 -27.54
C ILE N 68 -40.63 -56.46 -28.70
N SER N 69 -40.08 -57.31 -29.57
CA SER N 69 -39.15 -56.83 -30.60
C SER N 69 -39.86 -56.12 -31.75
N ILE N 70 -41.16 -56.30 -31.93
CA ILE N 70 -41.86 -55.62 -33.02
C ILE N 70 -41.76 -54.11 -32.83
N TRP N 71 -41.65 -53.65 -31.58
CA TRP N 71 -41.51 -52.22 -31.35
C TRP N 71 -40.22 -51.68 -31.95
N MET N 72 -39.14 -52.43 -31.88
CA MET N 72 -37.88 -52.02 -32.50
C MET N 72 -37.93 -52.14 -34.02
N CYS N 73 -38.68 -53.11 -34.53
CA CYS N 73 -38.76 -53.30 -35.97
C CYS N 73 -39.51 -52.15 -36.65
N ILE N 74 -40.49 -51.57 -35.97
CA ILE N 74 -41.38 -50.58 -36.58
C ILE N 74 -40.77 -49.19 -36.48
N LYS N 75 -40.75 -48.47 -37.59
CA LYS N 75 -40.29 -47.10 -37.66
C LYS N 75 -41.34 -46.25 -38.38
N ILE N 76 -41.53 -45.02 -37.90
CA ILE N 76 -42.47 -44.08 -38.49
C ILE N 76 -41.72 -42.79 -38.79
N ILE N 77 -41.79 -42.34 -40.04
CA ILE N 77 -41.08 -41.15 -40.51
C ILE N 77 -42.12 -40.11 -40.90
N LYS N 78 -41.98 -38.90 -40.36
CA LYS N 78 -42.95 -37.84 -40.57
C LYS N 78 -42.76 -37.18 -41.93
N GLU N 79 -43.72 -36.32 -42.29
CA GLU N 79 -43.69 -35.63 -43.58
C GLU N 79 -42.36 -34.91 -43.80
N TYR N 80 -41.81 -34.30 -42.76
CA TYR N 80 -40.63 -33.46 -42.88
C TYR N 80 -39.34 -34.20 -42.51
N GLU N 81 -39.38 -35.52 -42.44
CA GLU N 81 -38.21 -36.34 -42.14
C GLU N 81 -37.95 -37.32 -43.28
N ARG N 82 -36.71 -37.80 -43.35
CA ARG N 82 -36.31 -38.82 -44.31
C ARG N 82 -35.38 -39.81 -43.62
N ALA N 83 -35.37 -41.04 -44.12
CA ALA N 83 -34.58 -42.12 -43.54
C ALA N 83 -33.59 -42.70 -44.54
N ILE N 84 -32.38 -42.98 -44.05
CA ILE N 84 -31.35 -43.68 -44.80
C ILE N 84 -31.16 -45.05 -44.15
N ILE N 85 -31.31 -46.11 -44.93
CA ILE N 85 -31.35 -47.48 -44.41
C ILE N 85 -30.26 -48.32 -45.06
N PHE N 86 -29.47 -49.00 -44.23
CA PHE N 86 -28.48 -49.97 -44.67
C PHE N 86 -28.91 -51.37 -44.23
N ARG N 87 -28.76 -52.34 -45.12
CA ARG N 87 -29.02 -53.75 -44.82
C ARG N 87 -27.77 -54.55 -45.14
N LEU N 88 -27.17 -55.14 -44.10
CA LEU N 88 -25.88 -55.81 -44.23
C LEU N 88 -24.85 -54.88 -44.88
N GLY N 89 -24.91 -53.60 -44.51
CA GLY N 89 -23.97 -52.61 -44.97
C GLY N 89 -24.27 -52.01 -46.32
N ARG N 90 -25.05 -52.67 -47.16
CA ARG N 90 -25.45 -52.07 -48.44
C ARG N 90 -26.65 -51.14 -48.22
N ILE N 91 -26.69 -50.06 -48.98
CA ILE N 91 -27.75 -49.07 -48.85
C ILE N 91 -28.94 -49.50 -49.69
N LEU N 92 -30.14 -49.41 -49.13
CA LEU N 92 -31.34 -49.79 -49.86
C LEU N 92 -31.48 -48.91 -51.10
N GLN N 93 -31.78 -49.56 -52.22
CA GLN N 93 -31.74 -48.90 -53.52
C GLN N 93 -32.78 -47.79 -53.61
N GLY N 94 -32.41 -46.72 -54.30
CA GLY N 94 -33.26 -45.56 -54.45
C GLY N 94 -32.88 -44.43 -53.52
N GLY N 95 -33.74 -43.42 -53.49
CA GLY N 95 -33.51 -42.25 -52.67
C GLY N 95 -33.82 -42.53 -51.21
N ALA N 96 -33.71 -41.47 -50.41
CA ALA N 96 -34.06 -41.55 -49.00
C ALA N 96 -35.55 -41.90 -48.86
N LYS N 97 -35.86 -42.73 -47.87
CA LYS N 97 -37.22 -43.23 -47.73
C LYS N 97 -38.13 -42.14 -47.14
N GLY N 98 -39.31 -41.98 -47.77
CA GLY N 98 -40.21 -40.90 -47.47
C GLY N 98 -40.97 -41.10 -46.18
N PRO N 99 -42.05 -40.35 -46.01
CA PRO N 99 -42.88 -40.50 -44.80
C PRO N 99 -43.63 -41.83 -44.80
N GLY N 100 -43.93 -42.31 -43.60
CA GLY N 100 -44.82 -43.43 -43.43
C GLY N 100 -44.25 -44.46 -42.49
N LEU N 101 -44.71 -45.69 -42.67
CA LEU N 101 -44.41 -46.81 -41.79
C LEU N 101 -43.40 -47.73 -42.46
N PHE N 102 -42.36 -48.13 -41.72
CA PHE N 102 -41.27 -48.91 -42.28
C PHE N 102 -40.84 -49.96 -41.28
N PHE N 103 -40.36 -51.09 -41.80
CA PHE N 103 -39.96 -52.25 -41.01
C PHE N 103 -38.48 -52.53 -41.24
N ILE N 104 -37.73 -52.73 -40.16
CA ILE N 104 -36.33 -53.11 -40.24
C ILE N 104 -36.05 -54.20 -39.21
N LEU N 105 -34.99 -54.97 -39.48
CA LEU N 105 -34.50 -55.95 -38.51
C LEU N 105 -33.28 -55.37 -37.81
N PRO N 106 -33.34 -55.10 -36.50
CA PRO N 106 -32.21 -54.43 -35.85
C PRO N 106 -30.91 -55.22 -35.89
N CYS N 107 -30.96 -56.53 -36.12
CA CYS N 107 -29.73 -57.31 -36.21
C CYS N 107 -28.97 -57.01 -37.50
N THR N 108 -29.66 -57.07 -38.64
CA THR N 108 -29.01 -56.94 -39.94
C THR N 108 -29.04 -55.52 -40.51
N ASP N 109 -29.89 -54.64 -39.98
CA ASP N 109 -30.17 -53.35 -40.60
C ASP N 109 -29.71 -52.20 -39.71
N SER N 110 -29.33 -51.10 -40.33
CA SER N 110 -28.95 -49.87 -39.66
C SER N 110 -29.75 -48.72 -40.25
N PHE N 111 -30.16 -47.78 -39.39
CA PHE N 111 -31.22 -46.83 -39.70
C PHE N 111 -30.83 -45.44 -39.24
N ILE N 112 -30.85 -44.46 -40.16
CA ILE N 112 -30.51 -43.07 -39.85
C ILE N 112 -31.65 -42.18 -40.33
N LYS N 113 -32.06 -41.26 -39.47
CA LYS N 113 -33.24 -40.41 -39.67
C LYS N 113 -32.81 -38.95 -39.75
N VAL N 114 -33.27 -38.24 -40.79
CA VAL N 114 -32.76 -36.91 -41.11
C VAL N 114 -33.93 -35.92 -41.15
N ASP N 115 -33.80 -34.83 -40.39
CA ASP N 115 -34.78 -33.75 -40.40
C ASP N 115 -34.49 -32.80 -41.56
N MET N 116 -35.51 -32.50 -42.36
CA MET N 116 -35.36 -31.71 -43.57
C MET N 116 -35.74 -30.24 -43.39
N ARG N 117 -35.98 -29.78 -42.17
CA ARG N 117 -36.46 -28.42 -41.95
C ARG N 117 -35.29 -27.43 -41.81
N THR N 118 -35.60 -26.16 -42.02
CA THR N 118 -34.63 -25.09 -41.82
C THR N 118 -34.20 -25.03 -40.36
N ILE N 119 -32.91 -24.81 -40.14
CA ILE N 119 -32.35 -24.65 -38.81
C ILE N 119 -31.48 -23.40 -38.77
N SER N 120 -31.45 -22.75 -37.61
CA SER N 120 -30.68 -21.53 -37.40
C SER N 120 -29.68 -21.75 -36.27
N PHE N 121 -28.49 -21.19 -36.43
CA PHE N 121 -27.42 -21.32 -35.44
C PHE N 121 -26.78 -19.97 -35.19
N ASP N 122 -26.51 -19.67 -33.92
CA ASP N 122 -25.93 -18.39 -33.50
C ASP N 122 -24.42 -18.52 -33.40
N ILE N 123 -23.74 -18.07 -34.44
CA ILE N 123 -22.28 -18.21 -34.60
C ILE N 123 -21.55 -17.48 -33.48
N PRO N 124 -20.47 -18.03 -32.92
CA PRO N 124 -19.69 -17.28 -31.94
C PRO N 124 -19.05 -16.05 -32.57
N PRO N 125 -18.81 -15.01 -31.77
CA PRO N 125 -18.23 -13.77 -32.33
C PRO N 125 -16.83 -13.97 -32.90
N GLN N 126 -16.50 -13.14 -33.89
CA GLN N 126 -15.26 -13.25 -34.67
C GLN N 126 -14.49 -11.94 -34.66
N GLU N 127 -13.18 -12.02 -34.89
CA GLU N 127 -12.32 -10.86 -35.08
C GLU N 127 -11.97 -10.72 -36.56
N ILE N 128 -12.19 -9.54 -37.12
CA ILE N 128 -12.11 -9.32 -38.56
C ILE N 128 -11.30 -8.07 -38.87
N LEU N 129 -10.70 -8.05 -40.06
CA LEU N 129 -10.01 -6.88 -40.60
C LEU N 129 -10.68 -6.45 -41.91
N THR N 130 -11.00 -5.16 -42.00
CA THR N 130 -11.58 -4.62 -43.22
C THR N 130 -10.50 -4.37 -44.27
N LYS N 131 -10.94 -4.05 -45.48
CA LYS N 131 -10.00 -3.71 -46.55
C LYS N 131 -9.16 -2.50 -46.17
N ASP N 132 -9.77 -1.51 -45.52
CA ASP N 132 -9.03 -0.35 -44.99
C ASP N 132 -8.35 -0.65 -43.65
N SER N 133 -8.31 -1.91 -43.21
CA SER N 133 -7.48 -2.33 -42.08
C SER N 133 -8.03 -1.94 -40.71
N VAL N 134 -9.35 -1.78 -40.59
CA VAL N 134 -9.96 -1.52 -39.29
C VAL N 134 -10.21 -2.83 -38.56
N THR N 135 -9.88 -2.87 -37.28
CA THR N 135 -10.17 -4.02 -36.44
C THR N 135 -11.60 -3.95 -35.93
N ILE N 136 -12.43 -4.91 -36.32
CA ILE N 136 -13.81 -5.01 -35.83
C ILE N 136 -14.10 -6.44 -35.40
N SER N 137 -15.01 -6.58 -34.45
CA SER N 137 -15.54 -7.87 -34.04
C SER N 137 -17.01 -7.96 -34.46
N VAL N 138 -17.38 -9.09 -35.08
CA VAL N 138 -18.72 -9.28 -35.59
C VAL N 138 -19.33 -10.54 -34.97
N ASP N 139 -20.66 -10.58 -34.95
CA ASP N 139 -21.43 -11.64 -34.28
C ASP N 139 -22.51 -12.11 -35.25
N GLY N 140 -22.32 -13.28 -35.87
CA GLY N 140 -23.14 -13.71 -36.99
C GLY N 140 -24.23 -14.73 -36.64
N VAL N 141 -25.09 -14.97 -37.61
CA VAL N 141 -26.14 -15.97 -37.55
C VAL N 141 -26.26 -16.63 -38.93
N VAL N 142 -26.45 -17.95 -38.96
CA VAL N 142 -26.58 -18.69 -40.20
C VAL N 142 -27.85 -19.53 -40.17
N TYR N 143 -28.53 -19.61 -41.33
CA TYR N 143 -29.71 -20.45 -41.53
C TYR N 143 -29.40 -21.44 -42.64
N TYR N 144 -29.67 -22.73 -42.39
CA TYR N 144 -29.37 -23.74 -43.40
C TYR N 144 -30.35 -24.91 -43.28
N ARG N 145 -30.35 -25.73 -44.34
CA ARG N 145 -31.34 -26.80 -44.50
C ARG N 145 -30.70 -27.96 -45.26
N VAL N 146 -31.09 -29.18 -44.90
CA VAL N 146 -30.64 -30.36 -45.64
C VAL N 146 -31.42 -30.44 -46.95
N GLN N 147 -30.70 -30.52 -48.07
CA GLN N 147 -31.29 -30.60 -49.39
C GLN N 147 -31.29 -32.01 -49.97
N ASN N 148 -30.31 -32.84 -49.60
CA ASN N 148 -30.21 -34.21 -50.08
C ASN N 148 -29.77 -35.07 -48.90
N ALA N 149 -30.66 -35.92 -48.41
CA ALA N 149 -30.40 -36.64 -47.17
C ALA N 149 -29.32 -37.71 -47.33
N THR N 150 -29.17 -38.27 -48.54
CA THR N 150 -28.17 -39.31 -48.73
C THR N 150 -26.75 -38.74 -48.61
N LEU N 151 -26.48 -37.63 -49.30
CA LEU N 151 -25.16 -37.01 -49.20
C LEU N 151 -24.90 -36.51 -47.79
N ALA N 152 -25.93 -36.01 -47.11
CA ALA N 152 -25.74 -35.48 -45.77
C ALA N 152 -25.32 -36.57 -44.78
N VAL N 153 -25.71 -37.82 -45.05
CA VAL N 153 -25.36 -38.94 -44.17
C VAL N 153 -24.07 -39.61 -44.58
N ALA N 154 -23.90 -39.88 -45.88
CA ALA N 154 -22.89 -40.80 -46.36
C ALA N 154 -21.67 -40.13 -47.00
N ASN N 155 -21.65 -38.81 -47.13
CA ASN N 155 -20.54 -38.11 -47.76
C ASN N 155 -19.78 -37.19 -46.83
N ILE N 156 -20.29 -36.94 -45.63
CA ILE N 156 -19.69 -36.02 -44.68
C ILE N 156 -19.91 -36.59 -43.29
N THR N 157 -18.89 -36.48 -42.43
CA THR N 157 -18.97 -37.10 -41.12
C THR N 157 -19.94 -36.35 -40.20
N ASN N 158 -19.91 -35.03 -40.22
CA ASN N 158 -20.79 -34.19 -39.39
C ASN N 158 -21.19 -32.99 -40.23
N ALA N 159 -22.37 -33.05 -40.84
CA ALA N 159 -22.81 -31.98 -41.73
C ALA N 159 -22.94 -30.65 -40.99
N ASP N 160 -23.44 -30.68 -39.75
CA ASP N 160 -23.68 -29.45 -39.01
C ASP N 160 -22.39 -28.69 -38.73
N SER N 161 -21.39 -29.38 -38.16
CA SER N 161 -20.14 -28.70 -37.85
C SER N 161 -19.43 -28.21 -39.10
N ALA N 162 -19.45 -29.00 -40.18
CA ALA N 162 -18.86 -28.55 -41.42
C ALA N 162 -19.53 -27.27 -41.92
N THR N 163 -20.86 -27.24 -41.88
CA THR N 163 -21.59 -26.08 -42.39
C THR N 163 -21.34 -24.84 -41.53
N ARG N 164 -21.33 -25.01 -40.20
CA ARG N 164 -21.17 -23.87 -39.31
C ARG N 164 -19.78 -23.27 -39.41
N LEU N 165 -18.75 -24.11 -39.53
CA LEU N 165 -17.39 -23.58 -39.71
C LEU N 165 -17.24 -22.90 -41.06
N LEU N 166 -17.86 -23.47 -42.10
CA LEU N 166 -17.75 -22.86 -43.43
C LEU N 166 -18.41 -21.49 -43.47
N ALA N 167 -19.51 -21.30 -42.74
CA ALA N 167 -20.14 -19.99 -42.68
C ALA N 167 -19.21 -18.96 -42.07
N GLN N 168 -18.49 -19.34 -41.00
CA GLN N 168 -17.57 -18.42 -40.35
C GLN N 168 -16.47 -17.97 -41.29
N THR N 169 -15.81 -18.91 -41.97
CA THR N 169 -14.69 -18.55 -42.82
C THR N 169 -15.15 -17.76 -44.04
N THR N 170 -16.32 -18.07 -44.58
CA THR N 170 -16.84 -17.29 -45.70
C THR N 170 -17.14 -15.86 -45.29
N LEU N 171 -17.71 -15.67 -44.10
CA LEU N 171 -17.96 -14.32 -43.59
C LEU N 171 -16.65 -13.57 -43.37
N ARG N 172 -15.64 -14.26 -42.84
CA ARG N 172 -14.34 -13.63 -42.61
C ARG N 172 -13.75 -13.09 -43.92
N ASN N 173 -13.81 -13.89 -44.98
CA ASN N 173 -13.19 -13.53 -46.24
C ASN N 173 -13.87 -12.34 -46.90
N VAL N 174 -15.21 -12.36 -46.97
CA VAL N 174 -15.91 -11.34 -47.75
C VAL N 174 -15.74 -9.96 -47.12
N LEU N 175 -15.84 -9.87 -45.79
CA LEU N 175 -15.70 -8.58 -45.14
C LEU N 175 -14.28 -8.04 -45.22
N GLY N 176 -13.30 -8.89 -45.48
CA GLY N 176 -11.95 -8.42 -45.72
C GLY N 176 -11.75 -7.76 -47.07
N THR N 177 -12.71 -7.93 -47.99
CA THR N 177 -12.68 -7.27 -49.28
C THR N 177 -13.47 -5.96 -49.30
N LYS N 178 -14.04 -5.55 -48.18
CA LYS N 178 -14.89 -4.37 -48.10
C LYS N 178 -14.31 -3.35 -47.12
N ASN N 179 -14.45 -2.07 -47.46
CA ASN N 179 -14.20 -1.01 -46.49
C ASN N 179 -15.33 -0.96 -45.47
N LEU N 180 -15.04 -0.41 -44.30
CA LEU N 180 -16.02 -0.38 -43.23
C LEU N 180 -17.31 0.31 -43.66
N SER N 181 -17.20 1.40 -44.43
CA SER N 181 -18.40 2.09 -44.91
C SER N 181 -19.22 1.20 -45.83
N GLN N 182 -18.55 0.39 -46.65
CA GLN N 182 -19.27 -0.53 -47.54
C GLN N 182 -20.00 -1.62 -46.77
N ILE N 183 -19.43 -2.06 -45.65
CA ILE N 183 -20.07 -3.11 -44.85
C ILE N 183 -21.43 -2.64 -44.35
N LEU N 184 -21.55 -1.37 -43.99
CA LEU N 184 -22.82 -0.86 -43.48
C LEU N 184 -23.84 -0.63 -44.59
N SER N 185 -23.39 -0.39 -45.82
CA SER N 185 -24.28 0.03 -46.89
C SER N 185 -24.64 -1.08 -47.89
N ASP N 186 -23.84 -2.14 -47.99
CA ASP N 186 -23.90 -3.07 -49.12
C ASP N 186 -24.36 -4.48 -48.72
N ARG N 187 -25.48 -4.59 -48.01
CA ARG N 187 -25.94 -5.92 -47.59
C ARG N 187 -26.23 -6.82 -48.78
N GLU N 188 -26.96 -6.31 -49.77
CA GLU N 188 -27.38 -7.16 -50.88
C GLU N 188 -26.19 -7.70 -51.66
N GLU N 189 -25.21 -6.83 -51.95
CA GLU N 189 -24.01 -7.28 -52.67
C GLU N 189 -23.21 -8.28 -51.85
N ILE N 190 -23.08 -8.03 -50.55
CA ILE N 190 -22.33 -8.93 -49.68
C ILE N 190 -23.01 -10.30 -49.62
N ALA N 191 -24.33 -10.31 -49.50
CA ALA N 191 -25.05 -11.58 -49.48
C ALA N 191 -24.86 -12.35 -50.79
N HIS N 192 -24.92 -11.64 -51.92
CA HIS N 192 -24.74 -12.29 -53.22
C HIS N 192 -23.35 -12.89 -53.34
N ASN N 193 -22.33 -12.20 -52.84
CA ASN N 193 -20.97 -12.72 -52.89
C ASN N 193 -20.85 -14.02 -52.09
N MET N 194 -21.44 -14.05 -50.89
CA MET N 194 -21.30 -15.23 -50.04
C MET N 194 -22.01 -16.44 -50.62
N GLN N 195 -23.19 -16.23 -51.23
CA GLN N 195 -24.02 -17.35 -51.65
C GLN N 195 -23.30 -18.22 -52.67
N SER N 196 -22.67 -17.61 -53.67
CA SER N 196 -21.96 -18.39 -54.68
C SER N 196 -20.82 -19.18 -54.05
N THR N 197 -20.11 -18.59 -53.10
CA THR N 197 -19.05 -19.31 -52.41
C THR N 197 -19.59 -20.50 -51.64
N LEU N 198 -20.67 -20.28 -50.87
CA LEU N 198 -21.22 -21.35 -50.04
C LEU N 198 -21.79 -22.48 -50.88
N ASP N 199 -22.48 -22.15 -51.97
CA ASP N 199 -23.15 -23.17 -52.76
C ASP N 199 -22.15 -24.13 -53.41
N ASP N 200 -21.00 -23.61 -53.86
CA ASP N 200 -19.98 -24.48 -54.45
C ASP N 200 -19.49 -25.52 -53.45
N ALA N 201 -19.33 -25.14 -52.18
CA ALA N 201 -18.77 -26.04 -51.19
C ALA N 201 -19.82 -26.99 -50.61
N THR N 202 -20.98 -26.46 -50.22
CA THR N 202 -21.97 -27.27 -49.50
C THR N 202 -22.71 -28.24 -50.40
N ASP N 203 -22.62 -28.10 -51.72
CA ASP N 203 -23.38 -28.96 -52.62
C ASP N 203 -23.06 -30.43 -52.40
N ALA N 204 -21.76 -30.76 -52.30
CA ALA N 204 -21.38 -32.16 -52.12
C ALA N 204 -21.84 -32.72 -50.78
N TRP N 205 -22.17 -31.88 -49.81
CA TRP N 205 -22.67 -32.33 -48.52
C TRP N 205 -24.18 -32.45 -48.49
N GLY N 206 -24.87 -32.08 -49.56
CA GLY N 206 -26.33 -32.08 -49.54
C GLY N 206 -26.95 -31.00 -48.68
N ILE N 207 -26.26 -29.87 -48.51
CA ILE N 207 -26.71 -28.77 -47.66
C ILE N 207 -26.94 -27.54 -48.52
N LYS N 208 -27.99 -26.79 -48.21
CA LYS N 208 -28.23 -25.47 -48.77
C LYS N 208 -28.22 -24.45 -47.65
N VAL N 209 -27.32 -23.47 -47.73
CA VAL N 209 -27.29 -22.36 -46.79
C VAL N 209 -28.21 -21.27 -47.31
N GLU N 210 -29.13 -20.81 -46.46
CA GLU N 210 -30.16 -19.87 -46.87
C GLU N 210 -29.85 -18.43 -46.49
N ARG N 211 -29.21 -18.19 -45.35
CA ARG N 211 -28.87 -16.84 -44.95
C ARG N 211 -27.64 -16.84 -44.05
N VAL N 212 -26.86 -15.76 -44.15
CA VAL N 212 -25.86 -15.41 -43.16
C VAL N 212 -26.00 -13.92 -42.89
N GLU N 213 -26.08 -13.55 -41.61
CA GLU N 213 -26.34 -12.18 -41.22
C GLU N 213 -25.58 -11.86 -39.94
N ILE N 214 -25.46 -10.56 -39.68
CA ILE N 214 -24.67 -10.03 -38.57
C ILE N 214 -25.63 -9.36 -37.59
N LYS N 215 -25.49 -9.70 -36.30
CA LYS N 215 -26.33 -9.11 -35.28
C LYS N 215 -25.63 -8.06 -34.43
N ASP N 216 -24.29 -8.04 -34.39
CA ASP N 216 -23.55 -7.01 -33.67
C ASP N 216 -22.24 -6.69 -34.40
N VAL N 217 -21.83 -5.43 -34.31
CA VAL N 217 -20.52 -4.97 -34.79
C VAL N 217 -19.96 -4.00 -33.76
N LYS N 218 -18.68 -4.15 -33.43
CA LYS N 218 -18.02 -3.31 -32.44
C LYS N 218 -16.67 -2.84 -32.94
N LEU N 219 -16.35 -1.57 -32.68
CA LEU N 219 -14.99 -1.07 -32.73
C LEU N 219 -14.32 -1.24 -31.36
N PRO N 220 -13.00 -1.40 -31.32
CA PRO N 220 -12.31 -1.34 -30.03
C PRO N 220 -12.38 0.07 -29.45
N VAL N 221 -12.31 0.15 -28.12
CA VAL N 221 -12.59 1.41 -27.43
C VAL N 221 -11.65 2.51 -27.88
N GLN N 222 -10.40 2.17 -28.24
CA GLN N 222 -9.42 3.19 -28.59
C GLN N 222 -9.76 3.90 -29.90
N LEU N 223 -10.60 3.31 -30.73
CA LEU N 223 -10.94 3.89 -32.03
C LEU N 223 -12.29 4.61 -32.05
N GLN N 224 -13.06 4.56 -30.97
CA GLN N 224 -14.47 4.92 -31.05
C GLN N 224 -14.69 6.42 -31.25
N ARG N 225 -14.01 7.27 -30.48
CA ARG N 225 -14.21 8.69 -30.66
C ARG N 225 -13.58 9.18 -31.96
N ALA N 226 -12.43 8.62 -32.34
CA ALA N 226 -11.78 9.05 -33.58
C ALA N 226 -12.65 8.80 -34.79
N MET N 227 -13.33 7.64 -34.83
CA MET N 227 -14.16 7.31 -35.98
C MET N 227 -15.47 8.10 -36.01
N ALA N 228 -15.90 8.65 -34.88
CA ALA N 228 -17.14 9.42 -34.80
C ALA N 228 -16.98 10.89 -35.21
N ALA N 229 -15.86 11.25 -35.84
CA ALA N 229 -15.52 12.66 -36.04
C ALA N 229 -16.63 13.42 -36.78
N GLU N 230 -17.21 12.80 -37.81
CA GLU N 230 -18.21 13.51 -38.62
C GLU N 230 -19.44 13.86 -37.81
N ALA N 231 -19.92 12.94 -36.97
CA ALA N 231 -21.09 13.24 -36.15
C ALA N 231 -20.79 14.33 -35.14
N GLU N 232 -19.62 14.28 -34.51
CA GLU N 232 -19.22 15.31 -33.57
C GLU N 232 -19.11 16.67 -34.26
N ALA N 233 -18.57 16.69 -35.48
CA ALA N 233 -18.37 17.95 -36.20
C ALA N 233 -19.68 18.64 -36.53
N SER N 234 -20.71 17.87 -36.92
CA SER N 234 -21.98 18.47 -37.29
C SER N 234 -22.62 19.21 -36.11
N ARG N 235 -22.57 18.60 -34.92
CA ARG N 235 -23.15 19.23 -33.75
C ARG N 235 -22.35 20.46 -33.31
N GLU N 236 -21.02 20.39 -33.41
CA GLU N 236 -20.19 21.55 -33.10
C GLU N 236 -20.45 22.70 -34.08
N ALA N 237 -20.66 22.38 -35.35
CA ALA N 237 -20.92 23.43 -36.34
C ALA N 237 -22.18 24.21 -35.99
N ARG N 238 -23.27 23.50 -35.64
CA ARG N 238 -24.49 24.19 -35.23
C ARG N 238 -24.29 24.95 -33.93
N ALA N 239 -23.48 24.41 -33.01
CA ALA N 239 -23.21 25.11 -31.76
C ALA N 239 -22.51 26.44 -32.01
N LYS N 240 -21.60 26.50 -32.97
CA LYS N 240 -20.86 27.73 -33.23
C LYS N 240 -21.78 28.86 -33.67
N VAL N 241 -22.79 28.55 -34.48
CA VAL N 241 -23.73 29.57 -34.91
C VAL N 241 -24.52 30.11 -33.72
N ILE N 242 -24.95 29.21 -32.82
CA ILE N 242 -25.67 29.64 -31.62
C ILE N 242 -24.78 30.53 -30.75
N ALA N 243 -23.50 30.15 -30.61
CA ALA N 243 -22.59 30.92 -29.76
C ALA N 243 -22.34 32.32 -30.32
N ALA N 244 -22.23 32.45 -31.65
CA ALA N 244 -21.98 33.75 -32.24
C ALA N 244 -23.17 34.68 -32.07
N GLU N 245 -24.39 34.13 -32.18
CA GLU N 245 -25.58 34.92 -31.88
C GLU N 245 -25.56 35.42 -30.43
N GLY N 246 -25.07 34.60 -29.51
CA GLY N 246 -24.90 35.05 -28.14
C GLY N 246 -23.96 36.23 -28.00
N GLU N 247 -22.83 36.18 -28.72
CA GLU N 247 -21.91 37.32 -28.71
C GLU N 247 -22.59 38.59 -29.21
N MET N 248 -23.36 38.47 -30.29
CA MET N 248 -24.02 39.65 -30.85
C MET N 248 -25.06 40.21 -29.88
N ASN N 249 -25.83 39.35 -29.22
CA ASN N 249 -26.87 39.82 -28.31
C ASN N 249 -26.27 40.52 -27.09
N ALA N 250 -25.14 40.02 -26.58
CA ALA N 250 -24.54 40.58 -25.37
C ALA N 250 -23.74 41.85 -25.63
N SER N 251 -23.44 42.18 -26.89
CA SER N 251 -22.43 43.19 -27.18
C SER N 251 -22.87 44.59 -26.73
N ARG N 252 -24.16 44.91 -26.86
CA ARG N 252 -24.62 46.27 -26.56
C ARG N 252 -24.37 46.63 -25.10
N ALA N 253 -24.68 45.72 -24.18
CA ALA N 253 -24.49 46.00 -22.76
C ALA N 253 -23.00 46.16 -22.42
N LEU N 254 -22.14 45.36 -23.05
CA LEU N 254 -20.71 45.51 -22.81
C LEU N 254 -20.21 46.87 -23.28
N LYS N 255 -20.71 47.37 -24.41
CA LYS N 255 -20.32 48.71 -24.87
C LYS N 255 -20.75 49.77 -23.86
N GLU N 256 -21.99 49.68 -23.38
CA GLU N 256 -22.46 50.65 -22.40
C GLU N 256 -21.62 50.60 -21.13
N ALA N 257 -21.29 49.40 -20.66
CA ALA N 257 -20.42 49.26 -19.50
C ALA N 257 -19.06 49.86 -19.76
N SER N 258 -18.51 49.62 -20.95
CA SER N 258 -17.17 50.10 -21.28
C SER N 258 -17.11 51.64 -21.26
N MET N 259 -18.13 52.29 -21.81
CA MET N 259 -18.09 53.75 -21.92
C MET N 259 -18.10 54.42 -20.55
N VAL N 260 -18.79 53.83 -19.58
CA VAL N 260 -18.72 54.33 -18.21
C VAL N 260 -17.33 54.08 -17.62
N ILE N 261 -16.80 52.86 -17.81
CA ILE N 261 -15.55 52.47 -17.17
C ILE N 261 -14.40 53.32 -17.68
N THR N 262 -14.40 53.67 -18.97
CA THR N 262 -13.27 54.38 -19.54
C THR N 262 -13.15 55.81 -19.06
N GLU N 263 -14.20 56.37 -18.46
CA GLU N 263 -14.13 57.75 -17.96
C GLU N 263 -13.28 57.86 -16.71
N SER N 264 -13.01 56.74 -16.03
CA SER N 264 -12.06 56.69 -14.92
C SER N 264 -11.32 55.36 -15.05
N PRO N 265 -10.28 55.31 -15.89
CA PRO N 265 -9.75 54.00 -16.32
C PRO N 265 -9.31 53.06 -15.21
N ALA N 266 -8.94 53.56 -14.03
CA ALA N 266 -8.55 52.65 -12.96
C ALA N 266 -9.70 51.74 -12.54
N ALA N 267 -10.93 52.02 -12.97
CA ALA N 267 -12.04 51.12 -12.69
C ALA N 267 -11.82 49.73 -13.29
N LEU N 268 -11.11 49.65 -14.42
CA LEU N 268 -10.88 48.34 -15.03
C LEU N 268 -9.97 47.47 -14.18
N GLN N 269 -9.00 48.08 -13.48
CA GLN N 269 -8.17 47.31 -12.56
C GLN N 269 -8.97 46.80 -11.36
N LEU N 270 -9.96 47.57 -10.90
CA LEU N 270 -10.84 47.06 -9.85
C LEU N 270 -11.62 45.84 -10.33
N ARG N 271 -12.12 45.89 -11.58
CA ARG N 271 -12.79 44.74 -12.15
C ARG N 271 -11.84 43.55 -12.27
N TYR N 272 -10.59 43.82 -12.64
CA TYR N 272 -9.58 42.77 -12.74
C TYR N 272 -9.34 42.08 -11.40
N LEU N 273 -9.26 42.85 -10.32
CA LEU N 273 -9.00 42.27 -9.00
C LEU N 273 -10.19 41.46 -8.50
N GLN N 274 -11.41 41.89 -8.81
CA GLN N 274 -12.58 41.10 -8.43
C GLN N 274 -12.67 39.79 -9.22
N THR N 275 -12.17 39.78 -10.46
CA THR N 275 -12.08 38.55 -11.21
C THR N 275 -11.17 37.54 -10.52
N LEU N 276 -10.03 38.00 -10.02
CA LEU N 276 -9.10 37.12 -9.33
C LEU N 276 -9.74 36.49 -8.10
N THR N 277 -10.49 37.27 -7.33
CA THR N 277 -11.15 36.74 -6.14
C THR N 277 -12.13 35.64 -6.51
N THR N 278 -12.91 35.84 -7.57
CA THR N 278 -13.85 34.81 -8.01
C THR N 278 -13.11 33.53 -8.41
N ILE N 279 -12.00 33.66 -9.14
CA ILE N 279 -11.29 32.49 -9.65
C ILE N 279 -10.69 31.68 -8.51
N ALA N 280 -10.15 32.36 -7.50
CA ALA N 280 -9.47 31.66 -6.41
C ALA N 280 -10.42 30.72 -5.67
N ALA N 281 -11.72 31.03 -5.66
CA ALA N 281 -12.67 30.21 -4.91
C ALA N 281 -12.95 28.86 -5.58
N GLU N 282 -12.64 28.71 -6.86
CA GLU N 282 -12.88 27.44 -7.54
C GLU N 282 -11.88 26.38 -7.08
N LYS N 283 -12.28 25.12 -7.24
CA LYS N 283 -11.43 23.98 -6.84
C LYS N 283 -10.42 23.69 -7.94
N ASN N 284 -9.41 24.54 -8.01
CA ASN N 284 -8.33 24.46 -8.98
C ASN N 284 -7.11 25.14 -8.39
N SER N 285 -5.95 24.88 -8.99
CA SER N 285 -4.70 25.50 -8.55
C SER N 285 -4.58 26.90 -9.13
N THR N 286 -4.23 27.86 -8.28
CA THR N 286 -3.96 29.24 -8.68
C THR N 286 -2.55 29.62 -8.25
N ILE N 287 -1.82 30.28 -9.15
CA ILE N 287 -0.48 30.79 -8.86
C ILE N 287 -0.49 32.28 -9.11
N VAL N 288 -0.08 33.06 -8.11
CA VAL N 288 -0.15 34.52 -8.14
C VAL N 288 1.26 35.08 -7.95
N PHE N 289 1.61 36.07 -8.79
CA PHE N 289 2.90 36.75 -8.75
C PHE N 289 2.70 38.24 -8.47
N PRO N 290 2.85 38.69 -7.23
CA PRO N 290 3.05 40.13 -7.01
C PRO N 290 4.33 40.60 -7.70
N LEU N 291 4.23 41.71 -8.43
CA LEU N 291 5.28 42.12 -9.35
C LEU N 291 5.56 43.61 -9.17
N PRO N 292 6.62 43.97 -8.40
CA PRO N 292 6.93 45.40 -8.17
C PRO N 292 7.54 46.10 -9.37
N ILE N 293 6.69 46.63 -10.26
CA ILE N 293 7.16 47.13 -11.54
C ILE N 293 8.18 48.27 -11.38
N ASP N 294 7.99 49.13 -10.39
CA ASP N 294 8.96 50.23 -10.20
C ASP N 294 10.32 49.71 -9.77
N MET N 295 10.37 48.58 -9.06
CA MET N 295 11.65 47.96 -8.74
C MET N 295 12.28 47.36 -9.99
N LEU N 296 11.48 46.74 -10.85
CA LEU N 296 11.98 46.23 -12.12
C LEU N 296 12.41 47.36 -13.05
N GLN N 297 11.64 48.46 -13.04
CA GLN N 297 12.01 49.61 -13.85
C GLN N 297 13.40 50.13 -13.51
N GLY N 298 13.89 49.85 -12.31
CA GLY N 298 15.22 50.27 -11.90
C GLY N 298 16.35 49.40 -12.45
N ILE N 299 16.03 48.23 -12.98
CA ILE N 299 17.06 47.36 -13.54
C ILE N 299 16.62 46.86 -14.92
N ARG O 34 -50.57 -24.74 -51.22
CA ARG O 34 -49.21 -24.58 -50.61
C ARG O 34 -49.00 -25.60 -49.50
N LEU O 35 -47.81 -26.18 -49.46
CA LEU O 35 -47.40 -27.10 -48.41
C LEU O 35 -45.93 -26.88 -48.10
N PRO O 36 -45.45 -27.39 -46.97
CA PRO O 36 -44.05 -27.17 -46.60
C PRO O 36 -43.08 -27.64 -47.67
N ASP O 37 -41.98 -26.89 -47.83
CA ASP O 37 -40.93 -27.29 -48.75
C ASP O 37 -40.18 -28.51 -48.25
N SER O 38 -40.12 -28.70 -46.93
CA SER O 38 -39.40 -29.82 -46.33
C SER O 38 -39.88 -31.15 -46.91
N GLY O 48 -53.00 -48.47 -46.17
CA GLY O 48 -52.71 -49.83 -46.61
C GLY O 48 -52.92 -50.85 -45.50
N PRO O 49 -52.75 -52.13 -45.84
CA PRO O 49 -53.01 -53.19 -44.85
C PRO O 49 -52.24 -53.03 -43.54
N CYS O 50 -50.98 -52.62 -43.59
CA CYS O 50 -50.23 -52.44 -42.36
C CYS O 50 -50.76 -51.25 -41.57
N GLY O 51 -51.24 -50.22 -42.25
CA GLY O 51 -51.91 -49.13 -41.55
C GLY O 51 -53.18 -49.59 -40.86
N TRP O 52 -54.04 -50.30 -41.59
CA TRP O 52 -55.30 -50.75 -41.01
C TRP O 52 -55.05 -51.66 -39.81
N ILE O 53 -54.09 -52.57 -39.92
CA ILE O 53 -53.81 -53.49 -38.82
C ILE O 53 -53.32 -52.73 -37.60
N LEU O 54 -52.34 -51.84 -37.79
CA LEU O 54 -51.76 -51.13 -36.66
C LEU O 54 -52.78 -50.18 -36.03
N VAL O 55 -53.62 -49.56 -36.85
CA VAL O 55 -54.69 -48.71 -36.32
C VAL O 55 -55.67 -49.56 -35.52
N ALA O 56 -56.08 -50.69 -36.08
CA ALA O 56 -57.02 -51.57 -35.37
C ALA O 56 -56.44 -52.03 -34.04
N PHE O 57 -55.17 -52.42 -34.02
CA PHE O 57 -54.53 -52.80 -32.78
C PHE O 57 -54.60 -51.68 -31.76
N SER O 58 -54.34 -50.44 -32.19
CA SER O 58 -54.41 -49.31 -31.28
C SER O 58 -55.83 -49.10 -30.75
N PHE O 59 -56.83 -49.21 -31.62
CA PHE O 59 -58.21 -49.12 -31.18
C PHE O 59 -58.50 -50.13 -30.08
N LEU O 60 -58.12 -51.39 -30.30
CA LEU O 60 -58.36 -52.43 -29.31
C LEU O 60 -57.66 -52.12 -28.00
N PHE O 61 -56.40 -51.71 -28.07
CA PHE O 61 -55.65 -51.39 -26.85
C PHE O 61 -56.33 -50.26 -26.08
N THR O 62 -56.72 -49.19 -26.77
CA THR O 62 -57.32 -48.05 -26.09
C THR O 62 -58.69 -48.37 -25.53
N VAL O 63 -59.45 -49.24 -26.19
CA VAL O 63 -60.74 -49.65 -25.64
C VAL O 63 -60.53 -50.57 -24.44
N ILE O 64 -59.56 -51.48 -24.52
CA ILE O 64 -59.24 -52.34 -23.37
C ILE O 64 -58.78 -51.50 -22.20
N THR O 65 -58.21 -50.32 -22.46
CA THR O 65 -57.82 -49.36 -21.43
C THR O 65 -58.76 -48.16 -21.37
N PHE O 66 -60.02 -48.34 -21.77
CA PHE O 66 -60.95 -47.22 -21.97
C PHE O 66 -61.00 -46.22 -20.81
N PRO O 67 -61.23 -46.62 -19.56
CA PRO O 67 -61.33 -45.62 -18.49
C PRO O 67 -60.04 -44.85 -18.28
N ILE O 68 -58.90 -45.38 -18.70
CA ILE O 68 -57.64 -44.64 -18.66
C ILE O 68 -57.41 -43.88 -19.96
N SER O 69 -57.89 -44.41 -21.08
CA SER O 69 -57.58 -43.82 -22.38
C SER O 69 -58.30 -42.50 -22.61
N ILE O 70 -59.51 -42.36 -22.08
CA ILE O 70 -60.35 -41.18 -22.32
C ILE O 70 -59.50 -39.90 -22.26
N TRP O 71 -58.66 -39.81 -21.24
CA TRP O 71 -57.97 -38.55 -20.95
C TRP O 71 -56.77 -38.31 -21.86
N MET O 72 -56.28 -39.36 -22.52
CA MET O 72 -55.15 -39.24 -23.44
C MET O 72 -55.59 -39.14 -24.90
N CYS O 73 -56.73 -39.74 -25.26
CA CYS O 73 -57.14 -39.82 -26.65
C CYS O 73 -58.00 -38.65 -27.11
N ILE O 74 -58.59 -37.89 -26.20
CA ILE O 74 -59.49 -36.79 -26.54
C ILE O 74 -58.76 -35.46 -26.33
N LYS O 75 -58.84 -34.58 -27.33
CA LYS O 75 -58.22 -33.27 -27.30
C LYS O 75 -59.28 -32.21 -27.57
N ILE O 76 -59.10 -31.04 -26.96
CA ILE O 76 -60.00 -29.91 -27.14
C ILE O 76 -59.17 -28.69 -27.53
N ILE O 77 -59.62 -27.97 -28.56
CA ILE O 77 -58.88 -26.87 -29.15
C ILE O 77 -59.74 -25.61 -29.06
N LYS O 78 -59.17 -24.54 -28.50
CA LYS O 78 -59.89 -23.28 -28.34
C LYS O 78 -59.93 -22.50 -29.65
N GLU O 79 -60.75 -21.45 -29.66
CA GLU O 79 -60.89 -20.61 -30.85
C GLU O 79 -59.55 -20.08 -31.34
N TYR O 80 -58.67 -19.72 -30.42
CA TYR O 80 -57.40 -19.10 -30.78
C TYR O 80 -56.25 -20.10 -30.91
N GLU O 81 -56.55 -21.38 -31.07
CA GLU O 81 -55.55 -22.42 -31.23
C GLU O 81 -55.82 -23.22 -32.50
N ARG O 82 -54.77 -23.84 -33.03
CA ARG O 82 -54.88 -24.78 -34.13
C ARG O 82 -53.99 -25.98 -33.83
N ALA O 83 -54.34 -27.13 -34.41
CA ALA O 83 -53.60 -28.36 -34.20
C ALA O 83 -53.07 -28.91 -35.52
N ILE O 84 -51.87 -29.49 -35.47
CA ILE O 84 -51.27 -30.20 -36.58
C ILE O 84 -51.19 -31.67 -36.18
N ILE O 85 -51.79 -32.55 -36.98
CA ILE O 85 -51.96 -33.95 -36.63
C ILE O 85 -51.34 -34.82 -37.73
N PHE O 86 -50.51 -35.78 -37.31
CA PHE O 86 -49.94 -36.79 -38.19
C PHE O 86 -50.52 -38.15 -37.81
N ARG O 87 -51.03 -38.86 -38.82
CA ARG O 87 -51.50 -40.23 -38.66
C ARG O 87 -50.56 -41.15 -39.42
N LEU O 88 -49.82 -41.97 -38.67
CA LEU O 88 -48.76 -42.80 -39.23
C LEU O 88 -47.80 -41.96 -40.08
N GLY O 89 -47.33 -40.87 -39.49
CA GLY O 89 -46.34 -40.02 -40.11
C GLY O 89 -46.86 -39.10 -41.20
N ARG O 90 -48.10 -39.27 -41.65
CA ARG O 90 -48.67 -38.46 -42.71
C ARG O 90 -49.64 -37.45 -42.12
N ILE O 91 -49.54 -36.20 -42.59
CA ILE O 91 -50.39 -35.13 -42.08
C ILE O 91 -51.81 -35.31 -42.60
N LEU O 92 -52.79 -35.06 -41.73
CA LEU O 92 -54.18 -35.20 -42.14
C LEU O 92 -54.53 -34.18 -43.22
N GLN O 93 -55.48 -34.56 -44.07
CA GLN O 93 -55.81 -33.78 -45.25
C GLN O 93 -56.42 -32.44 -44.87
N GLY O 94 -56.11 -31.41 -45.67
CA GLY O 94 -56.59 -30.07 -45.40
C GLY O 94 -55.66 -29.29 -44.50
N GLY O 95 -56.11 -28.09 -44.14
CA GLY O 95 -55.32 -27.21 -43.32
C GLY O 95 -55.28 -27.67 -41.87
N ALA O 96 -54.71 -26.81 -41.04
CA ALA O 96 -54.64 -27.10 -39.60
C ALA O 96 -56.04 -27.26 -39.03
N LYS O 97 -56.19 -28.20 -38.11
CA LYS O 97 -57.51 -28.51 -37.57
C LYS O 97 -57.96 -27.42 -36.61
N GLY O 98 -59.21 -26.99 -36.78
CA GLY O 98 -59.73 -25.83 -36.10
C GLY O 98 -60.18 -26.12 -34.68
N PRO O 99 -60.95 -25.19 -34.10
CA PRO O 99 -61.42 -25.38 -32.74
C PRO O 99 -62.43 -26.51 -32.64
N GLY O 100 -62.45 -27.15 -31.46
CA GLY O 100 -63.47 -28.12 -31.16
C GLY O 100 -62.90 -29.35 -30.52
N LEU O 101 -63.60 -30.47 -30.72
CA LEU O 101 -63.30 -31.74 -30.08
C LEU O 101 -62.70 -32.69 -31.10
N PHE O 102 -61.60 -33.35 -30.72
CA PHE O 102 -60.86 -34.20 -31.65
C PHE O 102 -60.34 -35.42 -30.92
N PHE O 103 -60.10 -36.48 -31.69
CA PHE O 103 -59.79 -37.81 -31.16
C PHE O 103 -58.49 -38.29 -31.76
N ILE O 104 -57.56 -38.70 -30.88
CA ILE O 104 -56.20 -39.04 -31.26
C ILE O 104 -55.90 -40.45 -30.76
N LEU O 105 -55.43 -41.32 -31.66
CA LEU O 105 -54.91 -42.62 -31.25
C LEU O 105 -53.43 -42.44 -30.88
N PRO O 106 -53.09 -42.43 -29.59
CA PRO O 106 -51.72 -42.07 -29.21
C PRO O 106 -50.66 -43.02 -29.72
N CYS O 107 -51.01 -44.24 -30.09
CA CYS O 107 -50.01 -45.17 -30.62
C CYS O 107 -49.61 -44.78 -32.04
N THR O 108 -50.58 -44.42 -32.88
CA THR O 108 -50.33 -44.15 -34.29
C THR O 108 -50.19 -42.66 -34.62
N ASP O 109 -50.61 -41.76 -33.73
CA ASP O 109 -50.81 -40.37 -34.08
C ASP O 109 -49.93 -39.44 -33.25
N SER O 110 -49.54 -38.33 -33.87
CA SER O 110 -48.78 -37.27 -33.22
C SER O 110 -49.56 -35.96 -33.34
N PHE O 111 -49.59 -35.19 -32.26
CA PHE O 111 -50.46 -34.03 -32.13
C PHE O 111 -49.66 -32.83 -31.64
N ILE O 112 -49.70 -31.73 -32.41
CA ILE O 112 -49.06 -30.47 -32.05
C ILE O 112 -50.09 -29.36 -32.16
N LYS O 113 -50.29 -28.60 -31.07
CA LYS O 113 -51.19 -27.46 -31.08
C LYS O 113 -50.40 -26.16 -31.08
N VAL O 114 -50.92 -25.16 -31.80
CA VAL O 114 -50.22 -23.91 -32.06
C VAL O 114 -51.09 -22.75 -31.59
N ASP O 115 -50.53 -21.86 -30.79
CA ASP O 115 -51.23 -20.65 -30.36
C ASP O 115 -51.11 -19.59 -31.44
N MET O 116 -52.24 -19.01 -31.84
CA MET O 116 -52.31 -18.05 -32.93
C MET O 116 -52.35 -16.59 -32.46
N ARG O 117 -52.14 -16.32 -31.18
CA ARG O 117 -52.23 -14.96 -30.66
C ARG O 117 -50.88 -14.24 -30.75
N THR O 118 -50.96 -12.91 -30.73
CA THR O 118 -49.76 -12.09 -30.79
C THR O 118 -48.85 -12.34 -29.59
N ILE O 119 -47.55 -12.42 -29.86
CA ILE O 119 -46.53 -12.60 -28.83
C ILE O 119 -45.58 -11.41 -28.87
N SER O 120 -45.13 -10.96 -27.70
CA SER O 120 -44.14 -9.91 -27.59
C SER O 120 -42.93 -10.44 -26.82
N PHE O 121 -41.73 -10.05 -27.27
CA PHE O 121 -40.48 -10.54 -26.70
C PHE O 121 -39.49 -9.39 -26.55
N ASP O 122 -38.81 -9.36 -25.41
CA ASP O 122 -37.85 -8.28 -25.08
C ASP O 122 -36.47 -8.70 -25.54
N ILE O 123 -36.06 -8.19 -26.69
CA ILE O 123 -34.77 -8.52 -27.32
C ILE O 123 -33.62 -8.10 -26.41
N PRO O 124 -32.56 -8.90 -26.29
CA PRO O 124 -31.39 -8.46 -25.53
C PRO O 124 -30.68 -7.34 -26.25
N PRO O 125 -29.93 -6.50 -25.52
CA PRO O 125 -29.29 -5.33 -26.14
C PRO O 125 -28.23 -5.68 -27.17
N GLN O 126 -28.03 -4.76 -28.11
CA GLN O 126 -27.09 -4.90 -29.23
C GLN O 126 -26.15 -3.71 -29.31
N GLU O 127 -24.96 -3.94 -29.87
CA GLU O 127 -24.01 -2.88 -30.19
C GLU O 127 -24.10 -2.56 -31.68
N ILE O 128 -24.26 -1.28 -32.01
CA ILE O 128 -24.56 -0.85 -33.37
C ILE O 128 -23.65 0.30 -33.79
N LEU O 129 -23.42 0.42 -35.09
CA LEU O 129 -22.73 1.54 -35.71
C LEU O 129 -23.67 2.26 -36.66
N THR O 130 -23.78 3.58 -36.51
CA THR O 130 -24.59 4.38 -37.40
C THR O 130 -23.84 4.66 -38.71
N LYS O 131 -24.57 5.24 -39.67
CA LYS O 131 -23.95 5.60 -40.94
C LYS O 131 -22.80 6.58 -40.75
N ASP O 132 -22.96 7.54 -39.84
CA ASP O 132 -21.87 8.45 -39.47
C ASP O 132 -20.91 7.83 -38.47
N SER O 133 -21.01 6.53 -38.19
CA SER O 133 -20.00 5.79 -37.44
C SER O 133 -20.01 6.05 -35.93
N VAL O 134 -21.16 6.43 -35.38
CA VAL O 134 -21.29 6.57 -33.93
C VAL O 134 -21.57 5.20 -33.31
N THR O 135 -20.83 4.89 -32.25
CA THR O 135 -21.10 3.69 -31.46
C THR O 135 -22.30 3.94 -30.54
N ILE O 136 -23.36 3.16 -30.71
CA ILE O 136 -24.51 3.20 -29.83
C ILE O 136 -24.95 1.78 -29.50
N SER O 137 -25.55 1.62 -28.32
CA SER O 137 -26.18 0.37 -27.91
C SER O 137 -27.68 0.59 -27.80
N VAL O 138 -28.46 -0.34 -28.36
CA VAL O 138 -29.92 -0.21 -28.40
C VAL O 138 -30.55 -1.46 -27.79
N ASP O 139 -31.78 -1.30 -27.32
CA ASP O 139 -32.52 -2.34 -26.59
C ASP O 139 -33.92 -2.45 -27.19
N GLY O 140 -34.15 -3.47 -28.02
CA GLY O 140 -35.36 -3.55 -28.83
C GLY O 140 -36.45 -4.49 -28.29
N VAL O 141 -37.61 -4.44 -28.95
CA VAL O 141 -38.76 -5.29 -28.67
C VAL O 141 -39.39 -5.68 -30.00
N VAL O 142 -39.86 -6.94 -30.11
CA VAL O 142 -40.52 -7.43 -31.30
C VAL O 142 -41.88 -8.01 -30.93
N TYR O 143 -42.86 -7.79 -31.80
CA TYR O 143 -44.20 -8.36 -31.71
C TYR O 143 -44.46 -9.21 -32.94
N TYR O 144 -45.00 -10.42 -32.76
CA TYR O 144 -45.26 -11.30 -33.90
C TYR O 144 -46.32 -12.33 -33.56
N ARG O 145 -46.89 -12.94 -34.60
CA ARG O 145 -47.89 -13.98 -34.45
C ARG O 145 -47.78 -14.99 -35.60
N VAL O 146 -48.26 -16.21 -35.33
CA VAL O 146 -48.35 -17.23 -36.36
C VAL O 146 -49.54 -16.94 -37.27
N GLN O 147 -49.32 -17.01 -38.58
CA GLN O 147 -50.41 -16.87 -39.54
C GLN O 147 -50.60 -18.09 -40.45
N ASN O 148 -49.78 -19.13 -40.30
CA ASN O 148 -50.01 -20.39 -41.01
C ASN O 148 -49.40 -21.49 -40.14
N ALA O 149 -50.24 -22.20 -39.40
CA ALA O 149 -49.74 -23.16 -38.42
C ALA O 149 -49.05 -24.35 -39.07
N THR O 150 -49.43 -24.70 -40.30
CA THR O 150 -48.78 -25.82 -40.98
C THR O 150 -47.31 -25.52 -41.25
N LEU O 151 -47.02 -24.35 -41.81
CA LEU O 151 -45.63 -23.99 -42.09
C LEU O 151 -44.85 -23.79 -40.79
N ALA O 152 -45.49 -23.28 -39.75
CA ALA O 152 -44.78 -23.02 -38.51
C ALA O 152 -44.29 -24.30 -37.85
N VAL O 153 -45.00 -25.41 -38.05
CA VAL O 153 -44.61 -26.69 -37.47
C VAL O 153 -43.66 -27.45 -38.40
N ALA O 154 -44.00 -27.55 -39.68
CA ALA O 154 -43.39 -28.51 -40.59
C ALA O 154 -42.31 -27.93 -41.49
N ASN O 155 -42.10 -26.61 -41.48
CA ASN O 155 -41.12 -25.99 -42.37
C ASN O 155 -39.96 -25.34 -41.65
N ILE O 156 -39.99 -25.29 -40.32
CA ILE O 156 -38.95 -24.63 -39.55
C ILE O 156 -38.82 -25.38 -38.22
N THR O 157 -37.58 -25.53 -37.75
CA THR O 157 -37.36 -26.33 -36.56
C THR O 157 -37.86 -25.64 -35.30
N ASN O 158 -37.56 -24.35 -35.13
CA ASN O 158 -37.99 -23.57 -33.97
C ASN O 158 -38.37 -22.18 -34.50
N ALA O 159 -39.68 -21.97 -34.70
CA ALA O 159 -40.13 -20.73 -35.32
C ALA O 159 -39.82 -19.51 -34.44
N ASP O 160 -40.01 -19.64 -33.13
CA ASP O 160 -39.79 -18.50 -32.24
C ASP O 160 -38.34 -18.07 -32.25
N SER O 161 -37.41 -19.00 -32.06
CA SER O 161 -35.99 -18.66 -32.05
C SER O 161 -35.56 -18.08 -33.39
N ALA O 162 -36.03 -18.64 -34.50
CA ALA O 162 -35.69 -18.11 -35.80
C ALA O 162 -36.19 -16.67 -35.96
N THR O 163 -37.40 -16.39 -35.50
CA THR O 163 -37.96 -15.05 -35.64
C THR O 163 -37.20 -14.03 -34.80
N ARG O 164 -36.86 -14.39 -33.56
CA ARG O 164 -36.21 -13.42 -32.67
C ARG O 164 -34.81 -13.06 -33.17
N LEU O 165 -34.07 -14.03 -33.70
CA LEU O 165 -32.77 -13.73 -34.28
C LEU O 165 -32.90 -12.85 -35.50
N LEU O 166 -33.89 -13.12 -36.35
CA LEU O 166 -34.08 -12.34 -37.56
C LEU O 166 -34.40 -10.88 -37.24
N ALA O 167 -35.15 -10.65 -36.16
CA ALA O 167 -35.44 -9.28 -35.75
C ALA O 167 -34.17 -8.54 -35.39
N GLN O 168 -33.26 -9.18 -34.65
CA GLN O 168 -32.02 -8.54 -34.25
C GLN O 168 -31.18 -8.12 -35.45
N THR O 169 -31.00 -9.02 -36.41
CA THR O 169 -30.17 -8.70 -37.56
C THR O 169 -30.82 -7.65 -38.46
N THR O 170 -32.15 -7.67 -38.58
CA THR O 170 -32.83 -6.65 -39.37
C THR O 170 -32.65 -5.27 -38.74
N LEU O 171 -32.78 -5.17 -37.43
CA LEU O 171 -32.57 -3.91 -36.74
C LEU O 171 -31.13 -3.44 -36.88
N ARG O 172 -30.18 -4.37 -36.75
CA ARG O 172 -28.77 -4.02 -36.90
C ARG O 172 -28.49 -3.40 -38.26
N ASN O 173 -29.03 -4.00 -39.32
CA ASN O 173 -28.75 -3.54 -40.67
C ASN O 173 -29.34 -2.14 -40.94
N VAL O 174 -30.63 -1.96 -40.63
CA VAL O 174 -31.31 -0.73 -41.05
C VAL O 174 -30.70 0.49 -40.37
N LEU O 175 -30.37 0.38 -39.09
CA LEU O 175 -29.79 1.51 -38.38
C LEU O 175 -28.39 1.85 -38.86
N GLY O 176 -27.70 0.91 -39.51
CA GLY O 176 -26.42 1.21 -40.12
C GLY O 176 -26.52 2.04 -41.39
N THR O 177 -27.71 2.19 -41.95
CA THR O 177 -27.94 3.03 -43.11
C THR O 177 -28.45 4.42 -42.74
N LYS O 178 -28.56 4.74 -41.46
CA LYS O 178 -29.11 6.01 -40.99
C LYS O 178 -28.09 6.75 -40.14
N ASN O 179 -28.07 8.07 -40.28
CA ASN O 179 -27.34 8.91 -39.34
C ASN O 179 -28.07 8.99 -38.01
N LEU O 180 -27.31 9.25 -36.95
CA LEU O 180 -27.90 9.28 -35.61
C LEU O 180 -29.07 10.25 -35.52
N SER O 181 -28.99 11.38 -36.23
CA SER O 181 -30.09 12.34 -36.22
C SER O 181 -31.33 11.76 -36.89
N GLN O 182 -31.15 10.98 -37.95
CA GLN O 182 -32.29 10.36 -38.63
C GLN O 182 -32.93 9.27 -37.77
N ILE O 183 -32.13 8.56 -36.97
CA ILE O 183 -32.68 7.52 -36.11
C ILE O 183 -33.70 8.12 -35.14
N LEU O 184 -33.42 9.32 -34.64
CA LEU O 184 -34.34 9.96 -33.69
C LEU O 184 -35.59 10.52 -34.36
N SER O 185 -35.48 10.90 -35.64
CA SER O 185 -36.56 11.64 -36.30
C SER O 185 -37.45 10.78 -37.20
N ASP O 186 -36.99 9.62 -37.65
CA ASP O 186 -37.61 8.90 -38.77
C ASP O 186 -38.15 7.54 -38.36
N ARG O 187 -39.02 7.50 -37.34
CA ARG O 187 -39.60 6.21 -36.92
C ARG O 187 -40.39 5.56 -38.05
N GLU O 188 -41.27 6.33 -38.70
CA GLU O 188 -42.14 5.75 -39.73
C GLU O 188 -41.34 5.21 -40.90
N GLU O 189 -40.34 5.95 -41.36
CA GLU O 189 -39.51 5.49 -42.48
C GLU O 189 -38.74 4.23 -42.10
N ILE O 190 -38.19 4.19 -40.89
CA ILE O 190 -37.41 3.03 -40.45
C ILE O 190 -38.30 1.79 -40.36
N ALA O 191 -39.52 1.97 -39.84
CA ALA O 191 -40.44 0.84 -39.74
C ALA O 191 -40.79 0.27 -41.11
N HIS O 192 -41.05 1.16 -42.08
CA HIS O 192 -41.37 0.71 -43.43
C HIS O 192 -40.23 -0.10 -44.04
N ASN O 193 -38.99 0.36 -43.84
CA ASN O 193 -37.84 -0.37 -44.37
C ASN O 193 -37.74 -1.77 -43.77
N MET O 194 -37.92 -1.89 -42.45
CA MET O 194 -37.76 -3.19 -41.81
C MET O 194 -38.82 -4.18 -42.26
N GLN O 195 -40.05 -3.70 -42.47
CA GLN O 195 -41.15 -4.62 -42.77
C GLN O 195 -40.89 -5.39 -44.06
N SER O 196 -40.33 -4.72 -45.08
CA SER O 196 -40.05 -5.40 -46.34
C SER O 196 -39.08 -6.55 -46.13
N THR O 197 -38.01 -6.32 -45.36
CA THR O 197 -37.04 -7.39 -45.10
C THR O 197 -37.68 -8.53 -44.34
N LEU O 198 -38.46 -8.22 -43.30
CA LEU O 198 -39.03 -9.25 -42.46
C LEU O 198 -40.04 -10.11 -43.21
N ASP O 199 -40.90 -9.47 -44.02
CA ASP O 199 -41.95 -10.22 -44.71
C ASP O 199 -41.35 -11.24 -45.68
N ASP O 200 -40.33 -10.85 -46.43
CA ASP O 200 -39.72 -11.76 -47.39
C ASP O 200 -39.16 -13.00 -46.70
N ALA O 201 -38.61 -12.83 -45.50
CA ALA O 201 -37.98 -13.95 -44.81
C ALA O 201 -38.97 -14.81 -44.04
N THR O 202 -39.94 -14.20 -43.38
CA THR O 202 -40.83 -14.93 -42.48
C THR O 202 -42.01 -15.60 -43.18
N ASP O 203 -42.24 -15.32 -44.45
CA ASP O 203 -43.39 -15.92 -45.14
C ASP O 203 -43.30 -17.44 -45.13
N ALA O 204 -42.13 -17.99 -45.44
CA ALA O 204 -41.97 -19.44 -45.50
C ALA O 204 -42.14 -20.11 -44.14
N TRP O 205 -41.95 -19.37 -43.06
CA TRP O 205 -42.10 -19.93 -41.72
C TRP O 205 -43.51 -19.84 -41.19
N GLY O 206 -44.43 -19.21 -41.92
CA GLY O 206 -45.78 -19.00 -41.42
C GLY O 206 -45.87 -17.99 -40.31
N ILE O 207 -45.01 -16.97 -40.31
CA ILE O 207 -44.94 -15.97 -39.26
C ILE O 207 -45.18 -14.60 -39.87
N LYS O 208 -45.81 -13.71 -39.10
CA LYS O 208 -45.91 -12.30 -39.43
C LYS O 208 -45.36 -11.49 -38.28
N VAL O 209 -44.32 -10.69 -38.56
CA VAL O 209 -43.79 -9.76 -37.56
C VAL O 209 -44.59 -8.47 -37.64
N GLU O 210 -45.11 -8.03 -36.50
CA GLU O 210 -46.00 -6.88 -36.48
C GLU O 210 -45.27 -5.59 -36.11
N ARG O 211 -44.28 -5.64 -35.23
CA ARG O 211 -43.53 -4.45 -34.85
C ARG O 211 -42.13 -4.82 -34.42
N VAL O 212 -41.19 -3.91 -34.67
CA VAL O 212 -39.91 -3.87 -33.98
C VAL O 212 -39.72 -2.45 -33.46
N GLU O 213 -39.43 -2.34 -32.16
CA GLU O 213 -39.38 -1.05 -31.49
C GLU O 213 -38.12 -0.99 -30.64
N ILE O 214 -37.76 0.22 -30.23
CA ILE O 214 -36.54 0.48 -29.47
C ILE O 214 -36.93 1.00 -28.10
N LYS O 215 -36.39 0.36 -27.06
CA LYS O 215 -36.71 0.69 -25.68
C LYS O 215 -35.72 1.68 -25.06
N ASP O 216 -34.44 1.58 -25.43
CA ASP O 216 -33.39 2.43 -24.87
C ASP O 216 -32.31 2.67 -25.92
N VAL O 217 -31.65 3.82 -25.80
CA VAL O 217 -30.48 4.16 -26.61
C VAL O 217 -29.45 4.82 -25.71
N LYS O 218 -28.19 4.42 -25.86
CA LYS O 218 -27.11 4.91 -25.02
C LYS O 218 -25.88 5.24 -25.85
N LEU O 219 -25.28 6.39 -25.57
CA LEU O 219 -23.94 6.70 -26.06
C LEU O 219 -22.89 6.21 -25.07
N PRO O 220 -21.69 5.87 -25.53
CA PRO O 220 -20.58 5.67 -24.60
C PRO O 220 -20.29 6.93 -23.80
N VAL O 221 -19.84 6.74 -22.56
CA VAL O 221 -19.64 7.88 -21.66
C VAL O 221 -18.65 8.89 -22.26
N GLN O 222 -17.63 8.39 -22.95
CA GLN O 222 -16.62 9.30 -23.51
C GLN O 222 -17.19 10.25 -24.55
N LEU O 223 -18.30 9.89 -25.20
CA LEU O 223 -18.88 10.72 -26.25
C LEU O 223 -19.97 11.67 -25.75
N GLN O 224 -20.40 11.54 -24.49
CA GLN O 224 -21.68 12.12 -24.09
C GLN O 224 -21.65 13.65 -24.06
N ARG O 225 -20.63 14.24 -23.42
CA ARG O 225 -20.61 15.71 -23.36
C ARG O 225 -20.31 16.31 -24.74
N ALA O 226 -19.45 15.66 -25.52
CA ALA O 226 -19.14 16.17 -26.85
C ALA O 226 -20.37 16.25 -27.74
N MET O 227 -21.21 15.22 -27.72
CA MET O 227 -22.39 15.20 -28.57
C MET O 227 -23.46 16.18 -28.11
N ALA O 228 -23.42 16.61 -26.85
CA ALA O 228 -24.41 17.53 -26.29
C ALA O 228 -24.09 19.00 -26.56
N ALA O 229 -23.22 19.30 -27.53
CA ALA O 229 -22.68 20.66 -27.67
C ALA O 229 -23.76 21.71 -27.89
N GLU O 230 -24.78 21.40 -28.70
CA GLU O 230 -25.81 22.40 -29.00
C GLU O 230 -26.58 22.81 -27.75
N ALA O 231 -26.93 21.85 -26.90
CA ALA O 231 -27.68 22.18 -25.69
C ALA O 231 -26.84 23.01 -24.72
N GLU O 232 -25.57 22.67 -24.57
CA GLU O 232 -24.68 23.45 -23.72
C GLU O 232 -24.53 24.87 -24.26
N ALA O 233 -24.38 25.01 -25.58
CA ALA O 233 -24.14 26.32 -26.17
C ALA O 233 -25.35 27.24 -26.04
N SER O 234 -26.56 26.70 -26.18
CA SER O 234 -27.76 27.53 -26.08
C SER O 234 -27.88 28.17 -24.70
N ARG O 235 -27.54 27.42 -23.66
CA ARG O 235 -27.64 27.95 -22.30
C ARG O 235 -26.52 28.93 -22.01
N GLU O 236 -25.32 28.70 -22.56
CA GLU O 236 -24.23 29.65 -22.39
C GLU O 236 -24.52 30.97 -23.12
N ALA O 237 -25.22 30.91 -24.24
CA ALA O 237 -25.55 32.13 -24.96
C ALA O 237 -26.49 33.03 -24.14
N ARG O 238 -27.49 32.43 -23.50
CA ARG O 238 -28.38 33.21 -22.63
C ARG O 238 -27.64 33.71 -21.39
N ALA O 239 -26.69 32.92 -20.87
CA ALA O 239 -25.92 33.35 -19.71
C ALA O 239 -25.10 34.60 -20.01
N LYS O 240 -24.53 34.70 -21.21
CA LYS O 240 -23.71 35.86 -21.56
C LYS O 240 -24.53 37.14 -21.56
N VAL O 241 -25.75 37.10 -22.10
CA VAL O 241 -26.60 38.29 -22.08
C VAL O 241 -26.88 38.72 -20.65
N ILE O 242 -27.10 37.76 -19.75
CA ILE O 242 -27.31 38.08 -18.35
C ILE O 242 -26.05 38.69 -17.74
N ALA O 243 -24.89 38.10 -18.05
CA ALA O 243 -23.65 38.59 -17.46
C ALA O 243 -23.29 39.99 -17.96
N ALA O 244 -23.55 40.28 -19.23
CA ALA O 244 -23.26 41.61 -19.76
C ALA O 244 -24.13 42.66 -19.08
N GLU O 245 -25.41 42.35 -18.85
CA GLU O 245 -26.28 43.25 -18.11
C GLU O 245 -25.74 43.51 -16.71
N GLY O 246 -25.10 42.51 -16.11
CA GLY O 246 -24.48 42.70 -14.80
C GLY O 246 -23.33 43.69 -14.84
N GLU O 247 -22.47 43.60 -15.87
CA GLU O 247 -21.39 44.56 -16.01
C GLU O 247 -21.92 45.98 -16.09
N MET O 248 -22.97 46.19 -16.88
CA MET O 248 -23.53 47.52 -17.05
C MET O 248 -24.08 48.08 -15.73
N ASN O 249 -24.77 47.23 -14.96
CA ASN O 249 -25.37 47.68 -13.70
C ASN O 249 -24.29 48.05 -12.68
N ALA O 250 -23.19 47.32 -12.65
CA ALA O 250 -22.13 47.56 -11.67
C ALA O 250 -21.23 48.74 -12.02
N SER O 251 -21.25 49.20 -13.27
CA SER O 251 -20.20 50.11 -13.75
C SER O 251 -20.23 51.47 -13.06
N ARG O 252 -21.43 51.99 -12.74
CA ARG O 252 -21.50 53.33 -12.16
C ARG O 252 -20.79 53.40 -10.81
N ALA O 253 -20.99 52.40 -9.96
CA ALA O 253 -20.35 52.40 -8.65
C ALA O 253 -18.84 52.26 -8.77
N LEU O 254 -18.37 51.44 -9.72
CA LEU O 254 -16.93 51.31 -9.93
C LEU O 254 -16.30 52.62 -10.39
N LYS O 255 -17.02 53.38 -11.22
CA LYS O 255 -16.51 54.68 -11.64
C LYS O 255 -16.36 55.63 -10.46
N GLU O 256 -17.38 55.68 -9.60
CA GLU O 256 -17.31 56.54 -8.42
C GLU O 256 -16.15 56.13 -7.51
N ALA O 257 -16.00 54.82 -7.27
CA ALA O 257 -14.89 54.34 -6.47
C ALA O 257 -13.56 54.70 -7.12
N SER O 258 -13.46 54.52 -8.44
CA SER O 258 -12.21 54.81 -9.13
C SER O 258 -11.82 56.28 -9.01
N MET O 259 -12.80 57.19 -9.13
CA MET O 259 -12.48 58.61 -9.11
C MET O 259 -11.91 59.06 -7.76
N VAL O 260 -12.32 58.42 -6.68
CA VAL O 260 -11.78 58.77 -5.36
C VAL O 260 -10.42 58.11 -5.15
N ILE O 261 -10.26 56.88 -5.63
CA ILE O 261 -9.03 56.13 -5.38
C ILE O 261 -7.84 56.77 -6.10
N THR O 262 -8.07 57.34 -7.27
CA THR O 262 -6.98 57.86 -8.09
C THR O 262 -6.51 59.25 -7.67
N GLU O 263 -7.16 59.87 -6.67
CA GLU O 263 -6.73 61.19 -6.24
C GLU O 263 -5.46 61.14 -5.40
N SER O 264 -5.12 60.00 -4.82
CA SER O 264 -3.89 59.83 -4.08
C SER O 264 -3.22 58.54 -4.54
N PRO O 265 -1.92 58.54 -4.85
CA PRO O 265 -1.33 57.43 -5.60
C PRO O 265 -1.30 56.10 -4.86
N ALA O 266 -1.09 56.08 -3.55
CA ALA O 266 -0.90 54.81 -2.84
C ALA O 266 -2.21 54.05 -2.66
N ALA O 267 -3.36 54.68 -2.89
CA ALA O 267 -4.64 54.07 -2.51
C ALA O 267 -4.88 52.76 -3.27
N LEU O 268 -4.67 52.77 -4.59
CA LEU O 268 -4.92 51.57 -5.37
C LEU O 268 -3.99 50.44 -4.95
N GLN O 269 -2.76 50.77 -4.55
CA GLN O 269 -1.82 49.75 -4.10
C GLN O 269 -2.29 49.08 -2.81
N LEU O 270 -2.93 49.85 -1.92
CA LEU O 270 -3.51 49.25 -0.72
C LEU O 270 -4.61 48.27 -1.09
N ARG O 271 -5.41 48.58 -2.10
CA ARG O 271 -6.44 47.65 -2.57
C ARG O 271 -5.81 46.36 -3.10
N TYR O 272 -4.72 46.48 -3.85
CA TYR O 272 -4.02 45.28 -4.35
C TYR O 272 -3.60 44.37 -3.21
N LEU O 273 -2.96 44.93 -2.17
CA LEU O 273 -2.43 44.11 -1.09
C LEU O 273 -3.55 43.44 -0.29
N GLN O 274 -4.69 44.12 -0.13
CA GLN O 274 -5.82 43.50 0.56
C GLN O 274 -6.38 42.34 -0.24
N THR O 275 -6.38 42.45 -1.57
CA THR O 275 -6.83 41.34 -2.41
C THR O 275 -5.95 40.12 -2.19
N LEU O 276 -4.63 40.31 -2.15
CA LEU O 276 -3.72 39.19 -1.94
C LEU O 276 -4.01 38.47 -0.64
N THR O 277 -4.25 39.21 0.43
CA THR O 277 -4.58 38.59 1.70
C THR O 277 -5.87 37.79 1.62
N THR O 278 -6.84 38.28 0.86
CA THR O 278 -8.08 37.52 0.65
C THR O 278 -7.80 36.23 -0.11
N ILE O 279 -6.95 36.28 -1.14
CA ILE O 279 -6.66 35.10 -1.95
C ILE O 279 -5.99 34.02 -1.09
N ALA O 280 -5.07 34.41 -0.22
CA ALA O 280 -4.24 33.45 0.49
C ALA O 280 -5.06 32.46 1.32
N ALA O 281 -6.28 32.83 1.71
CA ALA O 281 -7.08 31.94 2.54
C ALA O 281 -7.73 30.80 1.77
N GLU O 282 -7.80 30.88 0.44
CA GLU O 282 -8.38 29.80 -0.36
C GLU O 282 -7.38 28.68 -0.57
N LYS O 283 -7.89 27.46 -0.67
CA LYS O 283 -7.04 26.29 -0.79
C LYS O 283 -6.32 26.26 -2.14
N ASN O 284 -5.12 25.68 -2.14
CA ASN O 284 -4.33 25.49 -3.35
C ASN O 284 -4.01 26.82 -4.04
N SER O 285 -3.68 27.86 -3.26
CA SER O 285 -3.30 29.16 -3.81
C SER O 285 -1.82 29.39 -3.50
N THR O 286 -0.97 29.13 -4.50
CA THR O 286 0.46 29.37 -4.37
C THR O 286 0.78 30.83 -4.69
N ILE O 287 1.51 31.48 -3.80
CA ILE O 287 1.92 32.87 -3.98
C ILE O 287 3.44 32.94 -4.05
N VAL O 288 3.96 33.63 -5.07
CA VAL O 288 5.39 33.80 -5.29
C VAL O 288 5.73 35.26 -5.02
N PHE O 289 6.63 35.49 -4.09
CA PHE O 289 6.78 36.80 -3.44
C PHE O 289 8.22 37.32 -3.54
N PRO O 290 8.48 38.31 -4.39
CA PRO O 290 9.83 38.88 -4.46
C PRO O 290 10.10 39.89 -3.35
N LEU O 291 11.35 39.94 -2.89
CA LEU O 291 11.80 40.89 -1.88
C LEU O 291 13.02 41.63 -2.41
N PRO O 292 12.84 42.76 -3.10
CA PRO O 292 14.00 43.51 -3.60
C PRO O 292 14.79 44.13 -2.45
N ILE O 293 16.06 43.77 -2.36
CA ILE O 293 16.93 44.16 -1.25
C ILE O 293 18.14 44.89 -1.81
N ASP O 294 18.61 45.90 -1.09
CA ASP O 294 19.74 46.72 -1.50
C ASP O 294 20.89 46.52 -0.51
N MET O 295 22.03 46.04 -1.01
CA MET O 295 23.21 45.82 -0.18
C MET O 295 24.19 46.97 -0.24
N LEU O 296 23.81 48.11 -0.83
CA LEU O 296 24.48 49.39 -0.65
C LEU O 296 25.85 49.47 -1.31
N GLN O 297 26.09 48.70 -2.37
CA GLN O 297 27.34 48.83 -3.13
C GLN O 297 27.20 49.89 -4.21
N ARG P 34 -67.28 -7.70 -33.29
CA ARG P 34 -65.83 -7.75 -33.65
C ARG P 34 -65.16 -8.99 -33.06
N LEU P 35 -64.93 -9.99 -33.89
CA LEU P 35 -64.20 -11.17 -33.47
C LEU P 35 -62.69 -10.93 -33.50
N PRO P 36 -61.92 -11.69 -32.71
CA PRO P 36 -60.46 -11.55 -32.77
C PRO P 36 -59.89 -11.94 -34.12
N ASP P 37 -58.67 -11.46 -34.38
CA ASP P 37 -57.94 -11.88 -35.56
C ASP P 37 -57.53 -13.35 -35.48
N SER P 38 -57.09 -13.79 -34.30
CA SER P 38 -56.57 -15.14 -34.13
C SER P 38 -57.56 -16.20 -34.59
N GLY P 48 -71.58 -31.16 -31.23
CA GLY P 48 -71.93 -32.30 -32.05
C GLY P 48 -72.34 -33.52 -31.24
N PRO P 49 -72.64 -34.62 -31.93
CA PRO P 49 -73.13 -35.81 -31.21
C PRO P 49 -72.21 -36.28 -30.09
N CYS P 50 -70.90 -36.34 -30.33
CA CYS P 50 -70.00 -36.78 -29.27
C CYS P 50 -69.84 -35.72 -28.19
N GLY P 51 -70.04 -34.45 -28.54
CA GLY P 51 -70.04 -33.41 -27.53
C GLY P 51 -71.14 -33.62 -26.50
N TRP P 52 -72.35 -33.96 -26.96
CA TRP P 52 -73.44 -34.23 -26.04
C TRP P 52 -73.09 -35.34 -25.07
N ILE P 53 -72.36 -36.36 -25.54
CA ILE P 53 -71.99 -37.48 -24.68
C ILE P 53 -71.10 -36.98 -23.54
N LEU P 54 -70.06 -36.20 -23.87
CA LEU P 54 -69.19 -35.66 -22.83
C LEU P 54 -69.96 -34.71 -21.92
N VAL P 55 -70.85 -33.90 -22.49
CA VAL P 55 -71.66 -32.99 -21.68
C VAL P 55 -72.56 -33.79 -20.74
N ALA P 56 -73.21 -34.83 -21.27
CA ALA P 56 -74.09 -35.65 -20.43
C ALA P 56 -73.30 -36.34 -19.32
N PHE P 57 -72.14 -36.89 -19.66
CA PHE P 57 -71.27 -37.48 -18.64
C PHE P 57 -70.94 -36.46 -17.55
N SER P 58 -70.65 -35.22 -17.95
CA SER P 58 -70.32 -34.19 -16.97
C SER P 58 -71.53 -33.81 -16.13
N PHE P 59 -72.70 -33.68 -16.75
CA PHE P 59 -73.92 -33.43 -15.99
C PHE P 59 -74.13 -34.51 -14.95
N LEU P 60 -74.06 -35.77 -15.37
CA LEU P 60 -74.23 -36.88 -14.43
C LEU P 60 -73.19 -36.83 -13.32
N PHE P 61 -71.92 -36.68 -13.68
CA PHE P 61 -70.85 -36.71 -12.68
C PHE P 61 -71.02 -35.60 -11.65
N THR P 62 -71.35 -34.38 -12.10
CA THR P 62 -71.50 -33.29 -11.16
C THR P 62 -72.70 -33.51 -10.24
N VAL P 63 -73.80 -34.04 -10.77
CA VAL P 63 -74.94 -34.39 -9.92
C VAL P 63 -74.55 -35.50 -8.94
N ILE P 64 -73.78 -36.48 -9.41
CA ILE P 64 -73.31 -37.55 -8.53
C ILE P 64 -72.44 -36.98 -7.42
N THR P 65 -71.68 -35.92 -7.72
CA THR P 65 -70.80 -35.27 -6.75
C THR P 65 -71.36 -33.97 -6.22
N PHE P 66 -72.69 -33.77 -6.32
CA PHE P 66 -73.27 -32.43 -6.21
C PHE P 66 -72.83 -31.65 -4.98
N PRO P 67 -72.96 -32.15 -3.75
CA PRO P 67 -72.63 -31.31 -2.58
C PRO P 67 -71.17 -30.92 -2.47
N ILE P 68 -70.30 -31.46 -3.32
CA ILE P 68 -68.91 -31.03 -3.41
C ILE P 68 -68.67 -30.22 -4.68
N SER P 69 -69.13 -30.72 -5.82
CA SER P 69 -68.78 -30.13 -7.11
C SER P 69 -69.59 -28.88 -7.45
N ILE P 70 -70.74 -28.66 -6.81
CA ILE P 70 -71.55 -27.48 -7.13
C ILE P 70 -70.76 -26.22 -6.85
N TRP P 71 -69.82 -26.26 -5.91
CA TRP P 71 -68.99 -25.09 -5.64
C TRP P 71 -68.12 -24.73 -6.83
N MET P 72 -67.62 -25.73 -7.55
CA MET P 72 -66.83 -25.48 -8.75
C MET P 72 -67.71 -25.01 -9.91
N CYS P 73 -68.94 -25.53 -9.97
CA CYS P 73 -69.85 -25.17 -11.07
C CYS P 73 -70.25 -23.69 -10.99
N ILE P 74 -70.42 -23.16 -9.78
CA ILE P 74 -70.99 -21.83 -9.59
C ILE P 74 -69.90 -20.78 -9.68
N LYS P 75 -70.17 -19.72 -10.44
CA LYS P 75 -69.29 -18.57 -10.57
C LYS P 75 -70.08 -17.29 -10.36
N ILE P 76 -69.48 -16.31 -9.69
CA ILE P 76 -70.09 -15.01 -9.45
C ILE P 76 -69.16 -13.94 -9.99
N ILE P 77 -69.69 -13.08 -10.85
CA ILE P 77 -68.93 -12.02 -11.51
C ILE P 77 -69.46 -10.68 -11.02
N LYS P 78 -68.57 -9.84 -10.51
CA LYS P 78 -68.96 -8.57 -9.92
C LYS P 78 -69.25 -7.53 -11.00
N GLU P 79 -69.77 -6.38 -10.55
CA GLU P 79 -70.13 -5.30 -11.47
C GLU P 79 -68.95 -4.92 -12.37
N TYR P 80 -67.75 -4.88 -11.81
CA TYR P 80 -66.57 -4.39 -12.52
C TYR P 80 -65.74 -5.49 -13.16
N GLU P 81 -66.29 -6.69 -13.30
CA GLU P 81 -65.61 -7.82 -13.92
C GLU P 81 -66.45 -8.36 -15.07
N ARG P 82 -65.76 -9.05 -15.98
CA ARG P 82 -66.39 -9.76 -17.10
C ARG P 82 -65.75 -11.12 -17.25
N ALA P 83 -66.51 -12.07 -17.81
CA ALA P 83 -66.06 -13.45 -17.97
C ALA P 83 -66.08 -13.85 -19.44
N ILE P 84 -65.03 -14.55 -19.85
CA ILE P 84 -64.92 -15.17 -21.17
C ILE P 84 -64.99 -16.68 -20.96
N ILE P 85 -65.93 -17.34 -21.64
CA ILE P 85 -66.24 -18.74 -21.38
C ILE P 85 -66.16 -19.54 -22.68
N PHE P 86 -65.43 -20.65 -22.63
CA PHE P 86 -65.33 -21.60 -23.74
C PHE P 86 -66.01 -22.91 -23.34
N ARG P 87 -66.77 -23.49 -24.25
CA ARG P 87 -67.41 -24.78 -24.06
C ARG P 87 -66.99 -25.71 -25.20
N LEU P 88 -66.25 -26.77 -24.86
CA LEU P 88 -65.67 -27.66 -25.86
C LEU P 88 -64.85 -26.86 -26.87
N GLY P 89 -64.17 -25.83 -26.39
CA GLY P 89 -63.30 -25.01 -27.21
C GLY P 89 -63.97 -23.89 -27.97
N ARG P 90 -65.27 -23.97 -28.22
CA ARG P 90 -65.98 -22.86 -28.85
C ARG P 90 -66.32 -21.80 -27.80
N ILE P 91 -66.26 -20.54 -28.21
CA ILE P 91 -66.57 -19.43 -27.32
C ILE P 91 -68.08 -19.20 -27.31
N LEU P 92 -68.66 -19.04 -26.12
CA LEU P 92 -70.09 -18.86 -26.02
C LEU P 92 -70.53 -17.61 -26.77
N GLN P 93 -71.63 -17.75 -27.51
CA GLN P 93 -72.06 -16.70 -28.43
C GLN P 93 -72.43 -15.43 -27.66
N GLY P 94 -72.16 -14.29 -28.28
CA GLY P 94 -72.39 -13.00 -27.68
C GLY P 94 -71.12 -12.41 -27.09
N GLY P 95 -71.30 -11.30 -26.39
CA GLY P 95 -70.20 -10.60 -25.77
C GLY P 95 -69.77 -11.28 -24.49
N ALA P 96 -68.81 -10.64 -23.82
CA ALA P 96 -68.35 -11.12 -22.53
C ALA P 96 -69.50 -11.12 -21.53
N LYS P 97 -69.54 -12.13 -20.67
CA LYS P 97 -70.66 -12.30 -19.76
C LYS P 97 -70.57 -11.30 -18.62
N GLY P 98 -71.70 -10.65 -18.35
CA GLY P 98 -71.76 -9.55 -17.41
C GLY P 98 -71.76 -10.01 -15.96
N PRO P 99 -72.15 -9.12 -15.05
CA PRO P 99 -72.20 -9.48 -13.64
C PRO P 99 -73.31 -10.48 -13.35
N GLY P 100 -73.14 -11.24 -12.29
CA GLY P 100 -74.19 -12.08 -11.77
C GLY P 100 -73.72 -13.48 -11.48
N LEU P 101 -74.68 -14.40 -11.51
CA LEU P 101 -74.46 -15.80 -11.14
C LEU P 101 -74.42 -16.64 -12.41
N PHE P 102 -73.42 -17.53 -12.51
CA PHE P 102 -73.21 -18.30 -13.72
C PHE P 102 -72.81 -19.73 -13.37
N PHE P 103 -73.13 -20.65 -14.27
CA PHE P 103 -72.92 -22.08 -14.07
C PHE P 103 -72.07 -22.62 -15.22
N ILE P 104 -71.04 -23.41 -14.87
CA ILE P 104 -70.20 -24.06 -15.86
C ILE P 104 -69.91 -25.49 -15.42
N LEU P 105 -69.58 -26.33 -16.39
CA LEU P 105 -69.13 -27.69 -16.10
C LEU P 105 -67.61 -27.72 -16.23
N PRO P 106 -66.86 -27.95 -15.16
CA PRO P 106 -65.39 -27.83 -15.27
C PRO P 106 -64.76 -28.86 -16.18
N CYS P 107 -65.45 -29.94 -16.53
CA CYS P 107 -64.87 -30.91 -17.46
C CYS P 107 -64.87 -30.37 -18.88
N THR P 108 -66.02 -29.88 -19.35
CA THR P 108 -66.17 -29.44 -20.73
C THR P 108 -65.89 -27.96 -20.95
N ASP P 109 -65.86 -27.15 -19.89
CA ASP P 109 -65.84 -25.70 -20.02
C ASP P 109 -64.53 -25.12 -19.47
N SER P 110 -64.14 -23.98 -20.05
CA SER P 110 -63.00 -23.20 -19.59
C SER P 110 -63.46 -21.76 -19.36
N PHE P 111 -62.89 -21.12 -18.34
CA PHE P 111 -63.45 -19.89 -17.78
C PHE P 111 -62.33 -18.90 -17.48
N ILE P 112 -62.43 -17.69 -18.02
CA ILE P 112 -61.46 -16.63 -17.80
C ILE P 112 -62.19 -15.37 -17.35
N LYS P 113 -61.65 -14.73 -16.31
CA LYS P 113 -62.30 -13.63 -15.59
C LYS P 113 -61.42 -12.39 -15.72
N VAL P 114 -62.01 -11.28 -16.18
CA VAL P 114 -61.25 -10.08 -16.55
C VAL P 114 -61.72 -8.90 -15.70
N ASP P 115 -60.76 -8.23 -15.04
CA ASP P 115 -61.04 -7.02 -14.27
C ASP P 115 -61.04 -5.82 -15.22
N MET P 116 -62.11 -5.03 -15.18
CA MET P 116 -62.30 -3.92 -16.09
C MET P 116 -61.88 -2.57 -15.52
N ARG P 117 -61.20 -2.54 -14.37
CA ARG P 117 -60.87 -1.27 -13.73
C ARG P 117 -59.51 -0.74 -14.20
N THR P 118 -59.33 0.56 -14.01
CA THR P 118 -58.05 1.20 -14.31
C THR P 118 -56.94 0.64 -13.43
N ILE P 119 -55.78 0.42 -14.03
CA ILE P 119 -54.59 -0.05 -13.32
C ILE P 119 -53.42 0.84 -13.66
N SER P 120 -52.52 1.03 -12.70
CA SER P 120 -51.33 1.85 -12.86
C SER P 120 -50.08 1.01 -12.62
N PHE P 121 -49.04 1.26 -13.41
CA PHE P 121 -47.79 0.51 -13.33
C PHE P 121 -46.61 1.47 -13.35
N ASP P 122 -45.65 1.24 -12.47
CA ASP P 122 -44.46 2.09 -12.32
C ASP P 122 -43.36 1.56 -13.23
N ILE P 123 -43.19 2.18 -14.39
CA ILE P 123 -42.27 1.73 -15.42
C ILE P 123 -40.83 1.78 -14.91
N PRO P 124 -39.98 0.81 -15.23
CA PRO P 124 -38.57 0.92 -14.86
C PRO P 124 -37.90 2.09 -15.58
N PRO P 125 -36.88 2.68 -14.97
CA PRO P 125 -36.24 3.86 -15.57
C PRO P 125 -35.54 3.54 -16.90
N GLN P 126 -35.46 4.57 -17.75
CA GLN P 126 -34.99 4.46 -19.13
C GLN P 126 -33.85 5.44 -19.41
N GLU P 127 -33.03 5.11 -20.41
CA GLU P 127 -32.00 6.00 -20.93
C GLU P 127 -32.45 6.57 -22.27
N ILE P 128 -32.40 7.91 -22.40
CA ILE P 128 -33.00 8.60 -23.53
C ILE P 128 -32.04 9.64 -24.11
N LEU P 129 -32.19 9.91 -25.40
CA LEU P 129 -31.50 10.99 -26.08
C LEU P 129 -32.50 12.02 -26.59
N THR P 130 -32.27 13.29 -26.29
CA THR P 130 -33.12 14.36 -26.79
C THR P 130 -32.75 14.71 -28.23
N LYS P 131 -33.60 15.56 -28.84
CA LYS P 131 -33.32 16.01 -30.20
C LYS P 131 -32.00 16.76 -30.27
N ASP P 132 -31.70 17.57 -29.25
CA ASP P 132 -30.41 18.24 -29.16
C ASP P 132 -29.29 17.33 -28.63
N SER P 133 -29.56 16.03 -28.47
CA SER P 133 -28.52 15.03 -28.21
C SER P 133 -28.06 15.02 -26.75
N VAL P 134 -28.93 15.38 -25.81
CA VAL P 134 -28.60 15.31 -24.39
C VAL P 134 -28.94 13.92 -23.86
N THR P 135 -28.03 13.35 -23.07
CA THR P 135 -28.26 12.09 -22.40
C THR P 135 -29.04 12.33 -21.11
N ILE P 136 -30.25 11.79 -21.02
CA ILE P 136 -31.06 11.89 -19.81
C ILE P 136 -31.66 10.53 -19.48
N SER P 137 -31.87 10.30 -18.18
CA SER P 137 -32.59 9.13 -17.69
C SER P 137 -33.95 9.58 -17.14
N VAL P 138 -35.01 8.87 -17.53
CA VAL P 138 -36.36 9.23 -17.12
C VAL P 138 -37.03 8.02 -16.47
N ASP P 139 -38.06 8.29 -15.67
CA ASP P 139 -38.71 7.29 -14.84
C ASP P 139 -40.23 7.49 -14.97
N GLY P 140 -40.89 6.61 -15.75
CA GLY P 140 -42.27 6.85 -16.15
C GLY P 140 -43.31 6.08 -15.34
N VAL P 141 -44.57 6.43 -15.58
CA VAL P 141 -45.74 5.77 -15.00
C VAL P 141 -46.83 5.72 -16.08
N VAL P 142 -47.53 4.59 -16.16
CA VAL P 142 -48.59 4.40 -17.15
C VAL P 142 -49.87 3.95 -16.44
N TYR P 143 -51.01 4.46 -16.93
CA TYR P 143 -52.34 4.08 -16.47
C TYR P 143 -53.12 3.51 -17.65
N TYR P 144 -53.73 2.35 -17.47
CA TYR P 144 -54.47 1.73 -18.57
C TYR P 144 -55.61 0.88 -18.05
N ARG P 145 -56.49 0.50 -18.98
CA ARG P 145 -57.75 -0.15 -18.65
C ARG P 145 -58.16 -1.06 -19.80
N VAL P 146 -58.83 -2.17 -19.46
CA VAL P 146 -59.37 -3.07 -20.48
C VAL P 146 -60.66 -2.48 -21.03
N GLN P 147 -60.71 -2.30 -22.35
CA GLN P 147 -61.87 -1.75 -23.03
C GLN P 147 -62.76 -2.83 -23.64
N ASN P 148 -62.18 -3.96 -24.04
CA ASN P 148 -62.92 -5.06 -24.67
C ASN P 148 -62.33 -6.37 -24.15
N ALA P 149 -63.11 -7.09 -23.34
CA ALA P 149 -62.59 -8.25 -22.64
C ALA P 149 -62.30 -9.42 -23.57
N THR P 150 -63.03 -9.54 -24.68
CA THR P 150 -62.80 -10.66 -25.59
C THR P 150 -61.46 -10.53 -26.29
N LEU P 151 -61.17 -9.35 -26.85
CA LEU P 151 -59.88 -9.14 -27.51
C LEU P 151 -58.73 -9.28 -26.51
N ALA P 152 -58.93 -8.83 -25.27
CA ALA P 152 -57.87 -8.91 -24.29
C ALA P 152 -57.49 -10.35 -23.97
N VAL P 153 -58.43 -11.28 -24.07
CA VAL P 153 -58.17 -12.68 -23.77
C VAL P 153 -57.70 -13.45 -24.99
N ALA P 154 -58.38 -13.28 -26.13
CA ALA P 154 -58.25 -14.19 -27.25
C ALA P 154 -57.39 -13.66 -28.41
N ASN P 155 -56.91 -12.42 -28.34
CA ASN P 155 -56.13 -11.85 -29.44
C ASN P 155 -54.69 -11.54 -29.05
N ILE P 156 -54.33 -11.60 -27.77
CA ILE P 156 -53.00 -11.28 -27.30
C ILE P 156 -52.67 -12.25 -26.17
N THR P 157 -51.43 -12.73 -26.15
CA THR P 157 -51.06 -13.74 -25.16
C THR P 157 -51.01 -13.16 -23.76
N ASN P 158 -50.41 -11.98 -23.59
CA ASN P 158 -50.29 -11.32 -22.29
C ASN P 158 -50.52 -9.82 -22.53
N ALA P 159 -51.74 -9.36 -22.24
CA ALA P 159 -52.07 -7.96 -22.50
C ALA P 159 -51.21 -7.01 -21.69
N ASP P 160 -50.98 -7.33 -20.41
CA ASP P 160 -50.25 -6.43 -19.53
C ASP P 160 -48.83 -6.18 -20.03
N SER P 161 -48.08 -7.25 -20.29
CA SER P 161 -46.71 -7.10 -20.76
C SER P 161 -46.66 -6.38 -22.10
N ALA P 162 -47.57 -6.71 -23.02
CA ALA P 162 -47.61 -5.99 -24.28
C ALA P 162 -47.84 -4.50 -24.07
N THR P 163 -48.76 -4.15 -23.17
CA THR P 163 -49.08 -2.74 -22.96
C THR P 163 -47.93 -2.01 -22.28
N ARG P 164 -47.32 -2.62 -21.26
CA ARG P 164 -46.26 -1.93 -20.52
C ARG P 164 -45.03 -1.70 -21.39
N LEU P 165 -44.66 -2.68 -22.22
CA LEU P 165 -43.53 -2.50 -23.12
C LEU P 165 -43.84 -1.43 -24.17
N LEU P 166 -45.06 -1.43 -24.71
CA LEU P 166 -45.42 -0.43 -25.71
C LEU P 166 -45.31 0.98 -25.14
N ALA P 167 -45.70 1.17 -23.88
CA ALA P 167 -45.58 2.48 -23.26
C ALA P 167 -44.13 2.95 -23.20
N GLN P 168 -43.21 2.04 -22.88
CA GLN P 168 -41.80 2.40 -22.80
C GLN P 168 -41.26 2.87 -24.16
N THR P 169 -41.52 2.10 -25.22
CA THR P 169 -40.97 2.46 -26.52
C THR P 169 -41.63 3.71 -27.09
N THR P 170 -42.92 3.93 -26.78
CA THR P 170 -43.58 5.16 -27.23
C THR P 170 -42.99 6.38 -26.54
N LEU P 171 -42.71 6.28 -25.23
CA LEU P 171 -42.08 7.37 -24.52
C LEU P 171 -40.67 7.64 -25.04
N ARG P 172 -39.94 6.58 -25.35
CA ARG P 172 -38.59 6.74 -25.90
C ARG P 172 -38.62 7.54 -27.19
N ASN P 173 -39.55 7.23 -28.08
CA ASN P 173 -39.59 7.87 -29.40
C ASN P 173 -39.97 9.34 -29.30
N VAL P 174 -41.03 9.67 -28.56
CA VAL P 174 -41.55 11.02 -28.58
C VAL P 174 -40.53 12.01 -28.02
N LEU P 175 -39.87 11.65 -26.93
CA LEU P 175 -38.90 12.56 -26.33
C LEU P 175 -37.66 12.74 -27.20
N GLY P 176 -37.39 11.77 -28.09
CA GLY P 176 -36.32 11.94 -29.06
C GLY P 176 -36.61 12.96 -30.14
N THR P 177 -37.86 13.40 -30.26
CA THR P 177 -38.25 14.45 -31.19
C THR P 177 -38.28 15.84 -30.56
N LYS P 178 -37.92 15.96 -29.28
CA LYS P 178 -38.03 17.21 -28.55
C LYS P 178 -36.67 17.63 -28.00
N ASN P 179 -36.42 18.93 -28.00
CA ASN P 179 -35.29 19.48 -27.26
C ASN P 179 -35.58 19.41 -25.77
N LEU P 180 -34.51 19.42 -24.97
CA LEU P 180 -34.67 19.29 -23.52
C LEU P 180 -35.58 20.38 -22.96
N SER P 181 -35.44 21.62 -23.45
CA SER P 181 -36.29 22.70 -22.97
C SER P 181 -37.76 22.45 -23.30
N GLN P 182 -38.03 21.85 -24.48
CA GLN P 182 -39.41 21.54 -24.83
C GLN P 182 -40.00 20.47 -23.94
N ILE P 183 -39.17 19.50 -23.51
CA ILE P 183 -39.66 18.44 -22.64
C ILE P 183 -40.21 19.02 -21.34
N LEU P 184 -39.56 20.06 -20.81
CA LEU P 184 -40.01 20.66 -19.56
C LEU P 184 -41.26 21.51 -19.73
N SER P 185 -41.48 22.06 -20.93
CA SER P 185 -42.54 23.04 -21.14
C SER P 185 -43.79 22.50 -21.83
N ASP P 186 -43.70 21.38 -22.55
CA ASP P 186 -44.73 20.97 -23.51
C ASP P 186 -45.46 19.69 -23.11
N ARG P 187 -45.97 19.61 -21.88
CA ARG P 187 -46.66 18.40 -21.45
C ARG P 187 -47.86 18.08 -22.36
N GLU P 188 -48.72 19.08 -22.61
CA GLU P 188 -49.95 18.82 -23.34
C GLU P 188 -49.67 18.31 -24.75
N GLU P 189 -48.72 18.93 -25.45
CA GLU P 189 -48.40 18.49 -26.81
C GLU P 189 -47.78 17.09 -26.79
N ILE P 190 -46.90 16.82 -25.83
CA ILE P 190 -46.26 15.52 -25.74
C ILE P 190 -47.29 14.44 -25.46
N ALA P 191 -48.25 14.71 -24.56
CA ALA P 191 -49.29 13.74 -24.28
C ALA P 191 -50.15 13.48 -25.51
N HIS P 192 -50.51 14.53 -26.25
CA HIS P 192 -51.33 14.35 -27.44
C HIS P 192 -50.62 13.49 -28.49
N ASN P 193 -49.32 13.70 -28.66
CA ASN P 193 -48.57 12.90 -29.63
C ASN P 193 -48.56 11.43 -29.25
N MET P 194 -48.38 11.10 -27.98
CA MET P 194 -48.33 9.72 -27.56
C MET P 194 -49.68 9.02 -27.72
N GLN P 195 -50.77 9.73 -27.43
CA GLN P 195 -52.08 9.08 -27.38
C GLN P 195 -52.45 8.47 -28.73
N SER P 196 -52.26 9.21 -29.81
CA SER P 196 -52.59 8.69 -31.13
C SER P 196 -51.73 7.48 -31.48
N THR P 197 -50.45 7.50 -31.11
CA THR P 197 -49.59 6.34 -31.33
C THR P 197 -50.10 5.14 -30.56
N LEU P 198 -50.41 5.33 -29.28
CA LEU P 198 -50.83 4.21 -28.43
C LEU P 198 -52.18 3.65 -28.89
N ASP P 199 -53.13 4.51 -29.23
CA ASP P 199 -54.47 4.04 -29.57
C ASP P 199 -54.45 3.15 -30.81
N ASP P 200 -53.66 3.52 -31.82
CA ASP P 200 -53.58 2.71 -33.03
C ASP P 200 -53.10 1.30 -32.72
N ALA P 201 -52.15 1.17 -31.79
CA ALA P 201 -51.58 -0.14 -31.50
C ALA P 201 -52.44 -0.96 -30.54
N THR P 202 -52.98 -0.33 -29.49
CA THR P 202 -53.68 -1.09 -28.45
C THR P 202 -55.11 -1.44 -28.82
N ASP P 203 -55.66 -0.84 -29.86
CA ASP P 203 -57.04 -1.13 -30.25
C ASP P 203 -57.26 -2.63 -30.44
N ALA P 204 -56.38 -3.28 -31.19
CA ALA P 204 -56.55 -4.71 -31.47
C ALA P 204 -56.43 -5.57 -30.22
N TRP P 205 -55.81 -5.05 -29.16
CA TRP P 205 -55.68 -5.79 -27.91
C TRP P 205 -56.84 -5.56 -26.95
N GLY P 206 -57.77 -4.68 -27.29
CA GLY P 206 -58.83 -4.34 -26.36
C GLY P 206 -58.39 -3.50 -25.18
N ILE P 207 -57.32 -2.72 -25.32
CA ILE P 207 -56.75 -1.93 -24.24
C ILE P 207 -56.84 -0.45 -24.59
N LYS P 208 -57.17 0.37 -23.60
CA LYS P 208 -57.09 1.82 -23.71
C LYS P 208 -56.06 2.31 -22.71
N VAL P 209 -55.04 3.01 -23.18
CA VAL P 209 -54.07 3.67 -22.32
C VAL P 209 -54.58 5.07 -22.01
N GLU P 210 -54.61 5.42 -20.73
CA GLU P 210 -55.21 6.67 -20.28
C GLU P 210 -54.18 7.75 -19.96
N ARG P 211 -53.03 7.40 -19.42
CA ARG P 211 -52.00 8.40 -19.13
C ARG P 211 -50.63 7.76 -19.18
N VAL P 212 -49.65 8.56 -19.61
CA VAL P 212 -48.23 8.26 -19.43
C VAL P 212 -47.55 9.52 -18.92
N GLU P 213 -46.84 9.41 -17.80
CA GLU P 213 -46.25 10.57 -17.15
C GLU P 213 -44.87 10.20 -16.60
N ILE P 214 -44.11 11.24 -16.28
CA ILE P 214 -42.71 11.12 -15.85
C ILE P 214 -42.61 11.59 -14.41
N LYS P 215 -41.98 10.79 -13.56
CA LYS P 215 -41.82 11.16 -12.16
C LYS P 215 -40.40 11.61 -11.80
N ASP P 216 -39.39 11.30 -12.62
CA ASP P 216 -38.03 11.78 -12.39
C ASP P 216 -37.32 12.01 -13.71
N VAL P 217 -36.42 12.99 -13.73
CA VAL P 217 -35.51 13.25 -14.85
C VAL P 217 -34.15 13.61 -14.26
N LYS P 218 -33.09 13.00 -14.78
CA LYS P 218 -31.73 13.25 -14.32
C LYS P 218 -30.78 13.48 -15.48
N LEU P 219 -29.89 14.46 -15.32
CA LEU P 219 -28.70 14.58 -16.15
C LEU P 219 -27.55 13.79 -15.53
N PRO P 220 -26.62 13.28 -16.34
CA PRO P 220 -25.40 12.71 -15.77
C PRO P 220 -24.57 13.80 -15.08
N VAL P 221 -23.83 13.39 -14.06
CA VAL P 221 -23.16 14.34 -13.17
C VAL P 221 -22.21 15.26 -13.94
N GLN P 222 -21.60 14.78 -15.02
CA GLN P 222 -20.63 15.59 -15.75
C GLN P 222 -21.26 16.78 -16.45
N LEU P 223 -22.58 16.78 -16.67
CA LEU P 223 -23.27 17.85 -17.38
C LEU P 223 -23.96 18.84 -16.46
N GLN P 224 -24.02 18.59 -15.16
CA GLN P 224 -24.96 19.28 -14.30
C GLN P 224 -24.61 20.76 -14.12
N ARG P 225 -23.33 21.08 -13.85
CA ARG P 225 -22.98 22.48 -13.68
C ARG P 225 -22.99 23.22 -15.02
N ALA P 226 -22.56 22.56 -16.10
CA ALA P 226 -22.55 23.21 -17.40
C ALA P 226 -23.96 23.65 -17.83
N MET P 227 -24.95 22.78 -17.61
CA MET P 227 -26.32 23.11 -18.00
C MET P 227 -26.95 24.16 -17.10
N ALA P 228 -26.45 24.34 -15.88
CA ALA P 228 -26.99 25.30 -14.93
C ALA P 228 -26.45 26.72 -15.13
N ALA P 229 -25.78 26.99 -16.26
CA ALA P 229 -25.06 28.25 -16.41
C ALA P 229 -25.97 29.46 -16.25
N GLU P 230 -27.19 29.40 -16.77
CA GLU P 230 -28.07 30.56 -16.74
C GLU P 230 -28.44 30.94 -15.30
N ALA P 231 -28.71 29.95 -14.45
CA ALA P 231 -29.04 30.27 -13.06
C ALA P 231 -27.83 30.79 -12.31
N GLU P 232 -26.67 30.20 -12.54
CA GLU P 232 -25.44 30.67 -11.90
C GLU P 232 -25.14 32.11 -12.29
N ALA P 233 -25.33 32.45 -13.57
CA ALA P 233 -25.01 33.79 -14.05
C ALA P 233 -25.91 34.85 -13.42
N SER P 234 -27.20 34.55 -13.23
CA SER P 234 -28.10 35.53 -12.66
C SER P 234 -27.69 35.93 -11.25
N ARG P 235 -27.26 34.96 -10.44
CA ARG P 235 -26.84 35.27 -9.09
C ARG P 235 -25.49 35.99 -9.07
N GLU P 236 -24.59 35.64 -9.98
CA GLU P 236 -23.32 36.35 -10.08
C GLU P 236 -23.53 37.79 -10.53
N ALA P 237 -24.51 38.03 -11.40
CA ALA P 237 -24.77 39.38 -11.86
C ALA P 237 -25.20 40.29 -10.72
N ARG P 238 -26.06 39.78 -9.83
CA ARG P 238 -26.49 40.58 -8.68
C ARG P 238 -25.36 40.74 -7.67
N ALA P 239 -24.49 39.74 -7.55
CA ALA P 239 -23.34 39.86 -6.66
C ALA P 239 -22.40 40.97 -7.10
N LYS P 240 -22.21 41.13 -8.41
CA LYS P 240 -21.31 42.17 -8.92
C LYS P 240 -21.78 43.56 -8.52
N VAL P 241 -23.09 43.81 -8.60
CA VAL P 241 -23.61 45.12 -8.19
C VAL P 241 -23.34 45.37 -6.72
N ILE P 242 -23.56 44.34 -5.88
CA ILE P 242 -23.30 44.47 -4.45
C ILE P 242 -21.82 44.73 -4.19
N ALA P 243 -20.95 44.02 -4.90
CA ALA P 243 -19.51 44.18 -4.69
C ALA P 243 -19.03 45.58 -5.08
N ALA P 244 -19.53 46.11 -6.20
CA ALA P 244 -19.11 47.44 -6.63
C ALA P 244 -19.53 48.51 -5.63
N GLU P 245 -20.71 48.37 -5.04
CA GLU P 245 -21.13 49.28 -3.98
C GLU P 245 -20.16 49.23 -2.80
N GLY P 246 -19.63 48.05 -2.49
CA GLY P 246 -18.62 47.94 -1.44
C GLY P 246 -17.35 48.70 -1.77
N GLU P 247 -16.89 48.62 -3.02
CA GLU P 247 -15.73 49.40 -3.44
C GLU P 247 -15.96 50.89 -3.21
N MET P 248 -17.14 51.39 -3.59
CA MET P 248 -17.43 52.81 -3.43
C MET P 248 -17.45 53.21 -1.95
N ASN P 249 -18.06 52.39 -1.10
CA ASN P 249 -18.16 52.73 0.31
C ASN P 249 -16.79 52.75 0.98
N ALA P 250 -15.88 51.85 0.58
CA ALA P 250 -14.57 51.77 1.21
C ALA P 250 -13.57 52.80 0.69
N SER P 251 -13.88 53.49 -0.41
CA SER P 251 -12.87 54.26 -1.12
C SER P 251 -12.37 55.45 -0.32
N ARG P 252 -13.26 56.13 0.41
CA ARG P 252 -12.87 57.35 1.12
C ARG P 252 -11.77 57.08 2.14
N ALA P 253 -11.91 56.00 2.93
CA ALA P 253 -10.91 55.71 3.94
C ALA P 253 -9.57 55.34 3.31
N LEU P 254 -9.58 54.65 2.18
CA LEU P 254 -8.33 54.32 1.50
C LEU P 254 -7.63 55.59 1.01
N LYS P 255 -8.39 56.56 0.52
CA LYS P 255 -7.78 57.83 0.12
C LYS P 255 -7.13 58.53 1.31
N GLU P 256 -7.83 58.59 2.43
CA GLU P 256 -7.26 59.22 3.63
C GLU P 256 -5.99 58.50 4.07
N ALA P 257 -6.01 57.17 4.08
CA ALA P 257 -4.82 56.42 4.43
C ALA P 257 -3.67 56.70 3.46
N SER P 258 -3.98 56.76 2.16
CA SER P 258 -2.94 56.98 1.16
C SER P 258 -2.28 58.35 1.33
N MET P 259 -3.07 59.39 1.62
CA MET P 259 -2.52 60.73 1.73
C MET P 259 -1.51 60.85 2.87
N VAL P 260 -1.75 60.12 3.98
CA VAL P 260 -0.77 60.08 5.05
C VAL P 260 0.47 59.30 4.61
N ILE P 261 0.25 58.15 3.98
CA ILE P 261 1.37 57.25 3.65
C ILE P 261 2.32 57.90 2.67
N THR P 262 1.80 58.66 1.71
CA THR P 262 2.65 59.24 0.68
C THR P 262 3.56 60.35 1.20
N GLU P 263 3.31 60.88 2.39
CA GLU P 263 4.17 61.92 2.94
C GLU P 263 5.51 61.36 3.40
N SER P 264 5.61 60.04 3.57
CA SER P 264 6.89 59.36 3.84
C SER P 264 6.85 58.04 3.10
N PRO P 265 7.14 58.05 1.78
CA PRO P 265 6.76 56.92 0.92
C PRO P 265 7.25 55.55 1.37
N ALA P 266 8.36 55.45 2.10
CA ALA P 266 8.81 54.14 2.56
C ALA P 266 7.78 53.44 3.44
N ALA P 267 6.76 54.16 3.91
CA ALA P 267 5.70 53.52 4.69
C ALA P 267 5.00 52.43 3.91
N LEU P 268 4.88 52.59 2.58
CA LEU P 268 4.19 51.58 1.77
C LEU P 268 4.96 50.27 1.78
N GLN P 269 6.29 50.32 1.80
CA GLN P 269 7.08 49.10 1.89
C GLN P 269 6.90 48.41 3.25
N LEU P 270 6.70 49.19 4.31
CA LEU P 270 6.39 48.58 5.60
C LEU P 270 5.06 47.84 5.56
N ARG P 271 4.05 48.44 4.91
CA ARG P 271 2.78 47.75 4.72
C ARG P 271 2.95 46.50 3.86
N TYR P 272 3.83 46.57 2.87
CA TYR P 272 4.11 45.42 2.01
C TYR P 272 4.67 44.25 2.81
N LEU P 273 5.62 44.53 3.71
CA LEU P 273 6.26 43.46 4.48
C LEU P 273 5.29 42.83 5.48
N GLN P 274 4.41 43.64 6.07
CA GLN P 274 3.41 43.08 6.98
C GLN P 274 2.42 42.19 6.24
N THR P 275 2.13 42.52 4.98
CA THR P 275 1.27 41.66 4.16
C THR P 275 1.89 40.28 3.99
N LEU P 276 3.20 40.22 3.73
CA LEU P 276 3.87 38.94 3.56
C LEU P 276 3.79 38.10 4.84
N THR P 277 3.96 38.73 6.00
CA THR P 277 3.86 37.98 7.25
C THR P 277 2.46 37.39 7.44
N THR P 278 1.43 38.16 7.12
CA THR P 278 0.07 37.65 7.22
C THR P 278 -0.15 36.48 6.27
N ILE P 279 0.36 36.58 5.05
CA ILE P 279 0.13 35.53 4.05
C ILE P 279 0.84 34.25 4.44
N ALA P 280 2.05 34.35 5.01
CA ALA P 280 2.82 33.15 5.33
C ALA P 280 2.11 32.28 6.35
N ALA P 281 1.26 32.86 7.19
CA ALA P 281 0.60 32.08 8.23
C ALA P 281 -0.51 31.18 7.71
N GLU P 282 -1.01 31.43 6.50
CA GLU P 282 -2.07 30.60 5.95
C GLU P 282 -1.54 29.23 5.54
N LYS P 283 -2.46 28.26 5.46
CA LYS P 283 -2.11 26.89 5.09
C LYS P 283 -2.03 26.78 3.57
N ASN P 284 -0.92 27.30 3.04
CA ASN P 284 -0.64 27.29 1.61
C ASN P 284 0.87 27.37 1.41
N SER P 285 1.31 27.10 0.19
CA SER P 285 2.71 27.18 -0.16
C SER P 285 3.09 28.63 -0.50
N THR P 286 4.16 29.11 0.11
CA THR P 286 4.72 30.43 -0.18
C THR P 286 6.16 30.27 -0.68
N ILE P 287 6.50 30.96 -1.76
CA ILE P 287 7.85 30.98 -2.31
C ILE P 287 8.34 32.42 -2.27
N VAL P 288 9.50 32.64 -1.65
CA VAL P 288 10.03 33.97 -1.43
C VAL P 288 11.42 34.07 -2.07
N PHE P 289 11.65 35.16 -2.81
CA PHE P 289 12.93 35.45 -3.47
C PHE P 289 13.53 36.73 -2.91
N PRO P 290 14.48 36.65 -1.98
CA PRO P 290 15.34 37.81 -1.74
C PRO P 290 16.14 38.16 -2.98
N LEU P 291 16.12 39.43 -3.37
CA LEU P 291 16.61 39.86 -4.68
C LEU P 291 17.53 41.07 -4.50
N PRO P 292 18.85 40.85 -4.51
CA PRO P 292 19.80 41.96 -4.33
C PRO P 292 19.92 42.86 -5.55
N ILE P 293 19.06 43.87 -5.64
CA ILE P 293 18.93 44.66 -6.87
C ILE P 293 20.22 45.39 -7.21
N ASP P 294 20.98 45.87 -6.22
CA ASP P 294 22.23 46.56 -6.53
C ASP P 294 23.29 45.60 -7.05
N MET P 295 23.20 44.31 -6.73
CA MET P 295 24.08 43.33 -7.36
C MET P 295 23.66 43.09 -8.81
N LEU P 296 22.35 43.01 -9.07
CA LEU P 296 21.86 42.88 -10.43
C LEU P 296 22.14 44.15 -11.23
N GLN P 297 22.05 45.31 -10.58
CA GLN P 297 22.35 46.56 -11.27
C GLN P 297 23.76 46.56 -11.84
N GLY P 298 24.66 45.77 -11.27
CA GLY P 298 26.04 45.70 -11.74
C GLY P 298 26.25 44.84 -12.97
N ILE P 299 25.27 44.03 -13.35
CA ILE P 299 25.40 43.17 -14.53
C ILE P 299 24.15 43.28 -15.38
NA NA Q . -41.68 13.15 1.27
NA NA R . -35.74 19.04 15.97
NA NA S . -24.84 21.81 28.67
NA NA T . -10.27 20.25 37.14
NA NA U . 5.57 15.44 40.51
NA NA V . 20.22 7.36 37.87
NA NA W . 31.79 -2.21 29.99
NA NA X . 37.99 -12.06 17.80
NA NA Y . 38.38 -20.73 3.14
NA NA Z . 32.45 -26.76 -11.50
NA NA AA . 21.54 -29.37 -24.23
NA NA BA . 6.89 -28.01 -32.63
NA NA CA . -8.90 -23.00 -36.11
NA NA DA . -23.60 -15.08 -33.44
NA NA EA . -35.09 -5.39 -25.58
NA NA FA . -41.33 4.43 -13.33
#